data_1E0A
#
_entry.id   1E0A
#
_cell.length_a   1.000
_cell.length_b   1.000
_cell.length_c   1.000
_cell.angle_alpha   90.00
_cell.angle_beta   90.00
_cell.angle_gamma   90.00
#
_symmetry.space_group_name_H-M   'P 1'
#
loop_
_entity.id
_entity.type
_entity.pdbx_description
1 polymer 'Cell division control protein 42 homolog'
2 polymer 'Serine/threonine-protein kinase PAK 1'
3 non-polymer 'PHOSPHOAMINOPHOSPHONIC ACID-GUANYLATE ESTER'
4 non-polymer 'MAGNESIUM ION'
5 water water
#
loop_
_entity_poly.entity_id
_entity_poly.type
_entity_poly.pdbx_seq_one_letter_code
_entity_poly.pdbx_strand_id
1 'polypeptide(L)'
;MQTIKCVVVGDGAVGKTCLLISYTTNKFPSEYVPTVFDNYAVTVMIGGEPYTLGLFDTAGLEDYDRLRPLSYPQTDVFLV
CFSVVSPSSFENVKEKWVPEITHHCPKTPFLLVGTQIDLRDDPSTIEKLAKNKQKPITPETAEKLARDLKAVKYVECSAL
TQKGLKNVFDEAILAALEPPEPKK
;
A
2 'polypeptide(L)' GSISLPSDFEHTIHVGFDAVTGEFTGMPEQWARLLQTSNITKSEQK B
#
loop_
_chem_comp.id
_chem_comp.type
_chem_comp.name
_chem_comp.formula
GNP non-polymer 'PHOSPHOAMINOPHOSPHONIC ACID-GUANYLATE ESTER' 'C10 H17 N6 O13 P3'
MG non-polymer 'MAGNESIUM ION' 'Mg 2'
#
# COMPACT_ATOMS: atom_id res chain seq x y z
N MET A 1 7.65 -9.64 19.58
CA MET A 1 6.64 -8.70 20.12
C MET A 1 5.59 -8.34 19.07
N GLN A 2 5.14 -9.34 18.33
CA GLN A 2 4.14 -9.13 17.29
C GLN A 2 4.74 -8.35 16.11
N THR A 3 4.35 -8.74 14.90
CA THR A 3 4.85 -8.08 13.70
C THR A 3 3.71 -7.47 12.91
N ILE A 4 3.97 -6.32 12.28
CA ILE A 4 2.97 -5.63 11.48
C ILE A 4 3.41 -5.49 10.04
N LYS A 5 2.70 -6.14 9.13
CA LYS A 5 3.03 -6.09 7.72
C LYS A 5 1.77 -5.88 6.87
N CYS A 6 1.53 -4.64 6.45
CA CYS A 6 0.37 -4.31 5.64
C CYS A 6 0.58 -4.72 4.20
N VAL A 7 -0.41 -5.44 3.64
CA VAL A 7 -0.34 -5.89 2.26
C VAL A 7 -1.09 -4.94 1.34
N VAL A 8 -0.64 -4.87 0.08
CA VAL A 8 -1.26 -3.99 -0.89
C VAL A 8 -1.68 -4.76 -2.15
N VAL A 9 -2.67 -4.24 -2.85
CA VAL A 9 -3.16 -4.88 -4.08
C VAL A 9 -3.71 -3.84 -5.05
N GLY A 10 -3.13 -3.78 -6.24
CA GLY A 10 -3.58 -2.83 -7.23
C GLY A 10 -2.44 -2.04 -7.85
N ASP A 11 -2.78 -1.13 -8.76
CA ASP A 11 -1.77 -0.31 -9.43
C ASP A 11 -2.13 1.17 -9.33
N GLY A 12 -1.30 2.02 -9.92
CA GLY A 12 -1.55 3.44 -9.89
C GLY A 12 -1.83 3.95 -8.49
N ALA A 13 -0.78 4.10 -7.69
CA ALA A 13 -0.93 4.58 -6.32
C ALA A 13 -1.94 3.73 -5.55
N VAL A 14 -1.48 2.61 -5.01
CA VAL A 14 -2.34 1.71 -4.26
C VAL A 14 -2.00 1.75 -2.76
N GLY A 15 -1.08 2.63 -2.39
CA GLY A 15 -0.69 2.73 -0.99
C GLY A 15 0.57 1.95 -0.68
N LYS A 16 0.91 1.02 -1.56
CA LYS A 16 2.10 0.19 -1.36
C LYS A 16 3.37 1.04 -1.37
N THR A 17 3.77 1.49 -2.56
CA THR A 17 4.98 2.29 -2.71
C THR A 17 4.69 3.79 -2.73
N CYS A 18 3.48 4.17 -3.15
CA CYS A 18 3.13 5.59 -3.23
C CYS A 18 3.10 6.24 -1.85
N LEU A 19 2.43 5.59 -0.90
CA LEU A 19 2.31 6.12 0.46
C LEU A 19 3.68 6.27 1.11
N LEU A 20 4.28 5.14 1.49
CA LEU A 20 5.59 5.15 2.15
C LEU A 20 6.53 6.16 1.49
N ILE A 21 6.53 6.18 0.16
CA ILE A 21 7.37 7.09 -0.58
C ILE A 21 7.25 8.52 -0.04
N SER A 22 6.09 9.13 -0.23
CA SER A 22 5.86 10.49 0.24
C SER A 22 5.20 10.50 1.61
N TYR A 23 4.07 9.83 1.71
CA TYR A 23 3.30 9.75 2.95
C TYR A 23 4.16 9.32 4.14
N THR A 24 5.32 8.70 3.90
CA THR A 24 6.17 8.26 5.00
C THR A 24 7.58 8.83 4.90
N THR A 25 8.46 8.15 4.16
CA THR A 25 9.84 8.58 4.00
C THR A 25 9.95 9.91 3.25
N ASN A 26 8.86 10.32 2.61
CA ASN A 26 8.84 11.57 1.84
C ASN A 26 9.51 11.39 0.48
N LYS A 27 10.76 10.94 0.50
CA LYS A 27 11.52 10.72 -0.73
C LYS A 27 10.69 9.93 -1.75
N PHE A 28 10.90 10.24 -3.04
CA PHE A 28 10.18 9.57 -4.11
C PHE A 28 10.94 8.33 -4.57
N PRO A 29 10.29 7.45 -5.35
CA PRO A 29 10.90 6.21 -5.86
C PRO A 29 12.32 6.43 -6.39
N SER A 30 13.05 5.33 -6.57
CA SER A 30 14.41 5.39 -7.08
C SER A 30 14.55 4.62 -8.38
N GLU A 31 14.58 3.29 -8.29
CA GLU A 31 14.70 2.45 -9.47
C GLU A 31 13.32 2.08 -10.01
N TYR A 32 13.02 2.56 -11.20
CA TYR A 32 11.73 2.29 -11.83
C TYR A 32 11.62 0.83 -12.25
N VAL A 33 10.79 0.09 -11.54
CA VAL A 33 10.59 -1.33 -11.84
C VAL A 33 9.26 -1.81 -11.30
N PRO A 34 8.51 -2.62 -12.07
CA PRO A 34 7.21 -3.14 -11.63
C PRO A 34 7.25 -3.62 -10.19
N THR A 35 6.90 -2.73 -9.26
CA THR A 35 6.92 -3.07 -7.85
C THR A 35 6.14 -4.34 -7.56
N VAL A 36 6.82 -5.47 -7.65
CA VAL A 36 6.19 -6.76 -7.39
C VAL A 36 6.12 -6.99 -5.88
N PHE A 37 7.06 -6.39 -5.17
CA PHE A 37 7.13 -6.49 -3.71
C PHE A 37 7.66 -5.20 -3.11
N ASP A 38 8.94 -4.94 -3.36
CA ASP A 38 9.59 -3.75 -2.83
C ASP A 38 9.55 -3.75 -1.30
N ASN A 39 10.68 -3.50 -0.68
CA ASN A 39 10.77 -3.48 0.77
C ASN A 39 10.93 -2.06 1.28
N TYR A 40 10.61 -1.86 2.55
CA TYR A 40 10.71 -0.54 3.15
C TYR A 40 10.95 -0.65 4.66
N ALA A 41 11.51 0.41 5.23
CA ALA A 41 11.80 0.45 6.65
C ALA A 41 10.97 1.51 7.37
N VAL A 42 10.45 1.18 8.54
CA VAL A 42 9.65 2.11 9.31
C VAL A 42 9.53 1.66 10.76
N THR A 43 9.10 2.58 11.63
CA THR A 43 8.95 2.28 13.05
C THR A 43 7.94 3.23 13.67
N VAL A 44 6.72 2.75 13.84
CA VAL A 44 5.66 3.56 14.45
C VAL A 44 5.49 3.22 15.92
N MET A 45 5.75 4.22 16.77
CA MET A 45 5.63 4.03 18.20
C MET A 45 4.23 4.39 18.70
N ILE A 46 3.43 3.36 18.96
CA ILE A 46 2.07 3.56 19.45
C ILE A 46 2.05 3.67 20.98
N GLY A 47 1.83 4.87 21.47
CA GLY A 47 1.80 5.08 22.90
C GLY A 47 3.17 4.95 23.54
N GLY A 48 4.22 5.09 22.71
CA GLY A 48 5.57 4.98 23.21
C GLY A 48 6.09 3.55 23.17
N GLU A 49 5.88 2.89 22.03
CA GLU A 49 6.32 1.51 21.86
C GLU A 49 6.85 1.28 20.44
N PRO A 50 8.18 1.30 20.26
CA PRO A 50 8.80 1.08 18.94
C PRO A 50 8.19 -0.10 18.20
N TYR A 51 8.30 -0.09 16.88
CA TYR A 51 7.75 -1.17 16.07
C TYR A 51 8.49 -1.29 14.74
N THR A 52 8.21 -2.37 14.01
CA THR A 52 8.84 -2.62 12.73
C THR A 52 7.79 -2.97 11.68
N LEU A 53 7.38 -1.98 10.90
CA LEU A 53 6.35 -2.19 9.87
C LEU A 53 6.98 -2.21 8.48
N GLY A 54 6.23 -2.76 7.53
CA GLY A 54 6.71 -2.84 6.16
C GLY A 54 5.58 -3.05 5.18
N LEU A 55 5.51 -2.20 4.16
CA LEU A 55 4.48 -2.29 3.15
C LEU A 55 4.75 -3.44 2.19
N PHE A 56 4.03 -4.55 2.37
CA PHE A 56 4.19 -5.71 1.51
C PHE A 56 3.36 -5.55 0.25
N ASP A 57 4.02 -5.20 -0.85
CA ASP A 57 3.34 -5.01 -2.12
C ASP A 57 3.01 -6.33 -2.79
N THR A 58 1.84 -6.39 -3.42
CA THR A 58 1.40 -7.60 -4.10
C THR A 58 0.20 -7.32 -4.99
N ALA A 59 -0.28 -8.35 -5.68
CA ALA A 59 -1.43 -8.20 -6.57
C ALA A 59 -2.50 -9.24 -6.25
N GLY A 60 -2.18 -10.50 -6.49
CA GLY A 60 -3.12 -11.58 -6.21
C GLY A 60 -3.77 -12.13 -7.47
N LEU A 61 -2.95 -12.54 -8.43
CA LEU A 61 -3.44 -13.09 -9.68
C LEU A 61 -2.33 -13.26 -10.70
N GLU A 62 -1.60 -12.20 -10.95
CA GLU A 62 -0.50 -12.24 -11.92
C GLU A 62 0.80 -12.72 -11.30
N ASP A 63 1.00 -14.03 -11.34
CA ASP A 63 2.21 -14.65 -10.79
C ASP A 63 2.35 -14.41 -9.30
N TYR A 64 1.28 -13.95 -8.65
CA TYR A 64 1.31 -13.69 -7.22
C TYR A 64 0.60 -14.81 -6.48
N ASP A 65 -0.37 -15.43 -7.13
CA ASP A 65 -1.13 -16.54 -6.54
C ASP A 65 -0.18 -17.57 -5.94
N ARG A 66 1.03 -17.66 -6.48
CA ARG A 66 2.03 -18.60 -6.00
C ARG A 66 2.94 -17.94 -4.98
N LEU A 67 3.16 -16.64 -5.14
CA LEU A 67 4.01 -15.88 -4.22
C LEU A 67 3.17 -15.22 -3.12
N ARG A 68 2.00 -15.79 -2.85
CA ARG A 68 1.11 -15.25 -1.83
C ARG A 68 1.46 -15.80 -0.45
N PRO A 69 1.70 -17.12 -0.32
CA PRO A 69 2.06 -17.74 0.95
C PRO A 69 3.20 -17.01 1.64
N LEU A 70 3.99 -16.29 0.85
CA LEU A 70 5.12 -15.54 1.37
C LEU A 70 4.64 -14.26 2.05
N SER A 71 3.47 -13.78 1.62
CA SER A 71 2.89 -12.57 2.20
C SER A 71 1.94 -12.90 3.34
N TYR A 72 1.42 -14.13 3.33
CA TYR A 72 0.49 -14.59 4.37
C TYR A 72 -0.60 -13.55 4.65
N PRO A 73 -1.82 -13.77 4.13
CA PRO A 73 -2.94 -12.84 4.33
C PRO A 73 -3.07 -12.38 5.78
N GLN A 74 -2.74 -13.27 6.72
CA GLN A 74 -2.82 -12.95 8.14
C GLN A 74 -1.79 -11.89 8.53
N THR A 75 -0.87 -11.58 7.62
CA THR A 75 0.17 -10.59 7.86
C THR A 75 -0.35 -9.39 8.66
N ASP A 76 -1.45 -8.79 8.19
CA ASP A 76 -2.05 -7.64 8.86
C ASP A 76 -3.10 -6.98 7.98
N VAL A 77 -3.50 -5.76 8.34
CA VAL A 77 -4.50 -5.03 7.58
C VAL A 77 -4.05 -4.83 6.14
N PHE A 78 -5.00 -4.52 5.27
CA PHE A 78 -4.70 -4.31 3.86
C PHE A 78 -4.58 -2.82 3.54
N LEU A 79 -3.55 -2.45 2.78
CA LEU A 79 -3.35 -1.07 2.40
C LEU A 79 -3.63 -0.89 0.91
N VAL A 80 -4.65 -0.10 0.60
CA VAL A 80 -5.01 0.14 -0.79
C VAL A 80 -5.19 1.63 -1.07
N CYS A 81 -4.84 2.06 -2.27
CA CYS A 81 -4.98 3.46 -2.65
C CYS A 81 -5.49 3.59 -4.08
N PHE A 82 -6.06 4.76 -4.39
CA PHE A 82 -6.59 5.01 -5.72
C PHE A 82 -6.56 6.50 -6.06
N SER A 83 -6.41 6.80 -7.35
CA SER A 83 -6.36 8.18 -7.81
C SER A 83 -7.54 8.98 -7.28
N VAL A 84 -7.41 10.30 -7.29
CA VAL A 84 -8.48 11.18 -6.80
C VAL A 84 -9.14 11.92 -7.96
N VAL A 85 -8.40 12.85 -8.55
CA VAL A 85 -8.93 13.63 -9.67
C VAL A 85 -9.47 12.71 -10.76
N SER A 86 -8.58 12.05 -11.49
CA SER A 86 -8.99 11.15 -12.55
C SER A 86 -10.02 10.14 -12.04
N PRO A 87 -11.29 10.31 -12.44
CA PRO A 87 -12.37 9.41 -12.01
C PRO A 87 -12.32 8.07 -12.72
N SER A 88 -11.74 8.06 -13.92
CA SER A 88 -11.63 6.83 -14.70
C SER A 88 -10.99 5.71 -13.89
N SER A 89 -10.22 6.08 -12.88
CA SER A 89 -9.55 5.10 -12.02
C SER A 89 -10.36 4.83 -10.76
N PHE A 90 -11.10 5.84 -10.30
CA PHE A 90 -11.91 5.71 -9.09
C PHE A 90 -12.84 4.51 -9.19
N GLU A 91 -13.84 4.59 -10.06
CA GLU A 91 -14.79 3.51 -10.24
C GLU A 91 -14.06 2.17 -10.46
N ASN A 92 -13.08 2.18 -11.35
CA ASN A 92 -12.32 0.97 -11.66
C ASN A 92 -11.75 0.35 -10.37
N VAL A 93 -10.78 1.03 -9.78
CA VAL A 93 -10.13 0.57 -8.56
C VAL A 93 -11.14 -0.03 -7.58
N LYS A 94 -12.36 0.47 -7.61
CA LYS A 94 -13.40 -0.03 -6.70
C LYS A 94 -13.82 -1.44 -7.07
N GLU A 95 -14.52 -1.58 -8.21
CA GLU A 95 -14.99 -2.88 -8.66
C GLU A 95 -13.92 -3.64 -9.42
N LYS A 96 -12.69 -3.12 -9.42
CA LYS A 96 -11.59 -3.78 -10.13
C LYS A 96 -10.53 -4.31 -9.17
N TRP A 97 -10.16 -3.51 -8.19
CA TRP A 97 -9.14 -3.91 -7.22
C TRP A 97 -9.73 -4.50 -5.95
N VAL A 98 -10.87 -3.97 -5.50
CA VAL A 98 -11.50 -4.46 -4.29
C VAL A 98 -11.71 -5.98 -4.35
N PRO A 99 -12.20 -6.50 -5.48
CA PRO A 99 -12.44 -7.94 -5.64
C PRO A 99 -11.21 -8.77 -5.30
N GLU A 100 -10.03 -8.19 -5.49
CA GLU A 100 -8.78 -8.87 -5.19
C GLU A 100 -8.49 -8.89 -3.70
N ILE A 101 -9.09 -7.94 -2.97
CA ILE A 101 -8.90 -7.85 -1.53
C ILE A 101 -9.10 -9.21 -0.86
N THR A 102 -9.99 -10.01 -1.43
CA THR A 102 -10.29 -11.34 -0.89
C THR A 102 -9.27 -12.38 -1.39
N HIS A 103 -8.67 -12.11 -2.53
CA HIS A 103 -7.69 -13.03 -3.12
C HIS A 103 -6.45 -13.11 -2.24
N HIS A 104 -6.06 -11.98 -1.65
CA HIS A 104 -4.89 -11.92 -0.79
C HIS A 104 -5.29 -11.87 0.69
N CYS A 105 -6.53 -11.48 0.95
CA CYS A 105 -7.03 -11.39 2.32
C CYS A 105 -8.54 -11.57 2.36
N PRO A 106 -9.01 -12.82 2.19
CA PRO A 106 -10.45 -13.14 2.21
C PRO A 106 -11.05 -13.00 3.61
N LYS A 107 -10.20 -12.86 4.62
CA LYS A 107 -10.67 -12.73 6.00
C LYS A 107 -9.87 -11.67 6.75
N THR A 108 -9.24 -10.76 6.00
CA THR A 108 -8.45 -9.70 6.61
C THR A 108 -8.96 -8.33 6.19
N PRO A 109 -9.08 -7.39 7.15
CA PRO A 109 -9.57 -6.04 6.87
C PRO A 109 -8.80 -5.37 5.73
N PHE A 110 -9.39 -4.36 5.13
CA PHE A 110 -8.75 -3.63 4.03
C PHE A 110 -8.93 -2.13 4.19
N LEU A 111 -7.84 -1.40 3.98
CA LEU A 111 -7.86 0.06 4.11
C LEU A 111 -7.67 0.72 2.75
N LEU A 112 -8.64 1.55 2.36
CA LEU A 112 -8.59 2.25 1.08
C LEU A 112 -7.92 3.61 1.24
N VAL A 113 -7.49 4.19 0.13
CA VAL A 113 -6.83 5.50 0.17
C VAL A 113 -7.03 6.24 -1.15
N GLY A 114 -7.22 7.56 -1.05
CA GLY A 114 -7.42 8.37 -2.23
C GLY A 114 -6.77 9.74 -2.10
N THR A 115 -5.64 9.92 -2.78
CA THR A 115 -4.93 11.19 -2.73
C THR A 115 -4.42 11.58 -4.12
N GLN A 116 -4.56 12.87 -4.45
CA GLN A 116 -4.12 13.38 -5.73
C GLN A 116 -4.47 14.87 -5.86
N ILE A 117 -3.76 15.69 -5.11
CA ILE A 117 -3.99 17.14 -5.13
C ILE A 117 -2.98 17.84 -6.03
N ASP A 118 -1.84 17.20 -6.26
CA ASP A 118 -0.80 17.77 -7.11
C ASP A 118 -0.92 17.26 -8.55
N LEU A 119 -1.55 16.09 -8.70
CA LEU A 119 -1.72 15.50 -10.01
C LEU A 119 -2.82 16.21 -10.79
N ARG A 120 -3.78 16.78 -10.06
CA ARG A 120 -4.89 17.49 -10.69
C ARG A 120 -4.38 18.50 -11.71
N ASP A 121 -5.08 18.59 -12.84
CA ASP A 121 -4.70 19.52 -13.90
C ASP A 121 -5.58 19.34 -15.13
N ASP A 122 -5.76 18.09 -15.54
CA ASP A 122 -6.58 17.78 -16.71
C ASP A 122 -7.98 18.40 -16.57
N PRO A 123 -8.38 19.27 -17.51
CA PRO A 123 -9.70 19.91 -17.48
C PRO A 123 -10.82 18.96 -17.88
N SER A 124 -10.56 18.16 -18.92
CA SER A 124 -11.55 17.21 -19.42
C SER A 124 -12.12 16.38 -18.27
N THR A 125 -11.30 16.13 -17.26
CA THR A 125 -11.73 15.35 -16.10
C THR A 125 -12.96 15.97 -15.45
N ILE A 126 -12.84 17.22 -15.02
CA ILE A 126 -13.95 17.92 -14.38
C ILE A 126 -15.21 17.84 -15.23
N GLU A 127 -15.05 18.08 -16.53
CA GLU A 127 -16.18 18.04 -17.46
C GLU A 127 -16.97 16.74 -17.30
N LYS A 128 -16.24 15.63 -17.17
CA LYS A 128 -16.88 14.33 -17.00
C LYS A 128 -17.28 14.10 -15.55
N LEU A 129 -16.44 14.56 -14.62
CA LEU A 129 -16.73 14.40 -13.20
C LEU A 129 -18.14 14.88 -12.88
N ALA A 130 -18.65 15.79 -13.71
CA ALA A 130 -19.99 16.32 -13.52
C ALA A 130 -21.05 15.34 -13.99
N LYS A 131 -20.65 14.40 -14.85
CA LYS A 131 -21.58 13.40 -15.37
C LYS A 131 -21.78 12.27 -14.37
N ASN A 132 -20.76 12.04 -13.53
CA ASN A 132 -20.82 10.99 -12.52
C ASN A 132 -21.48 11.49 -11.23
N LYS A 133 -21.73 12.80 -11.15
CA LYS A 133 -22.34 13.38 -9.97
C LYS A 133 -21.46 13.21 -8.74
N GLN A 134 -20.15 13.09 -8.97
CA GLN A 134 -19.20 12.91 -7.89
C GLN A 134 -18.50 14.22 -7.56
N LYS A 135 -18.42 15.10 -8.55
CA LYS A 135 -17.77 16.40 -8.37
C LYS A 135 -16.26 16.24 -8.20
N PRO A 136 -15.52 17.36 -8.27
CA PRO A 136 -14.05 17.34 -8.13
C PRO A 136 -13.60 16.59 -6.88
N ILE A 137 -13.35 15.31 -7.03
CA ILE A 137 -12.91 14.47 -5.92
C ILE A 137 -11.72 15.10 -5.19
N THR A 138 -11.78 15.08 -3.87
CA THR A 138 -10.71 15.66 -3.05
C THR A 138 -10.30 14.69 -1.93
N PRO A 139 -9.29 15.06 -1.13
CA PRO A 139 -8.81 14.21 -0.03
C PRO A 139 -9.94 13.80 0.91
N GLU A 140 -11.03 14.55 0.88
CA GLU A 140 -12.18 14.26 1.74
C GLU A 140 -13.14 13.30 1.05
N THR A 141 -13.37 13.53 -0.25
CA THR A 141 -14.27 12.68 -1.03
C THR A 141 -13.91 11.21 -0.85
N ALA A 142 -12.62 10.90 -0.97
CA ALA A 142 -12.14 9.53 -0.83
C ALA A 142 -12.67 8.91 0.46
N GLU A 143 -12.68 9.69 1.53
CA GLU A 143 -13.16 9.21 2.82
C GLU A 143 -14.64 8.84 2.75
N LYS A 144 -15.42 9.69 2.09
CA LYS A 144 -16.86 9.45 1.95
C LYS A 144 -17.12 8.06 1.37
N LEU A 145 -16.46 7.76 0.27
CA LEU A 145 -16.62 6.45 -0.38
C LEU A 145 -16.31 5.33 0.60
N ALA A 146 -15.22 5.48 1.35
CA ALA A 146 -14.83 4.48 2.32
C ALA A 146 -15.91 4.28 3.38
N ARG A 147 -16.64 5.34 3.67
CA ARG A 147 -17.72 5.28 4.66
C ARG A 147 -18.84 4.38 4.18
N ASP A 148 -19.21 4.51 2.91
CA ASP A 148 -20.27 3.71 2.33
C ASP A 148 -19.91 2.23 2.39
N LEU A 149 -18.72 1.89 1.92
CA LEU A 149 -18.26 0.51 1.92
C LEU A 149 -18.03 0.01 3.34
N LYS A 150 -17.72 0.94 4.24
CA LYS A 150 -17.47 0.59 5.64
C LYS A 150 -16.15 -0.16 5.79
N ALA A 151 -15.15 0.50 6.38
CA ALA A 151 -13.85 -0.12 6.58
C ALA A 151 -13.18 0.43 7.84
N VAL A 152 -11.87 0.24 7.94
CA VAL A 152 -11.10 0.72 9.08
C VAL A 152 -11.07 2.25 9.14
N LYS A 153 -11.49 2.91 8.06
CA LYS A 153 -11.50 4.36 7.99
C LYS A 153 -10.08 4.90 7.82
N TYR A 154 -9.95 5.92 6.97
CA TYR A 154 -8.64 6.52 6.71
C TYR A 154 -8.77 7.98 6.29
N VAL A 155 -7.66 8.71 6.38
CA VAL A 155 -7.63 10.12 6.01
C VAL A 155 -6.20 10.56 5.69
N GLU A 156 -6.00 11.11 4.49
CA GLU A 156 -4.68 11.56 4.08
C GLU A 156 -4.75 12.34 2.77
N CYS A 157 -3.66 13.04 2.45
CA CYS A 157 -3.58 13.83 1.23
C CYS A 157 -2.53 13.24 0.30
N SER A 158 -2.24 13.93 -0.80
CA SER A 158 -1.26 13.45 -1.76
C SER A 158 0.14 13.91 -1.39
N ALA A 159 1.14 13.31 -2.03
CA ALA A 159 2.54 13.64 -1.77
C ALA A 159 2.78 15.15 -1.87
N LEU A 160 4.04 15.54 -1.76
CA LEU A 160 4.41 16.95 -1.83
C LEU A 160 3.89 17.72 -0.62
N THR A 161 2.57 17.80 -0.50
CA THR A 161 1.95 18.50 0.61
C THR A 161 1.55 17.53 1.72
N GLN A 162 1.25 18.07 2.89
CA GLN A 162 0.86 17.25 4.04
C GLN A 162 -0.25 17.92 4.84
N LYS A 163 -1.37 17.23 5.01
CA LYS A 163 -2.50 17.76 5.75
C LYS A 163 -2.60 17.10 7.12
N GLY A 164 -2.32 15.80 7.16
CA GLY A 164 -2.38 15.08 8.42
C GLY A 164 -2.35 13.57 8.21
N LEU A 165 -1.16 13.03 7.99
CA LEU A 165 -1.00 11.59 7.76
C LEU A 165 -0.92 10.85 9.09
N LYS A 166 -0.49 11.54 10.13
CA LYS A 166 -0.37 10.93 11.46
C LYS A 166 -1.67 10.26 11.88
N ASN A 167 -2.80 10.81 11.42
CA ASN A 167 -4.11 10.25 11.75
C ASN A 167 -4.28 8.86 11.15
N VAL A 168 -4.31 8.80 9.82
CA VAL A 168 -4.47 7.52 9.13
C VAL A 168 -3.52 6.47 9.69
N PHE A 169 -2.39 6.92 10.23
CA PHE A 169 -1.41 6.03 10.82
C PHE A 169 -1.90 5.51 12.16
N ASP A 170 -2.60 6.35 12.89
CA ASP A 170 -3.14 5.98 14.19
C ASP A 170 -4.15 4.86 14.06
N GLU A 171 -4.94 4.91 12.99
CA GLU A 171 -5.95 3.88 12.73
C GLU A 171 -5.34 2.71 11.97
N ALA A 172 -4.27 2.98 11.23
CA ALA A 172 -3.59 1.95 10.45
C ALA A 172 -2.74 1.06 11.34
N ILE A 173 -2.19 1.65 12.39
CA ILE A 173 -1.35 0.90 13.32
C ILE A 173 -2.15 0.41 14.52
N LEU A 174 -3.26 1.07 14.81
CA LEU A 174 -4.11 0.70 15.92
C LEU A 174 -4.87 -0.59 15.62
N ALA A 175 -5.44 -0.66 14.42
CA ALA A 175 -6.20 -1.84 14.01
C ALA A 175 -5.31 -3.09 14.01
N ALA A 176 -4.03 -2.90 13.69
CA ALA A 176 -3.09 -4.01 13.66
C ALA A 176 -2.41 -4.21 15.01
N LEU A 177 -2.45 -3.18 15.85
CA LEU A 177 -1.84 -3.25 17.18
C LEU A 177 -2.22 -4.53 17.91
N GLU A 178 -3.50 -4.91 17.78
CA GLU A 178 -4.00 -6.11 18.42
C GLU A 178 -3.62 -6.15 19.91
N PRO A 179 -4.39 -5.44 20.76
CA PRO A 179 -4.13 -5.40 22.20
C PRO A 179 -3.86 -6.77 22.79
N PRO A 180 -2.58 -7.09 23.06
CA PRO A 180 -2.19 -8.39 23.63
C PRO A 180 -2.92 -8.68 24.94
N GLU A 181 -3.39 -9.90 25.09
CA GLU A 181 -4.10 -10.31 26.29
C GLU A 181 -3.20 -11.14 27.21
N PRO A 182 -3.37 -11.00 28.53
CA PRO A 182 -2.57 -11.75 29.50
C PRO A 182 -2.81 -13.26 29.44
N LYS A 183 -2.28 -13.88 28.39
CA LYS A 183 -2.45 -15.32 28.21
C LYS A 183 -1.15 -16.06 28.53
N LYS A 184 -1.24 -17.09 29.36
CA LYS A 184 -0.07 -17.87 29.75
C LYS A 184 0.02 -19.14 28.91
N GLY B 1 2.47 11.93 23.61
CA GLY B 1 2.72 11.35 22.26
C GLY B 1 2.20 9.94 22.13
N SER B 2 1.23 9.73 21.26
CA SER B 2 0.65 8.41 21.04
C SER B 2 1.24 7.75 19.80
N ILE B 3 0.67 8.10 18.63
CA ILE B 3 1.15 7.55 17.38
C ILE B 3 2.22 8.44 16.75
N SER B 4 3.24 7.81 16.18
CA SER B 4 4.33 8.55 15.55
C SER B 4 4.58 8.05 14.13
N LEU B 5 4.84 8.99 13.22
CA LEU B 5 5.10 8.64 11.82
C LEU B 5 6.50 8.07 11.66
N PRO B 6 6.66 7.01 10.84
CA PRO B 6 7.96 6.38 10.61
C PRO B 6 9.03 7.39 10.22
N SER B 7 10.27 7.11 10.62
CA SER B 7 11.38 7.98 10.32
C SER B 7 12.31 7.35 9.28
N ASP B 8 12.71 6.11 9.55
CA ASP B 8 13.60 5.38 8.64
C ASP B 8 12.83 4.84 7.43
N PHE B 9 13.59 4.39 6.44
CA PHE B 9 13.00 3.85 5.22
C PHE B 9 14.08 3.61 4.16
N GLU B 10 14.18 2.37 3.68
CA GLU B 10 15.18 2.03 2.68
C GLU B 10 14.73 0.86 1.82
N HIS B 11 14.86 1.01 0.50
CA HIS B 11 14.47 -0.05 -0.44
C HIS B 11 15.41 -1.24 -0.30
N THR B 12 15.01 -2.22 0.48
CA THR B 12 15.84 -3.41 0.69
C THR B 12 15.82 -4.34 -0.52
N ILE B 13 14.65 -4.87 -0.87
CA ILE B 13 14.53 -5.76 -2.02
C ILE B 13 13.64 -5.17 -3.10
N HIS B 14 14.22 -4.86 -4.25
CA HIS B 14 13.47 -4.30 -5.36
C HIS B 14 13.18 -5.38 -6.40
N VAL B 15 11.98 -5.95 -6.32
CA VAL B 15 11.59 -7.02 -7.24
C VAL B 15 11.15 -6.44 -8.59
N GLY B 16 11.58 -7.09 -9.67
CA GLY B 16 11.22 -6.64 -11.00
C GLY B 16 10.75 -7.77 -11.88
N PHE B 17 10.36 -7.45 -13.11
CA PHE B 17 9.87 -8.46 -14.05
C PHE B 17 11.04 -9.23 -14.65
N ASP B 18 10.88 -10.54 -14.73
CA ASP B 18 11.92 -11.41 -15.29
C ASP B 18 11.38 -12.24 -16.45
N ALA B 19 11.84 -11.92 -17.66
CA ALA B 19 11.41 -12.64 -18.85
C ALA B 19 12.02 -14.04 -18.90
N VAL B 20 13.11 -14.23 -18.16
CA VAL B 20 13.81 -15.51 -18.12
C VAL B 20 12.82 -16.68 -18.05
N THR B 21 11.86 -16.59 -17.13
CA THR B 21 10.87 -17.65 -16.97
C THR B 21 9.59 -17.10 -16.35
N GLY B 22 9.07 -16.02 -16.93
CA GLY B 22 7.85 -15.42 -16.41
C GLY B 22 7.88 -15.24 -14.90
N GLU B 23 9.07 -14.98 -14.37
CA GLU B 23 9.24 -14.78 -12.94
C GLU B 23 9.74 -13.38 -12.64
N PHE B 24 9.97 -13.09 -11.36
CA PHE B 24 10.45 -11.79 -10.94
C PHE B 24 11.95 -11.82 -10.65
N THR B 25 12.56 -10.65 -10.57
CA THR B 25 13.99 -10.55 -10.30
C THR B 25 14.24 -9.97 -8.91
N GLY B 26 15.49 -10.04 -8.46
CA GLY B 26 15.84 -9.53 -7.15
C GLY B 26 14.89 -10.01 -6.07
N MET B 27 14.30 -11.19 -6.28
CA MET B 27 13.36 -11.76 -5.32
C MET B 27 13.98 -11.82 -3.92
N PRO B 28 13.25 -11.33 -2.90
CA PRO B 28 13.74 -11.35 -1.52
C PRO B 28 14.29 -12.71 -1.11
N GLU B 29 15.31 -12.71 -0.27
CA GLU B 29 15.92 -13.95 0.20
C GLU B 29 14.86 -14.96 0.63
N GLN B 30 13.81 -14.47 1.28
CA GLN B 30 12.72 -15.33 1.74
C GLN B 30 11.79 -15.67 0.58
N TRP B 31 11.34 -14.65 -0.14
CA TRP B 31 10.45 -14.85 -1.27
C TRP B 31 11.09 -15.84 -2.24
N ALA B 32 12.30 -15.52 -2.67
CA ALA B 32 13.05 -16.37 -3.59
C ALA B 32 13.10 -17.80 -3.07
N ARG B 33 13.71 -17.98 -1.90
CA ARG B 33 13.85 -19.29 -1.30
C ARG B 33 12.50 -19.96 -1.11
N LEU B 34 11.48 -19.16 -0.78
CA LEU B 34 10.14 -19.70 -0.59
C LEU B 34 9.79 -20.63 -1.75
N LEU B 35 9.74 -20.06 -2.95
CA LEU B 35 9.44 -20.83 -4.14
C LEU B 35 10.74 -21.24 -4.84
N GLN B 36 11.42 -20.24 -5.41
CA GLN B 36 12.69 -20.47 -6.12
C GLN B 36 13.88 -20.59 -5.15
N THR B 37 14.72 -19.53 -5.07
CA THR B 37 15.89 -19.52 -4.18
C THR B 37 16.93 -18.49 -4.63
N SER B 38 16.89 -18.14 -5.92
CA SER B 38 17.83 -17.16 -6.46
C SER B 38 17.14 -15.85 -6.81
N ASN B 39 17.40 -14.81 -6.00
CA ASN B 39 16.79 -13.50 -6.24
C ASN B 39 16.83 -13.14 -7.71
N ILE B 40 18.01 -13.26 -8.31
CA ILE B 40 18.18 -12.96 -9.72
C ILE B 40 18.91 -14.09 -10.43
N THR B 41 18.15 -15.09 -10.87
CA THR B 41 18.72 -16.24 -11.57
C THR B 41 19.54 -17.10 -10.62
N LYS B 42 20.62 -16.52 -10.09
CA LYS B 42 21.49 -17.24 -9.17
C LYS B 42 21.79 -16.39 -7.94
N SER B 43 20.78 -15.68 -7.44
CA SER B 43 20.94 -14.84 -6.27
C SER B 43 21.98 -13.75 -6.52
N GLU B 44 23.25 -14.11 -6.36
CA GLU B 44 24.34 -13.17 -6.57
C GLU B 44 25.70 -13.85 -6.37
N GLN B 45 26.73 -13.31 -7.01
CA GLN B 45 28.07 -13.87 -6.91
C GLN B 45 28.86 -13.17 -5.81
N LYS B 46 28.89 -13.79 -4.63
CA LYS B 46 29.62 -13.23 -3.50
C LYS B 46 31.13 -13.32 -3.72
PG GNP C . 5.85 3.48 -9.17
O1G GNP C . 6.58 4.38 -8.26
O2G GNP C . 6.02 2.02 -9.01
O3G GNP C . 6.37 3.83 -10.66
N3B GNP C . 4.23 3.80 -8.98
PB GNP C . 3.49 3.88 -7.49
O1B GNP C . 2.11 3.36 -7.65
O2B GNP C . 4.38 3.19 -6.53
O3A GNP C . 3.33 5.39 -6.94
PA GNP C . 2.74 6.69 -7.69
O1A GNP C . 2.08 6.25 -8.94
O2A GNP C . 3.79 7.72 -7.74
O5' GNP C . 1.59 7.19 -6.67
C5' GNP C . 1.02 8.49 -6.80
C4' GNP C . 1.84 9.55 -6.05
O4' GNP C . 1.02 10.23 -5.09
C3' GNP C . 3.01 8.91 -5.31
O3' GNP C . 4.25 9.42 -5.78
C2' GNP C . 2.82 9.23 -3.85
O2' GNP C . 3.97 9.89 -3.32
C1' GNP C . 1.59 10.12 -3.77
N9 GNP C . 0.60 9.57 -2.81
C8 GNP C . -0.32 8.60 -3.00
N7 GNP C . -1.09 8.30 -1.99
C5 GNP C . -0.62 9.17 -1.01
C6 GNP C . -1.04 9.33 0.35
O6 GNP C . -1.93 8.73 0.95
N1 GNP C . -0.30 10.33 1.01
C2 GNP C . 0.72 11.07 0.44
N2 GNP C . 1.31 11.97 1.23
N3 GNP C . 1.12 10.91 -0.84
C4 GNP C . 0.43 9.95 -1.50
HNB3 GNP C . 3.68 3.97 -9.78
H5'2 GNP C . 0.01 8.48 -6.39
H5'1 GNP C . 0.98 8.76 -7.86
H4' GNP C . 2.22 10.27 -6.76
H3' GNP C . 2.97 7.83 -5.45
HO3' GNP C . 4.21 10.38 -5.71
H2' GNP C . 2.63 8.30 -3.30
HO2' GNP C . 4.63 9.91 -4.02
H1' GNP C . 1.89 11.10 -3.43
H8 GNP C . -0.43 8.09 -3.96
HN1 GNP C . -0.55 10.50 1.94
HN21 GNP C . 1.00 12.08 2.18
HN22 GNP C . 2.07 12.54 0.86
MG MG D . 5.61 1.19 -6.81
N MET A 1 8.45 -9.50 21.32
CA MET A 1 7.94 -8.38 20.48
C MET A 1 6.80 -8.84 19.56
N GLN A 2 5.98 -7.88 19.14
CA GLN A 2 4.85 -8.19 18.26
C GLN A 2 5.16 -7.79 16.82
N THR A 3 4.88 -8.69 15.89
CA THR A 3 5.13 -8.43 14.47
C THR A 3 3.83 -8.12 13.75
N ILE A 4 3.94 -7.35 12.67
CA ILE A 4 2.77 -6.97 11.87
C ILE A 4 3.18 -6.59 10.46
N LYS A 5 2.62 -7.29 9.47
CA LYS A 5 2.93 -7.02 8.07
C LYS A 5 1.68 -6.65 7.29
N CYS A 6 1.59 -5.41 6.85
CA CYS A 6 0.45 -4.93 6.09
C CYS A 6 0.68 -5.12 4.59
N VAL A 7 -0.27 -5.74 3.91
CA VAL A 7 -0.16 -5.97 2.48
C VAL A 7 -1.11 -5.06 1.69
N VAL A 8 -0.79 -4.87 0.42
CA VAL A 8 -1.60 -4.02 -0.45
C VAL A 8 -2.01 -4.78 -1.71
N VAL A 9 -3.01 -4.26 -2.42
CA VAL A 9 -3.49 -4.88 -3.64
C VAL A 9 -4.13 -3.85 -4.57
N GLY A 10 -3.63 -3.76 -5.79
CA GLY A 10 -4.17 -2.82 -6.75
C GLY A 10 -3.12 -2.28 -7.70
N ASP A 11 -3.56 -1.59 -8.74
CA ASP A 11 -2.66 -1.01 -9.74
C ASP A 11 -1.70 -0.02 -9.08
N GLY A 12 -1.23 0.98 -9.84
CA GLY A 12 -0.31 1.98 -9.29
C GLY A 12 -0.72 2.42 -7.89
N ALA A 13 0.28 2.62 -7.03
CA ALA A 13 0.01 3.03 -5.66
C ALA A 13 -0.91 2.01 -5.00
N VAL A 14 -0.42 0.78 -4.90
CA VAL A 14 -1.19 -0.30 -4.30
C VAL A 14 -1.67 0.06 -2.89
N GLY A 15 -1.03 1.05 -2.29
CA GLY A 15 -1.42 1.48 -0.95
C GLY A 15 -0.25 1.63 -0.02
N LYS A 16 0.74 0.75 -0.17
CA LYS A 16 1.93 0.79 0.68
C LYS A 16 3.07 1.56 -0.01
N THR A 17 3.68 0.93 -1.00
CA THR A 17 4.79 1.52 -1.75
C THR A 17 4.62 3.03 -1.94
N CYS A 18 3.47 3.43 -2.47
CA CYS A 18 3.19 4.85 -2.69
C CYS A 18 3.15 5.61 -1.37
N LEU A 19 2.41 5.07 -0.40
CA LEU A 19 2.29 5.70 0.91
C LEU A 19 3.66 5.91 1.53
N LEU A 20 4.28 4.82 1.98
CA LEU A 20 5.61 4.88 2.61
C LEU A 20 6.50 5.91 1.92
N ILE A 21 6.47 5.92 0.60
CA ILE A 21 7.27 6.84 -0.17
C ILE A 21 7.09 8.27 0.35
N SER A 22 5.93 8.85 0.15
CA SER A 22 5.66 10.21 0.61
C SER A 22 5.01 10.21 1.98
N TYR A 23 3.91 9.47 2.11
CA TYR A 23 3.16 9.38 3.34
C TYR A 23 4.05 9.02 4.55
N THR A 24 5.22 8.41 4.30
CA THR A 24 6.10 8.04 5.41
C THR A 24 7.47 8.72 5.29
N THR A 25 8.39 8.07 4.58
CA THR A 25 9.74 8.61 4.41
C THR A 25 9.69 10.03 3.83
N ASN A 26 8.67 10.31 3.04
CA ASN A 26 8.50 11.62 2.43
C ASN A 26 9.46 11.82 1.24
N LYS A 27 9.44 10.86 0.31
CA LYS A 27 10.31 10.92 -0.86
C LYS A 27 9.75 10.03 -1.98
N PHE A 28 9.37 10.65 -3.09
CA PHE A 28 8.82 9.91 -4.23
C PHE A 28 9.66 8.67 -4.54
N PRO A 29 9.17 7.77 -5.39
CA PRO A 29 9.88 6.53 -5.74
C PRO A 29 11.30 6.78 -6.24
N SER A 30 12.14 5.74 -6.14
CA SER A 30 13.52 5.84 -6.58
C SER A 30 13.74 5.07 -7.88
N GLU A 31 13.81 3.74 -7.77
CA GLU A 31 14.00 2.90 -8.94
C GLU A 31 12.66 2.49 -9.54
N TYR A 32 12.33 3.06 -10.70
CA TYR A 32 11.07 2.76 -11.35
C TYR A 32 11.03 1.32 -11.84
N VAL A 33 10.36 0.47 -11.06
CA VAL A 33 10.24 -0.94 -11.40
C VAL A 33 8.94 -1.49 -10.83
N PRO A 34 8.23 -2.35 -11.59
CA PRO A 34 6.98 -2.96 -11.13
C PRO A 34 7.05 -3.39 -9.67
N THR A 35 6.64 -2.49 -8.77
CA THR A 35 6.67 -2.78 -7.34
C THR A 35 5.92 -4.07 -7.03
N VAL A 36 6.62 -5.20 -7.11
CA VAL A 36 6.02 -6.49 -6.82
C VAL A 36 6.08 -6.78 -5.32
N PHE A 37 7.04 -6.16 -4.65
CA PHE A 37 7.22 -6.34 -3.22
C PHE A 37 7.64 -5.03 -2.57
N ASP A 38 8.83 -4.56 -2.90
CA ASP A 38 9.36 -3.32 -2.34
C ASP A 38 9.34 -3.38 -0.82
N ASN A 39 10.51 -3.52 -0.21
CA ASN A 39 10.60 -3.59 1.23
C ASN A 39 11.20 -2.31 1.80
N TYR A 40 10.85 -2.01 3.05
CA TYR A 40 11.34 -0.80 3.70
C TYR A 40 11.47 -1.00 5.20
N ALA A 41 12.12 -0.05 5.87
CA ALA A 41 12.31 -0.12 7.31
C ALA A 41 11.55 1.00 8.01
N VAL A 42 10.56 0.62 8.82
CA VAL A 42 9.76 1.59 9.54
C VAL A 42 9.58 1.20 11.00
N THR A 43 9.69 2.19 11.88
CA THR A 43 9.53 1.97 13.31
C THR A 43 8.69 3.08 13.92
N VAL A 44 7.47 2.75 14.31
CA VAL A 44 6.56 3.73 14.90
C VAL A 44 6.57 3.63 16.41
N MET A 45 7.00 4.71 17.06
CA MET A 45 7.06 4.74 18.52
C MET A 45 5.68 5.02 19.11
N ILE A 46 5.04 3.95 19.59
CA ILE A 46 3.71 4.07 20.19
C ILE A 46 3.81 4.39 21.68
N GLY A 47 3.80 5.67 22.01
CA GLY A 47 3.90 6.08 23.40
C GLY A 47 5.32 6.07 23.92
N GLY A 48 6.29 6.03 23.01
CA GLY A 48 7.69 6.02 23.42
C GLY A 48 8.27 4.62 23.45
N GLU A 49 7.71 3.71 22.66
CA GLU A 49 8.19 2.34 22.61
C GLU A 49 8.54 1.94 21.18
N PRO A 50 9.73 1.35 20.97
CA PRO A 50 10.17 0.92 19.63
C PRO A 50 9.23 -0.11 19.01
N TYR A 51 9.29 -0.24 17.69
CA TYR A 51 8.44 -1.18 16.98
C TYR A 51 9.07 -1.61 15.66
N THR A 52 8.61 -2.73 15.12
CA THR A 52 9.12 -3.25 13.86
C THR A 52 7.97 -3.72 12.98
N LEU A 53 7.55 -2.86 12.04
CA LEU A 53 6.46 -3.18 11.14
C LEU A 53 6.97 -3.45 9.72
N GLY A 54 6.52 -4.56 9.14
CA GLY A 54 6.94 -4.90 7.79
C GLY A 54 5.93 -4.47 6.75
N LEU A 55 6.43 -3.86 5.67
CA LEU A 55 5.56 -3.39 4.60
C LEU A 55 5.80 -4.18 3.32
N PHE A 56 4.88 -5.10 3.03
CA PHE A 56 4.98 -5.94 1.84
C PHE A 56 4.04 -5.44 0.74
N ASP A 57 4.62 -4.90 -0.33
CA ASP A 57 3.81 -4.39 -1.43
C ASP A 57 3.50 -5.48 -2.44
N THR A 58 2.63 -5.16 -3.40
CA THR A 58 2.25 -6.12 -4.44
C THR A 58 2.14 -5.43 -5.79
N ALA A 59 1.71 -6.18 -6.80
CA ALA A 59 1.57 -5.63 -8.14
C ALA A 59 0.11 -5.30 -8.45
N GLY A 60 -0.80 -5.96 -7.74
CA GLY A 60 -2.21 -5.73 -7.95
C GLY A 60 -2.72 -6.37 -9.23
N LEU A 61 -2.44 -7.65 -9.40
CA LEU A 61 -2.88 -8.38 -10.59
C LEU A 61 -3.13 -9.84 -10.28
N GLU A 62 -3.63 -10.58 -11.26
CA GLU A 62 -3.93 -12.00 -11.09
C GLU A 62 -2.77 -12.85 -11.58
N ASP A 63 -1.56 -12.32 -11.48
CA ASP A 63 -0.36 -13.04 -11.92
C ASP A 63 0.60 -13.28 -10.75
N TYR A 64 0.04 -13.38 -9.54
CA TYR A 64 0.85 -13.61 -8.36
C TYR A 64 0.81 -15.08 -7.92
N ASP A 65 -0.12 -15.85 -8.51
CA ASP A 65 -0.27 -17.26 -8.17
C ASP A 65 1.09 -17.96 -8.07
N ARG A 66 2.08 -17.46 -8.81
CA ARG A 66 3.42 -18.03 -8.79
C ARG A 66 3.87 -18.33 -7.36
N LEU A 67 3.99 -17.29 -6.55
CA LEU A 67 4.40 -17.43 -5.16
C LEU A 67 3.26 -18.06 -4.34
N ARG A 68 3.53 -18.39 -3.09
CA ARG A 68 2.50 -19.01 -2.24
C ARG A 68 1.85 -18.00 -1.28
N PRO A 69 2.55 -17.55 -0.23
CA PRO A 69 2.00 -16.61 0.74
C PRO A 69 1.83 -15.20 0.17
N LEU A 70 2.94 -14.61 -0.29
CA LEU A 70 2.90 -13.26 -0.84
C LEU A 70 2.18 -12.32 0.10
N SER A 71 2.19 -12.64 1.38
CA SER A 71 1.53 -11.81 2.40
C SER A 71 1.34 -12.59 3.70
N TYR A 72 1.26 -13.91 3.60
CA TYR A 72 1.07 -14.77 4.78
C TYR A 72 -0.09 -14.28 5.65
N PRO A 73 -0.44 -15.02 6.70
CA PRO A 73 -1.53 -14.65 7.60
C PRO A 73 -1.29 -13.32 8.30
N GLN A 74 -0.01 -12.96 8.43
CA GLN A 74 0.37 -11.71 9.08
C GLN A 74 -0.06 -10.49 8.26
N THR A 75 -0.51 -10.73 7.03
CA THR A 75 -0.95 -9.65 6.13
C THR A 75 -1.67 -8.54 6.88
N ASP A 76 -2.38 -8.89 7.94
CA ASP A 76 -3.12 -7.90 8.73
C ASP A 76 -4.00 -7.05 7.82
N VAL A 77 -4.27 -5.81 8.23
CA VAL A 77 -5.10 -4.92 7.42
C VAL A 77 -4.52 -4.75 6.03
N PHE A 78 -5.36 -4.40 5.07
CA PHE A 78 -4.91 -4.22 3.70
C PHE A 78 -5.02 -2.76 3.26
N LEU A 79 -3.96 -2.27 2.61
CA LEU A 79 -3.94 -0.90 2.14
C LEU A 79 -4.16 -0.86 0.63
N VAL A 80 -5.20 -0.15 0.20
CA VAL A 80 -5.50 -0.06 -1.22
C VAL A 80 -5.70 1.39 -1.67
N CYS A 81 -4.67 1.95 -2.29
CA CYS A 81 -4.72 3.33 -2.78
C CYS A 81 -4.96 3.36 -4.29
N PHE A 82 -5.64 4.39 -4.76
CA PHE A 82 -5.92 4.55 -6.18
C PHE A 82 -5.73 5.99 -6.62
N SER A 83 -4.89 6.18 -7.63
CA SER A 83 -4.62 7.51 -8.15
C SER A 83 -5.91 8.23 -8.51
N VAL A 84 -6.35 9.13 -7.62
CA VAL A 84 -7.58 9.88 -7.85
C VAL A 84 -7.48 10.76 -9.10
N VAL A 85 -7.79 10.17 -10.25
CA VAL A 85 -7.73 10.90 -11.51
C VAL A 85 -9.08 10.86 -12.23
N SER A 86 -10.02 11.66 -11.73
CA SER A 86 -11.36 11.74 -12.30
C SER A 86 -12.18 10.49 -11.93
N PRO A 87 -13.50 10.66 -11.80
CA PRO A 87 -14.41 9.56 -11.44
C PRO A 87 -14.28 8.37 -12.39
N SER A 88 -13.71 8.61 -13.57
CA SER A 88 -13.53 7.55 -14.56
C SER A 88 -12.94 6.29 -13.93
N SER A 89 -11.66 6.34 -13.60
CA SER A 89 -10.98 5.20 -12.99
C SER A 89 -11.61 4.83 -11.65
N PHE A 90 -12.26 5.80 -11.03
CA PHE A 90 -12.92 5.58 -9.74
C PHE A 90 -13.83 4.35 -9.79
N GLU A 91 -14.81 4.40 -10.69
CA GLU A 91 -15.76 3.29 -10.84
C GLU A 91 -15.03 1.96 -10.96
N ASN A 92 -14.20 1.82 -11.98
CA ASN A 92 -13.44 0.60 -12.21
C ASN A 92 -12.66 0.20 -10.96
N VAL A 93 -11.71 1.05 -10.58
CA VAL A 93 -10.88 0.80 -9.40
C VAL A 93 -11.69 0.22 -8.24
N LYS A 94 -12.97 0.59 -8.17
CA LYS A 94 -13.83 0.11 -7.09
C LYS A 94 -14.24 -1.36 -7.30
N GLU A 95 -15.05 -1.60 -8.31
CA GLU A 95 -15.53 -2.95 -8.61
C GLU A 95 -14.51 -3.76 -9.41
N LYS A 96 -13.31 -3.21 -9.59
CA LYS A 96 -12.27 -3.89 -10.35
C LYS A 96 -11.12 -4.35 -9.45
N TRP A 97 -10.70 -3.47 -8.55
CA TRP A 97 -9.60 -3.79 -7.64
C TRP A 97 -10.10 -4.32 -6.31
N VAL A 98 -11.17 -3.73 -5.78
CA VAL A 98 -11.71 -4.19 -4.50
C VAL A 98 -11.97 -5.69 -4.49
N PRO A 99 -12.55 -6.24 -5.57
CA PRO A 99 -12.84 -7.68 -5.66
C PRO A 99 -11.57 -8.53 -5.54
N GLU A 100 -10.45 -7.96 -5.98
CA GLU A 100 -9.17 -8.67 -5.93
C GLU A 100 -8.66 -8.77 -4.49
N ILE A 101 -9.09 -7.84 -3.65
CA ILE A 101 -8.66 -7.82 -2.25
C ILE A 101 -8.82 -9.20 -1.62
N THR A 102 -9.77 -9.98 -2.12
CA THR A 102 -10.02 -11.32 -1.61
C THR A 102 -8.96 -12.31 -2.10
N HIS A 103 -8.40 -12.03 -3.27
CA HIS A 103 -7.36 -12.89 -3.83
C HIS A 103 -6.07 -12.79 -3.05
N HIS A 104 -5.68 -11.56 -2.72
CA HIS A 104 -4.46 -11.32 -1.97
C HIS A 104 -4.71 -11.35 -0.47
N CYS A 105 -5.91 -10.88 -0.08
CA CYS A 105 -6.28 -10.85 1.33
C CYS A 105 -7.32 -11.93 1.63
N PRO A 106 -7.10 -12.75 2.67
CA PRO A 106 -8.03 -13.83 3.05
C PRO A 106 -9.39 -13.29 3.49
N LYS A 107 -9.49 -12.89 4.76
CA LYS A 107 -10.75 -12.36 5.30
C LYS A 107 -10.49 -11.42 6.46
N THR A 108 -10.19 -10.16 6.14
CA THR A 108 -9.92 -9.16 7.16
C THR A 108 -10.30 -7.76 6.66
N PRO A 109 -10.42 -6.79 7.58
CA PRO A 109 -10.77 -5.41 7.22
C PRO A 109 -9.88 -4.85 6.12
N PHE A 110 -10.49 -4.29 5.09
CA PHE A 110 -9.74 -3.73 3.97
C PHE A 110 -9.68 -2.20 4.07
N LEU A 111 -8.47 -1.67 4.03
CA LEU A 111 -8.27 -0.22 4.11
C LEU A 111 -7.87 0.33 2.74
N LEU A 112 -8.66 1.26 2.23
CA LEU A 112 -8.39 1.87 0.92
C LEU A 112 -8.05 3.35 1.06
N VAL A 113 -7.44 3.91 0.03
CA VAL A 113 -7.06 5.31 0.03
C VAL A 113 -7.15 5.90 -1.38
N GLY A 114 -7.11 7.23 -1.47
CA GLY A 114 -7.19 7.89 -2.76
C GLY A 114 -6.67 9.31 -2.72
N THR A 115 -5.44 9.52 -3.19
CA THR A 115 -4.85 10.84 -3.20
C THR A 115 -3.71 10.93 -4.23
N GLN A 116 -3.62 12.08 -4.88
CA GLN A 116 -2.58 12.31 -5.88
C GLN A 116 -2.63 13.75 -6.39
N ILE A 117 -2.87 14.68 -5.46
CA ILE A 117 -2.95 16.10 -5.76
C ILE A 117 -1.93 16.51 -6.83
N ASP A 118 -0.74 15.93 -6.77
CA ASP A 118 0.31 16.23 -7.72
C ASP A 118 -0.13 15.90 -9.15
N LEU A 119 -0.76 14.75 -9.32
CA LEU A 119 -1.23 14.32 -10.63
C LEU A 119 -2.62 14.85 -10.92
N ARG A 120 -3.51 14.75 -9.93
CA ARG A 120 -4.88 15.23 -10.08
C ARG A 120 -4.89 16.65 -10.63
N ASP A 121 -3.82 17.40 -10.39
CA ASP A 121 -3.73 18.77 -10.86
C ASP A 121 -3.01 18.83 -12.21
N ASP A 122 -3.39 17.95 -13.12
CA ASP A 122 -2.79 17.91 -14.45
C ASP A 122 -3.75 18.45 -15.50
N PRO A 123 -3.21 18.94 -16.64
CA PRO A 123 -4.03 19.49 -17.72
C PRO A 123 -4.85 18.41 -18.43
N SER A 124 -4.19 17.32 -18.82
CA SER A 124 -4.86 16.22 -19.50
C SER A 124 -6.11 15.80 -18.73
N THR A 125 -5.97 15.62 -17.43
CA THR A 125 -7.08 15.24 -16.58
C THR A 125 -8.26 16.18 -16.80
N ILE A 126 -7.95 17.44 -17.11
CA ILE A 126 -8.98 18.45 -17.36
C ILE A 126 -9.80 18.08 -18.58
N GLU A 127 -9.12 17.85 -19.71
CA GLU A 127 -9.79 17.48 -20.94
C GLU A 127 -10.82 16.39 -20.70
N LYS A 128 -10.47 15.42 -19.87
CA LYS A 128 -11.37 14.33 -19.55
C LYS A 128 -12.33 14.72 -18.42
N LEU A 129 -11.81 15.46 -17.46
CA LEU A 129 -12.62 15.89 -16.32
C LEU A 129 -13.92 16.52 -16.81
N ALA A 130 -13.85 17.16 -17.96
CA ALA A 130 -15.02 17.80 -18.56
C ALA A 130 -16.08 16.77 -18.92
N LYS A 131 -15.68 15.51 -19.04
CA LYS A 131 -16.61 14.44 -19.37
C LYS A 131 -17.17 13.80 -18.10
N ASN A 132 -16.44 13.91 -17.01
CA ASN A 132 -16.87 13.35 -15.73
C ASN A 132 -17.57 14.40 -14.87
N LYS A 133 -18.23 15.36 -15.54
CA LYS A 133 -18.93 16.42 -14.83
C LYS A 133 -17.96 17.39 -14.19
N GLN A 134 -16.76 17.50 -14.76
CA GLN A 134 -15.73 18.39 -14.25
C GLN A 134 -15.55 18.22 -12.75
N LYS A 135 -14.85 19.16 -12.13
CA LYS A 135 -14.61 19.11 -10.69
C LYS A 135 -13.63 17.99 -10.34
N PRO A 136 -12.32 18.27 -10.39
CA PRO A 136 -11.29 17.28 -10.08
C PRO A 136 -11.56 16.54 -8.78
N ILE A 137 -10.80 15.49 -8.52
CA ILE A 137 -10.96 14.70 -7.31
C ILE A 137 -10.02 15.17 -6.21
N THR A 138 -10.57 15.39 -5.02
CA THR A 138 -9.78 15.85 -3.88
C THR A 138 -9.66 14.76 -2.82
N PRO A 139 -8.77 14.95 -1.84
CA PRO A 139 -8.56 13.98 -0.76
C PRO A 139 -9.85 13.66 0.01
N GLU A 140 -10.85 14.52 -0.13
CA GLU A 140 -12.12 14.32 0.55
C GLU A 140 -13.02 13.37 -0.23
N THR A 141 -12.91 13.39 -1.55
CA THR A 141 -13.71 12.52 -2.40
C THR A 141 -13.52 11.06 -2.03
N ALA A 142 -12.29 10.57 -2.19
CA ALA A 142 -11.97 9.18 -1.87
C ALA A 142 -12.51 8.79 -0.50
N GLU A 143 -12.23 9.61 0.50
CA GLU A 143 -12.69 9.35 1.86
C GLU A 143 -14.21 9.20 1.90
N LYS A 144 -14.90 10.03 1.12
CA LYS A 144 -16.35 9.98 1.06
C LYS A 144 -16.83 8.57 0.72
N LEU A 145 -16.33 8.03 -0.38
CA LEU A 145 -16.71 6.68 -0.81
C LEU A 145 -16.47 5.68 0.31
N ALA A 146 -15.40 5.88 1.06
CA ALA A 146 -15.05 4.98 2.16
C ALA A 146 -16.19 4.92 3.18
N ARG A 147 -16.73 6.08 3.55
CA ARG A 147 -17.83 6.15 4.50
C ARG A 147 -19.02 5.34 4.00
N ASP A 148 -19.33 5.50 2.72
CA ASP A 148 -20.46 4.78 2.12
C ASP A 148 -20.32 3.28 2.33
N LEU A 149 -19.08 2.82 2.56
CA LEU A 149 -18.82 1.40 2.77
C LEU A 149 -18.18 1.16 4.13
N LYS A 150 -18.35 2.11 5.05
CA LYS A 150 -17.78 1.99 6.39
C LYS A 150 -16.27 1.78 6.33
N ALA A 151 -15.85 0.53 6.19
CA ALA A 151 -14.42 0.20 6.12
C ALA A 151 -13.70 0.65 7.38
N VAL A 152 -12.42 0.31 7.47
CA VAL A 152 -11.62 0.69 8.62
C VAL A 152 -11.55 2.20 8.79
N LYS A 153 -11.90 2.93 7.73
CA LYS A 153 -11.88 4.39 7.76
C LYS A 153 -10.46 4.93 7.56
N TYR A 154 -10.33 5.93 6.71
CA TYR A 154 -9.02 6.53 6.43
C TYR A 154 -9.15 7.99 6.01
N VAL A 155 -8.08 8.75 6.23
CA VAL A 155 -8.06 10.16 5.87
C VAL A 155 -6.62 10.62 5.65
N GLU A 156 -6.36 11.15 4.46
CA GLU A 156 -5.02 11.62 4.13
C GLU A 156 -5.02 12.40 2.83
N CYS A 157 -3.83 12.84 2.42
CA CYS A 157 -3.67 13.59 1.18
C CYS A 157 -2.57 12.96 0.34
N SER A 158 -2.18 13.64 -0.72
CA SER A 158 -1.14 13.14 -1.60
C SER A 158 0.23 13.51 -1.06
N ALA A 159 1.27 13.00 -1.72
CA ALA A 159 2.66 13.24 -1.33
C ALA A 159 2.86 14.64 -0.74
N LEU A 160 3.07 15.61 -1.62
CA LEU A 160 3.27 16.99 -1.19
C LEU A 160 2.11 17.44 -0.31
N THR A 161 2.08 18.74 0.02
CA THR A 161 1.03 19.31 0.85
C THR A 161 1.05 18.73 2.28
N GLN A 162 0.73 17.46 2.41
CA GLN A 162 0.70 16.80 3.71
C GLN A 162 -0.20 17.56 4.68
N LYS A 163 -1.45 17.14 4.78
CA LYS A 163 -2.41 17.78 5.68
C LYS A 163 -2.65 16.94 6.92
N GLY A 164 -3.29 15.79 6.73
CA GLY A 164 -3.59 14.90 7.85
C GLY A 164 -3.08 13.50 7.63
N LEU A 165 -1.77 13.30 7.82
CA LEU A 165 -1.15 11.99 7.66
C LEU A 165 -1.09 11.26 9.00
N LYS A 166 -1.00 12.01 10.08
CA LYS A 166 -0.92 11.45 11.42
C LYS A 166 -2.09 10.50 11.69
N ASN A 167 -3.31 11.03 11.61
CA ASN A 167 -4.51 10.24 11.85
C ASN A 167 -4.41 8.88 11.15
N VAL A 168 -3.82 8.88 9.97
CA VAL A 168 -3.65 7.65 9.19
C VAL A 168 -2.83 6.63 9.99
N PHE A 169 -1.59 6.98 10.29
CA PHE A 169 -0.71 6.10 11.05
C PHE A 169 -1.39 5.64 12.33
N ASP A 170 -2.29 6.48 12.84
CA ASP A 170 -3.02 6.16 14.06
C ASP A 170 -3.90 4.92 13.86
N GLU A 171 -4.56 4.85 12.71
CA GLU A 171 -5.43 3.73 12.41
C GLU A 171 -4.65 2.60 11.74
N ALA A 172 -3.82 2.95 10.77
CA ALA A 172 -3.01 1.96 10.06
C ALA A 172 -2.15 1.17 11.02
N ILE A 173 -1.65 1.83 12.06
CA ILE A 173 -0.80 1.18 13.05
C ILE A 173 -1.65 0.52 14.15
N LEU A 174 -2.54 1.30 14.75
CA LEU A 174 -3.40 0.80 15.81
C LEU A 174 -4.18 -0.43 15.34
N ALA A 175 -4.64 -0.39 14.09
CA ALA A 175 -5.39 -1.50 13.53
C ALA A 175 -4.63 -2.82 13.67
N ALA A 176 -3.36 -2.80 13.32
CA ALA A 176 -2.52 -3.99 13.41
C ALA A 176 -2.01 -4.20 14.83
N LEU A 177 -1.90 -3.10 15.58
CA LEU A 177 -1.44 -3.16 16.96
C LEU A 177 -2.19 -4.23 17.75
N GLU A 178 -3.51 -4.25 17.59
CA GLU A 178 -4.34 -5.22 18.29
C GLU A 178 -4.18 -5.08 19.80
N PRO A 179 -4.53 -3.91 20.35
CA PRO A 179 -4.42 -3.65 21.80
C PRO A 179 -5.40 -4.47 22.61
N PRO A 180 -5.08 -4.73 23.89
CA PRO A 180 -5.96 -5.52 24.78
C PRO A 180 -7.21 -4.75 25.18
N GLU A 181 -8.27 -5.49 25.47
CA GLU A 181 -9.54 -4.88 25.87
C GLU A 181 -9.40 -4.15 27.20
N PRO A 182 -10.32 -3.22 27.49
CA PRO A 182 -10.29 -2.44 28.74
C PRO A 182 -10.64 -3.29 29.96
N LYS A 183 -9.91 -3.07 31.04
CA LYS A 183 -10.13 -3.82 32.27
C LYS A 183 -11.59 -3.68 32.74
N LYS A 184 -12.03 -4.60 33.59
CA LYS A 184 -13.38 -4.58 34.11
C LYS A 184 -13.41 -4.04 35.53
N GLY B 1 3.67 11.59 23.28
CA GLY B 1 3.59 11.10 21.88
C GLY B 1 2.98 9.71 21.79
N SER B 2 1.68 9.66 21.54
CA SER B 2 0.97 8.38 21.43
C SER B 2 1.52 7.55 20.27
N ILE B 3 1.73 8.21 19.13
CA ILE B 3 2.25 7.53 17.95
C ILE B 3 3.20 8.44 17.17
N SER B 4 4.15 7.84 16.46
CA SER B 4 5.11 8.59 15.68
C SER B 4 5.29 7.98 14.29
N LEU B 5 5.68 8.80 13.33
CA LEU B 5 5.89 8.35 11.96
C LEU B 5 7.32 7.84 11.76
N PRO B 6 7.49 6.72 11.05
CA PRO B 6 8.82 6.14 10.79
C PRO B 6 9.75 7.15 10.13
N SER B 7 9.39 7.57 8.92
CA SER B 7 10.18 8.53 8.18
C SER B 7 11.52 7.94 7.75
N ASP B 8 12.47 7.90 8.69
CA ASP B 8 13.80 7.36 8.40
C ASP B 8 13.71 5.88 8.04
N PHE B 9 13.51 5.60 6.76
CA PHE B 9 13.43 4.22 6.29
C PHE B 9 14.54 3.90 5.30
N GLU B 10 14.48 2.72 4.69
CA GLU B 10 15.48 2.31 3.72
C GLU B 10 14.89 1.31 2.73
N HIS B 11 15.07 1.58 1.44
CA HIS B 11 14.56 0.70 0.40
C HIS B 11 15.33 -0.62 0.40
N THR B 12 14.88 -1.54 1.25
CA THR B 12 15.51 -2.85 1.37
C THR B 12 15.61 -3.54 0.02
N ILE B 13 14.53 -4.18 -0.42
CA ILE B 13 14.53 -4.89 -1.70
C ILE B 13 13.47 -4.33 -2.64
N HIS B 14 13.70 -4.49 -3.94
CA HIS B 14 12.78 -4.03 -4.96
C HIS B 14 12.52 -5.13 -5.98
N VAL B 15 11.42 -5.87 -5.79
CA VAL B 15 11.06 -6.97 -6.68
C VAL B 15 10.39 -6.45 -7.96
N GLY B 16 10.99 -6.76 -9.10
CA GLY B 16 10.44 -6.34 -10.37
C GLY B 16 10.23 -7.51 -11.33
N PHE B 17 9.67 -7.21 -12.50
CA PHE B 17 9.43 -8.25 -13.49
C PHE B 17 10.70 -8.64 -14.21
N ASP B 18 10.87 -9.94 -14.43
CA ASP B 18 12.07 -10.46 -15.11
C ASP B 18 11.69 -11.57 -16.10
N ALA B 19 11.86 -11.29 -17.38
CA ALA B 19 11.55 -12.26 -18.42
C ALA B 19 12.61 -13.35 -18.52
N VAL B 20 13.76 -13.12 -17.90
CA VAL B 20 14.87 -14.07 -17.93
C VAL B 20 14.37 -15.51 -17.75
N THR B 21 13.31 -15.66 -16.98
CA THR B 21 12.73 -16.98 -16.71
C THR B 21 11.21 -16.93 -16.71
N GLY B 22 10.65 -15.84 -16.17
CA GLY B 22 9.21 -15.70 -16.11
C GLY B 22 8.71 -15.37 -14.71
N GLU B 23 9.60 -14.84 -13.87
CA GLU B 23 9.24 -14.47 -12.50
C GLU B 23 9.69 -13.04 -12.20
N PHE B 24 9.84 -12.72 -10.93
CA PHE B 24 10.27 -11.39 -10.52
C PHE B 24 11.73 -11.40 -10.11
N THR B 25 12.33 -10.21 -10.04
CA THR B 25 13.72 -10.07 -9.65
C THR B 25 13.86 -9.78 -8.16
N GLY B 26 15.06 -10.00 -7.63
CA GLY B 26 15.31 -9.75 -6.22
C GLY B 26 14.26 -10.40 -5.33
N MET B 27 13.94 -11.66 -5.62
CA MET B 27 12.95 -12.39 -4.84
C MET B 27 13.39 -12.52 -3.38
N PRO B 28 12.55 -12.07 -2.44
CA PRO B 28 12.87 -12.15 -1.00
C PRO B 28 13.31 -13.55 -0.58
N GLU B 29 14.01 -13.63 0.55
CA GLU B 29 14.49 -14.91 1.06
C GLU B 29 13.42 -16.00 0.96
N GLN B 30 12.27 -15.74 1.58
CA GLN B 30 11.16 -16.69 1.56
C GLN B 30 10.50 -16.73 0.19
N TRP B 31 10.06 -15.57 -0.29
CA TRP B 31 9.41 -15.47 -1.60
C TRP B 31 10.19 -16.23 -2.66
N ALA B 32 11.47 -15.90 -2.79
CA ALA B 32 12.34 -16.56 -3.76
C ALA B 32 12.31 -18.06 -3.54
N ARG B 33 12.44 -18.47 -2.29
CA ARG B 33 12.45 -19.88 -1.93
C ARG B 33 11.15 -20.55 -2.39
N LEU B 34 10.03 -19.87 -2.21
CA LEU B 34 8.73 -20.40 -2.61
C LEU B 34 8.80 -20.90 -4.06
N LEU B 35 9.19 -20.01 -4.97
CA LEU B 35 9.29 -20.37 -6.37
C LEU B 35 10.72 -20.76 -6.74
N GLN B 36 11.62 -19.79 -6.75
CA GLN B 36 13.02 -20.03 -7.09
C GLN B 36 13.79 -20.63 -5.92
N THR B 37 14.55 -19.80 -5.20
CA THR B 37 15.34 -20.26 -4.05
C THR B 37 15.87 -19.07 -3.25
N SER B 38 16.34 -18.06 -3.96
CA SER B 38 16.90 -16.86 -3.31
C SER B 38 16.70 -15.63 -4.18
N ASN B 39 17.06 -14.46 -3.64
CA ASN B 39 16.93 -13.20 -4.37
C ASN B 39 17.86 -13.18 -5.57
N ILE B 40 17.54 -13.95 -6.60
CA ILE B 40 18.35 -14.02 -7.80
C ILE B 40 18.53 -12.63 -8.44
N THR B 41 19.56 -11.92 -8.00
CA THR B 41 19.84 -10.58 -8.53
C THR B 41 20.90 -9.89 -7.68
N LYS B 42 20.63 -9.77 -6.39
CA LYS B 42 21.56 -9.13 -5.46
C LYS B 42 22.18 -10.15 -4.52
N SER B 43 21.41 -11.19 -4.20
CA SER B 43 21.88 -12.24 -3.31
C SER B 43 22.45 -13.42 -4.10
N GLU B 44 23.27 -13.10 -5.11
CA GLU B 44 23.88 -14.13 -5.94
C GLU B 44 25.17 -13.62 -6.58
N GLN B 45 25.82 -12.67 -5.91
CA GLN B 45 27.06 -12.09 -6.41
C GLN B 45 28.09 -13.18 -6.71
N LYS B 46 28.73 -13.09 -7.86
CA LYS B 46 29.74 -14.07 -8.27
C LYS B 46 30.89 -13.39 -8.99
PG GNP C . 6.52 3.68 -9.03
O1G GNP C . 7.88 4.18 -8.69
O2G GNP C . 6.12 2.35 -8.51
O3G GNP C . 6.47 3.57 -10.64
N3B GNP C . 5.44 4.79 -8.42
PB GNP C . 4.24 4.39 -7.32
O1B GNP C . 3.35 3.42 -8.00
O2B GNP C . 4.93 3.95 -6.09
O3A GNP C . 3.32 5.65 -6.92
PA GNP C . 2.99 6.98 -7.74
O1A GNP C . 3.10 6.68 -9.19
O2A GNP C . 3.79 8.09 -7.17
O5' GNP C . 1.44 7.24 -7.40
C5' GNP C . 1.02 7.41 -6.04
C4' GNP C . 1.51 8.73 -5.46
O4' GNP C . 0.47 9.38 -4.71
C3' GNP C . 2.69 8.51 -4.54
O3' GNP C . 3.85 9.20 -5.02
C2' GNP C . 2.29 9.04 -3.19
O2' GNP C . 3.24 10.00 -2.70
C1' GNP C . 0.93 9.68 -3.38
N9 GNP C . -0.03 9.20 -2.37
C8 GNP C . -1.05 8.31 -2.48
N7 GNP C . -1.77 8.07 -1.44
C5 GNP C . -1.17 8.90 -0.48
C6 GNP C . -1.49 9.10 0.91
O6 GNP C . -2.40 8.59 1.56
N1 GNP C . -0.63 10.02 1.52
C2 GNP C . 0.43 10.67 0.87
N2 GNP C . 1.14 11.53 1.61
N3 GNP C . 0.74 10.49 -0.43
C4 GNP C . -0.10 9.60 -1.04
HNB3 GNP C . 5.50 5.73 -8.73
H5'2 GNP C . 1.42 6.60 -5.44
H5'1 GNP C . -0.07 7.38 -6.00
H4' GNP C . 1.81 9.40 -6.28
H3' GNP C . 2.90 7.45 -4.47
HO3' GNP C . 3.56 10.02 -5.43
H2' GNP C . 2.20 8.21 -2.49
HO2' GNP C . 3.92 10.08 -3.38
H1' GNP C . 1.04 10.76 -3.28
H8 GNP C . -1.26 7.83 -3.44
HN1 GNP C . -0.78 10.20 2.47
HN21 GNP C . 0.91 11.66 2.58
HN22 GNP C . 1.90 12.03 1.20
MG MG D . 5.99 1.80 -6.27
N MET A 1 7.85 -9.21 22.00
CA MET A 1 7.35 -8.15 21.07
C MET A 1 6.20 -8.68 20.22
N GLN A 2 5.92 -7.98 19.12
CA GLN A 2 4.85 -8.37 18.22
C GLN A 2 5.21 -8.06 16.77
N THR A 3 5.17 -9.07 15.91
CA THR A 3 5.49 -8.89 14.50
C THR A 3 4.25 -8.52 13.70
N ILE A 4 4.43 -7.62 12.74
CA ILE A 4 3.32 -7.17 11.90
C ILE A 4 3.81 -6.85 10.49
N LYS A 5 3.13 -7.40 9.49
CA LYS A 5 3.50 -7.17 8.10
C LYS A 5 2.27 -6.79 7.28
N CYS A 6 2.04 -5.50 7.12
CA CYS A 6 0.89 -5.01 6.36
C CYS A 6 1.15 -5.13 4.86
N VAL A 7 0.59 -6.18 4.25
CA VAL A 7 0.75 -6.40 2.82
C VAL A 7 -0.27 -5.60 2.03
N VAL A 8 0.22 -4.61 1.28
CA VAL A 8 -0.65 -3.76 0.48
C VAL A 8 -0.96 -4.39 -0.87
N VAL A 9 -2.21 -4.25 -1.30
CA VAL A 9 -2.64 -4.80 -2.58
C VAL A 9 -3.29 -3.71 -3.44
N GLY A 10 -3.27 -3.90 -4.76
CA GLY A 10 -3.85 -2.92 -5.66
C GLY A 10 -3.12 -2.84 -6.98
N ASP A 11 -3.46 -1.82 -7.76
CA ASP A 11 -2.84 -1.61 -9.07
C ASP A 11 -2.59 -0.13 -9.33
N GLY A 12 -2.38 0.62 -8.25
CA GLY A 12 -2.14 2.04 -8.38
C GLY A 12 -0.85 2.48 -7.72
N ALA A 13 -0.57 1.93 -6.52
CA ALA A 13 0.64 2.24 -5.76
C ALA A 13 0.47 3.49 -4.90
N VAL A 14 -0.46 4.37 -5.28
CA VAL A 14 -0.71 5.59 -4.52
C VAL A 14 -0.86 5.30 -3.03
N GLY A 15 -1.23 4.06 -2.70
CA GLY A 15 -1.40 3.67 -1.32
C GLY A 15 -0.49 2.53 -0.92
N LYS A 16 -0.24 1.62 -1.85
CA LYS A 16 0.61 0.47 -1.58
C LYS A 16 2.05 0.91 -1.25
N THR A 17 2.79 1.28 -2.29
CA THR A 17 4.17 1.70 -2.13
C THR A 17 4.31 3.23 -2.10
N CYS A 18 3.62 3.91 -3.00
CA CYS A 18 3.69 5.37 -3.05
C CYS A 18 3.41 5.97 -1.68
N LEU A 19 2.70 5.23 -0.84
CA LEU A 19 2.37 5.71 0.49
C LEU A 19 3.65 5.95 1.29
N LEU A 20 4.32 4.87 1.69
CA LEU A 20 5.57 4.97 2.46
C LEU A 20 6.47 6.05 1.86
N ILE A 21 6.35 6.26 0.56
CA ILE A 21 7.15 7.27 -0.12
C ILE A 21 6.75 8.66 0.37
N SER A 22 5.46 8.90 0.47
CA SER A 22 4.95 10.19 0.92
C SER A 22 4.64 10.18 2.43
N TYR A 23 4.61 8.98 3.02
CA TYR A 23 4.30 8.84 4.44
C TYR A 23 5.56 8.76 5.30
N THR A 24 6.30 7.67 5.14
CA THR A 24 7.52 7.46 5.91
C THR A 24 8.71 8.19 5.32
N THR A 25 9.31 7.58 4.30
CA THR A 25 10.47 8.15 3.63
C THR A 25 10.24 9.63 3.30
N ASN A 26 9.03 9.95 2.85
CA ASN A 26 8.69 11.32 2.50
C ASN A 26 9.51 11.79 1.30
N LYS A 27 9.68 10.91 0.32
CA LYS A 27 10.45 11.23 -0.88
C LYS A 27 9.62 10.95 -2.13
N PHE A 28 10.31 10.80 -3.26
CA PHE A 28 9.65 10.51 -4.53
C PHE A 28 10.27 9.28 -5.18
N PRO A 29 9.52 8.59 -6.05
CA PRO A 29 9.99 7.39 -6.74
C PRO A 29 11.47 7.46 -7.13
N SER A 30 12.21 6.39 -6.83
CA SER A 30 13.63 6.33 -7.16
C SER A 30 13.85 5.56 -8.45
N GLU A 31 13.88 4.24 -8.34
CA GLU A 31 14.08 3.39 -9.52
C GLU A 31 12.73 2.98 -10.10
N TYR A 32 12.39 3.54 -11.26
CA TYR A 32 11.13 3.23 -11.90
C TYR A 32 11.07 1.78 -12.35
N VAL A 33 10.25 0.98 -11.67
CA VAL A 33 10.09 -0.42 -11.99
C VAL A 33 8.79 -0.96 -11.39
N PRO A 34 8.00 -1.70 -12.18
CA PRO A 34 6.74 -2.27 -11.71
C PRO A 34 6.86 -2.83 -10.30
N THR A 35 6.53 -2.00 -9.30
CA THR A 35 6.63 -2.43 -7.90
C THR A 35 5.87 -3.73 -7.68
N VAL A 36 6.54 -4.85 -7.88
CA VAL A 36 5.93 -6.15 -7.66
C VAL A 36 5.88 -6.44 -6.17
N PHE A 37 6.79 -5.83 -5.42
CA PHE A 37 6.86 -5.99 -3.98
C PHE A 37 7.40 -4.74 -3.31
N ASP A 38 8.71 -4.55 -3.43
CA ASP A 38 9.38 -3.42 -2.82
C ASP A 38 9.19 -3.46 -1.30
N ASN A 39 10.28 -3.59 -0.57
CA ASN A 39 10.22 -3.65 0.88
C ASN A 39 10.72 -2.37 1.49
N TYR A 40 10.29 -2.09 2.72
CA TYR A 40 10.69 -0.86 3.40
C TYR A 40 10.74 -1.07 4.91
N ALA A 41 11.29 -0.09 5.61
CA ALA A 41 11.41 -0.15 7.06
C ALA A 41 10.68 1.03 7.71
N VAL A 42 9.97 0.75 8.80
CA VAL A 42 9.24 1.79 9.51
C VAL A 42 9.21 1.51 11.01
N THR A 43 9.53 2.53 11.80
CA THR A 43 9.54 2.40 13.26
C THR A 43 8.50 3.32 13.88
N VAL A 44 7.38 2.74 14.29
CA VAL A 44 6.30 3.50 14.92
C VAL A 44 6.36 3.40 16.43
N MET A 45 6.47 4.54 17.09
CA MET A 45 6.54 4.57 18.55
C MET A 45 5.15 4.62 19.17
N ILE A 46 4.67 3.46 19.61
CA ILE A 46 3.35 3.36 20.23
C ILE A 46 3.46 3.38 21.75
N GLY A 47 3.32 4.57 22.32
CA GLY A 47 3.41 4.70 23.77
C GLY A 47 4.85 4.65 24.26
N GLY A 48 5.80 4.84 23.36
CA GLY A 48 7.20 4.81 23.73
C GLY A 48 7.84 3.46 23.47
N GLU A 49 7.42 2.80 22.39
CA GLU A 49 7.97 1.49 22.04
C GLU A 49 8.14 1.36 20.53
N PRO A 50 9.34 0.97 20.06
CA PRO A 50 9.62 0.82 18.63
C PRO A 50 8.67 -0.17 17.96
N TYR A 51 8.70 -0.21 16.64
CA TYR A 51 7.84 -1.12 15.88
C TYR A 51 8.51 -1.56 14.59
N THR A 52 8.10 -2.70 14.07
CA THR A 52 8.66 -3.24 12.84
C THR A 52 7.55 -3.65 11.86
N LEU A 53 7.28 -2.77 10.89
CA LEU A 53 6.24 -3.04 9.90
C LEU A 53 6.74 -2.74 8.49
N GLY A 54 6.06 -3.31 7.50
CA GLY A 54 6.45 -3.10 6.12
C GLY A 54 5.28 -3.24 5.17
N LEU A 55 5.32 -2.50 4.06
CA LEU A 55 4.25 -2.56 3.06
C LEU A 55 4.63 -3.46 1.90
N PHE A 56 4.05 -4.66 1.87
CA PHE A 56 4.33 -5.60 0.80
C PHE A 56 3.44 -5.28 -0.40
N ASP A 57 4.04 -4.83 -1.49
CA ASP A 57 3.29 -4.49 -2.68
C ASP A 57 2.64 -5.72 -3.31
N THR A 58 1.37 -5.59 -3.67
CA THR A 58 0.63 -6.69 -4.28
C THR A 58 -0.36 -6.17 -5.32
N ALA A 59 -0.71 -7.01 -6.27
CA ALA A 59 -1.66 -6.64 -7.32
C ALA A 59 -2.57 -7.80 -7.69
N GLY A 60 -3.43 -7.58 -8.68
CA GLY A 60 -4.34 -8.62 -9.11
C GLY A 60 -3.67 -9.66 -9.98
N LEU A 61 -4.03 -9.68 -11.26
CA LEU A 61 -3.46 -10.62 -12.21
C LEU A 61 -3.54 -12.05 -11.67
N GLU A 62 -2.73 -12.94 -12.24
CA GLU A 62 -2.70 -14.33 -11.81
C GLU A 62 -1.27 -14.81 -11.61
N ASP A 63 -0.43 -13.95 -11.05
CA ASP A 63 0.97 -14.29 -10.80
C ASP A 63 1.38 -13.95 -9.37
N TYR A 64 0.39 -13.82 -8.48
CA TYR A 64 0.66 -13.49 -7.10
C TYR A 64 0.35 -14.68 -6.18
N ASP A 65 -0.58 -15.51 -6.62
CA ASP A 65 -0.98 -16.69 -5.83
C ASP A 65 0.26 -17.45 -5.38
N ARG A 66 1.24 -17.58 -6.27
CA ARG A 66 2.48 -18.28 -5.95
C ARG A 66 3.29 -17.49 -4.93
N LEU A 67 3.25 -16.17 -5.05
CA LEU A 67 3.97 -15.29 -4.15
C LEU A 67 3.04 -14.75 -3.06
N ARG A 68 2.03 -15.55 -2.72
CA ARG A 68 1.06 -15.16 -1.69
C ARG A 68 1.53 -15.61 -0.30
N PRO A 69 1.61 -16.93 -0.06
CA PRO A 69 2.04 -17.48 1.23
C PRO A 69 3.16 -16.65 1.87
N LEU A 70 4.00 -16.07 1.03
CA LEU A 70 5.12 -15.26 1.51
C LEU A 70 4.63 -14.22 2.51
N SER A 71 3.40 -13.74 2.32
CA SER A 71 2.82 -12.75 3.20
C SER A 71 2.04 -13.41 4.34
N TYR A 72 1.58 -14.62 4.10
CA TYR A 72 0.80 -15.39 5.08
C TYR A 72 -0.34 -14.57 5.68
N PRO A 73 -1.24 -15.22 6.45
CA PRO A 73 -2.38 -14.57 7.07
C PRO A 73 -1.98 -13.59 8.18
N GLN A 74 -0.78 -13.76 8.71
CA GLN A 74 -0.28 -12.90 9.78
C GLN A 74 -0.07 -11.46 9.28
N THR A 75 -0.16 -11.27 7.97
CA THR A 75 0.02 -9.93 7.37
C THR A 75 -0.82 -8.88 8.09
N ASP A 76 -1.90 -9.32 8.75
CA ASP A 76 -2.78 -8.41 9.47
C ASP A 76 -3.69 -7.65 8.49
N VAL A 77 -4.13 -6.45 8.87
CA VAL A 77 -5.01 -5.65 8.02
C VAL A 77 -4.36 -5.41 6.66
N PHE A 78 -5.19 -5.31 5.62
CA PHE A 78 -4.69 -5.07 4.27
C PHE A 78 -4.83 -3.60 3.88
N LEU A 79 -3.76 -3.04 3.34
CA LEU A 79 -3.76 -1.64 2.92
C LEU A 79 -3.88 -1.56 1.40
N VAL A 80 -4.97 -0.98 0.92
CA VAL A 80 -5.19 -0.86 -0.50
C VAL A 80 -5.10 0.59 -0.97
N CYS A 81 -4.69 0.77 -2.22
CA CYS A 81 -4.54 2.10 -2.80
C CYS A 81 -5.80 2.53 -3.53
N PHE A 82 -5.84 3.79 -3.94
CA PHE A 82 -6.97 4.35 -4.65
C PHE A 82 -6.58 5.64 -5.37
N SER A 83 -6.35 5.54 -6.67
CA SER A 83 -5.95 6.70 -7.47
C SER A 83 -7.10 7.70 -7.59
N VAL A 84 -6.81 8.96 -7.30
CA VAL A 84 -7.82 10.01 -7.37
C VAL A 84 -7.41 11.10 -8.35
N VAL A 85 -7.01 10.70 -9.55
CA VAL A 85 -6.60 11.65 -10.57
C VAL A 85 -7.55 11.62 -11.78
N SER A 86 -7.50 10.52 -12.53
CA SER A 86 -8.35 10.35 -13.69
C SER A 86 -9.56 9.47 -13.36
N PRO A 87 -10.75 10.08 -13.17
CA PRO A 87 -11.97 9.34 -12.85
C PRO A 87 -12.14 8.10 -13.71
N SER A 88 -11.58 8.13 -14.91
CA SER A 88 -11.68 7.00 -15.83
C SER A 88 -11.27 5.70 -15.14
N SER A 89 -10.01 5.62 -14.74
CA SER A 89 -9.48 4.43 -14.07
C SER A 89 -10.27 4.14 -12.80
N PHE A 90 -10.70 5.20 -12.12
CA PHE A 90 -11.47 5.06 -10.89
C PHE A 90 -12.56 4.01 -11.02
N GLU A 91 -13.24 4.00 -12.17
CA GLU A 91 -14.30 3.05 -12.42
C GLU A 91 -13.79 1.62 -12.32
N ASN A 92 -12.83 1.28 -13.18
CA ASN A 92 -12.25 -0.06 -13.19
C ASN A 92 -11.61 -0.38 -11.85
N VAL A 93 -10.97 0.61 -11.24
CA VAL A 93 -10.31 0.44 -9.95
C VAL A 93 -11.23 -0.27 -8.96
N LYS A 94 -12.43 0.26 -8.79
CA LYS A 94 -13.39 -0.32 -7.86
C LYS A 94 -13.84 -1.71 -8.29
N GLU A 95 -14.19 -1.84 -9.58
CA GLU A 95 -14.63 -3.12 -10.11
C GLU A 95 -13.46 -4.03 -10.48
N LYS A 96 -12.24 -3.63 -10.13
CA LYS A 96 -11.07 -4.42 -10.45
C LYS A 96 -10.23 -4.72 -9.20
N TRP A 97 -10.15 -3.74 -8.30
CA TRP A 97 -9.36 -3.90 -7.08
C TRP A 97 -10.22 -4.41 -5.93
N VAL A 98 -11.51 -4.10 -5.95
CA VAL A 98 -12.42 -4.54 -4.90
C VAL A 98 -12.76 -6.03 -5.02
N PRO A 99 -13.05 -6.52 -6.24
CA PRO A 99 -13.37 -7.93 -6.46
C PRO A 99 -12.23 -8.86 -6.08
N GLU A 100 -11.01 -8.33 -6.08
CA GLU A 100 -9.83 -9.12 -5.75
C GLU A 100 -9.48 -9.01 -4.27
N ILE A 101 -10.05 -8.02 -3.58
CA ILE A 101 -9.80 -7.83 -2.17
C ILE A 101 -9.88 -9.14 -1.39
N THR A 102 -10.75 -10.03 -1.84
CA THR A 102 -10.92 -11.33 -1.19
C THR A 102 -9.84 -12.31 -1.63
N HIS A 103 -9.43 -12.20 -2.89
CA HIS A 103 -8.41 -13.09 -3.44
C HIS A 103 -7.08 -12.92 -2.69
N HIS A 104 -6.87 -11.74 -2.12
CA HIS A 104 -5.65 -11.46 -1.39
C HIS A 104 -5.95 -11.25 0.11
N CYS A 105 -7.19 -10.85 0.41
CA CYS A 105 -7.60 -10.61 1.78
C CYS A 105 -8.76 -11.51 2.16
N PRO A 106 -8.48 -12.70 2.72
CA PRO A 106 -9.51 -13.66 3.13
C PRO A 106 -10.30 -13.17 4.35
N LYS A 107 -11.49 -12.62 4.09
CA LYS A 107 -12.35 -12.11 5.15
C LYS A 107 -11.55 -11.31 6.18
N THR A 108 -10.62 -10.48 5.70
CA THR A 108 -9.80 -9.66 6.57
C THR A 108 -10.03 -8.18 6.30
N PRO A 109 -10.04 -7.35 7.35
CA PRO A 109 -10.25 -5.91 7.23
C PRO A 109 -9.36 -5.29 6.16
N PHE A 110 -9.96 -4.44 5.31
CA PHE A 110 -9.22 -3.79 4.24
C PHE A 110 -9.19 -2.28 4.44
N LEU A 111 -8.12 -1.66 3.97
CA LEU A 111 -7.95 -0.22 4.11
C LEU A 111 -7.76 0.45 2.75
N LEU A 112 -8.24 1.68 2.61
CA LEU A 112 -8.12 2.42 1.37
C LEU A 112 -7.25 3.66 1.56
N VAL A 113 -6.44 3.98 0.55
CA VAL A 113 -5.56 5.14 0.62
C VAL A 113 -5.25 5.67 -0.77
N GLY A 114 -4.51 6.78 -0.83
CA GLY A 114 -4.16 7.37 -2.10
C GLY A 114 -4.78 8.75 -2.29
N THR A 115 -3.99 9.67 -2.84
CA THR A 115 -4.46 11.03 -3.06
C THR A 115 -3.62 11.73 -4.13
N GLN A 116 -4.24 12.69 -4.81
CA GLN A 116 -3.56 13.45 -5.87
C GLN A 116 -4.15 14.84 -5.99
N ILE A 117 -3.50 15.82 -5.38
CA ILE A 117 -3.96 17.20 -5.42
C ILE A 117 -3.36 17.95 -6.60
N ASP A 118 -2.05 17.80 -6.80
CA ASP A 118 -1.36 18.46 -7.89
C ASP A 118 -1.40 17.61 -9.16
N LEU A 119 -1.52 16.30 -8.98
CA LEU A 119 -1.56 15.38 -10.10
C LEU A 119 -2.93 15.40 -10.78
N ARG A 120 -3.98 15.41 -9.97
CA ARG A 120 -5.34 15.43 -10.48
C ARG A 120 -5.52 16.56 -11.50
N ASP A 121 -4.76 17.63 -11.31
CA ASP A 121 -4.83 18.79 -12.20
C ASP A 121 -3.82 18.67 -13.34
N ASP A 122 -3.78 17.49 -13.96
CA ASP A 122 -2.85 17.26 -15.07
C ASP A 122 -3.49 17.65 -16.39
N PRO A 123 -2.71 18.26 -17.31
CA PRO A 123 -3.20 18.68 -18.62
C PRO A 123 -3.98 17.58 -19.32
N SER A 124 -3.53 16.34 -19.14
CA SER A 124 -4.18 15.19 -19.76
C SER A 124 -5.38 14.74 -18.93
N THR A 125 -5.28 14.94 -17.62
CA THR A 125 -6.36 14.56 -16.72
C THR A 125 -7.68 15.21 -17.13
N ILE A 126 -7.71 16.53 -17.09
CA ILE A 126 -8.91 17.28 -17.45
C ILE A 126 -9.43 16.83 -18.82
N GLU A 127 -8.52 16.55 -19.73
CA GLU A 127 -8.89 16.12 -21.08
C GLU A 127 -9.89 14.96 -21.01
N LYS A 128 -9.49 13.90 -20.31
CA LYS A 128 -10.35 12.73 -20.16
C LYS A 128 -11.41 12.98 -19.09
N LEU A 129 -11.05 13.75 -18.07
CA LEU A 129 -11.98 14.07 -16.99
C LEU A 129 -13.29 14.58 -17.56
N ALA A 130 -13.22 15.16 -18.75
CA ALA A 130 -14.40 15.70 -19.43
C ALA A 130 -15.32 14.57 -19.87
N LYS A 131 -14.75 13.37 -20.06
CA LYS A 131 -15.53 12.22 -20.49
C LYS A 131 -16.18 11.53 -19.29
N ASN A 132 -15.62 11.75 -18.10
CA ASN A 132 -16.16 11.15 -16.89
C ASN A 132 -17.12 12.11 -16.18
N LYS A 133 -17.79 12.94 -16.97
CA LYS A 133 -18.75 13.90 -16.42
C LYS A 133 -18.03 15.01 -15.65
N GLN A 134 -16.80 15.28 -16.06
CA GLN A 134 -16.01 16.32 -15.41
C GLN A 134 -15.98 16.14 -13.90
N LYS A 135 -15.65 17.20 -13.18
CA LYS A 135 -15.60 17.15 -11.71
C LYS A 135 -14.42 16.31 -11.25
N PRO A 136 -13.22 16.91 -11.20
CA PRO A 136 -12.00 16.21 -10.76
C PRO A 136 -12.18 15.53 -9.41
N ILE A 137 -11.23 14.65 -9.07
CA ILE A 137 -11.28 13.94 -7.81
C ILE A 137 -10.33 14.55 -6.78
N THR A 138 -10.87 14.96 -5.64
CA THR A 138 -10.07 15.58 -4.59
C THR A 138 -10.01 14.68 -3.36
N PRO A 139 -9.25 15.09 -2.33
CA PRO A 139 -9.11 14.31 -1.09
C PRO A 139 -10.45 13.99 -0.45
N GLU A 140 -11.48 14.77 -0.82
CA GLU A 140 -12.82 14.57 -0.28
C GLU A 140 -13.52 13.40 -0.97
N THR A 141 -13.47 13.39 -2.30
CA THR A 141 -14.10 12.33 -3.08
C THR A 141 -13.67 10.96 -2.57
N ALA A 142 -12.36 10.77 -2.42
CA ALA A 142 -11.82 9.50 -1.94
C ALA A 142 -12.48 9.10 -0.62
N GLU A 143 -12.52 10.02 0.33
CA GLU A 143 -13.12 9.76 1.62
C GLU A 143 -14.60 9.42 1.47
N LYS A 144 -15.26 10.07 0.52
CA LYS A 144 -16.68 9.84 0.27
C LYS A 144 -16.95 8.35 0.07
N LEU A 145 -16.30 7.76 -0.93
CA LEU A 145 -16.47 6.34 -1.22
C LEU A 145 -16.02 5.50 -0.03
N ALA A 146 -15.08 6.03 0.74
CA ALA A 146 -14.56 5.34 1.90
C ALA A 146 -15.58 5.32 3.04
N ARG A 147 -16.40 6.37 3.11
CA ARG A 147 -17.42 6.47 4.14
C ARG A 147 -18.54 5.46 3.90
N ASP A 148 -19.00 5.38 2.66
CA ASP A 148 -20.07 4.46 2.30
C ASP A 148 -19.72 3.03 2.69
N LEU A 149 -18.42 2.76 2.82
CA LEU A 149 -17.95 1.43 3.20
C LEU A 149 -17.40 1.41 4.62
N LYS A 150 -17.12 2.60 5.16
CA LYS A 150 -16.59 2.72 6.52
C LYS A 150 -15.12 2.31 6.58
N ALA A 151 -14.87 1.02 6.41
CA ALA A 151 -13.51 0.51 6.45
C ALA A 151 -12.84 0.82 7.78
N VAL A 152 -11.54 0.54 7.88
CA VAL A 152 -10.80 0.78 9.11
C VAL A 152 -10.64 2.28 9.38
N LYS A 153 -11.02 3.11 8.41
CA LYS A 153 -10.94 4.58 8.54
C LYS A 153 -9.55 5.08 8.12
N TYR A 154 -9.53 6.06 7.21
CA TYR A 154 -8.28 6.62 6.72
C TYR A 154 -8.46 8.06 6.26
N VAL A 155 -7.37 8.82 6.29
CA VAL A 155 -7.39 10.22 5.85
C VAL A 155 -5.99 10.70 5.48
N GLU A 156 -5.85 11.20 4.26
CA GLU A 156 -4.56 11.69 3.80
C GLU A 156 -4.68 12.41 2.46
N CYS A 157 -3.62 13.12 2.08
CA CYS A 157 -3.60 13.86 0.82
C CYS A 157 -2.42 13.41 -0.03
N SER A 158 -2.19 14.09 -1.15
CA SER A 158 -1.08 13.74 -2.03
C SER A 158 0.19 14.48 -1.63
N ALA A 159 1.33 14.00 -2.11
CA ALA A 159 2.63 14.59 -1.80
C ALA A 159 2.62 16.09 -2.10
N LEU A 160 3.79 16.72 -1.98
CA LEU A 160 3.91 18.15 -2.24
C LEU A 160 2.89 18.95 -1.45
N THR A 161 2.51 18.42 -0.28
CA THR A 161 1.55 19.08 0.58
C THR A 161 1.56 18.49 1.98
N GLN A 162 1.11 17.24 2.11
CA GLN A 162 1.07 16.57 3.40
C GLN A 162 0.19 17.32 4.38
N LYS A 163 -0.99 16.76 4.64
CA LYS A 163 -1.94 17.37 5.56
C LYS A 163 -1.94 16.67 6.91
N GLY A 164 -2.34 15.41 6.92
CA GLY A 164 -2.38 14.64 8.14
C GLY A 164 -2.36 13.15 7.90
N LEU A 165 -1.16 12.57 7.82
CA LEU A 165 -1.01 11.14 7.58
C LEU A 165 -0.86 10.37 8.90
N LYS A 166 -0.67 11.10 10.00
CA LYS A 166 -0.52 10.47 11.31
C LYS A 166 -1.75 9.61 11.63
N ASN A 167 -2.92 10.12 11.31
CA ASN A 167 -4.16 9.40 11.56
C ASN A 167 -4.15 8.04 10.86
N VAL A 168 -3.84 8.05 9.57
CA VAL A 168 -3.78 6.82 8.79
C VAL A 168 -2.90 5.78 9.47
N PHE A 169 -1.60 6.05 9.54
CA PHE A 169 -0.65 5.14 10.15
C PHE A 169 -1.14 4.69 11.52
N ASP A 170 -1.71 5.62 12.28
CA ASP A 170 -2.21 5.32 13.61
C ASP A 170 -3.12 4.09 13.58
N GLU A 171 -4.15 4.14 12.74
CA GLU A 171 -5.09 3.03 12.61
C GLU A 171 -4.40 1.80 12.02
N ALA A 172 -3.70 2.01 10.91
CA ALA A 172 -3.00 0.92 10.24
C ALA A 172 -2.16 0.11 11.23
N ILE A 173 -1.70 0.77 12.28
CA ILE A 173 -0.90 0.11 13.30
C ILE A 173 -1.76 -0.40 14.45
N LEU A 174 -2.89 0.27 14.66
CA LEU A 174 -3.81 -0.11 15.73
C LEU A 174 -4.55 -1.40 15.38
N ALA A 175 -4.67 -1.67 14.09
CA ALA A 175 -5.35 -2.88 13.62
C ALA A 175 -4.72 -4.13 14.21
N ALA A 176 -3.43 -4.32 13.96
CA ALA A 176 -2.70 -5.47 14.47
C ALA A 176 -2.36 -5.30 15.94
N LEU A 177 -2.31 -4.05 16.40
CA LEU A 177 -2.00 -3.75 17.79
C LEU A 177 -2.84 -4.59 18.74
N GLU A 178 -4.01 -5.01 18.26
CA GLU A 178 -4.91 -5.82 19.07
C GLU A 178 -4.18 -7.04 19.63
N PRO A 179 -4.51 -7.44 20.88
CA PRO A 179 -3.88 -8.59 21.53
C PRO A 179 -3.90 -9.84 20.65
N PRO A 180 -2.99 -10.79 20.92
CA PRO A 180 -2.90 -12.04 20.15
C PRO A 180 -4.12 -12.93 20.37
N GLU A 181 -4.16 -14.05 19.65
CA GLU A 181 -5.27 -14.99 19.77
C GLU A 181 -5.21 -15.74 21.10
N PRO A 182 -4.14 -16.53 21.32
CA PRO A 182 -3.96 -17.29 22.56
C PRO A 182 -3.63 -16.41 23.76
N LYS A 183 -4.54 -15.50 24.09
CA LYS A 183 -4.35 -14.60 25.21
C LYS A 183 -4.07 -15.37 26.50
N LYS A 184 -3.24 -14.79 27.36
CA LYS A 184 -2.89 -15.43 28.63
C LYS A 184 -3.59 -14.75 29.80
N GLY B 1 1.94 12.10 22.45
CA GLY B 1 2.70 10.84 22.19
C GLY B 1 1.86 9.78 21.50
N SER B 2 1.35 8.83 22.27
CA SER B 2 0.53 7.75 21.72
C SER B 2 1.25 7.02 20.59
N ILE B 3 1.14 7.56 19.37
CA ILE B 3 1.78 6.96 18.22
C ILE B 3 2.46 8.02 17.36
N SER B 4 3.52 7.62 16.65
CA SER B 4 4.26 8.54 15.79
C SER B 4 4.55 7.90 14.44
N LEU B 5 4.61 8.74 13.40
CA LEU B 5 4.89 8.27 12.06
C LEU B 5 6.34 7.81 11.93
N PRO B 6 6.58 6.62 11.35
CA PRO B 6 7.93 6.08 11.17
C PRO B 6 8.86 7.08 10.49
N SER B 7 10.06 6.62 10.15
CA SER B 7 11.04 7.48 9.48
C SER B 7 12.18 6.65 8.89
N ASP B 8 12.63 5.64 9.63
CA ASP B 8 13.71 4.78 9.18
C ASP B 8 13.29 3.98 7.96
N PHE B 9 13.18 4.66 6.82
CA PHE B 9 12.78 4.01 5.57
C PHE B 9 14.01 3.59 4.77
N GLU B 10 13.95 2.41 4.18
CA GLU B 10 15.07 1.90 3.38
C GLU B 10 14.57 0.92 2.32
N HIS B 11 14.97 1.14 1.07
CA HIS B 11 14.57 0.27 -0.02
C HIS B 11 15.21 -1.09 0.12
N THR B 12 14.64 -1.91 0.99
CA THR B 12 15.15 -3.26 1.24
C THR B 12 15.30 -4.05 -0.04
N ILE B 13 14.19 -4.48 -0.64
CA ILE B 13 14.22 -5.26 -1.87
C ILE B 13 13.26 -4.69 -2.90
N HIS B 14 13.78 -3.95 -3.87
CA HIS B 14 12.96 -3.37 -4.92
C HIS B 14 12.75 -4.37 -6.05
N VAL B 15 11.62 -5.08 -6.02
CA VAL B 15 11.31 -6.07 -7.04
C VAL B 15 10.79 -5.42 -8.32
N GLY B 16 10.90 -6.14 -9.42
CA GLY B 16 10.44 -5.62 -10.70
C GLY B 16 9.80 -6.71 -11.56
N PHE B 17 9.19 -6.30 -12.66
CA PHE B 17 8.55 -7.24 -13.56
C PHE B 17 9.46 -7.61 -14.72
N ASP B 18 9.84 -8.88 -14.79
CA ASP B 18 10.71 -9.36 -15.86
C ASP B 18 10.22 -10.69 -16.39
N ALA B 19 9.98 -10.76 -17.70
CA ALA B 19 9.49 -11.97 -18.34
C ALA B 19 10.61 -12.99 -18.54
N VAL B 20 11.83 -12.66 -18.09
CA VAL B 20 12.96 -13.56 -18.23
C VAL B 20 12.58 -15.00 -17.87
N THR B 21 11.60 -15.13 -16.98
CA THR B 21 11.14 -16.45 -16.53
C THR B 21 9.71 -16.38 -16.03
N GLY B 22 8.96 -15.40 -16.52
CA GLY B 22 7.58 -15.24 -16.11
C GLY B 22 7.45 -14.91 -14.62
N GLU B 23 8.53 -14.39 -14.06
CA GLU B 23 8.54 -14.02 -12.64
C GLU B 23 8.97 -12.57 -12.46
N PHE B 24 9.35 -12.21 -11.23
CA PHE B 24 9.78 -10.85 -10.93
C PHE B 24 11.29 -10.78 -10.77
N THR B 25 11.83 -9.56 -10.81
CA THR B 25 13.25 -9.35 -10.66
C THR B 25 13.61 -8.95 -9.23
N GLY B 26 14.77 -9.41 -8.76
CA GLY B 26 15.19 -9.09 -7.41
C GLY B 26 14.41 -9.86 -6.36
N MET B 27 14.25 -11.15 -6.59
CA MET B 27 13.52 -12.01 -5.66
C MET B 27 14.03 -11.83 -4.24
N PRO B 28 13.27 -11.13 -3.38
CA PRO B 28 13.66 -10.89 -1.99
C PRO B 28 14.11 -12.18 -1.29
N GLU B 29 15.10 -12.04 -0.42
CA GLU B 29 15.62 -13.20 0.32
C GLU B 29 14.49 -14.04 0.90
N GLN B 30 13.53 -13.39 1.54
CA GLN B 30 12.40 -14.08 2.14
C GLN B 30 11.45 -14.61 1.07
N TRP B 31 10.83 -13.71 0.33
CA TRP B 31 9.90 -14.10 -0.73
C TRP B 31 10.53 -15.15 -1.64
N ALA B 32 11.71 -14.84 -2.15
CA ALA B 32 12.43 -15.76 -3.03
C ALA B 32 12.57 -17.13 -2.39
N ARG B 33 13.37 -17.18 -1.32
CA ARG B 33 13.60 -18.44 -0.63
C ARG B 33 12.29 -19.12 -0.28
N LEU B 34 11.25 -18.33 -0.01
CA LEU B 34 9.94 -18.88 0.31
C LEU B 34 9.55 -19.92 -0.73
N LEU B 35 9.52 -19.49 -2.00
CA LEU B 35 9.19 -20.40 -3.09
C LEU B 35 10.47 -20.94 -3.72
N GLN B 36 11.17 -20.08 -4.45
CA GLN B 36 12.43 -20.46 -5.09
C GLN B 36 13.60 -20.38 -4.10
N THR B 37 14.56 -19.45 -4.34
CA THR B 37 15.72 -19.27 -3.46
C THR B 37 16.85 -18.56 -4.18
N SER B 38 16.63 -17.30 -4.55
CA SER B 38 17.66 -16.51 -5.25
C SER B 38 17.08 -15.20 -5.77
N ASN B 39 17.72 -14.09 -5.38
CA ASN B 39 17.28 -12.77 -5.82
C ASN B 39 17.88 -12.43 -7.18
N ILE B 40 17.33 -13.04 -8.23
CA ILE B 40 17.82 -12.81 -9.58
C ILE B 40 17.76 -11.33 -9.96
N THR B 41 18.83 -10.61 -9.63
CA THR B 41 18.95 -9.17 -9.92
C THR B 41 19.98 -8.53 -9.00
N LYS B 42 19.88 -8.85 -7.71
CA LYS B 42 20.81 -8.31 -6.72
C LYS B 42 21.92 -9.30 -6.41
N SER B 43 21.62 -10.59 -6.57
CA SER B 43 22.59 -11.64 -6.31
C SER B 43 23.92 -11.36 -7.02
N GLU B 44 24.99 -11.99 -6.54
CA GLU B 44 26.31 -11.80 -7.14
C GLU B 44 26.82 -10.40 -6.85
N GLN B 45 27.92 -10.04 -7.50
CA GLN B 45 28.52 -8.71 -7.33
C GLN B 45 27.71 -7.65 -8.05
N LYS B 46 27.76 -6.42 -7.55
CA LYS B 46 27.02 -5.32 -8.14
C LYS B 46 27.98 -4.31 -8.79
PG GNP C . 6.97 3.61 -9.65
O1G GNP C . 6.02 3.20 -10.72
O2G GNP C . 7.21 2.67 -8.53
O3G GNP C . 8.39 3.83 -10.37
N3B GNP C . 6.37 5.01 -8.98
PB GNP C . 5.02 5.04 -7.99
O1B GNP C . 3.90 4.48 -8.78
O2B GNP C . 5.39 4.37 -6.73
O3A GNP C . 4.58 6.53 -7.60
PA GNP C . 3.58 7.55 -8.35
O1A GNP C . 4.00 7.66 -9.76
O2A GNP C . 2.19 7.15 -8.04
O5' GNP C . 3.88 8.96 -7.62
C5' GNP C . 2.81 9.73 -7.07
C4' GNP C . 3.31 10.72 -6.03
O4' GNP C . 2.24 11.16 -5.17
C3' GNP C . 4.37 10.06 -5.16
O3' GNP C . 5.63 10.73 -5.30
C2' GNP C . 3.88 10.16 -3.74
O2' GNP C . 4.83 10.84 -2.91
C1' GNP C . 2.57 10.91 -3.79
N9 GNP C . 1.50 10.13 -3.12
C8 GNP C . 0.80 9.06 -3.58
N7 GNP C . -0.10 8.55 -2.80
C5 GNP C . 0.00 9.38 -1.67
C6 GNP C . -0.73 9.37 -0.44
O6 GNP C . -1.62 8.59 -0.09
N1 GNP C . -0.32 10.39 0.44
C2 GNP C . 0.67 11.31 0.16
N2 GNP C . 0.92 12.22 1.10
N3 GNP C . 1.36 11.35 -1.00
C4 GNP C . 0.98 10.36 -1.87
HNB3 GNP C . 6.82 5.86 -9.19
H5'2 GNP C . 2.08 9.06 -6.62
H5'1 GNP C . 2.31 10.28 -7.87
H4' GNP C . 3.74 11.58 -6.52
H3' GNP C . 4.48 9.02 -5.43
HO3' GNP C . 6.12 10.28 -5.99
H2' GNP C . 3.71 9.15 -3.35
HO2' GNP C . 4.33 11.40 -2.31
H1' GNP C . 2.68 11.86 -3.27
H8 GNP C . 0.98 8.64 -4.56
HN1 GNP C . -0.78 10.43 1.30
HN21 GNP C . 1.64 12.93 0.95
HN22 GNP C . 0.41 12.20 1.97
MG MG D . 5.95 2.09 -6.58
N MET A 1 7.38 -9.47 20.41
CA MET A 1 6.27 -8.49 20.58
C MET A 1 5.22 -8.66 19.48
N GLN A 2 4.14 -7.89 19.58
CA GLN A 2 3.06 -7.95 18.59
C GLN A 2 3.54 -7.43 17.24
N THR A 3 3.45 -8.28 16.23
CA THR A 3 3.87 -7.91 14.88
C THR A 3 2.68 -7.42 14.05
N ILE A 4 2.95 -6.55 13.09
CA ILE A 4 1.90 -6.01 12.23
C ILE A 4 2.41 -5.80 10.81
N LYS A 5 1.78 -6.45 9.85
CA LYS A 5 2.16 -6.34 8.45
C LYS A 5 0.93 -6.11 7.57
N CYS A 6 1.10 -5.29 6.54
CA CYS A 6 0.00 -5.00 5.63
C CYS A 6 0.48 -5.04 4.18
N VAL A 7 -0.45 -5.29 3.26
CA VAL A 7 -0.12 -5.35 1.85
C VAL A 7 -1.18 -4.66 1.00
N VAL A 8 -0.80 -4.27 -0.21
CA VAL A 8 -1.72 -3.58 -1.12
C VAL A 8 -2.07 -4.47 -2.30
N VAL A 9 -3.18 -4.15 -2.98
CA VAL A 9 -3.62 -4.92 -4.13
C VAL A 9 -4.42 -4.04 -5.09
N GLY A 10 -4.10 -4.13 -6.38
CA GLY A 10 -4.79 -3.35 -7.37
C GLY A 10 -3.86 -2.42 -8.13
N ASP A 11 -4.40 -1.70 -9.10
CA ASP A 11 -3.60 -0.78 -9.90
C ASP A 11 -3.32 0.50 -9.12
N GLY A 12 -2.05 0.78 -8.88
CA GLY A 12 -1.67 1.97 -8.13
C GLY A 12 -0.57 1.70 -7.14
N ALA A 13 -0.14 2.74 -6.42
CA ALA A 13 0.92 2.60 -5.43
C ALA A 13 0.55 3.25 -4.11
N VAL A 14 -0.64 3.84 -4.03
CA VAL A 14 -1.09 4.49 -2.79
C VAL A 14 -1.00 3.53 -1.61
N GLY A 15 -0.99 2.23 -1.90
CA GLY A 15 -0.91 1.23 -0.85
C GLY A 15 0.30 1.42 0.03
N LYS A 16 1.27 0.51 -0.09
CA LYS A 16 2.48 0.57 0.71
C LYS A 16 3.65 1.20 -0.05
N THR A 17 3.94 0.64 -1.23
CA THR A 17 5.06 1.09 -2.05
C THR A 17 5.20 2.62 -2.15
N CYS A 18 4.36 3.25 -2.97
CA CYS A 18 4.43 4.70 -3.14
C CYS A 18 4.09 5.43 -1.86
N LEU A 19 3.31 4.79 -1.02
CA LEU A 19 2.91 5.39 0.24
C LEU A 19 4.14 5.64 1.10
N LEU A 20 4.71 4.59 1.67
CA LEU A 20 5.90 4.70 2.51
C LEU A 20 6.88 5.70 1.92
N ILE A 21 7.00 5.70 0.59
CA ILE A 21 7.90 6.62 -0.08
C ILE A 21 7.67 8.05 0.41
N SER A 22 6.51 8.62 0.08
CA SER A 22 6.18 9.98 0.49
C SER A 22 5.39 10.01 1.80
N TYR A 23 4.33 9.22 1.85
CA TYR A 23 3.47 9.17 3.03
C TYR A 23 4.24 8.89 4.32
N THR A 24 5.34 8.13 4.22
CA THR A 24 6.12 7.80 5.41
C THR A 24 7.46 8.52 5.42
N THR A 25 8.48 7.91 4.81
CA THR A 25 9.81 8.49 4.78
C THR A 25 9.80 9.90 4.20
N ASN A 26 8.78 10.19 3.38
CA ASN A 26 8.65 11.51 2.78
C ASN A 26 9.70 11.75 1.69
N LYS A 27 9.78 10.81 0.75
CA LYS A 27 10.72 10.92 -0.36
C LYS A 27 10.04 10.57 -1.67
N PHE A 28 10.85 10.37 -2.73
CA PHE A 28 10.31 10.02 -4.03
C PHE A 28 10.96 8.74 -4.55
N PRO A 29 10.25 8.01 -5.43
CA PRO A 29 10.75 6.76 -6.01
C PRO A 29 12.23 6.82 -6.38
N SER A 30 12.91 5.70 -6.25
CA SER A 30 14.33 5.62 -6.57
C SER A 30 14.54 4.93 -7.91
N GLU A 31 14.52 3.60 -7.91
CA GLU A 31 14.71 2.83 -9.12
C GLU A 31 13.37 2.44 -9.73
N TYR A 32 13.08 2.96 -10.93
CA TYR A 32 11.82 2.66 -11.59
C TYR A 32 11.77 1.21 -12.02
N VAL A 33 10.95 0.42 -11.33
CA VAL A 33 10.80 -0.99 -11.64
C VAL A 33 9.48 -1.50 -11.07
N PRO A 34 8.78 -2.37 -11.83
CA PRO A 34 7.50 -2.93 -11.39
C PRO A 34 7.54 -3.36 -9.94
N THR A 35 7.15 -2.46 -9.04
CA THR A 35 7.15 -2.74 -7.62
C THR A 35 6.39 -4.02 -7.30
N VAL A 36 7.10 -5.15 -7.33
CA VAL A 36 6.50 -6.43 -7.04
C VAL A 36 6.71 -6.80 -5.57
N PHE A 37 6.96 -5.78 -4.75
CA PHE A 37 7.18 -5.96 -3.32
C PHE A 37 7.72 -4.68 -2.71
N ASP A 38 9.02 -4.46 -2.88
CA ASP A 38 9.69 -3.28 -2.34
C ASP A 38 9.43 -3.16 -0.84
N ASN A 39 10.48 -3.38 -0.05
CA ASN A 39 10.36 -3.28 1.40
C ASN A 39 11.04 -2.04 1.92
N TYR A 40 10.79 -1.71 3.17
CA TYR A 40 11.38 -0.53 3.78
C TYR A 40 11.52 -0.70 5.29
N ALA A 41 12.26 0.23 5.90
CA ALA A 41 12.47 0.20 7.34
C ALA A 41 11.60 1.24 8.04
N VAL A 42 10.79 0.80 8.99
CA VAL A 42 9.91 1.71 9.72
C VAL A 42 9.66 1.21 11.14
N THR A 43 9.67 2.14 12.09
CA THR A 43 9.43 1.81 13.49
C THR A 43 8.51 2.84 14.12
N VAL A 44 7.27 2.44 14.39
CA VAL A 44 6.30 3.33 15.00
C VAL A 44 6.23 3.11 16.49
N MET A 45 6.59 4.14 17.25
CA MET A 45 6.59 4.06 18.70
C MET A 45 5.24 4.52 19.26
N ILE A 46 4.40 3.56 19.61
CA ILE A 46 3.08 3.86 20.16
C ILE A 46 3.19 4.40 21.58
N GLY A 47 3.30 5.72 21.72
CA GLY A 47 3.41 6.32 23.02
C GLY A 47 4.79 6.16 23.63
N GLY A 48 5.78 5.88 22.77
CA GLY A 48 7.14 5.72 23.25
C GLY A 48 7.54 4.26 23.35
N GLU A 49 7.04 3.44 22.43
CA GLU A 49 7.35 2.01 22.42
C GLU A 49 7.82 1.56 21.05
N PRO A 50 9.15 1.56 20.81
CA PRO A 50 9.73 1.16 19.54
C PRO A 50 9.17 -0.18 19.04
N TYR A 51 8.57 -0.16 17.86
CA TYR A 51 7.99 -1.36 17.28
C TYR A 51 8.70 -1.73 15.97
N THR A 52 8.52 -2.97 15.53
CA THR A 52 9.13 -3.45 14.29
C THR A 52 8.06 -3.73 13.25
N LEU A 53 7.83 -2.77 12.36
CA LEU A 53 6.84 -2.91 11.31
C LEU A 53 7.50 -3.11 9.95
N GLY A 54 6.74 -3.64 9.00
CA GLY A 54 7.27 -3.87 7.67
C GLY A 54 6.17 -3.92 6.61
N LEU A 55 6.00 -2.81 5.89
CA LEU A 55 4.99 -2.72 4.86
C LEU A 55 5.43 -3.44 3.59
N PHE A 56 4.58 -4.34 3.10
CA PHE A 56 4.88 -5.11 1.89
C PHE A 56 4.00 -4.65 0.74
N ASP A 57 4.60 -4.01 -0.25
CA ASP A 57 3.85 -3.51 -1.40
C ASP A 57 3.47 -4.65 -2.33
N THR A 58 3.09 -4.32 -3.55
CA THR A 58 2.69 -5.32 -4.55
C THR A 58 2.79 -4.76 -5.96
N ALA A 59 2.67 -5.65 -6.95
CA ALA A 59 2.75 -5.26 -8.34
C ALA A 59 1.49 -4.52 -8.78
N GLY A 60 0.34 -4.97 -8.28
CA GLY A 60 -0.91 -4.34 -8.63
C GLY A 60 -1.56 -4.97 -9.85
N LEU A 61 -1.26 -6.24 -10.10
CA LEU A 61 -1.81 -6.95 -11.25
C LEU A 61 -2.25 -8.36 -10.86
N GLU A 62 -2.53 -8.56 -9.58
CA GLU A 62 -2.96 -9.86 -9.08
C GLU A 62 -2.04 -10.97 -9.58
N ASP A 63 -0.79 -10.62 -9.85
CA ASP A 63 0.18 -11.59 -10.34
C ASP A 63 1.06 -12.10 -9.21
N TYR A 64 0.53 -12.08 -7.98
CA TYR A 64 1.27 -12.54 -6.81
C TYR A 64 1.05 -14.04 -6.59
N ASP A 65 -0.04 -14.56 -7.13
CA ASP A 65 -0.36 -15.99 -6.98
C ASP A 65 0.86 -16.85 -7.21
N ARG A 66 1.79 -16.37 -8.03
CA ARG A 66 3.02 -17.11 -8.32
C ARG A 66 3.68 -17.59 -7.03
N LEU A 67 4.06 -16.65 -6.18
CA LEU A 67 4.70 -16.98 -4.91
C LEU A 67 3.72 -17.74 -4.01
N ARG A 68 4.14 -18.05 -2.77
CA ARG A 68 3.29 -18.79 -1.85
C ARG A 68 2.62 -17.86 -0.81
N PRO A 69 3.40 -17.19 0.07
CA PRO A 69 2.84 -16.31 1.08
C PRO A 69 2.82 -14.84 0.64
N LEU A 70 4.00 -14.29 0.35
CA LEU A 70 4.11 -12.90 -0.07
C LEU A 70 3.63 -11.97 1.04
N SER A 71 2.31 -11.88 1.20
CA SER A 71 1.72 -11.03 2.22
C SER A 71 1.51 -11.80 3.53
N TYR A 72 1.60 -13.13 3.45
CA TYR A 72 1.42 -14.00 4.63
C TYR A 72 0.15 -13.64 5.39
N PRO A 73 -0.20 -14.45 6.41
CA PRO A 73 -1.40 -14.21 7.23
C PRO A 73 -1.28 -12.97 8.10
N GLN A 74 -0.04 -12.55 8.36
CA GLN A 74 0.21 -11.37 9.18
C GLN A 74 -0.27 -10.09 8.48
N THR A 75 -0.61 -10.21 7.19
CA THR A 75 -1.09 -9.06 6.43
C THR A 75 -2.15 -8.28 7.18
N ASP A 76 -2.87 -8.96 8.07
CA ASP A 76 -3.93 -8.33 8.86
C ASP A 76 -4.85 -7.51 7.96
N VAL A 77 -4.55 -6.22 7.79
CA VAL A 77 -5.35 -5.34 6.95
C VAL A 77 -4.76 -5.26 5.55
N PHE A 78 -5.56 -4.83 4.58
CA PHE A 78 -5.09 -4.72 3.21
C PHE A 78 -5.26 -3.30 2.68
N LEU A 79 -4.34 -2.90 1.82
CA LEU A 79 -4.38 -1.57 1.23
C LEU A 79 -4.89 -1.65 -0.21
N VAL A 80 -5.59 -0.62 -0.64
CA VAL A 80 -6.13 -0.59 -2.00
C VAL A 80 -5.71 0.68 -2.74
N CYS A 81 -4.66 0.56 -3.54
CA CYS A 81 -4.15 1.69 -4.31
C CYS A 81 -5.16 2.09 -5.39
N PHE A 82 -5.92 3.14 -5.13
CA PHE A 82 -6.91 3.61 -6.09
C PHE A 82 -6.58 5.02 -6.57
N SER A 83 -6.87 5.28 -7.84
CA SER A 83 -6.61 6.59 -8.45
C SER A 83 -7.69 7.60 -8.06
N VAL A 84 -7.41 8.87 -8.27
CA VAL A 84 -8.36 9.94 -7.96
C VAL A 84 -8.50 10.90 -9.12
N VAL A 85 -8.58 10.36 -10.33
CA VAL A 85 -8.70 11.17 -11.54
C VAL A 85 -10.07 11.00 -12.18
N SER A 86 -11.10 11.54 -11.53
CA SER A 86 -12.47 11.45 -12.03
C SER A 86 -13.04 10.07 -11.80
N PRO A 87 -14.38 9.96 -11.69
CA PRO A 87 -15.06 8.68 -11.46
C PRO A 87 -14.83 7.69 -12.60
N SER A 88 -14.31 8.17 -13.73
CA SER A 88 -14.04 7.32 -14.89
C SER A 88 -13.39 6.02 -14.47
N SER A 89 -12.13 6.08 -14.06
CA SER A 89 -11.39 4.90 -13.62
C SER A 89 -11.76 4.55 -12.18
N PHE A 90 -12.16 5.57 -11.42
CA PHE A 90 -12.54 5.38 -10.02
C PHE A 90 -13.49 4.21 -9.86
N GLU A 91 -14.65 4.30 -10.50
CA GLU A 91 -15.65 3.24 -10.44
C GLU A 91 -15.03 1.88 -10.76
N ASN A 92 -14.37 1.79 -11.91
CA ASN A 92 -13.73 0.55 -12.32
C ASN A 92 -12.77 0.05 -11.25
N VAL A 93 -11.96 0.96 -10.71
CA VAL A 93 -11.00 0.61 -9.67
C VAL A 93 -11.64 -0.23 -8.57
N LYS A 94 -12.78 0.23 -8.06
CA LYS A 94 -13.48 -0.48 -6.99
C LYS A 94 -14.27 -1.66 -7.55
N GLU A 95 -14.97 -1.45 -8.66
CA GLU A 95 -15.77 -2.50 -9.26
C GLU A 95 -14.93 -3.50 -10.05
N LYS A 96 -13.60 -3.36 -10.00
CA LYS A 96 -12.72 -4.27 -10.72
C LYS A 96 -11.67 -4.90 -9.80
N TRP A 97 -11.19 -4.11 -8.84
CA TRP A 97 -10.17 -4.59 -7.90
C TRP A 97 -10.78 -5.11 -6.60
N VAL A 98 -11.77 -4.39 -6.08
CA VAL A 98 -12.42 -4.80 -4.84
C VAL A 98 -12.84 -6.27 -4.89
N PRO A 99 -13.44 -6.72 -6.01
CA PRO A 99 -13.87 -8.11 -6.16
C PRO A 99 -12.73 -9.09 -5.92
N GLU A 100 -11.51 -8.66 -6.25
CA GLU A 100 -10.33 -9.50 -6.08
C GLU A 100 -9.70 -9.29 -4.70
N ILE A 101 -10.06 -8.17 -4.05
CA ILE A 101 -9.53 -7.85 -2.73
C ILE A 101 -9.56 -9.08 -1.81
N THR A 102 -10.56 -9.94 -2.03
CA THR A 102 -10.71 -11.16 -1.25
C THR A 102 -9.62 -12.16 -1.62
N HIS A 103 -9.35 -12.29 -2.91
CA HIS A 103 -8.33 -13.22 -3.39
C HIS A 103 -7.02 -12.96 -2.66
N HIS A 104 -6.75 -11.70 -2.37
CA HIS A 104 -5.52 -11.31 -1.67
C HIS A 104 -5.73 -11.31 -0.17
N CYS A 105 -6.92 -10.89 0.26
CA CYS A 105 -7.24 -10.85 1.69
C CYS A 105 -8.04 -12.08 2.10
N PRO A 106 -7.47 -12.93 2.98
CA PRO A 106 -8.14 -14.14 3.45
C PRO A 106 -9.58 -13.88 3.92
N LYS A 107 -9.71 -13.09 4.97
CA LYS A 107 -11.03 -12.75 5.51
C LYS A 107 -10.92 -11.62 6.53
N THR A 108 -10.01 -10.69 6.28
CA THR A 108 -9.81 -9.56 7.17
C THR A 108 -10.30 -8.25 6.52
N PRO A 109 -10.57 -7.22 7.33
CA PRO A 109 -11.05 -5.93 6.83
C PRO A 109 -10.14 -5.35 5.75
N PHE A 110 -10.60 -4.30 5.09
CA PHE A 110 -9.84 -3.66 4.03
C PHE A 110 -9.71 -2.16 4.28
N LEU A 111 -8.55 -1.60 3.95
CA LEU A 111 -8.31 -0.18 4.14
C LEU A 111 -7.94 0.50 2.82
N LEU A 112 -8.68 1.53 2.45
CA LEU A 112 -8.42 2.26 1.22
C LEU A 112 -7.48 3.44 1.48
N VAL A 113 -6.88 3.96 0.41
CA VAL A 113 -5.95 5.08 0.53
C VAL A 113 -5.88 5.87 -0.78
N GLY A 114 -6.20 7.16 -0.70
CA GLY A 114 -6.15 7.99 -1.89
C GLY A 114 -5.01 8.98 -1.85
N THR A 115 -4.74 9.63 -2.98
CA THR A 115 -3.65 10.60 -3.06
C THR A 115 -3.68 11.32 -4.41
N GLN A 116 -2.58 12.01 -4.73
CA GLN A 116 -2.47 12.74 -5.97
C GLN A 116 -3.44 13.92 -6.00
N ILE A 117 -2.96 15.09 -5.60
CA ILE A 117 -3.77 16.30 -5.57
C ILE A 117 -3.54 17.14 -6.81
N ASP A 118 -2.28 17.24 -7.23
CA ASP A 118 -1.92 18.03 -8.40
C ASP A 118 -2.45 17.39 -9.67
N LEU A 119 -2.61 16.08 -9.66
CA LEU A 119 -3.10 15.34 -10.82
C LEU A 119 -4.52 15.78 -11.18
N ARG A 120 -5.44 15.64 -10.22
CA ARG A 120 -6.83 16.02 -10.43
C ARG A 120 -6.93 17.46 -10.91
N ASP A 121 -8.08 17.82 -11.49
CA ASP A 121 -8.29 19.17 -11.99
C ASP A 121 -7.43 19.44 -13.22
N ASP A 122 -7.09 18.38 -13.95
CA ASP A 122 -6.27 18.50 -15.14
C ASP A 122 -7.12 18.86 -16.36
N PRO A 123 -6.51 19.41 -17.42
CA PRO A 123 -7.21 19.80 -18.63
C PRO A 123 -8.09 18.68 -19.18
N SER A 124 -7.58 17.45 -19.09
CA SER A 124 -8.32 16.29 -19.58
C SER A 124 -9.23 15.74 -18.49
N THR A 125 -8.83 15.91 -17.24
CA THR A 125 -9.61 15.42 -16.11
C THR A 125 -11.05 15.93 -16.18
N ILE A 126 -11.20 17.25 -16.16
CA ILE A 126 -12.52 17.87 -16.22
C ILE A 126 -13.25 17.45 -17.49
N GLU A 127 -12.52 17.33 -18.59
CA GLU A 127 -13.11 16.95 -19.87
C GLU A 127 -14.01 15.73 -19.71
N LYS A 128 -13.43 14.63 -19.21
CA LYS A 128 -14.18 13.41 -19.01
C LYS A 128 -15.09 13.53 -17.79
N LEU A 129 -14.63 14.26 -16.79
CA LEU A 129 -15.40 14.46 -15.57
C LEU A 129 -16.81 14.92 -15.91
N ALA A 130 -16.95 15.57 -17.06
CA ALA A 130 -18.25 16.05 -17.51
C ALA A 130 -19.19 14.89 -17.81
N LYS A 131 -18.62 13.73 -18.11
CA LYS A 131 -19.40 12.54 -18.41
C LYS A 131 -19.61 11.68 -17.15
N ASN A 132 -18.79 11.91 -16.13
CA ASN A 132 -18.90 11.16 -14.88
C ASN A 132 -19.79 11.89 -13.88
N LYS A 133 -20.66 12.76 -14.39
CA LYS A 133 -21.58 13.51 -13.53
C LYS A 133 -20.82 14.53 -12.70
N GLN A 134 -19.82 15.18 -13.30
CA GLN A 134 -19.02 16.18 -12.62
C GLN A 134 -18.56 15.69 -11.26
N LYS A 135 -18.12 16.61 -10.41
CA LYS A 135 -17.66 16.27 -9.07
C LYS A 135 -16.40 15.39 -9.14
N PRO A 136 -15.22 16.03 -9.27
CA PRO A 136 -13.94 15.31 -9.35
C PRO A 136 -13.57 14.64 -8.02
N ILE A 137 -12.40 14.02 -8.00
CA ILE A 137 -11.92 13.35 -6.80
C ILE A 137 -11.01 14.26 -5.99
N THR A 138 -11.52 14.77 -4.88
CA THR A 138 -10.75 15.67 -4.03
C THR A 138 -10.17 14.92 -2.84
N PRO A 139 -9.24 15.56 -2.09
CA PRO A 139 -8.61 14.94 -0.92
C PRO A 139 -9.64 14.40 0.07
N GLU A 140 -10.82 15.01 0.07
CA GLU A 140 -11.88 14.59 0.98
C GLU A 140 -12.78 13.54 0.32
N THR A 141 -12.87 13.59 -1.01
CA THR A 141 -13.69 12.64 -1.75
C THR A 141 -13.40 11.21 -1.32
N ALA A 142 -12.12 10.85 -1.25
CA ALA A 142 -11.71 9.51 -0.85
C ALA A 142 -12.39 9.10 0.45
N GLU A 143 -12.15 9.87 1.50
CA GLU A 143 -12.74 9.58 2.81
C GLU A 143 -14.26 9.38 2.68
N LYS A 144 -14.87 10.13 1.78
CA LYS A 144 -16.32 10.03 1.56
C LYS A 144 -16.69 8.60 1.23
N LEU A 145 -15.99 8.01 0.25
CA LEU A 145 -16.25 6.64 -0.16
C LEU A 145 -16.09 5.69 1.02
N ALA A 146 -15.16 6.01 1.91
CA ALA A 146 -14.92 5.19 3.09
C ALA A 146 -16.17 5.05 3.93
N ARG A 147 -16.70 6.19 4.36
CA ARG A 147 -17.91 6.20 5.20
C ARG A 147 -19.02 5.38 4.54
N ASP A 148 -19.16 5.52 3.23
CA ASP A 148 -20.17 4.79 2.49
C ASP A 148 -20.12 3.29 2.81
N LEU A 149 -18.93 2.81 3.13
CA LEU A 149 -18.74 1.40 3.47
C LEU A 149 -18.04 1.24 4.81
N LYS A 150 -18.13 2.28 5.65
CA LYS A 150 -17.50 2.25 6.97
C LYS A 150 -16.02 1.95 6.87
N ALA A 151 -15.68 0.66 6.84
CA ALA A 151 -14.28 0.24 6.73
C ALA A 151 -13.45 0.81 7.88
N VAL A 152 -12.16 0.51 7.87
CA VAL A 152 -11.26 0.98 8.92
C VAL A 152 -11.01 2.49 8.82
N LYS A 153 -11.51 3.11 7.73
CA LYS A 153 -11.35 4.53 7.51
C LYS A 153 -9.94 4.86 7.03
N TYR A 154 -9.82 5.93 6.25
CA TYR A 154 -8.52 6.35 5.71
C TYR A 154 -8.50 7.86 5.46
N VAL A 155 -7.33 8.46 5.61
CA VAL A 155 -7.18 9.89 5.40
C VAL A 155 -5.73 10.25 5.09
N GLU A 156 -5.50 10.91 3.96
CA GLU A 156 -4.17 11.32 3.55
C GLU A 156 -4.23 12.23 2.34
N CYS A 157 -3.09 12.80 1.97
CA CYS A 157 -3.00 13.68 0.83
C CYS A 157 -1.83 13.29 -0.07
N SER A 158 -1.57 14.10 -1.09
CA SER A 158 -0.47 13.82 -2.01
C SER A 158 0.84 14.40 -1.50
N ALA A 159 1.94 13.86 -2.00
CA ALA A 159 3.27 14.32 -1.60
C ALA A 159 3.42 15.82 -1.78
N LEU A 160 4.62 16.34 -1.59
CA LEU A 160 4.89 17.77 -1.74
C LEU A 160 4.17 18.56 -0.64
N THR A 161 2.85 18.55 -0.69
CA THR A 161 2.04 19.28 0.29
C THR A 161 2.00 18.51 1.62
N GLN A 162 1.16 17.48 1.67
CA GLN A 162 1.02 16.67 2.88
C GLN A 162 0.38 17.48 4.00
N LYS A 163 -0.80 17.04 4.44
CA LYS A 163 -1.52 17.72 5.50
C LYS A 163 -1.31 17.01 6.84
N GLY A 164 -1.85 15.81 6.95
CA GLY A 164 -1.72 15.04 8.18
C GLY A 164 -2.03 13.58 7.98
N LEU A 165 -0.99 12.77 7.76
CA LEU A 165 -1.16 11.34 7.55
C LEU A 165 -1.03 10.57 8.87
N LYS A 166 -0.58 11.24 9.92
CA LYS A 166 -0.43 10.61 11.23
C LYS A 166 -1.74 9.97 11.66
N ASN A 167 -2.84 10.67 11.42
CA ASN A 167 -4.16 10.15 11.79
C ASN A 167 -4.39 8.78 11.17
N VAL A 168 -4.47 8.73 9.85
CA VAL A 168 -4.68 7.48 9.14
C VAL A 168 -3.68 6.43 9.59
N PHE A 169 -2.44 6.86 9.81
CA PHE A 169 -1.38 5.95 10.24
C PHE A 169 -1.81 5.20 11.50
N ASP A 170 -2.42 5.93 12.43
CA ASP A 170 -2.88 5.34 13.68
C ASP A 170 -3.94 4.28 13.42
N GLU A 171 -4.91 4.62 12.56
CA GLU A 171 -5.98 3.69 12.23
C GLU A 171 -5.42 2.40 11.63
N ALA A 172 -4.24 2.50 11.03
CA ALA A 172 -3.60 1.35 10.40
C ALA A 172 -2.91 0.47 11.46
N ILE A 173 -1.94 1.05 12.16
CA ILE A 173 -1.21 0.33 13.20
C ILE A 173 -2.14 0.02 14.38
N LEU A 174 -2.73 1.06 14.96
CA LEU A 174 -3.62 0.90 16.09
C LEU A 174 -4.68 -0.15 15.80
N ALA A 175 -4.98 -0.35 14.52
CA ALA A 175 -5.98 -1.33 14.11
C ALA A 175 -5.59 -2.73 14.56
N ALA A 176 -4.45 -3.21 14.08
CA ALA A 176 -3.96 -4.53 14.43
C ALA A 176 -3.44 -4.56 15.86
N LEU A 177 -3.04 -3.39 16.37
CA LEU A 177 -2.54 -3.29 17.73
C LEU A 177 -3.56 -3.79 18.73
N GLU A 178 -4.83 -3.71 18.36
CA GLU A 178 -5.92 -4.16 19.23
C GLU A 178 -5.87 -3.44 20.57
N PRO A 179 -6.54 -2.28 20.67
CA PRO A 179 -6.56 -1.49 21.91
C PRO A 179 -7.38 -2.18 23.01
N PRO A 180 -7.04 -1.90 24.28
CA PRO A 180 -7.74 -2.49 25.43
C PRO A 180 -9.17 -1.97 25.57
N GLU A 181 -10.12 -2.90 25.69
CA GLU A 181 -11.52 -2.54 25.83
C GLU A 181 -12.02 -2.82 27.25
N PRO A 182 -12.06 -1.79 28.11
CA PRO A 182 -12.51 -1.94 29.49
C PRO A 182 -13.89 -2.59 29.59
N LYS A 183 -13.96 -3.74 30.25
CA LYS A 183 -15.21 -4.47 30.41
C LYS A 183 -16.23 -3.63 31.19
N LYS A 184 -17.49 -4.08 31.17
CA LYS A 184 -18.55 -3.37 31.87
C LYS A 184 -18.97 -4.13 33.13
N GLY B 1 1.91 12.08 21.64
CA GLY B 1 2.22 10.64 21.82
C GLY B 1 1.33 9.74 20.99
N SER B 2 0.72 8.75 21.64
CA SER B 2 -0.16 7.82 20.94
C SER B 2 0.61 7.00 19.91
N ILE B 3 0.94 7.63 18.79
CA ILE B 3 1.67 6.96 17.72
C ILE B 3 2.65 7.92 17.06
N SER B 4 3.74 7.37 16.54
CA SER B 4 4.76 8.19 15.87
C SER B 4 5.03 7.69 14.46
N LEU B 5 5.22 8.63 13.53
CA LEU B 5 5.49 8.29 12.14
C LEU B 5 6.91 7.75 11.99
N PRO B 6 7.09 6.65 11.25
CA PRO B 6 8.41 6.04 11.03
C PRO B 6 9.44 7.07 10.57
N SER B 7 10.69 6.86 10.96
CA SER B 7 11.78 7.76 10.59
C SER B 7 12.74 7.09 9.63
N ASP B 8 12.95 5.79 9.83
CA ASP B 8 13.85 5.01 8.99
C ASP B 8 13.21 4.69 7.64
N PHE B 9 14.04 4.28 6.69
CA PHE B 9 13.57 3.93 5.35
C PHE B 9 14.75 3.61 4.45
N GLU B 10 14.78 2.38 3.94
CA GLU B 10 15.85 1.94 3.07
C GLU B 10 15.36 0.89 2.07
N HIS B 11 15.73 1.07 0.80
CA HIS B 11 15.32 0.15 -0.25
C HIS B 11 16.02 -1.20 -0.07
N THR B 12 15.42 -2.07 0.74
CA THR B 12 15.98 -3.38 1.01
C THR B 12 15.92 -4.28 -0.23
N ILE B 13 14.73 -4.78 -0.55
CA ILE B 13 14.56 -5.66 -1.70
C ILE B 13 13.67 -5.03 -2.76
N HIS B 14 14.26 -4.69 -3.91
CA HIS B 14 13.51 -4.10 -5.01
C HIS B 14 13.18 -5.18 -6.03
N VAL B 15 11.97 -5.74 -5.93
CA VAL B 15 11.54 -6.78 -6.85
C VAL B 15 10.99 -6.19 -8.14
N GLY B 16 11.45 -6.74 -9.27
CA GLY B 16 11.00 -6.27 -10.57
C GLY B 16 10.60 -7.41 -11.48
N PHE B 17 10.13 -7.06 -12.68
CA PHE B 17 9.72 -8.06 -13.65
C PHE B 17 10.92 -8.71 -14.32
N ASP B 18 11.08 -10.01 -14.10
CA ASP B 18 12.20 -10.74 -14.67
C ASP B 18 11.74 -11.67 -15.80
N ALA B 19 12.23 -11.42 -17.00
CA ALA B 19 11.87 -12.22 -18.17
C ALA B 19 12.60 -13.56 -18.17
N VAL B 20 13.59 -13.71 -17.29
CA VAL B 20 14.36 -14.94 -17.20
C VAL B 20 13.46 -16.18 -17.23
N THR B 21 12.44 -16.18 -16.39
CA THR B 21 11.51 -17.31 -16.32
C THR B 21 10.15 -16.85 -15.81
N GLY B 22 9.56 -15.88 -16.49
CA GLY B 22 8.24 -15.38 -16.09
C GLY B 22 8.17 -15.09 -14.61
N GLU B 23 9.32 -14.76 -14.02
CA GLU B 23 9.38 -14.46 -12.58
C GLU B 23 9.88 -13.03 -12.36
N PHE B 24 10.02 -12.66 -11.10
CA PHE B 24 10.49 -11.32 -10.74
C PHE B 24 11.98 -11.33 -10.45
N THR B 25 12.57 -10.15 -10.43
CA THR B 25 13.99 -10.00 -10.16
C THR B 25 14.24 -9.71 -8.68
N GLY B 26 15.44 -10.03 -8.21
CA GLY B 26 15.78 -9.80 -6.82
C GLY B 26 14.74 -10.36 -5.87
N MET B 27 14.40 -11.63 -6.05
CA MET B 27 13.42 -12.29 -5.21
C MET B 27 13.90 -12.36 -3.76
N PRO B 28 13.14 -11.78 -2.81
CA PRO B 28 13.52 -11.79 -1.41
C PRO B 28 13.97 -13.16 -0.95
N GLU B 29 14.66 -13.22 0.18
CA GLU B 29 15.16 -14.49 0.72
C GLU B 29 14.11 -15.59 0.62
N GLN B 30 13.01 -15.42 1.33
CA GLN B 30 11.93 -16.40 1.33
C GLN B 30 11.21 -16.41 -0.02
N TRP B 31 10.90 -15.23 -0.52
CA TRP B 31 10.19 -15.10 -1.80
C TRP B 31 10.90 -15.87 -2.90
N ALA B 32 12.22 -15.70 -2.98
CA ALA B 32 13.00 -16.39 -4.00
C ALA B 32 12.90 -17.90 -3.83
N ARG B 33 13.38 -18.40 -2.69
CA ARG B 33 13.34 -19.82 -2.40
C ARG B 33 11.93 -20.35 -2.62
N LEU B 34 10.93 -19.51 -2.30
CA LEU B 34 9.54 -19.89 -2.47
C LEU B 34 9.31 -20.45 -3.88
N LEU B 35 9.64 -19.64 -4.89
CA LEU B 35 9.48 -20.06 -6.27
C LEU B 35 10.79 -20.61 -6.81
N GLN B 36 11.76 -19.72 -7.01
CA GLN B 36 13.07 -20.12 -7.54
C GLN B 36 13.96 -20.75 -6.46
N THR B 37 14.88 -19.96 -5.89
CA THR B 37 15.79 -20.49 -4.88
C THR B 37 16.42 -19.40 -4.00
N SER B 38 16.72 -18.24 -4.60
CA SER B 38 17.34 -17.15 -3.86
C SER B 38 17.27 -15.83 -4.63
N ASN B 39 17.62 -14.73 -3.95
CA ASN B 39 17.63 -13.41 -4.57
C ASN B 39 18.74 -13.34 -5.60
N ILE B 40 18.58 -14.10 -6.68
CA ILE B 40 19.59 -14.13 -7.74
C ILE B 40 19.89 -12.75 -8.30
N THR B 41 20.84 -12.06 -7.66
CA THR B 41 21.25 -10.72 -8.08
C THR B 41 21.96 -10.00 -6.93
N LYS B 42 22.83 -10.73 -6.24
CA LYS B 42 23.58 -10.17 -5.13
C LYS B 42 22.65 -9.66 -4.03
N SER B 43 21.41 -10.17 -4.02
CA SER B 43 20.43 -9.76 -3.02
C SER B 43 20.37 -8.24 -2.90
N GLU B 44 20.48 -7.56 -4.03
CA GLU B 44 20.44 -6.11 -4.05
C GLU B 44 21.72 -5.52 -3.47
N GLN B 45 22.07 -4.32 -3.91
CA GLN B 45 23.28 -3.65 -3.43
C GLN B 45 23.23 -3.45 -1.92
N LYS B 46 24.39 -3.47 -1.28
CA LYS B 46 24.48 -3.29 0.17
C LYS B 46 25.58 -2.31 0.52
PG GNP C . 7.10 3.75 -9.28
O1G GNP C . 7.44 4.03 -10.69
O2G GNP C . 6.48 2.45 -8.97
O3G GNP C . 8.49 3.79 -8.46
N3B GNP C . 6.04 4.94 -8.78
PB GNP C . 4.83 4.67 -7.65
O1B GNP C . 3.73 3.98 -8.35
O2B GNP C . 5.46 3.98 -6.51
O3A GNP C . 4.21 6.03 -7.08
PA GNP C . 3.12 7.04 -7.74
O1A GNP C . 1.84 6.85 -7.02
O2A GNP C . 3.18 6.87 -9.21
O5' GNP C . 3.70 8.49 -7.36
C5' GNP C . 2.81 9.58 -7.12
C4' GNP C . 3.45 10.62 -6.20
O4' GNP C . 2.49 11.12 -5.26
C3' GNP C . 4.60 10.01 -5.43
O3' GNP C . 5.84 10.67 -5.76
C2' GNP C . 4.28 10.19 -3.97
O2' GNP C . 5.28 10.99 -3.32
C1' GNP C . 2.92 10.88 -3.91
N9 GNP C . 1.95 10.04 -3.19
C8 GNP C . 1.28 8.94 -3.60
N7 GNP C . 0.46 8.37 -2.78
C5 GNP C . 0.59 9.20 -1.66
C6 GNP C . -0.07 9.13 -0.38
O6 GNP C . -0.89 8.30 0.01
N1 GNP C . 0.35 10.16 0.48
C2 GNP C . 1.27 11.15 0.16
N2 GNP C . 1.53 12.05 1.10
N3 GNP C . 1.88 11.23 -1.04
C4 GNP C . 1.50 10.23 -1.90
HNB3 GNP C . 6.12 5.83 -9.17
H5'2 GNP C . 1.90 9.20 -6.65
H5'1 GNP C . 2.55 10.05 -8.07
H4' GNP C . 3.81 11.45 -6.81
H3' GNP C . 4.68 8.96 -5.65
HO3' GNP C . 6.53 10.26 -5.24
H2' GNP C . 4.22 9.22 -3.49
HO2' GNP C . 5.99 10.40 -3.05
H1' GNP C . 3.03 11.82 -3.38
H8 GNP C . 1.42 8.55 -4.61
HN1 GNP C . -0.07 10.16 1.37
HN21 GNP C . 1.07 12.00 2.00
HN22 GNP C . 2.19 12.79 0.93
MG MG D . 6.19 1.77 -6.68
N MET A 1 6.09 -8.81 22.89
CA MET A 1 6.11 -7.95 21.68
C MET A 1 5.40 -8.64 20.51
N GLN A 2 4.33 -8.02 20.02
CA GLN A 2 3.57 -8.58 18.91
C GLN A 2 4.28 -8.30 17.58
N THR A 3 3.97 -9.09 16.57
CA THR A 3 4.57 -8.92 15.25
C THR A 3 3.52 -9.04 14.15
N ILE A 4 3.34 -7.97 13.39
CA ILE A 4 2.38 -7.95 12.31
C ILE A 4 3.03 -7.53 11.00
N LYS A 5 2.51 -8.04 9.88
CA LYS A 5 3.06 -7.70 8.57
C LYS A 5 1.93 -7.41 7.59
N CYS A 6 1.59 -6.13 7.44
CA CYS A 6 0.53 -5.73 6.54
C CYS A 6 1.02 -5.76 5.08
N VAL A 7 0.09 -5.93 4.15
CA VAL A 7 0.42 -5.97 2.75
C VAL A 7 -0.57 -5.15 1.92
N VAL A 8 -0.16 -4.75 0.72
CA VAL A 8 -1.02 -3.97 -0.15
C VAL A 8 -1.64 -4.84 -1.23
N VAL A 9 -2.74 -4.36 -1.81
CA VAL A 9 -3.44 -5.09 -2.85
C VAL A 9 -4.15 -4.15 -3.81
N GLY A 10 -3.91 -4.34 -5.11
CA GLY A 10 -4.53 -3.49 -6.10
C GLY A 10 -3.54 -3.02 -7.16
N ASP A 11 -3.98 -2.99 -8.41
CA ASP A 11 -3.13 -2.56 -9.51
C ASP A 11 -2.86 -1.07 -9.43
N GLY A 12 -2.06 -0.65 -8.46
CA GLY A 12 -1.75 0.77 -8.30
C GLY A 12 -0.44 1.00 -7.56
N ALA A 13 -0.38 2.11 -6.82
CA ALA A 13 0.82 2.45 -6.08
C ALA A 13 0.50 3.22 -4.78
N VAL A 14 -0.52 4.07 -4.83
CA VAL A 14 -0.91 4.86 -3.68
C VAL A 14 -1.02 4.01 -2.40
N GLY A 15 -1.23 2.71 -2.57
CA GLY A 15 -1.34 1.82 -1.42
C GLY A 15 -0.18 1.95 -0.47
N LYS A 16 0.71 0.98 -0.48
CA LYS A 16 1.88 1.00 0.39
C LYS A 16 3.10 1.57 -0.32
N THR A 17 3.45 0.98 -1.47
CA THR A 17 4.60 1.40 -2.25
C THR A 17 4.66 2.93 -2.39
N CYS A 18 3.80 3.48 -3.23
CA CYS A 18 3.77 4.93 -3.45
C CYS A 18 3.60 5.68 -2.14
N LEU A 19 2.75 5.15 -1.27
CA LEU A 19 2.49 5.80 0.01
C LEU A 19 3.80 6.05 0.77
N LEU A 20 4.37 4.99 1.33
CA LEU A 20 5.62 5.10 2.09
C LEU A 20 6.60 6.06 1.44
N ILE A 21 6.65 6.06 0.12
CA ILE A 21 7.53 6.94 -0.62
C ILE A 21 7.33 8.40 -0.21
N SER A 22 6.19 8.98 -0.57
CA SER A 22 5.90 10.37 -0.25
C SER A 22 5.17 10.55 1.08
N TYR A 23 4.32 9.59 1.42
CA TYR A 23 3.55 9.66 2.65
C TYR A 23 4.41 9.41 3.90
N THR A 24 5.26 8.38 3.84
CA THR A 24 6.10 8.04 4.99
C THR A 24 7.44 8.77 4.94
N THR A 25 8.40 8.19 4.23
CA THR A 25 9.73 8.77 4.13
C THR A 25 9.69 10.21 3.62
N ASN A 26 8.66 10.53 2.84
CA ASN A 26 8.50 11.88 2.29
C ASN A 26 9.43 12.11 1.10
N LYS A 27 9.38 11.20 0.14
CA LYS A 27 10.21 11.30 -1.07
C LYS A 27 9.40 10.94 -2.32
N PHE A 28 10.08 10.73 -3.42
CA PHE A 28 9.43 10.37 -4.67
C PHE A 28 10.04 9.11 -5.26
N PRO A 29 9.42 8.54 -6.32
CA PRO A 29 9.91 7.33 -6.97
C PRO A 29 11.43 7.31 -7.11
N SER A 30 12.02 6.14 -6.91
CA SER A 30 13.47 5.98 -7.02
C SER A 30 13.84 5.19 -8.27
N GLU A 31 13.81 3.86 -8.15
CA GLU A 31 14.13 2.99 -9.27
C GLU A 31 12.86 2.55 -9.99
N TYR A 32 12.76 2.90 -11.27
CA TYR A 32 11.59 2.53 -12.07
C TYR A 32 11.58 1.04 -12.38
N VAL A 33 10.66 0.32 -11.75
CA VAL A 33 10.53 -1.12 -11.96
C VAL A 33 9.15 -1.60 -11.54
N PRO A 34 8.53 -2.50 -12.33
CA PRO A 34 7.20 -3.02 -12.02
C PRO A 34 7.04 -3.33 -10.54
N THR A 35 6.45 -2.38 -9.81
CA THR A 35 6.24 -2.53 -8.37
C THR A 35 5.65 -3.92 -8.04
N VAL A 36 6.53 -4.88 -7.80
CA VAL A 36 6.11 -6.23 -7.45
C VAL A 36 6.11 -6.38 -5.94
N PHE A 37 7.19 -5.94 -5.31
CA PHE A 37 7.32 -5.98 -3.86
C PHE A 37 8.43 -5.05 -3.38
N ASP A 38 8.12 -3.78 -3.25
CA ASP A 38 9.10 -2.84 -2.74
C ASP A 38 9.08 -2.92 -1.22
N ASN A 39 10.22 -3.16 -0.61
CA ASN A 39 10.30 -3.28 0.83
C ASN A 39 10.99 -2.08 1.44
N TYR A 40 10.67 -1.79 2.69
CA TYR A 40 11.26 -0.64 3.38
C TYR A 40 11.31 -0.88 4.88
N ALA A 41 12.03 0.00 5.57
CA ALA A 41 12.16 -0.09 7.01
C ALA A 41 11.38 1.02 7.69
N VAL A 42 10.36 0.65 8.45
CA VAL A 42 9.53 1.63 9.14
C VAL A 42 9.17 1.15 10.54
N THR A 43 9.37 2.03 11.53
CA THR A 43 9.06 1.70 12.90
C THR A 43 8.14 2.76 13.49
N VAL A 44 6.90 2.38 13.79
CA VAL A 44 5.94 3.30 14.35
C VAL A 44 5.88 3.13 15.86
N MET A 45 6.25 4.19 16.57
CA MET A 45 6.25 4.17 18.03
C MET A 45 4.90 4.61 18.59
N ILE A 46 4.10 3.63 18.99
CA ILE A 46 2.78 3.90 19.55
C ILE A 46 2.87 4.14 21.06
N GLY A 47 2.21 5.19 21.52
CA GLY A 47 2.24 5.51 22.93
C GLY A 47 3.62 5.89 23.42
N GLY A 48 4.50 6.24 22.49
CA GLY A 48 5.86 6.61 22.86
C GLY A 48 6.83 5.44 22.79
N GLU A 49 6.29 4.23 22.92
CA GLU A 49 7.12 3.02 22.88
C GLU A 49 7.36 2.57 21.44
N PRO A 50 8.50 1.90 21.18
CA PRO A 50 8.85 1.41 19.84
C PRO A 50 7.94 0.27 19.39
N TYR A 51 8.04 -0.09 18.11
CA TYR A 51 7.24 -1.17 17.56
C TYR A 51 7.93 -1.82 16.36
N THR A 52 7.41 -2.95 15.92
CA THR A 52 7.98 -3.66 14.78
C THR A 52 6.91 -3.92 13.72
N LEU A 53 6.86 -3.05 12.71
CA LEU A 53 5.88 -3.19 11.63
C LEU A 53 6.55 -3.01 10.28
N GLY A 54 5.90 -3.51 9.23
CA GLY A 54 6.45 -3.39 7.90
C GLY A 54 5.37 -3.41 6.82
N LEU A 55 5.50 -2.51 5.85
CA LEU A 55 4.53 -2.42 4.76
C LEU A 55 4.99 -3.26 3.57
N PHE A 56 4.37 -4.43 3.40
CA PHE A 56 4.71 -5.32 2.30
C PHE A 56 3.93 -4.92 1.05
N ASP A 57 4.64 -4.75 -0.05
CA ASP A 57 4.00 -4.37 -1.31
C ASP A 57 3.61 -5.60 -2.12
N THR A 58 2.92 -5.36 -3.23
CA THR A 58 2.47 -6.44 -4.11
C THR A 58 2.10 -5.91 -5.49
N ALA A 59 2.34 -6.71 -6.51
CA ALA A 59 2.03 -6.32 -7.88
C ALA A 59 0.54 -5.96 -8.03
N GLY A 60 -0.29 -6.58 -7.19
CA GLY A 60 -1.71 -6.33 -7.23
C GLY A 60 -2.44 -7.32 -8.11
N LEU A 61 -1.72 -7.93 -9.04
CA LEU A 61 -2.30 -8.91 -9.95
C LEU A 61 -2.93 -10.06 -9.17
N GLU A 62 -3.60 -10.96 -9.90
CA GLU A 62 -4.25 -12.10 -9.28
C GLU A 62 -3.43 -13.37 -9.50
N ASP A 63 -2.13 -13.21 -9.70
CA ASP A 63 -1.25 -14.34 -9.92
C ASP A 63 -0.19 -14.44 -8.82
N TYR A 64 -0.49 -13.85 -7.66
CA TYR A 64 0.43 -13.87 -6.54
C TYR A 64 0.23 -15.13 -5.69
N ASP A 65 -0.78 -15.93 -6.02
CA ASP A 65 -1.07 -17.16 -5.28
C ASP A 65 0.21 -17.94 -4.99
N ARG A 66 1.19 -17.81 -5.88
CA ARG A 66 2.47 -18.49 -5.72
C ARG A 66 3.32 -17.77 -4.68
N LEU A 67 3.33 -16.44 -4.74
CA LEU A 67 4.09 -15.64 -3.80
C LEU A 67 3.22 -15.22 -2.62
N ARG A 68 2.15 -15.96 -2.37
CA ARG A 68 1.24 -15.67 -1.27
C ARG A 68 1.75 -16.26 0.05
N PRO A 69 2.20 -17.53 0.04
CA PRO A 69 2.72 -18.18 1.24
C PRO A 69 3.70 -17.31 2.00
N LEU A 70 4.35 -16.40 1.28
CA LEU A 70 5.32 -15.49 1.89
C LEU A 70 4.61 -14.40 2.68
N SER A 71 3.38 -14.08 2.26
CA SER A 71 2.58 -13.05 2.93
C SER A 71 1.79 -13.66 4.08
N TYR A 72 1.44 -14.94 3.94
CA TYR A 72 0.67 -15.67 4.95
C TYR A 72 -0.59 -14.92 5.38
N PRO A 73 -1.56 -15.62 6.00
CA PRO A 73 -2.82 -15.01 6.45
C PRO A 73 -2.60 -14.08 7.64
N GLN A 74 -1.52 -14.29 8.37
CA GLN A 74 -1.19 -13.47 9.53
C GLN A 74 -0.85 -12.04 9.13
N THR A 75 -0.68 -11.81 7.84
CA THR A 75 -0.35 -10.48 7.33
C THR A 75 -1.20 -9.39 7.97
N ASP A 76 -2.39 -9.76 8.43
CA ASP A 76 -3.31 -8.81 9.07
C ASP A 76 -3.96 -7.91 8.03
N VAL A 77 -4.36 -6.70 8.43
CA VAL A 77 -5.00 -5.76 7.52
C VAL A 77 -4.08 -5.46 6.34
N PHE A 78 -4.66 -5.02 5.23
CA PHE A 78 -3.88 -4.72 4.03
C PHE A 78 -4.23 -3.33 3.49
N LEU A 79 -3.35 -2.79 2.65
CA LEU A 79 -3.56 -1.48 2.06
C LEU A 79 -3.97 -1.63 0.61
N VAL A 80 -4.58 -0.58 0.05
CA VAL A 80 -5.03 -0.61 -1.33
C VAL A 80 -4.53 0.61 -2.10
N CYS A 81 -4.34 0.42 -3.40
CA CYS A 81 -3.84 1.50 -4.25
C CYS A 81 -4.92 1.98 -5.23
N PHE A 82 -4.94 3.28 -5.48
CA PHE A 82 -5.90 3.87 -6.41
C PHE A 82 -5.73 5.39 -6.47
N SER A 83 -5.30 5.88 -7.62
CA SER A 83 -5.10 7.31 -7.81
C SER A 83 -6.38 8.09 -7.55
N VAL A 84 -6.27 9.40 -7.40
CA VAL A 84 -7.41 10.26 -7.14
C VAL A 84 -7.41 11.48 -8.04
N VAL A 85 -6.84 11.33 -9.24
CA VAL A 85 -6.79 12.42 -10.19
C VAL A 85 -8.03 12.43 -11.08
N SER A 86 -8.05 11.53 -12.07
CA SER A 86 -9.18 11.43 -12.99
C SER A 86 -10.18 10.39 -12.50
N PRO A 87 -11.43 10.82 -12.20
CA PRO A 87 -12.47 9.90 -11.71
C PRO A 87 -12.69 8.71 -12.64
N SER A 88 -12.29 8.88 -13.91
CA SER A 88 -12.44 7.83 -14.89
C SER A 88 -11.92 6.49 -14.38
N SER A 89 -10.84 6.55 -13.59
CA SER A 89 -10.24 5.35 -13.02
C SER A 89 -11.02 4.86 -11.80
N PHE A 90 -11.54 5.80 -11.02
CA PHE A 90 -12.30 5.46 -9.81
C PHE A 90 -13.32 4.36 -10.10
N GLU A 91 -14.01 4.48 -11.23
CA GLU A 91 -15.00 3.48 -11.62
C GLU A 91 -14.43 2.07 -11.56
N ASN A 92 -13.41 1.82 -12.38
CA ASN A 92 -12.76 0.52 -12.43
C ASN A 92 -12.11 0.17 -11.11
N VAL A 93 -11.45 1.15 -10.50
CA VAL A 93 -10.77 0.95 -9.22
C VAL A 93 -11.60 0.11 -8.26
N LYS A 94 -12.88 0.46 -8.11
CA LYS A 94 -13.76 -0.25 -7.20
C LYS A 94 -14.36 -1.51 -7.84
N GLU A 95 -14.95 -1.35 -9.02
CA GLU A 95 -15.58 -2.47 -9.71
C GLU A 95 -14.58 -3.39 -10.42
N LYS A 96 -13.29 -3.18 -10.20
CA LYS A 96 -12.27 -4.01 -10.83
C LYS A 96 -11.28 -4.59 -9.82
N TRP A 97 -10.90 -3.79 -8.83
CA TRP A 97 -9.94 -4.24 -7.82
C TRP A 97 -10.62 -4.79 -6.58
N VAL A 98 -11.81 -4.30 -6.28
CA VAL A 98 -12.55 -4.76 -5.10
C VAL A 98 -12.95 -6.23 -5.23
N PRO A 99 -13.46 -6.65 -6.39
CA PRO A 99 -13.87 -8.04 -6.61
C PRO A 99 -12.80 -9.05 -6.20
N GLU A 100 -11.54 -8.68 -6.40
CA GLU A 100 -10.42 -9.54 -6.05
C GLU A 100 -9.88 -9.27 -4.65
N ILE A 101 -10.31 -8.15 -4.06
CA ILE A 101 -9.85 -7.77 -2.72
C ILE A 101 -9.88 -8.96 -1.77
N THR A 102 -10.84 -9.86 -1.98
CA THR A 102 -10.98 -11.04 -1.13
C THR A 102 -10.01 -12.14 -1.55
N HIS A 103 -9.64 -12.15 -2.83
CA HIS A 103 -8.72 -13.15 -3.35
C HIS A 103 -7.34 -13.00 -2.70
N HIS A 104 -6.92 -11.77 -2.47
CA HIS A 104 -5.64 -11.50 -1.86
C HIS A 104 -5.68 -11.68 -0.35
N CYS A 105 -6.66 -11.04 0.28
CA CYS A 105 -6.83 -11.13 1.73
C CYS A 105 -7.60 -12.39 2.12
N PRO A 106 -7.19 -13.03 3.23
CA PRO A 106 -7.85 -14.26 3.72
C PRO A 106 -9.19 -13.97 4.38
N LYS A 107 -9.22 -12.96 5.23
CA LYS A 107 -10.44 -12.57 5.94
C LYS A 107 -10.14 -11.50 6.99
N THR A 108 -9.55 -10.39 6.55
CA THR A 108 -9.21 -9.30 7.45
C THR A 108 -9.58 -7.95 6.84
N PRO A 109 -9.64 -6.89 7.67
CA PRO A 109 -9.98 -5.55 7.21
C PRO A 109 -9.11 -5.10 6.04
N PHE A 110 -9.55 -4.05 5.35
CA PHE A 110 -8.82 -3.52 4.20
C PHE A 110 -8.69 -2.01 4.30
N LEU A 111 -7.49 -1.50 3.99
CA LEU A 111 -7.24 -0.07 4.05
C LEU A 111 -7.07 0.50 2.64
N LEU A 112 -7.91 1.47 2.30
CA LEU A 112 -7.86 2.10 0.98
C LEU A 112 -7.28 3.50 1.07
N VAL A 113 -6.27 3.79 0.24
CA VAL A 113 -5.64 5.10 0.23
C VAL A 113 -5.60 5.68 -1.18
N GLY A 114 -5.68 7.01 -1.27
CA GLY A 114 -5.66 7.67 -2.56
C GLY A 114 -5.47 9.16 -2.44
N THR A 115 -4.42 9.68 -3.07
CA THR A 115 -4.12 11.11 -3.02
C THR A 115 -3.27 11.55 -4.19
N GLN A 116 -3.39 12.83 -4.55
CA GLN A 116 -2.64 13.40 -5.67
C GLN A 116 -3.04 14.87 -5.85
N ILE A 117 -2.22 15.78 -5.34
CA ILE A 117 -2.49 17.20 -5.43
C ILE A 117 -1.71 17.87 -6.55
N ASP A 118 -0.53 17.32 -6.85
CA ASP A 118 0.33 17.88 -7.90
C ASP A 118 -0.12 17.42 -9.30
N LEU A 119 -0.69 16.22 -9.37
CA LEU A 119 -1.14 15.68 -10.65
C LEU A 119 -2.60 16.03 -10.92
N ARG A 120 -3.45 15.84 -9.92
CA ARG A 120 -4.88 16.13 -10.06
C ARG A 120 -5.11 17.47 -10.73
N ASP A 121 -4.22 18.43 -10.48
CA ASP A 121 -4.31 19.76 -11.05
C ASP A 121 -3.55 19.83 -12.38
N ASP A 122 -3.91 18.94 -13.30
CA ASP A 122 -3.25 18.91 -14.61
C ASP A 122 -4.19 19.43 -15.70
N PRO A 123 -3.62 19.91 -16.81
CA PRO A 123 -4.41 20.44 -17.93
C PRO A 123 -5.35 19.40 -18.53
N SER A 124 -4.77 18.27 -18.95
CA SER A 124 -5.57 17.19 -19.54
C SER A 124 -6.54 16.61 -18.52
N THR A 125 -6.18 16.67 -17.25
CA THR A 125 -7.03 16.16 -16.18
C THR A 125 -8.46 16.65 -16.33
N ILE A 126 -8.63 17.97 -16.24
CA ILE A 126 -9.96 18.58 -16.35
C ILE A 126 -10.67 18.07 -17.60
N GLU A 127 -9.93 17.96 -18.70
CA GLU A 127 -10.51 17.49 -19.97
C GLU A 127 -11.32 16.22 -19.75
N LYS A 128 -10.66 15.16 -19.30
CA LYS A 128 -11.33 13.90 -19.06
C LYS A 128 -12.29 14.02 -17.87
N LEU A 129 -11.90 14.83 -16.89
CA LEU A 129 -12.73 15.05 -15.71
C LEU A 129 -14.15 15.41 -16.12
N ALA A 130 -14.28 15.99 -17.31
CA ALA A 130 -15.59 16.39 -17.84
C ALA A 130 -16.39 15.17 -18.28
N LYS A 131 -15.68 14.08 -18.58
CA LYS A 131 -16.33 12.84 -19.00
C LYS A 131 -16.90 12.09 -17.80
N ASN A 132 -16.33 12.35 -16.63
CA ASN A 132 -16.79 11.69 -15.41
C ASN A 132 -17.82 12.53 -14.68
N LYS A 133 -18.59 13.31 -15.44
CA LYS A 133 -19.62 14.16 -14.87
C LYS A 133 -19.01 15.34 -14.11
N GLN A 134 -17.75 15.64 -14.39
CA GLN A 134 -17.05 16.74 -13.73
C GLN A 134 -17.04 16.54 -12.22
N LYS A 135 -15.85 16.31 -11.66
CA LYS A 135 -15.72 16.11 -10.23
C LYS A 135 -14.27 15.77 -9.86
N PRO A 136 -13.42 16.79 -9.70
CA PRO A 136 -12.01 16.59 -9.35
C PRO A 136 -11.84 15.94 -7.98
N ILE A 137 -11.67 14.62 -7.98
CA ILE A 137 -11.51 13.86 -6.74
C ILE A 137 -10.48 14.53 -5.82
N THR A 138 -10.92 14.86 -4.61
CA THR A 138 -10.04 15.50 -3.63
C THR A 138 -9.60 14.50 -2.56
N PRO A 139 -8.65 14.91 -1.70
CA PRO A 139 -8.13 14.05 -0.62
C PRO A 139 -9.24 13.55 0.30
N GLU A 140 -10.35 14.27 0.32
CA GLU A 140 -11.49 13.90 1.17
C GLU A 140 -12.45 12.98 0.43
N THR A 141 -12.51 13.13 -0.89
CA THR A 141 -13.39 12.32 -1.72
C THR A 141 -13.25 10.84 -1.39
N ALA A 142 -12.04 10.32 -1.55
CA ALA A 142 -11.77 8.91 -1.27
C ALA A 142 -12.32 8.51 0.10
N GLU A 143 -12.03 9.33 1.11
CA GLU A 143 -12.50 9.05 2.47
C GLU A 143 -14.01 8.91 2.49
N LYS A 144 -14.71 9.77 1.77
CA LYS A 144 -16.16 9.74 1.72
C LYS A 144 -16.66 8.36 1.31
N LEU A 145 -16.06 7.82 0.26
CA LEU A 145 -16.44 6.50 -0.24
C LEU A 145 -16.26 5.44 0.85
N ALA A 146 -15.10 5.43 1.49
CA ALA A 146 -14.81 4.47 2.54
C ALA A 146 -15.72 4.69 3.75
N ARG A 147 -16.14 5.93 3.95
CA ARG A 147 -17.02 6.27 5.06
C ARG A 147 -18.43 5.76 4.80
N ASP A 148 -18.90 5.91 3.56
CA ASP A 148 -20.24 5.47 3.19
C ASP A 148 -20.35 3.95 3.29
N LEU A 149 -19.29 3.25 2.91
CA LEU A 149 -19.27 1.80 2.95
C LEU A 149 -18.96 1.28 4.35
N LYS A 150 -18.34 2.14 5.17
CA LYS A 150 -17.98 1.76 6.53
C LYS A 150 -16.88 0.70 6.54
N ALA A 151 -15.80 0.98 7.26
CA ALA A 151 -14.68 0.06 7.33
C ALA A 151 -13.57 0.61 8.21
N VAL A 152 -12.35 0.09 8.03
CA VAL A 152 -11.20 0.53 8.80
C VAL A 152 -11.14 2.05 8.91
N LYS A 153 -11.38 2.71 7.78
CA LYS A 153 -11.35 4.17 7.71
C LYS A 153 -9.93 4.69 7.55
N TYR A 154 -9.77 5.75 6.75
CA TYR A 154 -8.46 6.33 6.51
C TYR A 154 -8.56 7.81 6.17
N VAL A 155 -7.45 8.51 6.32
CA VAL A 155 -7.39 9.93 6.00
C VAL A 155 -5.96 10.37 5.73
N GLU A 156 -5.73 10.95 4.56
CA GLU A 156 -4.40 11.42 4.17
C GLU A 156 -4.47 12.24 2.89
N CYS A 157 -3.52 13.15 2.73
CA CYS A 157 -3.46 13.99 1.56
C CYS A 157 -2.41 13.47 0.59
N SER A 158 -2.17 14.21 -0.47
CA SER A 158 -1.19 13.81 -1.46
C SER A 158 0.20 14.33 -1.10
N ALA A 159 1.19 13.92 -1.88
CA ALA A 159 2.57 14.31 -1.66
C ALA A 159 2.72 15.81 -1.43
N LEU A 160 3.95 16.25 -1.18
CA LEU A 160 4.22 17.66 -0.96
C LEU A 160 3.45 18.18 0.24
N THR A 161 2.19 18.53 0.02
CA THR A 161 1.33 19.05 1.09
C THR A 161 1.27 18.07 2.25
N GLN A 162 0.58 18.46 3.32
CA GLN A 162 0.44 17.60 4.49
C GLN A 162 -0.69 18.08 5.39
N LYS A 163 -1.83 17.38 5.33
CA LYS A 163 -2.99 17.73 6.13
C LYS A 163 -3.02 16.92 7.42
N GLY A 164 -2.38 15.75 7.39
CA GLY A 164 -2.34 14.89 8.56
C GLY A 164 -2.18 13.43 8.20
N LEU A 165 -0.93 13.03 7.92
CA LEU A 165 -0.64 11.65 7.56
C LEU A 165 -0.76 10.74 8.78
N LYS A 166 -0.27 11.22 9.92
CA LYS A 166 -0.32 10.45 11.16
C LYS A 166 -1.70 9.84 11.39
N ASN A 167 -2.73 10.47 10.83
CA ASN A 167 -4.09 9.98 10.98
C ASN A 167 -4.25 8.58 10.40
N VAL A 168 -4.24 8.47 9.07
CA VAL A 168 -4.38 7.18 8.40
C VAL A 168 -3.47 6.13 9.03
N PHE A 169 -2.30 6.56 9.46
CA PHE A 169 -1.34 5.65 10.09
C PHE A 169 -1.81 5.29 11.48
N ASP A 170 -2.36 6.27 12.20
CA ASP A 170 -2.86 6.04 13.55
C ASP A 170 -3.84 4.88 13.56
N GLU A 171 -4.70 4.83 12.55
CA GLU A 171 -5.69 3.78 12.43
C GLU A 171 -5.06 2.52 11.83
N ALA A 172 -4.11 2.73 10.93
CA ALA A 172 -3.42 1.63 10.28
C ALA A 172 -2.61 0.82 11.29
N ILE A 173 -2.05 1.51 12.28
CA ILE A 173 -1.27 0.86 13.31
C ILE A 173 -2.14 0.46 14.49
N LEU A 174 -3.24 1.19 14.68
CA LEU A 174 -4.16 0.91 15.77
C LEU A 174 -4.89 -0.41 15.52
N ALA A 175 -5.43 -0.57 14.32
CA ALA A 175 -6.15 -1.79 13.97
C ALA A 175 -5.27 -3.02 14.21
N ALA A 176 -4.00 -2.92 13.83
CA ALA A 176 -3.06 -4.01 13.99
C ALA A 176 -2.65 -4.16 15.46
N LEU A 177 -2.80 -3.08 16.23
CA LEU A 177 -2.44 -3.09 17.63
C LEU A 177 -3.64 -3.46 18.50
N GLU A 178 -4.40 -4.45 18.05
CA GLU A 178 -5.58 -4.91 18.78
C GLU A 178 -5.64 -6.44 18.82
N PRO A 179 -4.70 -7.06 19.55
CA PRO A 179 -4.66 -8.53 19.67
C PRO A 179 -6.01 -9.13 20.01
N PRO A 180 -6.25 -10.38 19.58
CA PRO A 180 -7.52 -11.06 19.85
C PRO A 180 -7.74 -11.32 21.34
N GLU A 181 -9.00 -11.30 21.76
CA GLU A 181 -9.35 -11.53 23.16
C GLU A 181 -9.13 -12.99 23.54
N PRO A 182 -8.55 -13.24 24.73
CA PRO A 182 -8.29 -14.60 25.21
C PRO A 182 -9.56 -15.31 25.66
N LYS A 183 -9.41 -16.53 26.16
CA LYS A 183 -10.54 -17.31 26.63
C LYS A 183 -11.36 -16.53 27.66
N LYS A 184 -12.67 -16.45 27.44
CA LYS A 184 -13.56 -15.73 28.34
C LYS A 184 -13.48 -16.31 29.75
N GLY B 1 2.64 11.46 20.42
CA GLY B 1 3.20 10.29 21.14
C GLY B 1 2.42 9.01 20.84
N SER B 2 1.11 9.09 20.89
CA SER B 2 0.25 7.94 20.64
C SER B 2 0.64 7.26 19.32
N ILE B 3 1.02 8.07 18.33
CA ILE B 3 1.42 7.55 17.03
C ILE B 3 2.56 8.39 16.44
N SER B 4 3.48 7.71 15.75
CA SER B 4 4.62 8.38 15.15
C SER B 4 4.91 7.82 13.76
N LEU B 5 5.14 8.70 12.79
CA LEU B 5 5.43 8.28 11.43
C LEU B 5 6.86 7.74 11.32
N PRO B 6 7.04 6.59 10.66
CA PRO B 6 8.37 5.98 10.50
C PRO B 6 9.36 6.94 9.85
N SER B 7 8.99 7.50 8.71
CA SER B 7 9.84 8.44 8.00
C SER B 7 11.18 7.78 7.62
N ASP B 8 12.11 7.78 8.56
CA ASP B 8 13.43 7.19 8.31
C ASP B 8 13.29 5.74 7.88
N PHE B 9 13.57 5.47 6.61
CA PHE B 9 13.48 4.12 6.07
C PHE B 9 14.60 3.84 5.08
N GLU B 10 14.55 2.65 4.47
CA GLU B 10 15.57 2.26 3.49
C GLU B 10 15.00 1.25 2.50
N HIS B 11 15.34 1.42 1.23
CA HIS B 11 14.86 0.52 0.18
C HIS B 11 15.48 -0.85 0.35
N THR B 12 14.74 -1.77 0.95
CA THR B 12 15.23 -3.13 1.18
C THR B 12 15.35 -3.90 -0.13
N ILE B 13 14.23 -4.39 -0.66
CA ILE B 13 14.26 -5.15 -1.90
C ILE B 13 13.37 -4.53 -2.97
N HIS B 14 13.95 -4.33 -4.16
CA HIS B 14 13.20 -3.78 -5.28
C HIS B 14 12.89 -4.88 -6.27
N VAL B 15 11.68 -5.44 -6.17
CA VAL B 15 11.26 -6.52 -7.05
C VAL B 15 10.71 -5.99 -8.36
N GLY B 16 10.87 -6.77 -9.43
CA GLY B 16 10.38 -6.37 -10.73
C GLY B 16 9.92 -7.56 -11.55
N PHE B 17 9.41 -7.30 -12.75
CA PHE B 17 8.94 -8.36 -13.63
C PHE B 17 9.87 -8.55 -14.82
N ASP B 18 10.29 -9.79 -15.05
CA ASP B 18 11.18 -10.11 -16.16
C ASP B 18 10.77 -11.42 -16.83
N ALA B 19 10.67 -11.40 -18.15
CA ALA B 19 10.29 -12.58 -18.91
C ALA B 19 11.46 -13.56 -19.06
N VAL B 20 12.61 -13.23 -18.47
CA VAL B 20 13.78 -14.10 -18.54
C VAL B 20 13.42 -15.56 -18.26
N THR B 21 12.36 -15.75 -17.47
CA THR B 21 11.91 -17.09 -17.11
C THR B 21 10.41 -17.11 -16.83
N GLY B 22 9.92 -16.07 -16.17
CA GLY B 22 8.49 -16.00 -15.85
C GLY B 22 8.23 -15.57 -14.41
N GLU B 23 9.27 -15.17 -13.69
CA GLU B 23 9.12 -14.74 -12.31
C GLU B 23 9.56 -13.29 -12.15
N PHE B 24 9.65 -12.83 -10.90
CA PHE B 24 10.06 -11.46 -10.62
C PHE B 24 11.58 -11.35 -10.54
N THR B 25 12.08 -10.13 -10.66
CA THR B 25 13.52 -9.88 -10.59
C THR B 25 13.89 -9.16 -9.30
N GLY B 26 15.14 -9.34 -8.86
CA GLY B 26 15.59 -8.70 -7.65
C GLY B 26 14.64 -8.93 -6.48
N MET B 27 13.92 -10.05 -6.52
CA MET B 27 12.97 -10.39 -5.47
C MET B 27 13.68 -10.91 -4.23
N PRO B 28 13.19 -10.54 -3.03
CA PRO B 28 13.77 -10.97 -1.76
C PRO B 28 14.21 -12.43 -1.80
N GLU B 29 15.38 -12.71 -1.21
CA GLU B 29 15.91 -14.06 -1.17
C GLU B 29 14.86 -15.06 -0.70
N GLN B 30 14.35 -14.87 0.50
CA GLN B 30 13.34 -15.76 1.06
C GLN B 30 12.21 -16.00 0.05
N TRP B 31 11.70 -14.91 -0.51
CA TRP B 31 10.63 -14.99 -1.51
C TRP B 31 11.07 -15.89 -2.65
N ALA B 32 12.21 -15.54 -3.24
CA ALA B 32 12.76 -16.31 -4.35
C ALA B 32 12.93 -17.77 -4.00
N ARG B 33 13.67 -18.03 -2.92
CA ARG B 33 13.92 -19.39 -2.47
C ARG B 33 12.61 -20.18 -2.41
N LEU B 34 11.59 -19.56 -1.84
CA LEU B 34 10.28 -20.20 -1.70
C LEU B 34 9.83 -20.78 -3.03
N LEU B 35 9.80 -19.95 -4.07
CA LEU B 35 9.37 -20.40 -5.39
C LEU B 35 10.56 -20.81 -6.25
N GLN B 36 11.36 -19.82 -6.65
CA GLN B 36 12.53 -20.09 -7.47
C GLN B 36 13.70 -20.63 -6.64
N THR B 37 14.60 -19.75 -6.21
CA THR B 37 15.75 -20.18 -5.41
C THR B 37 16.39 -19.04 -4.63
N SER B 38 16.60 -17.90 -5.29
CA SER B 38 17.22 -16.75 -4.63
C SER B 38 16.92 -15.45 -5.35
N ASN B 39 17.22 -14.33 -4.68
CA ASN B 39 16.99 -13.01 -5.25
C ASN B 39 17.86 -12.81 -6.49
N ILE B 40 17.47 -13.43 -7.60
CA ILE B 40 18.21 -13.32 -8.83
C ILE B 40 18.35 -11.86 -9.28
N THR B 41 19.43 -11.23 -8.81
CA THR B 41 19.78 -9.82 -9.10
C THR B 41 19.92 -9.03 -7.79
N LYS B 42 20.73 -9.56 -6.88
CA LYS B 42 20.98 -8.92 -5.60
C LYS B 42 21.93 -9.76 -4.75
N SER B 43 21.51 -10.97 -4.40
CA SER B 43 22.34 -11.86 -3.59
C SER B 43 23.58 -12.28 -4.35
N GLU B 44 24.71 -12.33 -3.66
CA GLU B 44 25.98 -12.71 -4.27
C GLU B 44 27.08 -12.82 -3.22
N GLN B 45 27.59 -14.04 -3.03
CA GLN B 45 28.64 -14.28 -2.06
C GLN B 45 29.97 -13.71 -2.55
N LYS B 46 30.89 -13.46 -1.62
CA LYS B 46 32.19 -12.92 -1.95
C LYS B 46 32.99 -13.89 -2.80
PG GNP C . 6.60 3.85 -9.46
O1G GNP C . 6.89 4.24 -10.86
O2G GNP C . 5.81 2.62 -9.24
O3G GNP C . 8.02 3.60 -8.77
N3B GNP C . 5.76 5.11 -8.77
PB GNP C . 4.33 4.89 -7.93
O1B GNP C . 3.39 4.23 -8.85
O2B GNP C . 4.67 4.21 -6.67
O3A GNP C . 3.64 6.29 -7.51
PA GNP C . 2.30 6.98 -8.08
O1A GNP C . 1.15 6.42 -7.32
O2A GNP C . 2.33 6.91 -9.55
O5' GNP C . 2.49 8.52 -7.64
C5' GNP C . 1.38 9.29 -7.18
C4' GNP C . 1.82 10.52 -6.42
O4' GNP C . 0.90 10.85 -5.36
C3' GNP C . 3.19 10.30 -5.79
O3' GNP C . 4.15 11.24 -6.30
C2' GNP C . 3.01 10.46 -4.30
O2' GNP C . 3.93 11.44 -3.79
C1' GNP C . 1.58 10.90 -4.09
N9 GNP C . 0.90 10.04 -3.11
C8 GNP C . 0.37 8.79 -3.25
N7 GNP C . -0.19 8.25 -2.23
C5 GNP C . -0.02 9.23 -1.25
C6 GNP C . -0.43 9.25 0.13
O6 GNP C . -1.02 8.37 0.76
N1 GNP C . -0.07 10.45 0.76
C2 GNP C . 0.61 11.51 0.16
N2 GNP C . 0.86 12.57 0.93
N3 GNP C . 0.99 11.50 -1.14
C4 GNP C . 0.64 10.34 -1.78
HNB3 GNP C . 6.12 6.02 -8.85
H5'2 GNP C . 0.76 8.67 -6.52
H5'1 GNP C . 0.77 9.60 -8.03
H4' GNP C . 1.89 11.37 -7.11
H3' GNP C . 3.52 9.29 -6.00
HO3' GNP C . 3.67 11.85 -6.86
H2' GNP C . 3.17 9.50 -3.81
HO2' GNP C . 4.40 11.82 -4.53
H1' GNP C . 1.56 11.93 -3.73
H8 GNP C . 0.42 8.28 -4.22
HN1 GNP C . -0.32 10.54 1.71
HN21 GNP C . 0.58 12.57 1.89
HN22 GNP C . 1.36 13.36 0.54
MG MG D . 5.46 2.00 -6.94
N MET A 1 8.69 -10.01 20.43
CA MET A 1 7.62 -9.00 20.20
C MET A 1 6.67 -9.44 19.09
N GLN A 2 5.67 -8.61 18.82
CA GLN A 2 4.70 -8.91 17.78
C GLN A 2 5.15 -8.37 16.44
N THR A 3 4.91 -9.14 15.38
CA THR A 3 5.30 -8.74 14.04
C THR A 3 4.08 -8.34 13.21
N ILE A 4 4.13 -7.17 12.60
CA ILE A 4 3.03 -6.67 11.78
C ILE A 4 3.48 -6.43 10.35
N LYS A 5 2.87 -7.15 9.41
CA LYS A 5 3.22 -7.01 7.99
C LYS A 5 2.02 -6.50 7.21
N CYS A 6 1.96 -5.19 7.00
CA CYS A 6 0.87 -4.57 6.27
C CYS A 6 1.02 -4.79 4.76
N VAL A 7 0.18 -5.64 4.20
CA VAL A 7 0.21 -5.92 2.77
C VAL A 7 -0.58 -4.89 1.99
N VAL A 8 -0.29 -4.76 0.70
CA VAL A 8 -0.99 -3.79 -0.13
C VAL A 8 -1.38 -4.38 -1.48
N VAL A 9 -2.57 -4.01 -1.95
CA VAL A 9 -3.07 -4.48 -3.24
C VAL A 9 -3.87 -3.39 -3.94
N GLY A 10 -3.45 -3.01 -5.15
CA GLY A 10 -4.15 -1.98 -5.89
C GLY A 10 -3.36 -1.48 -7.08
N ASP A 11 -3.90 -0.47 -7.76
CA ASP A 11 -3.23 0.10 -8.93
C ASP A 11 -2.30 1.24 -8.51
N GLY A 12 -2.81 2.15 -7.69
CA GLY A 12 -2.01 3.27 -7.23
C GLY A 12 -0.89 2.83 -6.31
N ALA A 13 -0.36 3.77 -5.53
CA ALA A 13 0.73 3.47 -4.60
C ALA A 13 0.50 4.12 -3.23
N VAL A 14 -0.64 4.77 -3.05
CA VAL A 14 -0.95 5.44 -1.79
C VAL A 14 -0.68 4.55 -0.58
N GLY A 15 -0.67 3.23 -0.78
CA GLY A 15 -0.42 2.32 0.34
C GLY A 15 0.87 1.53 0.15
N LYS A 16 0.92 0.74 -0.90
CA LYS A 16 2.09 -0.10 -1.18
C LYS A 16 3.40 0.69 -1.16
N THR A 17 3.63 1.51 -2.19
CA THR A 17 4.87 2.27 -2.30
C THR A 17 4.77 3.72 -1.79
N CYS A 18 4.01 4.55 -2.50
CA CYS A 18 3.89 5.97 -2.16
C CYS A 18 3.59 6.20 -0.68
N LEU A 19 3.06 5.20 0.01
CA LEU A 19 2.74 5.37 1.42
C LEU A 19 3.95 5.79 2.24
N LEU A 20 4.88 4.86 2.49
CA LEU A 20 6.09 5.17 3.26
C LEU A 20 6.94 6.19 2.53
N ILE A 21 6.81 6.22 1.22
CA ILE A 21 7.55 7.16 0.40
C ILE A 21 7.08 8.58 0.69
N SER A 22 5.76 8.76 0.78
CA SER A 22 5.19 10.06 1.07
C SER A 22 4.90 10.26 2.56
N TYR A 23 4.99 9.18 3.34
CA TYR A 23 4.71 9.26 4.77
C TYR A 23 5.99 9.42 5.59
N THR A 24 6.81 8.39 5.58
CA THR A 24 8.06 8.39 6.34
C THR A 24 9.18 9.07 5.56
N THR A 25 9.77 8.32 4.65
CA THR A 25 10.87 8.82 3.83
C THR A 25 10.51 10.17 3.21
N ASN A 26 9.24 10.34 2.85
CA ASN A 26 8.77 11.58 2.25
C ASN A 26 9.65 12.00 1.08
N LYS A 27 9.63 11.19 0.02
CA LYS A 27 10.42 11.48 -1.18
C LYS A 27 9.70 10.96 -2.43
N PHE A 28 10.36 11.07 -3.57
CA PHE A 28 9.78 10.61 -4.83
C PHE A 28 10.39 9.27 -5.24
N PRO A 29 9.68 8.50 -6.08
CA PRO A 29 10.16 7.20 -6.55
C PRO A 29 11.65 7.18 -6.86
N SER A 30 12.29 6.05 -6.59
CA SER A 30 13.72 5.89 -6.83
C SER A 30 13.98 5.17 -8.15
N GLU A 31 13.90 3.84 -8.12
CA GLU A 31 14.13 3.03 -9.32
C GLU A 31 12.80 2.56 -9.90
N TYR A 32 12.52 2.97 -11.12
CA TYR A 32 11.28 2.59 -11.79
C TYR A 32 11.29 1.11 -12.15
N VAL A 33 10.46 0.34 -11.47
CA VAL A 33 10.35 -1.09 -11.72
C VAL A 33 9.02 -1.62 -11.20
N PRO A 34 8.36 -2.52 -11.96
CA PRO A 34 7.09 -3.09 -11.56
C PRO A 34 7.09 -3.53 -10.10
N THR A 35 6.68 -2.62 -9.22
CA THR A 35 6.66 -2.91 -7.79
C THR A 35 5.92 -4.21 -7.48
N VAL A 36 6.66 -5.31 -7.52
CA VAL A 36 6.08 -6.61 -7.22
C VAL A 36 6.02 -6.84 -5.72
N PHE A 37 6.95 -6.19 -5.01
CA PHE A 37 7.01 -6.29 -3.56
C PHE A 37 7.39 -4.95 -2.96
N ASP A 38 8.60 -4.50 -3.26
CA ASP A 38 9.11 -3.23 -2.73
C ASP A 38 8.98 -3.21 -1.22
N ASN A 39 10.09 -3.39 -0.52
CA ASN A 39 10.08 -3.40 0.93
C ASN A 39 10.71 -2.14 1.49
N TYR A 40 10.34 -1.81 2.72
CA TYR A 40 10.86 -0.61 3.37
C TYR A 40 10.90 -0.79 4.89
N ALA A 41 11.56 0.14 5.56
CA ALA A 41 11.68 0.07 7.02
C ALA A 41 10.94 1.23 7.68
N VAL A 42 10.30 0.95 8.81
CA VAL A 42 9.55 1.97 9.54
C VAL A 42 9.32 1.55 10.98
N THR A 43 9.71 2.42 11.91
CA THR A 43 9.53 2.15 13.33
C THR A 43 8.46 3.05 13.92
N VAL A 44 7.34 2.45 14.30
CA VAL A 44 6.23 3.20 14.86
C VAL A 44 6.23 3.11 16.38
N MET A 45 6.36 4.26 17.03
CA MET A 45 6.38 4.31 18.48
C MET A 45 4.96 4.35 19.05
N ILE A 46 4.48 3.20 19.49
CA ILE A 46 3.14 3.10 20.06
C ILE A 46 3.21 3.00 21.58
N GLY A 47 3.17 4.16 22.23
CA GLY A 47 3.24 4.20 23.68
C GLY A 47 4.67 4.28 24.19
N GLY A 48 5.59 4.66 23.30
CA GLY A 48 6.99 4.76 23.69
C GLY A 48 7.75 3.45 23.51
N GLU A 49 7.39 2.70 22.47
CA GLU A 49 8.03 1.42 22.20
C GLU A 49 8.33 1.28 20.71
N PRO A 50 9.53 0.76 20.37
CA PRO A 50 9.94 0.55 18.98
C PRO A 50 9.12 -0.52 18.28
N TYR A 51 9.08 -0.46 16.95
CA TYR A 51 8.32 -1.43 16.17
C TYR A 51 8.99 -1.70 14.83
N THR A 52 8.54 -2.75 14.15
CA THR A 52 9.09 -3.12 12.84
C THR A 52 7.97 -3.31 11.84
N LEU A 53 7.71 -2.28 11.04
CA LEU A 53 6.65 -2.33 10.04
C LEU A 53 7.22 -2.29 8.63
N GLY A 54 6.45 -2.81 7.68
CA GLY A 54 6.89 -2.82 6.30
C GLY A 54 5.73 -2.96 5.33
N LEU A 55 5.59 -1.98 4.44
CA LEU A 55 4.51 -2.01 3.45
C LEU A 55 4.80 -3.00 2.33
N PHE A 56 4.11 -4.13 2.35
CA PHE A 56 4.31 -5.15 1.34
C PHE A 56 3.46 -4.85 0.11
N ASP A 57 4.11 -4.34 -0.93
CA ASP A 57 3.42 -4.00 -2.17
C ASP A 57 3.01 -5.26 -2.92
N THR A 58 1.71 -5.40 -3.15
CA THR A 58 1.17 -6.56 -3.87
C THR A 58 0.12 -6.15 -4.88
N ALA A 59 -0.29 -7.09 -5.72
CA ALA A 59 -1.29 -6.83 -6.74
C ALA A 59 -2.47 -7.79 -6.62
N GLY A 60 -2.16 -9.05 -6.34
CA GLY A 60 -3.20 -10.06 -6.20
C GLY A 60 -4.03 -10.21 -7.46
N LEU A 61 -3.36 -10.33 -8.59
CA LEU A 61 -4.04 -10.48 -9.88
C LEU A 61 -4.45 -11.93 -10.11
N GLU A 62 -3.56 -12.85 -9.73
CA GLU A 62 -3.83 -14.28 -9.89
C GLU A 62 -2.54 -15.08 -9.72
N ASP A 63 -1.42 -14.46 -10.07
CA ASP A 63 -0.12 -15.12 -9.95
C ASP A 63 0.48 -14.93 -8.56
N TYR A 64 0.03 -13.90 -7.87
CA TYR A 64 0.52 -13.60 -6.52
C TYR A 64 0.09 -14.69 -5.53
N ASP A 65 -0.96 -15.42 -5.88
CA ASP A 65 -1.46 -16.49 -5.02
C ASP A 65 -0.34 -17.39 -4.53
N ARG A 66 0.74 -17.45 -5.31
CA ARG A 66 1.89 -18.28 -4.96
C ARG A 66 2.94 -17.47 -4.20
N LEU A 67 2.98 -16.17 -4.47
CA LEU A 67 3.93 -15.28 -3.82
C LEU A 67 3.25 -14.45 -2.72
N ARG A 68 2.08 -14.91 -2.27
CA ARG A 68 1.34 -14.20 -1.23
C ARG A 68 1.64 -14.71 0.19
N PRO A 69 1.98 -16.01 0.37
CA PRO A 69 2.28 -16.55 1.70
C PRO A 69 3.39 -15.75 2.39
N LEU A 70 4.18 -15.05 1.60
CA LEU A 70 5.28 -14.24 2.12
C LEU A 70 4.76 -13.00 2.82
N SER A 71 3.57 -12.55 2.42
CA SER A 71 2.96 -11.36 3.02
C SER A 71 1.87 -11.75 4.03
N TYR A 72 1.36 -12.97 3.90
CA TYR A 72 0.32 -13.46 4.80
C TYR A 72 -0.87 -12.50 4.81
N PRO A 73 -1.98 -12.87 4.15
CA PRO A 73 -3.19 -12.03 4.11
C PRO A 73 -3.82 -11.85 5.48
N GLN A 74 -3.55 -12.79 6.38
CA GLN A 74 -4.08 -12.74 7.73
C GLN A 74 -3.16 -11.95 8.66
N THR A 75 -1.95 -11.62 8.17
CA THR A 75 -0.97 -10.87 8.96
C THR A 75 -1.63 -9.79 9.84
N ASP A 76 -2.43 -8.94 9.23
CA ASP A 76 -3.11 -7.87 9.98
C ASP A 76 -4.16 -7.17 9.11
N VAL A 77 -3.75 -6.13 8.40
CA VAL A 77 -4.66 -5.38 7.54
C VAL A 77 -4.10 -5.25 6.13
N PHE A 78 -4.96 -4.89 5.18
CA PHE A 78 -4.55 -4.73 3.79
C PHE A 78 -4.61 -3.28 3.37
N LEU A 79 -3.60 -2.84 2.63
CA LEU A 79 -3.55 -1.47 2.15
C LEU A 79 -3.91 -1.40 0.68
N VAL A 80 -4.61 -0.34 0.29
CA VAL A 80 -5.02 -0.18 -1.10
C VAL A 80 -4.71 1.22 -1.61
N CYS A 81 -4.49 1.34 -2.91
CA CYS A 81 -4.19 2.62 -3.52
C CYS A 81 -4.81 2.76 -4.91
N PHE A 82 -5.46 3.89 -5.14
CA PHE A 82 -6.09 4.16 -6.43
C PHE A 82 -6.14 5.65 -6.72
N SER A 83 -6.42 6.01 -7.97
CA SER A 83 -6.49 7.41 -8.38
C SER A 83 -7.63 8.12 -7.64
N VAL A 84 -7.80 9.41 -7.93
CA VAL A 84 -8.85 10.20 -7.30
C VAL A 84 -9.22 11.41 -8.15
N VAL A 85 -9.35 11.18 -9.45
CA VAL A 85 -9.71 12.25 -10.37
C VAL A 85 -10.41 11.69 -11.61
N SER A 86 -9.62 11.28 -12.60
CA SER A 86 -10.18 10.72 -13.83
C SER A 86 -11.15 9.59 -13.51
N PRO A 87 -12.46 9.79 -13.74
CA PRO A 87 -13.47 8.77 -13.46
C PRO A 87 -13.28 7.50 -14.29
N SER A 88 -12.47 7.61 -15.34
CA SER A 88 -12.19 6.47 -16.21
C SER A 88 -11.44 5.37 -15.46
N SER A 89 -10.76 5.76 -14.39
CA SER A 89 -10.00 4.81 -13.58
C SER A 89 -10.82 4.34 -12.38
N PHE A 90 -11.49 5.28 -11.72
CA PHE A 90 -12.30 4.97 -10.56
C PHE A 90 -13.21 3.77 -10.82
N GLU A 91 -13.77 3.71 -12.03
CA GLU A 91 -14.65 2.62 -12.41
C GLU A 91 -13.94 1.27 -12.30
N ASN A 92 -12.81 1.15 -12.97
CA ASN A 92 -12.03 -0.08 -12.95
C ASN A 92 -11.50 -0.36 -11.54
N VAL A 93 -11.09 0.70 -10.85
CA VAL A 93 -10.55 0.57 -9.50
C VAL A 93 -11.44 -0.31 -8.63
N LYS A 94 -12.64 0.19 -8.33
CA LYS A 94 -13.59 -0.55 -7.49
C LYS A 94 -14.14 -1.77 -8.21
N GLU A 95 -14.36 -1.64 -9.52
CA GLU A 95 -14.90 -2.74 -10.31
C GLU A 95 -13.85 -3.82 -10.57
N LYS A 96 -12.62 -3.60 -10.11
CA LYS A 96 -11.55 -4.57 -10.31
C LYS A 96 -10.85 -4.93 -9.01
N TRP A 97 -10.72 -3.97 -8.10
CA TRP A 97 -10.05 -4.21 -6.83
C TRP A 97 -11.03 -4.71 -5.76
N VAL A 98 -12.26 -4.20 -5.78
CA VAL A 98 -13.26 -4.60 -4.81
C VAL A 98 -13.50 -6.11 -4.85
N PRO A 99 -13.66 -6.70 -6.04
CA PRO A 99 -13.91 -8.14 -6.19
C PRO A 99 -12.63 -8.95 -6.08
N GLU A 100 -11.49 -8.32 -6.31
CA GLU A 100 -10.20 -8.99 -6.23
C GLU A 100 -9.65 -8.94 -4.81
N ILE A 101 -9.88 -7.82 -4.13
CA ILE A 101 -9.41 -7.65 -2.76
C ILE A 101 -9.81 -8.83 -1.89
N THR A 102 -10.92 -9.47 -2.25
CA THR A 102 -11.41 -10.63 -1.51
C THR A 102 -10.54 -11.85 -1.79
N HIS A 103 -10.10 -11.99 -3.04
CA HIS A 103 -9.26 -13.11 -3.43
C HIS A 103 -8.00 -13.15 -2.57
N HIS A 104 -7.40 -11.98 -2.37
CA HIS A 104 -6.20 -11.87 -1.57
C HIS A 104 -6.54 -11.66 -0.10
N CYS A 105 -7.65 -10.96 0.14
CA CYS A 105 -8.12 -10.69 1.50
C CYS A 105 -9.40 -11.45 1.79
N PRO A 106 -9.28 -12.71 2.28
CA PRO A 106 -10.44 -13.55 2.60
C PRO A 106 -11.34 -12.92 3.65
N LYS A 107 -10.93 -13.00 4.91
CA LYS A 107 -11.71 -12.44 6.01
C LYS A 107 -10.86 -11.51 6.87
N THR A 108 -10.13 -10.62 6.20
CA THR A 108 -9.27 -9.66 6.91
C THR A 108 -9.58 -8.23 6.47
N PRO A 109 -9.60 -7.29 7.44
CA PRO A 109 -9.88 -5.88 7.15
C PRO A 109 -9.05 -5.35 5.99
N PHE A 110 -9.45 -4.19 5.45
CA PHE A 110 -8.73 -3.58 4.34
C PHE A 110 -8.82 -2.06 4.41
N LEU A 111 -7.79 -1.40 3.87
CA LEU A 111 -7.74 0.05 3.85
C LEU A 111 -7.53 0.57 2.44
N LEU A 112 -8.49 1.37 1.96
CA LEU A 112 -8.39 1.92 0.60
C LEU A 112 -8.75 3.41 0.58
N VAL A 113 -7.80 4.23 0.15
CA VAL A 113 -8.01 5.67 0.06
C VAL A 113 -7.05 6.30 -0.94
N GLY A 114 -7.60 6.78 -2.05
CA GLY A 114 -6.78 7.40 -3.08
C GLY A 114 -6.52 8.87 -2.82
N THR A 115 -5.60 9.45 -3.58
CA THR A 115 -5.28 10.87 -3.43
C THR A 115 -4.29 11.31 -4.51
N GLN A 116 -4.52 12.49 -5.07
CA GLN A 116 -3.65 13.04 -6.11
C GLN A 116 -3.94 14.52 -6.35
N ILE A 117 -3.34 15.37 -5.54
CA ILE A 117 -3.53 16.80 -5.64
C ILE A 117 -2.73 17.38 -6.80
N ASP A 118 -1.57 16.79 -7.08
CA ASP A 118 -0.71 17.26 -8.16
C ASP A 118 -1.10 16.62 -9.49
N LEU A 119 -1.75 15.46 -9.42
CA LEU A 119 -2.18 14.75 -10.63
C LEU A 119 -3.63 15.06 -10.98
N ARG A 120 -4.29 15.89 -10.17
CA ARG A 120 -5.68 16.25 -10.42
C ARG A 120 -5.77 17.56 -11.20
N ASP A 121 -4.72 17.86 -11.96
CA ASP A 121 -4.69 19.08 -12.76
C ASP A 121 -4.69 18.77 -14.25
N ASP A 122 -5.48 17.78 -14.64
CA ASP A 122 -5.57 17.38 -16.04
C ASP A 122 -6.85 17.92 -16.69
N PRO A 123 -6.74 18.62 -17.83
CA PRO A 123 -7.89 19.19 -18.53
C PRO A 123 -8.93 18.12 -18.87
N SER A 124 -8.46 16.98 -19.37
CA SER A 124 -9.36 15.88 -19.73
C SER A 124 -10.19 15.44 -18.54
N THR A 125 -9.66 15.64 -17.34
CA THR A 125 -10.36 15.27 -16.11
C THR A 125 -11.72 15.97 -16.03
N ILE A 126 -11.69 17.28 -15.85
CA ILE A 126 -12.91 18.07 -15.75
C ILE A 126 -13.87 17.75 -16.90
N GLU A 127 -13.30 17.52 -18.07
CA GLU A 127 -14.10 17.20 -19.26
C GLU A 127 -15.08 16.07 -18.96
N LYS A 128 -14.54 14.87 -18.72
CA LYS A 128 -15.38 13.72 -18.42
C LYS A 128 -16.02 13.85 -17.05
N LEU A 129 -15.30 14.47 -16.11
CA LEU A 129 -15.82 14.66 -14.76
C LEU A 129 -17.21 15.27 -14.81
N ALA A 130 -17.49 16.00 -15.89
CA ALA A 130 -18.80 16.63 -16.06
C ALA A 130 -19.87 15.60 -16.38
N LYS A 131 -19.45 14.46 -16.92
CA LYS A 131 -20.39 13.39 -17.26
C LYS A 131 -20.68 12.51 -16.05
N ASN A 132 -19.83 12.59 -15.04
CA ASN A 132 -20.01 11.79 -13.83
C ASN A 132 -20.75 12.57 -12.75
N LYS A 133 -21.62 13.49 -13.19
CA LYS A 133 -22.40 14.31 -12.27
C LYS A 133 -21.54 15.39 -11.62
N GLN A 134 -20.51 15.82 -12.34
CA GLN A 134 -19.60 16.84 -11.83
C GLN A 134 -18.95 16.39 -10.53
N LYS A 135 -18.41 17.36 -9.79
CA LYS A 135 -17.76 17.07 -8.52
C LYS A 135 -16.43 16.34 -8.75
N PRO A 136 -15.33 17.09 -8.88
CA PRO A 136 -14.00 16.51 -9.11
C PRO A 136 -13.47 15.79 -7.88
N ILE A 137 -13.23 14.49 -8.02
CA ILE A 137 -12.72 13.68 -6.92
C ILE A 137 -11.51 14.34 -6.26
N THR A 138 -11.60 14.56 -4.95
CA THR A 138 -10.51 15.17 -4.21
C THR A 138 -9.99 14.24 -3.13
N PRO A 139 -8.94 14.64 -2.40
CA PRO A 139 -8.35 13.82 -1.33
C PRO A 139 -9.38 13.40 -0.30
N GLU A 140 -10.48 14.14 -0.22
CA GLU A 140 -11.55 13.83 0.72
C GLU A 140 -12.50 12.79 0.16
N THR A 141 -12.73 12.85 -1.16
CA THR A 141 -13.61 11.90 -1.83
C THR A 141 -13.23 10.47 -1.49
N ALA A 142 -12.01 10.08 -1.87
CA ALA A 142 -11.53 8.74 -1.60
C ALA A 142 -11.77 8.35 -0.15
N GLU A 143 -11.44 9.25 0.76
CA GLU A 143 -11.63 9.01 2.19
C GLU A 143 -13.08 8.67 2.48
N LYS A 144 -13.99 9.39 1.83
CA LYS A 144 -15.42 9.18 2.02
C LYS A 144 -15.79 7.73 1.67
N LEU A 145 -15.10 7.18 0.68
CA LEU A 145 -15.35 5.82 0.23
C LEU A 145 -14.84 4.81 1.27
N ALA A 146 -13.77 5.19 1.96
CA ALA A 146 -13.17 4.32 2.98
C ALA A 146 -14.07 4.23 4.21
N ARG A 147 -14.74 5.33 4.52
CA ARG A 147 -15.63 5.37 5.69
C ARG A 147 -17.01 4.83 5.34
N ASP A 148 -17.45 5.07 4.10
CA ASP A 148 -18.76 4.60 3.66
C ASP A 148 -18.90 3.09 3.85
N LEU A 149 -18.03 2.35 3.18
CA LEU A 149 -18.05 0.88 3.29
C LEU A 149 -17.84 0.42 4.73
N LYS A 150 -17.34 1.32 5.57
CA LYS A 150 -17.09 1.01 6.98
C LYS A 150 -15.82 0.17 7.15
N ALA A 151 -14.68 0.84 7.14
CA ALA A 151 -13.39 0.17 7.29
C ALA A 151 -12.51 0.91 8.28
N VAL A 152 -11.26 0.47 8.41
CA VAL A 152 -10.32 1.12 9.33
C VAL A 152 -10.34 2.63 9.16
N LYS A 153 -10.64 3.09 7.96
CA LYS A 153 -10.70 4.52 7.66
C LYS A 153 -9.38 5.22 7.96
N TYR A 154 -8.84 5.90 6.95
CA TYR A 154 -7.59 6.62 7.10
C TYR A 154 -7.51 7.77 6.11
N VAL A 155 -7.25 8.98 6.62
CA VAL A 155 -7.18 10.17 5.77
C VAL A 155 -5.74 10.51 5.42
N GLU A 156 -5.50 10.77 4.14
CA GLU A 156 -4.17 11.12 3.64
C GLU A 156 -4.24 11.75 2.27
N CYS A 157 -3.45 12.80 2.06
CA CYS A 157 -3.43 13.50 0.77
C CYS A 157 -2.20 13.08 -0.04
N SER A 158 -2.00 13.73 -1.18
CA SER A 158 -0.87 13.43 -2.04
C SER A 158 0.35 14.25 -1.65
N ALA A 159 1.51 13.85 -2.15
CA ALA A 159 2.75 14.54 -1.86
C ALA A 159 2.69 16.01 -2.32
N LEU A 160 3.86 16.62 -2.51
CA LEU A 160 3.91 18.01 -2.94
C LEU A 160 3.02 18.89 -2.08
N THR A 161 2.77 18.46 -0.85
CA THR A 161 1.92 19.21 0.07
C THR A 161 1.92 18.57 1.46
N GLN A 162 1.25 17.43 1.58
CA GLN A 162 1.19 16.73 2.86
C GLN A 162 0.34 17.50 3.85
N LYS A 163 -0.79 16.91 4.26
CA LYS A 163 -1.69 17.54 5.21
C LYS A 163 -1.55 16.93 6.60
N GLY A 164 -1.97 15.68 6.73
CA GLY A 164 -1.87 14.99 8.00
C GLY A 164 -2.04 13.48 7.86
N LEU A 165 -0.91 12.78 7.79
CA LEU A 165 -0.94 11.33 7.66
C LEU A 165 -0.84 10.64 9.02
N LYS A 166 -0.55 11.42 10.06
CA LYS A 166 -0.44 10.88 11.41
C LYS A 166 -1.70 10.09 11.76
N ASN A 167 -2.84 10.55 11.25
CA ASN A 167 -4.11 9.90 11.50
C ASN A 167 -4.14 8.52 10.84
N VAL A 168 -3.46 8.41 9.70
CA VAL A 168 -3.40 7.16 8.96
C VAL A 168 -2.66 6.10 9.76
N PHE A 169 -1.38 6.33 10.03
CA PHE A 169 -0.57 5.40 10.78
C PHE A 169 -1.24 5.03 12.09
N ASP A 170 -2.00 5.95 12.66
CA ASP A 170 -2.71 5.71 13.91
C ASP A 170 -3.75 4.62 13.74
N GLU A 171 -4.52 4.69 12.66
CA GLU A 171 -5.56 3.70 12.38
C GLU A 171 -4.99 2.52 11.59
N ALA A 172 -4.32 2.83 10.48
CA ALA A 172 -3.73 1.80 9.64
C ALA A 172 -2.90 0.82 10.47
N ILE A 173 -2.37 1.30 11.60
CA ILE A 173 -1.58 0.46 12.48
C ILE A 173 -2.44 -0.12 13.60
N LEU A 174 -3.36 0.68 14.10
CA LEU A 174 -4.26 0.25 15.17
C LEU A 174 -4.99 -1.03 14.79
N ALA A 175 -5.30 -1.17 13.50
CA ALA A 175 -6.00 -2.35 13.02
C ALA A 175 -5.28 -3.62 13.46
N ALA A 176 -3.97 -3.54 13.63
CA ALA A 176 -3.18 -4.68 14.05
C ALA A 176 -3.38 -4.98 15.53
N LEU A 177 -3.77 -3.94 16.29
CA LEU A 177 -4.00 -4.08 17.72
C LEU A 177 -5.48 -4.35 18.01
N GLU A 178 -6.07 -5.27 17.25
CA GLU A 178 -7.47 -5.61 17.42
C GLU A 178 -7.74 -6.14 18.83
N PRO A 179 -7.13 -7.29 19.18
CA PRO A 179 -7.30 -7.90 20.50
C PRO A 179 -6.63 -7.09 21.61
N PRO A 180 -6.88 -7.46 22.88
CA PRO A 180 -6.29 -6.76 24.03
C PRO A 180 -4.80 -7.05 24.17
N GLU A 181 -4.05 -6.07 24.67
CA GLU A 181 -2.62 -6.22 24.86
C GLU A 181 -2.32 -7.35 25.84
N PRO A 182 -1.15 -8.00 25.70
CA PRO A 182 -0.75 -9.10 26.57
C PRO A 182 -0.42 -8.63 27.99
N LYS A 183 -1.43 -8.63 28.85
CA LYS A 183 -1.25 -8.19 30.23
C LYS A 183 -1.38 -9.37 31.18
N LYS A 184 -0.33 -9.61 31.98
CA LYS A 184 -0.33 -10.69 32.94
C LYS A 184 -0.36 -12.05 32.23
N GLY B 1 2.10 10.97 23.92
CA GLY B 1 2.60 10.49 22.60
C GLY B 1 2.32 9.02 22.37
N SER B 2 1.08 8.69 22.01
CA SER B 2 0.71 7.31 21.76
C SER B 2 1.46 6.74 20.56
N ILE B 3 0.94 6.98 19.36
CA ILE B 3 1.57 6.50 18.14
C ILE B 3 2.28 7.64 17.42
N SER B 4 3.36 7.31 16.72
CA SER B 4 4.13 8.30 15.99
C SER B 4 4.56 7.77 14.61
N LEU B 5 4.46 8.62 13.61
CA LEU B 5 4.83 8.24 12.25
C LEU B 5 6.31 7.83 12.19
N PRO B 6 6.60 6.63 11.65
CA PRO B 6 7.97 6.12 11.54
C PRO B 6 8.91 7.12 10.88
N SER B 7 10.20 6.83 10.90
CA SER B 7 11.20 7.71 10.30
C SER B 7 12.24 6.93 9.51
N ASP B 8 13.04 6.14 10.22
CA ASP B 8 14.08 5.34 9.58
C ASP B 8 13.52 4.51 8.42
N PHE B 9 13.62 5.04 7.21
CA PHE B 9 13.13 4.36 6.02
C PHE B 9 14.29 3.99 5.10
N GLU B 10 14.20 2.80 4.50
CA GLU B 10 15.24 2.33 3.59
C GLU B 10 14.67 1.35 2.57
N HIS B 11 14.99 1.56 1.30
CA HIS B 11 14.51 0.69 0.24
C HIS B 11 15.17 -0.67 0.35
N THR B 12 14.52 -1.58 1.07
CA THR B 12 15.03 -2.92 1.27
C THR B 12 15.15 -3.69 -0.04
N ILE B 13 14.04 -4.22 -0.54
CA ILE B 13 14.06 -4.98 -1.78
C ILE B 13 13.03 -4.46 -2.79
N HIS B 14 13.51 -4.04 -3.95
CA HIS B 14 12.63 -3.55 -5.00
C HIS B 14 12.51 -4.61 -6.10
N VAL B 15 11.44 -5.40 -6.02
CA VAL B 15 11.21 -6.48 -6.97
C VAL B 15 10.62 -5.95 -8.28
N GLY B 16 10.84 -6.72 -9.35
CA GLY B 16 10.33 -6.33 -10.66
C GLY B 16 9.94 -7.54 -11.50
N PHE B 17 9.44 -7.29 -12.69
CA PHE B 17 9.03 -8.37 -13.58
C PHE B 17 10.21 -8.87 -14.42
N ASP B 18 10.63 -10.10 -14.16
CA ASP B 18 11.74 -10.71 -14.87
C ASP B 18 11.25 -11.70 -15.92
N ALA B 19 11.15 -11.26 -17.16
CA ALA B 19 10.69 -12.12 -18.25
C ALA B 19 11.77 -13.09 -18.71
N VAL B 20 12.95 -13.04 -18.09
CA VAL B 20 14.03 -13.93 -18.45
C VAL B 20 13.62 -15.40 -18.34
N THR B 21 13.01 -15.74 -17.20
CA THR B 21 12.56 -17.11 -16.96
C THR B 21 11.05 -17.17 -16.72
N GLY B 22 10.47 -16.05 -16.32
CA GLY B 22 9.05 -16.01 -16.07
C GLY B 22 8.73 -15.63 -14.62
N GLU B 23 9.74 -15.15 -13.89
CA GLU B 23 9.56 -14.75 -12.51
C GLU B 23 9.93 -13.29 -12.31
N PHE B 24 9.89 -12.84 -11.06
CA PHE B 24 10.23 -11.46 -10.74
C PHE B 24 11.75 -11.28 -10.64
N THR B 25 12.19 -10.03 -10.67
CA THR B 25 13.62 -9.73 -10.57
C THR B 25 14.02 -9.42 -9.12
N GLY B 26 15.27 -9.71 -8.79
CA GLY B 26 15.75 -9.46 -7.45
C GLY B 26 14.82 -9.98 -6.38
N MET B 27 14.40 -11.23 -6.54
CA MET B 27 13.49 -11.86 -5.59
C MET B 27 14.08 -11.85 -4.19
N PRO B 28 13.36 -11.32 -3.19
CA PRO B 28 13.84 -11.27 -1.81
C PRO B 28 14.34 -12.63 -1.34
N GLU B 29 15.27 -12.63 -0.39
CA GLU B 29 15.83 -13.87 0.13
C GLU B 29 14.75 -14.92 0.37
N GLN B 30 13.66 -14.52 1.04
CA GLN B 30 12.56 -15.43 1.33
C GLN B 30 11.67 -15.62 0.11
N TRP B 31 11.21 -14.51 -0.46
CA TRP B 31 10.36 -14.57 -1.65
C TRP B 31 10.99 -15.46 -2.71
N ALA B 32 12.25 -15.19 -3.00
CA ALA B 32 13.01 -15.96 -3.98
C ALA B 32 13.13 -17.41 -3.54
N ARG B 33 13.65 -17.61 -2.35
CA ARG B 33 13.83 -18.95 -1.81
C ARG B 33 12.53 -19.74 -1.86
N LEU B 34 11.44 -19.09 -1.45
CA LEU B 34 10.14 -19.73 -1.44
C LEU B 34 9.86 -20.41 -2.78
N LEU B 35 9.91 -19.63 -3.86
CA LEU B 35 9.67 -20.16 -5.20
C LEU B 35 10.98 -20.53 -5.89
N GLN B 36 11.77 -19.50 -6.23
CA GLN B 36 13.04 -19.72 -6.90
C GLN B 36 14.12 -20.17 -5.92
N THR B 37 15.01 -19.25 -5.49
CA THR B 37 16.08 -19.59 -4.57
C THR B 37 16.76 -18.34 -4.01
N SER B 38 17.04 -17.39 -4.90
CA SER B 38 17.71 -16.15 -4.51
C SER B 38 17.26 -14.96 -5.35
N ASN B 39 17.73 -13.78 -4.97
CA ASN B 39 17.40 -12.55 -5.70
C ASN B 39 18.06 -12.57 -7.07
N ILE B 40 17.39 -13.19 -8.02
CA ILE B 40 17.90 -13.30 -9.37
C ILE B 40 18.16 -11.91 -9.98
N THR B 41 19.38 -11.41 -9.75
CA THR B 41 19.81 -10.09 -10.25
C THR B 41 20.98 -9.56 -9.41
N LYS B 42 21.06 -10.02 -8.17
CA LYS B 42 22.11 -9.59 -7.24
C LYS B 42 21.75 -8.26 -6.59
N SER B 43 20.52 -8.18 -6.09
CA SER B 43 20.05 -6.97 -5.44
C SER B 43 21.01 -6.52 -4.34
N GLU B 44 21.66 -7.50 -3.71
CA GLU B 44 22.61 -7.21 -2.64
C GLU B 44 23.24 -8.50 -2.12
N GLN B 45 24.56 -8.47 -1.93
CA GLN B 45 25.28 -9.63 -1.43
C GLN B 45 25.79 -9.39 -0.01
N LYS B 46 26.20 -10.47 0.65
CA LYS B 46 26.71 -10.37 2.02
C LYS B 46 28.16 -9.93 2.02
PG GNP C . 6.35 3.19 -9.56
O1G GNP C . 7.74 3.38 -10.04
O2G GNP C . 6.06 1.95 -8.81
O3G GNP C . 5.42 3.15 -10.86
N3B GNP C . 6.00 4.46 -8.55
PB GNP C . 4.69 4.48 -7.52
O1B GNP C . 3.54 3.94 -8.28
O2B GNP C . 5.09 3.76 -6.29
O3A GNP C . 4.27 5.97 -7.07
PA GNP C . 3.24 6.99 -7.74
O1A GNP C . 1.88 6.72 -7.18
O2A GNP C . 3.44 6.96 -9.20
O5' GNP C . 3.73 8.42 -7.18
C5' GNP C . 2.88 9.57 -7.24
C4' GNP C . 3.40 10.71 -6.38
O4' GNP C . 2.37 11.19 -5.50
C3' GNP C . 4.57 10.25 -5.52
O3' GNP C . 5.75 11.00 -5.83
C2' GNP C . 4.17 10.47 -4.09
O2' GNP C . 5.09 11.35 -3.43
C1' GNP C . 2.78 11.08 -4.13
N9 GNP C . 1.82 10.25 -3.36
C8 GNP C . 1.15 9.14 -3.74
N7 GNP C . 0.37 8.58 -2.87
C5 GNP C . 0.52 9.43 -1.77
C6 GNP C . -0.09 9.37 -0.47
O6 GNP C . -0.89 8.55 -0.04
N1 GNP C . 0.34 10.43 0.35
C2 GNP C . 1.24 11.42 -0.02
N2 GNP C . 1.52 12.34 0.90
N3 GNP C . 1.81 11.47 -1.24
C4 GNP C . 1.41 10.46 -2.06
HNB3 GNP C . 6.59 5.25 -8.57
H5'2 GNP C . 1.89 9.28 -6.90
H5'1 GNP C . 2.81 9.90 -8.28
H4' GNP C . 3.72 11.52 -7.02
H3' GNP C . 4.74 9.19 -5.69
HO3' GNP C . 5.98 10.80 -6.75
H2' GNP C . 4.13 9.51 -3.57
HO2' GNP C . 5.95 11.18 -3.80
H1' GNP C . 2.81 12.07 -3.68
H8 GNP C . 1.27 8.72 -4.74
HN1 GNP C . -0.04 10.45 1.26
HN21 GNP C . 2.18 13.08 0.69
HN22 GNP C . 1.09 12.29 1.81
MG MG D . 5.80 1.49 -6.52
N MET A 1 6.40 -8.49 22.59
CA MET A 1 6.70 -7.98 21.23
C MET A 1 5.91 -8.73 20.16
N GLN A 2 5.05 -8.00 19.45
CA GLN A 2 4.24 -8.60 18.41
C GLN A 2 4.69 -8.12 17.03
N THR A 3 4.96 -9.08 16.14
CA THR A 3 5.40 -8.76 14.79
C THR A 3 4.23 -8.71 13.83
N ILE A 4 4.36 -7.89 12.79
CA ILE A 4 3.31 -7.74 11.78
C ILE A 4 3.87 -7.26 10.45
N LYS A 5 3.27 -7.70 9.36
CA LYS A 5 3.72 -7.31 8.02
C LYS A 5 2.55 -6.79 7.19
N CYS A 6 2.61 -5.51 6.83
CA CYS A 6 1.57 -4.90 6.03
C CYS A 6 1.71 -5.28 4.55
N VAL A 7 0.59 -5.25 3.83
CA VAL A 7 0.61 -5.60 2.42
C VAL A 7 -0.39 -4.76 1.63
N VAL A 8 -0.04 -4.42 0.39
CA VAL A 8 -0.90 -3.63 -0.47
C VAL A 8 -1.29 -4.40 -1.72
N VAL A 9 -2.57 -4.34 -2.09
CA VAL A 9 -3.07 -5.03 -3.26
C VAL A 9 -3.82 -4.08 -4.19
N GLY A 10 -3.36 -4.00 -5.44
CA GLY A 10 -4.00 -3.13 -6.41
C GLY A 10 -3.03 -2.19 -7.08
N ASP A 11 -3.48 -1.52 -8.13
CA ASP A 11 -2.63 -0.59 -8.86
C ASP A 11 -3.05 0.86 -8.60
N GLY A 12 -2.08 1.69 -8.25
CA GLY A 12 -2.38 3.09 -7.97
C GLY A 12 -1.25 3.78 -7.22
N ALA A 13 -0.48 3.00 -6.46
CA ALA A 13 0.64 3.53 -5.68
C ALA A 13 0.20 4.09 -4.32
N VAL A 14 -0.92 4.80 -4.30
CA VAL A 14 -1.44 5.38 -3.07
C VAL A 14 -1.47 4.36 -1.92
N GLY A 15 -1.50 3.08 -2.28
CA GLY A 15 -1.53 2.02 -1.29
C GLY A 15 -0.37 2.08 -0.32
N LYS A 16 0.48 1.06 -0.37
CA LYS A 16 1.64 1.00 0.54
C LYS A 16 2.91 1.53 -0.12
N THR A 17 3.37 0.84 -1.16
CA THR A 17 4.61 1.21 -1.87
C THR A 17 4.79 2.72 -1.95
N CYS A 18 4.01 3.39 -2.78
CA CYS A 18 4.11 4.84 -2.92
C CYS A 18 4.04 5.50 -1.55
N LEU A 19 3.20 4.95 -0.67
CA LEU A 19 3.04 5.49 0.66
C LEU A 19 4.40 5.71 1.33
N LEU A 20 5.08 4.62 1.69
CA LEU A 20 6.40 4.72 2.32
C LEU A 20 7.25 5.80 1.68
N ILE A 21 7.12 5.93 0.37
CA ILE A 21 7.88 6.95 -0.35
C ILE A 21 7.68 8.33 0.29
N SER A 22 6.48 8.88 0.16
CA SER A 22 6.20 10.19 0.74
C SER A 22 5.69 10.03 2.17
N TYR A 23 4.70 9.15 2.32
CA TYR A 23 4.09 8.86 3.61
C TYR A 23 5.13 8.65 4.71
N THR A 24 6.11 7.79 4.45
CA THR A 24 7.13 7.48 5.44
C THR A 24 8.41 8.30 5.27
N THR A 25 9.33 7.80 4.47
CA THR A 25 10.61 8.46 4.24
C THR A 25 10.43 9.90 3.74
N ASN A 26 9.30 10.17 3.09
CA ASN A 26 9.03 11.51 2.57
C ASN A 26 9.95 11.80 1.38
N LYS A 27 9.87 10.96 0.35
CA LYS A 27 10.68 11.12 -0.85
C LYS A 27 9.86 10.93 -2.11
N PHE A 28 10.54 10.67 -3.22
CA PHE A 28 9.87 10.45 -4.49
C PHE A 28 10.41 9.20 -5.18
N PRO A 29 9.58 8.50 -5.96
CA PRO A 29 9.98 7.28 -6.66
C PRO A 29 11.40 7.38 -7.23
N SER A 30 12.19 6.34 -7.02
CA SER A 30 13.56 6.28 -7.51
C SER A 30 13.67 5.33 -8.69
N GLU A 31 13.85 4.05 -8.40
CA GLU A 31 13.97 3.04 -9.44
C GLU A 31 12.59 2.71 -9.99
N TYR A 32 12.21 3.37 -11.09
CA TYR A 32 10.91 3.12 -11.69
C TYR A 32 10.83 1.72 -12.26
N VAL A 33 10.23 0.82 -11.49
CA VAL A 33 10.07 -0.56 -11.90
C VAL A 33 8.88 -1.17 -11.19
N PRO A 34 8.05 -1.96 -11.91
CA PRO A 34 6.86 -2.59 -11.34
C PRO A 34 7.08 -3.06 -9.90
N THR A 35 6.79 -2.18 -8.94
CA THR A 35 6.95 -2.51 -7.54
C THR A 35 6.24 -3.80 -7.18
N VAL A 36 6.93 -4.92 -7.31
CA VAL A 36 6.35 -6.21 -6.99
C VAL A 36 6.36 -6.44 -5.49
N PHE A 37 7.30 -5.78 -4.80
CA PHE A 37 7.43 -5.90 -3.36
C PHE A 37 7.97 -4.61 -2.75
N ASP A 38 9.24 -4.34 -3.01
CA ASP A 38 9.89 -3.15 -2.47
C ASP A 38 9.91 -3.24 -0.95
N ASN A 39 11.09 -3.02 -0.36
CA ASN A 39 11.22 -3.10 1.08
C ASN A 39 11.41 -1.72 1.70
N TYR A 40 11.08 -1.62 2.98
CA TYR A 40 11.20 -0.36 3.70
C TYR A 40 11.43 -0.59 5.19
N ALA A 41 11.95 0.43 5.86
CA ALA A 41 12.21 0.35 7.29
C ALA A 41 11.43 1.43 8.04
N VAL A 42 10.66 1.02 9.04
CA VAL A 42 9.88 1.98 9.81
C VAL A 42 9.70 1.53 11.26
N THR A 43 9.79 2.51 12.16
CA THR A 43 9.63 2.23 13.59
C THR A 43 8.71 3.28 14.21
N VAL A 44 7.51 2.85 14.58
CA VAL A 44 6.53 3.75 15.18
C VAL A 44 6.53 3.64 16.68
N MET A 45 6.76 4.76 17.35
CA MET A 45 6.78 4.80 18.80
C MET A 45 5.40 5.09 19.37
N ILE A 46 4.72 4.04 19.82
CA ILE A 46 3.38 4.19 20.38
C ILE A 46 3.45 4.31 21.90
N GLY A 47 3.24 5.52 22.39
CA GLY A 47 3.29 5.76 23.82
C GLY A 47 4.69 5.68 24.39
N GLY A 48 5.69 5.74 23.49
CA GLY A 48 7.08 5.68 23.92
C GLY A 48 7.65 4.28 23.87
N GLU A 49 7.28 3.53 22.83
CA GLU A 49 7.77 2.16 22.66
C GLU A 49 8.04 1.87 21.19
N PRO A 50 9.28 1.43 20.86
CA PRO A 50 9.66 1.12 19.48
C PRO A 50 8.79 0.02 18.87
N TYR A 51 8.79 -0.07 17.55
CA TYR A 51 8.00 -1.09 16.85
C TYR A 51 8.70 -1.57 15.59
N THR A 52 8.24 -2.69 15.05
CA THR A 52 8.81 -3.26 13.84
C THR A 52 7.71 -3.63 12.85
N LEU A 53 7.68 -2.91 11.73
CA LEU A 53 6.67 -3.17 10.70
C LEU A 53 7.32 -3.54 9.37
N GLY A 54 6.74 -4.53 8.70
CA GLY A 54 7.27 -4.97 7.42
C GLY A 54 6.22 -4.97 6.33
N LEU A 55 6.26 -3.97 5.46
CA LEU A 55 5.29 -3.85 4.39
C LEU A 55 5.71 -4.69 3.18
N PHE A 56 4.71 -5.17 2.44
CA PHE A 56 4.96 -5.97 1.25
C PHE A 56 4.01 -5.59 0.11
N ASP A 57 4.57 -5.10 -0.98
CA ASP A 57 3.77 -4.69 -2.13
C ASP A 57 3.16 -5.89 -2.83
N THR A 58 2.01 -5.67 -3.48
CA THR A 58 1.32 -6.73 -4.20
C THR A 58 0.40 -6.14 -5.27
N ALA A 59 0.53 -6.64 -6.49
CA ALA A 59 -0.28 -6.15 -7.60
C ALA A 59 -1.52 -7.01 -7.80
N GLY A 60 -2.06 -7.53 -6.70
CA GLY A 60 -3.25 -8.36 -6.78
C GLY A 60 -3.13 -9.44 -7.84
N LEU A 61 -3.80 -9.22 -8.97
CA LEU A 61 -3.77 -10.19 -10.06
C LEU A 61 -4.12 -11.59 -9.57
N GLU A 62 -3.93 -12.58 -10.42
CA GLU A 62 -4.22 -13.96 -10.08
C GLU A 62 -2.94 -14.79 -10.00
N ASP A 63 -1.91 -14.36 -10.73
CA ASP A 63 -0.64 -15.07 -10.75
C ASP A 63 0.06 -14.95 -9.40
N TYR A 64 -0.28 -13.92 -8.64
CA TYR A 64 0.32 -13.69 -7.33
C TYR A 64 -0.04 -14.82 -6.35
N ASP A 65 -1.00 -15.66 -6.72
CA ASP A 65 -1.42 -16.78 -5.87
C ASP A 65 -0.23 -17.46 -5.20
N ARG A 66 0.82 -17.70 -5.98
CA ARG A 66 2.02 -18.34 -5.46
C ARG A 66 2.81 -17.37 -4.60
N LEU A 67 2.79 -16.09 -4.99
CA LEU A 67 3.50 -15.06 -4.26
C LEU A 67 2.59 -14.42 -3.20
N ARG A 68 1.43 -15.03 -2.95
CA ARG A 68 0.48 -14.52 -1.97
C ARG A 68 0.83 -14.95 -0.54
N PRO A 69 0.80 -16.27 -0.24
CA PRO A 69 1.12 -16.78 1.09
C PRO A 69 2.39 -16.15 1.64
N LEU A 70 3.27 -15.73 0.74
CA LEU A 70 4.52 -15.10 1.12
C LEU A 70 4.27 -13.92 2.04
N SER A 71 3.21 -13.16 1.75
CA SER A 71 2.85 -12.00 2.55
C SER A 71 1.85 -12.36 3.63
N TYR A 72 1.23 -13.54 3.51
CA TYR A 72 0.25 -14.00 4.50
C TYR A 72 -0.94 -13.04 4.57
N PRO A 73 -2.17 -13.58 4.69
CA PRO A 73 -3.38 -12.77 4.77
C PRO A 73 -3.62 -12.20 6.16
N GLN A 74 -3.47 -13.05 7.16
CA GLN A 74 -3.68 -12.65 8.55
C GLN A 74 -2.56 -11.72 9.04
N THR A 75 -1.51 -11.58 8.23
CA THR A 75 -0.38 -10.70 8.58
C THR A 75 -0.84 -9.40 9.22
N ASP A 76 -1.81 -8.75 8.59
CA ASP A 76 -2.36 -7.49 9.09
C ASP A 76 -3.30 -6.86 8.09
N VAL A 77 -3.65 -5.59 8.31
CA VAL A 77 -4.55 -4.88 7.41
C VAL A 77 -3.98 -4.86 6.00
N PHE A 78 -4.83 -4.56 5.01
CA PHE A 78 -4.40 -4.52 3.63
C PHE A 78 -4.44 -3.09 3.10
N LEU A 79 -3.46 -2.76 2.26
CA LEU A 79 -3.39 -1.43 1.67
C LEU A 79 -3.85 -1.48 0.22
N VAL A 80 -4.50 -0.42 -0.24
CA VAL A 80 -5.00 -0.37 -1.60
C VAL A 80 -4.61 0.94 -2.29
N CYS A 81 -4.47 0.87 -3.61
CA CYS A 81 -4.10 2.05 -4.39
C CYS A 81 -5.16 2.35 -5.44
N PHE A 82 -5.97 3.37 -5.17
CA PHE A 82 -7.04 3.76 -6.10
C PHE A 82 -6.98 5.25 -6.40
N SER A 83 -6.86 5.59 -7.68
CA SER A 83 -6.80 7.00 -8.09
C SER A 83 -8.01 7.75 -7.55
N VAL A 84 -8.09 9.03 -7.89
CA VAL A 84 -9.19 9.87 -7.43
C VAL A 84 -9.81 10.65 -8.59
N VAL A 85 -9.12 11.68 -9.05
CA VAL A 85 -9.60 12.50 -10.16
C VAL A 85 -10.03 11.64 -11.33
N SER A 86 -9.05 11.03 -12.01
CA SER A 86 -9.33 10.18 -13.16
C SER A 86 -10.47 9.21 -12.86
N PRO A 87 -11.69 9.53 -13.35
CA PRO A 87 -12.87 8.69 -13.14
C PRO A 87 -12.73 7.32 -13.80
N SER A 88 -11.86 7.23 -14.79
CA SER A 88 -11.63 5.98 -15.50
C SER A 88 -11.11 4.90 -14.56
N SER A 89 -10.11 5.25 -13.77
CA SER A 89 -9.52 4.31 -12.82
C SER A 89 -10.39 4.16 -11.58
N PHE A 90 -11.00 5.26 -11.15
CA PHE A 90 -11.86 5.26 -9.98
C PHE A 90 -12.91 4.15 -10.08
N GLU A 91 -13.82 4.28 -11.05
CA GLU A 91 -14.86 3.29 -11.25
C GLU A 91 -14.27 1.89 -11.34
N ASN A 92 -13.15 1.78 -12.06
CA ASN A 92 -12.48 0.49 -12.22
C ASN A 92 -12.05 -0.07 -10.87
N VAL A 93 -11.13 0.62 -10.22
CA VAL A 93 -10.61 0.20 -8.91
C VAL A 93 -11.73 -0.34 -8.01
N LYS A 94 -12.87 0.35 -8.02
CA LYS A 94 -13.99 -0.06 -7.20
C LYS A 94 -14.48 -1.47 -7.56
N GLU A 95 -15.08 -1.60 -8.74
CA GLU A 95 -15.60 -2.88 -9.20
C GLU A 95 -14.51 -3.79 -9.77
N LYS A 96 -13.25 -3.39 -9.64
CA LYS A 96 -12.15 -4.19 -10.18
C LYS A 96 -11.22 -4.70 -9.07
N TRP A 97 -10.90 -3.83 -8.11
CA TRP A 97 -10.00 -4.20 -7.02
C TRP A 97 -10.77 -4.66 -5.78
N VAL A 98 -11.90 -4.03 -5.49
CA VAL A 98 -12.69 -4.39 -4.32
C VAL A 98 -12.94 -5.90 -4.27
N PRO A 99 -13.57 -6.48 -5.31
CA PRO A 99 -13.85 -7.92 -5.36
C PRO A 99 -12.57 -8.75 -5.31
N GLU A 100 -11.45 -8.13 -5.68
CA GLU A 100 -10.16 -8.82 -5.67
C GLU A 100 -9.62 -8.91 -4.25
N ILE A 101 -9.94 -7.92 -3.43
CA ILE A 101 -9.48 -7.89 -2.05
C ILE A 101 -9.78 -9.21 -1.35
N THR A 102 -10.80 -9.91 -1.84
CA THR A 102 -11.19 -11.19 -1.26
C THR A 102 -10.20 -12.28 -1.66
N HIS A 103 -9.72 -12.21 -2.90
CA HIS A 103 -8.76 -13.19 -3.41
C HIS A 103 -7.46 -13.14 -2.61
N HIS A 104 -7.04 -11.93 -2.24
CA HIS A 104 -5.82 -11.74 -1.48
C HIS A 104 -6.11 -11.65 0.01
N CYS A 105 -7.33 -11.24 0.35
CA CYS A 105 -7.73 -11.10 1.73
C CYS A 105 -8.95 -11.98 2.04
N PRO A 106 -8.73 -13.18 2.61
CA PRO A 106 -9.79 -14.11 2.95
C PRO A 106 -10.96 -13.43 3.66
N LYS A 107 -10.68 -12.85 4.82
CA LYS A 107 -11.70 -12.16 5.60
C LYS A 107 -11.06 -11.21 6.60
N THR A 108 -9.92 -10.64 6.23
CA THR A 108 -9.21 -9.71 7.10
C THR A 108 -9.55 -8.26 6.73
N PRO A 109 -9.30 -7.32 7.65
CA PRO A 109 -9.57 -5.90 7.40
C PRO A 109 -8.73 -5.32 6.27
N PHE A 110 -9.38 -4.66 5.32
CA PHE A 110 -8.69 -4.07 4.19
C PHE A 110 -8.86 -2.56 4.17
N LEU A 111 -7.74 -1.84 4.14
CA LEU A 111 -7.77 -0.39 4.11
C LEU A 111 -7.63 0.12 2.68
N LEU A 112 -8.64 0.86 2.22
CA LEU A 112 -8.63 1.39 0.86
C LEU A 112 -8.17 2.85 0.86
N VAL A 113 -6.91 3.08 0.47
CA VAL A 113 -6.36 4.42 0.43
C VAL A 113 -6.21 4.90 -1.01
N GLY A 114 -6.53 6.18 -1.24
CA GLY A 114 -6.43 6.75 -2.57
C GLY A 114 -6.50 8.25 -2.56
N THR A 115 -5.75 8.90 -3.45
CA THR A 115 -5.73 10.35 -3.53
C THR A 115 -4.66 10.83 -4.50
N GLN A 116 -4.90 11.99 -5.10
CA GLN A 116 -3.96 12.59 -6.05
C GLN A 116 -4.34 14.03 -6.34
N ILE A 117 -3.74 14.96 -5.61
CA ILE A 117 -4.02 16.39 -5.79
C ILE A 117 -2.96 17.06 -6.65
N ASP A 118 -1.74 16.53 -6.63
CA ASP A 118 -0.66 17.09 -7.41
C ASP A 118 -0.49 16.38 -8.76
N LEU A 119 -0.47 15.05 -8.71
CA LEU A 119 -0.31 14.25 -9.92
C LEU A 119 -1.52 14.41 -10.84
N ARG A 120 -2.69 14.06 -10.33
CA ARG A 120 -3.93 14.16 -11.11
C ARG A 120 -4.27 15.62 -11.39
N ASP A 121 -5.45 15.84 -11.99
CA ASP A 121 -5.91 17.19 -12.32
C ASP A 121 -5.29 17.66 -13.63
N ASP A 122 -5.18 16.75 -14.59
CA ASP A 122 -4.61 17.08 -15.90
C ASP A 122 -5.71 17.39 -16.90
N PRO A 123 -5.34 17.92 -18.08
CA PRO A 123 -6.30 18.26 -19.13
C PRO A 123 -7.18 17.09 -19.53
N SER A 124 -6.73 15.88 -19.21
CA SER A 124 -7.49 14.67 -19.54
C SER A 124 -8.53 14.37 -18.48
N THR A 125 -8.13 14.44 -17.22
CA THR A 125 -9.04 14.18 -16.11
C THR A 125 -10.35 14.96 -16.27
N ILE A 126 -10.25 16.28 -16.30
CA ILE A 126 -11.42 17.13 -16.46
C ILE A 126 -12.26 16.68 -17.64
N GLU A 127 -11.60 16.31 -18.74
CA GLU A 127 -12.29 15.85 -19.93
C GLU A 127 -13.31 14.78 -19.60
N LYS A 128 -12.91 13.81 -18.78
CA LYS A 128 -13.81 12.73 -18.38
C LYS A 128 -14.67 13.15 -17.21
N LEU A 129 -14.11 13.95 -16.30
CA LEU A 129 -14.84 14.42 -15.13
C LEU A 129 -16.18 15.01 -15.55
N ALA A 130 -16.24 15.50 -16.79
CA ALA A 130 -17.45 16.10 -17.32
C ALA A 130 -18.53 15.04 -17.50
N LYS A 131 -18.12 13.79 -17.63
CA LYS A 131 -19.05 12.68 -17.81
C LYS A 131 -19.69 12.30 -16.48
N ASN A 132 -18.85 12.14 -15.46
CA ASN A 132 -19.33 11.77 -14.13
C ASN A 132 -20.24 12.85 -13.56
N LYS A 133 -20.03 14.08 -14.01
CA LYS A 133 -20.84 15.21 -13.55
C LYS A 133 -20.75 15.35 -12.03
N GLN A 134 -19.53 15.40 -11.51
CA GLN A 134 -19.32 15.53 -10.08
C GLN A 134 -18.36 16.69 -9.77
N LYS A 135 -17.06 16.39 -9.78
CA LYS A 135 -16.04 17.40 -9.51
C LYS A 135 -14.68 16.75 -9.26
N PRO A 136 -13.59 17.52 -9.39
CA PRO A 136 -12.24 17.01 -9.17
C PRO A 136 -12.09 16.29 -7.83
N ILE A 137 -12.14 14.96 -7.87
CA ILE A 137 -12.02 14.15 -6.67
C ILE A 137 -10.83 14.60 -5.82
N THR A 138 -11.11 15.01 -4.59
CA THR A 138 -10.06 15.47 -3.68
C THR A 138 -9.89 14.48 -2.53
N PRO A 139 -8.92 14.74 -1.63
CA PRO A 139 -8.67 13.86 -0.49
C PRO A 139 -9.91 13.64 0.37
N GLU A 140 -10.88 14.55 0.24
CA GLU A 140 -12.12 14.46 0.99
C GLU A 140 -13.08 13.46 0.35
N THR A 141 -13.21 13.55 -0.97
CA THR A 141 -14.09 12.66 -1.70
C THR A 141 -13.78 11.21 -1.39
N ALA A 142 -12.49 10.87 -1.41
CA ALA A 142 -12.05 9.51 -1.11
C ALA A 142 -12.68 9.00 0.18
N GLU A 143 -12.70 9.86 1.20
CA GLU A 143 -13.28 9.50 2.49
C GLU A 143 -14.77 9.23 2.36
N LYS A 144 -15.43 10.02 1.53
CA LYS A 144 -16.87 9.87 1.31
C LYS A 144 -17.21 8.43 0.91
N LEU A 145 -16.55 7.94 -0.13
CA LEU A 145 -16.78 6.59 -0.62
C LEU A 145 -16.51 5.57 0.48
N ALA A 146 -15.43 5.79 1.24
CA ALA A 146 -15.07 4.88 2.32
C ALA A 146 -16.23 4.69 3.29
N ARG A 147 -16.94 5.78 3.59
CA ARG A 147 -18.08 5.73 4.49
C ARG A 147 -19.19 4.87 3.91
N ASP A 148 -19.49 5.09 2.64
CA ASP A 148 -20.53 4.33 1.96
C ASP A 148 -20.20 2.84 1.93
N LEU A 149 -18.94 2.52 1.65
CA LEU A 149 -18.50 1.14 1.60
C LEU A 149 -18.24 0.60 3.00
N LYS A 150 -17.91 1.49 3.93
CA LYS A 150 -17.65 1.11 5.30
C LYS A 150 -16.37 0.28 5.40
N ALA A 151 -15.39 0.79 6.13
CA ALA A 151 -14.12 0.10 6.31
C ALA A 151 -13.37 0.61 7.53
N VAL A 152 -12.07 0.33 7.58
CA VAL A 152 -11.24 0.77 8.70
C VAL A 152 -11.03 2.28 8.69
N LYS A 153 -11.47 2.95 7.62
CA LYS A 153 -11.32 4.40 7.50
C LYS A 153 -9.91 4.76 7.04
N TYR A 154 -9.82 5.76 6.15
CA TYR A 154 -8.53 6.19 5.63
C TYR A 154 -8.56 7.66 5.22
N VAL A 155 -7.42 8.33 5.36
CA VAL A 155 -7.30 9.73 5.00
C VAL A 155 -5.84 10.10 4.74
N GLU A 156 -5.56 10.63 3.56
CA GLU A 156 -4.20 11.03 3.19
C GLU A 156 -4.20 11.79 1.87
N CYS A 157 -3.25 12.70 1.72
CA CYS A 157 -3.13 13.47 0.50
C CYS A 157 -1.90 13.02 -0.29
N SER A 158 -1.59 13.70 -1.38
CA SER A 158 -0.44 13.34 -2.19
C SER A 158 0.83 13.99 -1.67
N ALA A 159 1.97 13.43 -2.05
CA ALA A 159 3.26 13.95 -1.62
C ALA A 159 3.38 15.42 -1.97
N LEU A 160 4.59 15.95 -1.92
CA LEU A 160 4.82 17.35 -2.27
C LEU A 160 4.20 18.28 -1.23
N THR A 161 2.88 18.22 -1.09
CA THR A 161 2.17 19.06 -0.13
C THR A 161 2.16 18.43 1.25
N GLN A 162 1.41 17.32 1.38
CA GLN A 162 1.30 16.63 2.66
C GLN A 162 0.41 17.40 3.64
N LYS A 163 -0.69 16.79 4.06
CA LYS A 163 -1.61 17.44 4.98
C LYS A 163 -1.49 16.85 6.38
N GLY A 164 -1.90 15.60 6.52
CA GLY A 164 -1.83 14.94 7.82
C GLY A 164 -2.21 13.48 7.74
N LEU A 165 -1.24 12.63 7.41
CA LEU A 165 -1.48 11.20 7.30
C LEU A 165 -1.32 10.50 8.66
N LYS A 166 -0.81 11.24 9.65
CA LYS A 166 -0.62 10.69 10.99
C LYS A 166 -1.88 9.96 11.47
N ASN A 167 -3.03 10.59 11.28
CA ASN A 167 -4.29 10.00 11.70
C ASN A 167 -4.53 8.65 11.03
N VAL A 168 -4.63 8.66 9.70
CA VAL A 168 -4.86 7.44 8.95
C VAL A 168 -3.92 6.32 9.39
N PHE A 169 -2.76 6.71 9.91
CA PHE A 169 -1.78 5.74 10.38
C PHE A 169 -2.20 5.17 11.73
N ASP A 170 -2.53 6.06 12.67
CA ASP A 170 -2.96 5.64 13.99
C ASP A 170 -4.06 4.58 13.90
N GLU A 171 -4.84 4.65 12.82
CA GLU A 171 -5.92 3.69 12.60
C GLU A 171 -5.39 2.40 11.99
N ALA A 172 -4.45 2.52 11.08
CA ALA A 172 -3.87 1.36 10.41
C ALA A 172 -2.81 0.70 11.29
N ILE A 173 -2.25 1.46 12.23
CA ILE A 173 -1.24 0.94 13.13
C ILE A 173 -1.87 0.38 14.41
N LEU A 174 -2.99 0.96 14.81
CA LEU A 174 -3.68 0.52 16.02
C LEU A 174 -4.51 -0.72 15.74
N ALA A 175 -4.93 -0.88 14.49
CA ALA A 175 -5.74 -2.03 14.09
C ALA A 175 -5.03 -3.34 14.45
N ALA A 176 -3.71 -3.35 14.36
CA ALA A 176 -2.93 -4.53 14.68
C ALA A 176 -2.58 -4.57 16.16
N LEU A 177 -2.50 -3.40 16.79
CA LEU A 177 -2.19 -3.31 18.21
C LEU A 177 -3.10 -4.22 19.03
N GLU A 178 -4.31 -4.42 18.55
CA GLU A 178 -5.28 -5.28 19.23
C GLU A 178 -5.26 -6.69 18.66
N PRO A 179 -5.59 -7.70 19.49
CA PRO A 179 -5.60 -9.10 19.06
C PRO A 179 -6.40 -9.30 17.77
N PRO A 180 -5.99 -10.25 16.93
CA PRO A 180 -6.67 -10.54 15.66
C PRO A 180 -8.03 -11.20 15.87
N GLU A 181 -8.87 -11.14 14.84
CA GLU A 181 -10.20 -11.73 14.91
C GLU A 181 -10.14 -13.17 15.43
N PRO A 182 -9.43 -14.05 14.72
CA PRO A 182 -9.30 -15.46 15.12
C PRO A 182 -8.50 -15.63 16.40
N LYS A 183 -8.63 -16.80 17.02
CA LYS A 183 -7.92 -17.09 18.26
C LYS A 183 -6.92 -18.23 18.07
N LYS A 184 -5.64 -17.91 18.24
CA LYS A 184 -4.59 -18.91 18.09
C LYS A 184 -3.69 -18.93 19.31
N GLY B 1 2.07 12.29 22.76
CA GLY B 1 3.00 11.35 22.06
C GLY B 1 2.40 9.96 21.91
N SER B 2 1.09 9.90 21.69
CA SER B 2 0.40 8.63 21.53
C SER B 2 1.07 7.78 20.46
N ILE B 3 1.29 8.37 19.29
CA ILE B 3 1.92 7.68 18.17
C ILE B 3 2.83 8.61 17.39
N SER B 4 3.86 8.04 16.77
CA SER B 4 4.79 8.83 15.97
C SER B 4 5.10 8.14 14.64
N LEU B 5 5.15 8.93 13.57
CA LEU B 5 5.42 8.40 12.24
C LEU B 5 6.86 7.88 12.15
N PRO B 6 7.07 6.75 11.45
CA PRO B 6 8.40 6.16 11.29
C PRO B 6 9.43 7.17 10.79
N SER B 7 10.70 6.81 10.88
CA SER B 7 11.78 7.68 10.44
C SER B 7 12.86 6.90 9.73
N ASP B 8 13.55 6.04 10.47
CA ASP B 8 14.63 5.22 9.90
C ASP B 8 14.12 4.40 8.71
N PHE B 9 14.16 5.01 7.53
CA PHE B 9 13.70 4.33 6.32
C PHE B 9 14.88 3.98 5.42
N GLU B 10 14.86 2.74 4.92
CA GLU B 10 15.91 2.26 4.03
C GLU B 10 15.38 1.17 3.12
N HIS B 11 15.29 1.45 1.83
CA HIS B 11 14.79 0.47 0.88
C HIS B 11 15.80 -0.67 0.74
N THR B 12 15.42 -1.83 1.25
CA THR B 12 16.30 -3.00 1.21
C THR B 12 16.30 -3.65 -0.16
N ILE B 13 15.15 -4.15 -0.61
CA ILE B 13 15.06 -4.80 -1.91
C ILE B 13 14.04 -4.12 -2.81
N HIS B 14 14.34 -4.08 -4.11
CA HIS B 14 13.46 -3.48 -5.09
C HIS B 14 13.15 -4.49 -6.19
N VAL B 15 12.01 -5.16 -6.07
CA VAL B 15 11.61 -6.17 -7.04
C VAL B 15 11.03 -5.53 -8.31
N GLY B 16 11.23 -6.20 -9.44
CA GLY B 16 10.72 -5.71 -10.69
C GLY B 16 10.29 -6.81 -11.63
N PHE B 17 9.77 -6.45 -12.79
CA PHE B 17 9.32 -7.42 -13.78
C PHE B 17 10.34 -7.59 -14.90
N ASP B 18 10.70 -8.83 -15.18
CA ASP B 18 11.67 -9.13 -16.23
C ASP B 18 11.22 -10.32 -17.06
N ALA B 19 11.29 -10.18 -18.38
CA ALA B 19 10.89 -11.24 -19.30
C ALA B 19 11.96 -12.33 -19.41
N VAL B 20 13.05 -12.18 -18.67
CA VAL B 20 14.14 -13.16 -18.70
C VAL B 20 13.60 -14.59 -18.63
N THR B 21 12.45 -14.74 -17.99
CA THR B 21 11.82 -16.05 -17.84
C THR B 21 10.31 -15.93 -17.70
N GLY B 22 9.88 -14.95 -16.91
CA GLY B 22 8.45 -14.73 -16.70
C GLY B 22 8.11 -14.57 -15.23
N GLU B 23 9.02 -13.95 -14.48
CA GLU B 23 8.82 -13.73 -13.06
C GLU B 23 9.48 -12.42 -12.62
N PHE B 24 9.29 -12.05 -11.35
CA PHE B 24 9.88 -10.83 -10.83
C PHE B 24 11.39 -10.98 -10.67
N THR B 25 12.10 -9.87 -10.59
CA THR B 25 13.55 -9.89 -10.43
C THR B 25 13.96 -9.54 -9.00
N GLY B 26 15.14 -9.99 -8.60
CA GLY B 26 15.63 -9.71 -7.27
C GLY B 26 14.66 -10.17 -6.19
N MET B 27 14.05 -11.34 -6.40
CA MET B 27 13.10 -11.88 -5.44
C MET B 27 13.70 -11.90 -4.04
N PRO B 28 13.04 -11.26 -3.07
CA PRO B 28 13.53 -11.22 -1.68
C PRO B 28 13.97 -12.60 -1.18
N GLU B 29 14.88 -12.61 -0.22
CA GLU B 29 15.38 -13.86 0.35
C GLU B 29 14.24 -14.84 0.64
N GLN B 30 13.20 -14.35 1.30
CA GLN B 30 12.05 -15.17 1.64
C GLN B 30 11.15 -15.39 0.43
N TRP B 31 10.70 -14.29 -0.19
CA TRP B 31 9.84 -14.37 -1.35
C TRP B 31 10.40 -15.35 -2.38
N ALA B 32 11.66 -15.13 -2.76
CA ALA B 32 12.33 -15.98 -3.72
C ALA B 32 12.34 -17.43 -3.27
N ARG B 33 12.98 -17.69 -2.13
CA ARG B 33 13.07 -19.04 -1.60
C ARG B 33 11.70 -19.72 -1.59
N LEU B 34 10.69 -19.00 -1.13
CA LEU B 34 9.33 -19.54 -1.07
C LEU B 34 8.94 -20.20 -2.39
N LEU B 35 9.01 -19.44 -3.47
CA LEU B 35 8.67 -19.97 -4.80
C LEU B 35 9.92 -20.44 -5.53
N GLN B 36 10.78 -19.49 -5.90
CA GLN B 36 12.01 -19.81 -6.62
C GLN B 36 13.07 -20.36 -5.67
N THR B 37 14.01 -19.53 -5.25
CA THR B 37 15.08 -19.97 -4.35
C THR B 37 15.84 -18.79 -3.75
N SER B 38 16.08 -17.77 -4.57
CA SER B 38 16.80 -16.58 -4.11
C SER B 38 16.57 -15.39 -5.03
N ASN B 39 17.12 -14.25 -4.65
CA ASN B 39 16.98 -13.02 -5.43
C ASN B 39 17.70 -13.15 -6.78
N ILE B 40 17.13 -13.95 -7.68
CA ILE B 40 17.72 -14.15 -8.99
C ILE B 40 17.91 -12.82 -9.73
N THR B 41 19.05 -12.19 -9.48
CA THR B 41 19.38 -10.90 -10.10
C THR B 41 20.74 -10.42 -9.59
N LYS B 42 20.88 -10.41 -8.27
CA LYS B 42 22.13 -9.99 -7.64
C LYS B 42 22.58 -11.01 -6.61
N SER B 43 21.65 -11.55 -5.84
CA SER B 43 21.96 -12.54 -4.82
C SER B 43 22.71 -11.90 -3.65
N GLU B 44 22.30 -10.69 -3.30
CA GLU B 44 22.92 -9.97 -2.18
C GLU B 44 22.24 -10.31 -0.86
N GLN B 45 22.98 -10.94 0.04
CA GLN B 45 22.44 -11.32 1.34
C GLN B 45 22.88 -10.33 2.42
N LYS B 46 21.99 -10.09 3.38
CA LYS B 46 22.29 -9.17 4.47
C LYS B 46 22.68 -7.80 3.94
PG GNP C . 6.93 3.70 -9.22
O1G GNP C . 8.34 4.13 -9.08
O2G GNP C . 6.56 2.38 -8.64
O3G GNP C . 6.64 3.59 -10.80
N3B GNP C . 5.98 4.84 -8.47
PB GNP C . 4.47 4.51 -7.86
O1B GNP C . 3.69 3.87 -8.95
O2B GNP C . 4.66 3.75 -6.61
O3A GNP C . 3.66 5.84 -7.47
PA GNP C . 2.83 6.88 -8.39
O1A GNP C . 1.39 6.59 -8.21
O2A GNP C . 3.43 6.86 -9.73
O5' GNP C . 3.16 8.30 -7.70
C5' GNP C . 2.19 8.94 -6.86
C4' GNP C . 2.80 10.11 -6.09
O4' GNP C . 2.19 10.25 -4.80
C3' GNP C . 4.29 9.90 -5.89
O3' GNP C . 5.06 10.82 -6.68
C2' GNP C . 4.55 10.11 -4.42
O2' GNP C . 5.52 11.14 -4.21
C1' GNP C . 3.22 10.49 -3.80
N9 GNP C . 2.96 9.72 -2.57
C8 GNP C . 3.80 9.01 -1.79
N7 GNP C . 3.35 8.51 -0.69
C5 GNP C . 2.01 8.92 -0.74
C6 GNP C . 0.94 8.69 0.19
O6 GNP C . 0.97 8.06 1.25
N1 GNP C . -0.26 9.28 -0.23
C2 GNP C . -0.42 10.01 -1.42
N2 GNP C . -1.63 10.49 -1.67
N3 GNP C . 0.58 10.23 -2.29
C4 GNP C . 1.76 9.66 -1.89
HNB3 GNP C . 6.34 5.75 -8.38
H5'2 GNP C . 1.79 8.22 -6.15
H5'1 GNP C . 1.38 9.31 -7.48
H4' GNP C . 2.65 11.03 -6.67
H3' GNP C . 4.55 8.88 -6.16
HO3' GNP C . 4.87 11.71 -6.34
H2' GNP C . 4.90 9.17 -3.98
HO2' GNP C . 5.12 11.97 -4.47
H1' GNP C . 3.23 11.55 -3.57
H8 GNP C . 4.86 8.88 -2.07
HN1 GNP C . -1.03 9.18 0.38
HN21 GNP C . -2.38 10.33 -1.03
HN22 GNP C . -1.79 11.03 -2.52
MG MG D . 5.94 1.84 -6.42
N MET A 1 8.47 -8.72 21.35
CA MET A 1 8.71 -7.97 20.08
C MET A 1 7.53 -8.11 19.14
N GLN A 2 7.32 -9.31 18.61
CA GLN A 2 6.23 -9.57 17.69
C GLN A 2 6.47 -8.87 16.36
N THR A 3 6.34 -9.62 15.26
CA THR A 3 6.55 -9.07 13.93
C THR A 3 5.27 -9.14 13.11
N ILE A 4 5.10 -8.18 12.20
CA ILE A 4 3.92 -8.13 11.34
C ILE A 4 4.30 -7.72 9.93
N LYS A 5 3.50 -8.14 8.95
CA LYS A 5 3.76 -7.80 7.56
C LYS A 5 2.51 -7.22 6.90
N CYS A 6 2.42 -5.90 6.86
CA CYS A 6 1.28 -5.23 6.26
C CYS A 6 1.43 -5.16 4.75
N VAL A 7 0.63 -5.96 4.05
CA VAL A 7 0.67 -5.98 2.59
C VAL A 7 -0.18 -4.87 2.01
N VAL A 8 0.17 -4.45 0.80
CA VAL A 8 -0.56 -3.38 0.12
C VAL A 8 -0.69 -3.68 -1.36
N VAL A 9 -1.87 -3.40 -1.91
CA VAL A 9 -2.14 -3.64 -3.33
C VAL A 9 -2.80 -2.43 -3.97
N GLY A 10 -2.65 -2.32 -5.29
CA GLY A 10 -3.25 -1.20 -6.01
C GLY A 10 -2.42 -0.77 -7.19
N ASP A 11 -2.91 0.23 -7.92
CA ASP A 11 -2.22 0.74 -9.09
C ASP A 11 -1.52 2.07 -8.77
N GLY A 12 -2.05 2.77 -7.78
CA GLY A 12 -1.47 4.05 -7.39
C GLY A 12 -0.31 3.88 -6.43
N ALA A 13 -0.30 2.77 -5.71
CA ALA A 13 0.77 2.49 -4.75
C ALA A 13 0.69 3.41 -3.54
N VAL A 14 -0.38 4.19 -3.44
CA VAL A 14 -0.58 5.11 -2.33
C VAL A 14 -0.35 4.40 -1.00
N GLY A 15 -0.51 3.08 -0.99
CA GLY A 15 -0.33 2.31 0.23
C GLY A 15 0.94 1.48 0.20
N LYS A 16 1.20 0.83 -0.93
CA LYS A 16 2.38 -0.01 -1.06
C LYS A 16 3.67 0.82 -1.03
N THR A 17 3.95 1.52 -2.13
CA THR A 17 5.17 2.32 -2.23
C THR A 17 4.93 3.80 -1.92
N CYS A 18 3.96 4.41 -2.59
CA CYS A 18 3.67 5.83 -2.39
C CYS A 18 3.41 6.16 -0.94
N LEU A 19 2.95 5.17 -0.16
CA LEU A 19 2.65 5.40 1.25
C LEU A 19 3.88 5.93 1.99
N LEU A 20 4.86 5.07 2.25
CA LEU A 20 6.08 5.48 2.94
C LEU A 20 6.83 6.53 2.13
N ILE A 21 6.62 6.51 0.84
CA ILE A 21 7.27 7.46 -0.05
C ILE A 21 6.81 8.88 0.30
N SER A 22 5.50 9.05 0.45
CA SER A 22 4.93 10.35 0.78
C SER A 22 4.75 10.51 2.30
N TYR A 23 4.76 9.39 3.02
CA TYR A 23 4.58 9.43 4.48
C TYR A 23 5.90 9.62 5.21
N THR A 24 6.77 8.62 5.12
CA THR A 24 8.06 8.66 5.81
C THR A 24 9.15 9.30 4.95
N THR A 25 9.74 8.50 4.08
CA THR A 25 10.83 8.97 3.21
C THR A 25 10.53 10.36 2.62
N ASN A 26 9.30 10.54 2.15
CA ASN A 26 8.91 11.82 1.56
C ASN A 26 9.70 12.11 0.29
N LYS A 27 9.89 11.08 -0.54
CA LYS A 27 10.62 11.24 -1.79
C LYS A 27 9.85 10.60 -2.96
N PHE A 28 9.87 11.24 -4.11
CA PHE A 28 9.18 10.74 -5.28
C PHE A 28 9.76 9.39 -5.72
N PRO A 29 9.02 8.64 -6.56
CA PRO A 29 9.46 7.33 -7.05
C PRO A 29 10.96 7.27 -7.34
N SER A 30 11.52 6.08 -7.19
CA SER A 30 12.94 5.86 -7.43
C SER A 30 13.17 5.06 -8.71
N GLU A 31 13.06 3.73 -8.58
CA GLU A 31 13.25 2.85 -9.73
C GLU A 31 11.90 2.44 -10.32
N TYR A 32 11.64 2.87 -11.55
CA TYR A 32 10.38 2.54 -12.20
C TYR A 32 10.33 1.08 -12.61
N VAL A 33 9.52 0.30 -11.90
CA VAL A 33 9.37 -1.12 -12.19
C VAL A 33 8.08 -1.65 -11.57
N PRO A 34 7.36 -2.51 -12.29
CA PRO A 34 6.09 -3.09 -11.80
C PRO A 34 6.17 -3.44 -10.32
N THR A 35 5.74 -2.49 -9.48
CA THR A 35 5.78 -2.67 -8.03
C THR A 35 5.20 -4.02 -7.61
N VAL A 36 6.05 -5.04 -7.59
CA VAL A 36 5.63 -6.37 -7.16
C VAL A 36 5.83 -6.50 -5.66
N PHE A 37 6.89 -5.86 -5.18
CA PHE A 37 7.20 -5.84 -3.76
C PHE A 37 8.33 -4.85 -3.48
N ASP A 38 8.03 -3.87 -2.66
CA ASP A 38 9.01 -2.89 -2.27
C ASP A 38 9.18 -2.95 -0.75
N ASN A 39 10.41 -2.85 -0.28
CA ASN A 39 10.66 -2.94 1.14
C ASN A 39 11.03 -1.58 1.71
N TYR A 40 10.83 -1.44 3.01
CA TYR A 40 11.11 -0.18 3.68
C TYR A 40 11.46 -0.41 5.15
N ALA A 41 12.09 0.59 5.76
CA ALA A 41 12.46 0.51 7.16
C ALA A 41 11.76 1.59 7.96
N VAL A 42 10.93 1.17 8.91
CA VAL A 42 10.19 2.11 9.74
C VAL A 42 10.21 1.69 11.20
N THR A 43 9.79 2.61 12.07
CA THR A 43 9.74 2.35 13.49
C THR A 43 8.72 3.27 14.16
N VAL A 44 7.47 2.84 14.16
CA VAL A 44 6.41 3.63 14.75
C VAL A 44 6.10 3.12 16.16
N MET A 45 5.18 3.80 16.84
CA MET A 45 4.83 3.41 18.19
C MET A 45 3.33 3.54 18.43
N ILE A 46 2.83 2.81 19.42
CA ILE A 46 1.42 2.83 19.77
C ILE A 46 1.27 3.05 21.28
N GLY A 47 1.21 4.31 21.68
CA GLY A 47 1.08 4.63 23.08
C GLY A 47 2.42 4.72 23.79
N GLY A 48 3.51 4.67 23.01
CA GLY A 48 4.83 4.76 23.59
C GLY A 48 5.74 3.60 23.19
N GLU A 49 5.15 2.42 23.03
CA GLU A 49 5.92 1.24 22.64
C GLU A 49 6.31 1.29 21.16
N PRO A 50 7.58 1.00 20.84
CA PRO A 50 8.08 1.01 19.47
C PRO A 50 7.43 -0.07 18.60
N TYR A 51 7.73 -0.07 17.30
CA TYR A 51 7.17 -1.04 16.39
C TYR A 51 8.07 -1.28 15.19
N THR A 52 7.95 -2.45 14.58
CA THR A 52 8.75 -2.80 13.41
C THR A 52 7.88 -3.47 12.35
N LEU A 53 7.42 -2.69 11.37
CA LEU A 53 6.58 -3.22 10.31
C LEU A 53 7.04 -2.73 8.94
N GLY A 54 6.63 -3.42 7.89
CA GLY A 54 7.00 -3.03 6.54
C GLY A 54 5.86 -3.20 5.56
N LEU A 55 5.70 -2.23 4.66
CA LEU A 55 4.63 -2.27 3.67
C LEU A 55 4.97 -3.26 2.57
N PHE A 56 4.29 -4.39 2.55
CA PHE A 56 4.53 -5.41 1.54
C PHE A 56 3.72 -5.09 0.28
N ASP A 57 4.40 -4.56 -0.73
CA ASP A 57 3.74 -4.19 -1.98
C ASP A 57 3.36 -5.42 -2.79
N THR A 58 2.22 -5.35 -3.46
CA THR A 58 1.75 -6.45 -4.29
C THR A 58 0.81 -5.94 -5.37
N ALA A 59 0.32 -6.86 -6.21
CA ALA A 59 -0.59 -6.50 -7.28
C ALA A 59 -1.73 -7.51 -7.41
N GLY A 60 -2.79 -7.11 -8.11
CA GLY A 60 -3.92 -7.99 -8.30
C GLY A 60 -3.97 -8.60 -9.68
N LEU A 61 -2.81 -9.05 -10.16
CA LEU A 61 -2.73 -9.65 -11.48
C LEU A 61 -3.40 -11.02 -11.50
N GLU A 62 -2.66 -12.05 -11.10
CA GLU A 62 -3.19 -13.40 -11.07
C GLU A 62 -2.10 -14.41 -10.69
N ASP A 63 -0.87 -14.12 -11.13
CA ASP A 63 0.27 -14.99 -10.84
C ASP A 63 0.95 -14.59 -9.55
N TYR A 64 0.17 -14.28 -8.52
CA TYR A 64 0.72 -13.89 -7.23
C TYR A 64 0.55 -15.02 -6.21
N ASP A 65 -0.44 -15.87 -6.44
CA ASP A 65 -0.70 -17.00 -5.54
C ASP A 65 0.58 -17.72 -5.16
N ARG A 66 1.52 -17.78 -6.10
CA ARG A 66 2.81 -18.44 -5.87
C ARG A 66 3.44 -17.91 -4.60
N LEU A 67 3.26 -16.62 -4.35
CA LEU A 67 3.82 -15.98 -3.16
C LEU A 67 2.76 -15.92 -2.04
N ARG A 68 2.02 -17.02 -1.88
CA ARG A 68 0.97 -17.08 -0.85
C ARG A 68 1.52 -16.78 0.54
N PRO A 69 2.31 -17.71 1.12
CA PRO A 69 2.90 -17.50 2.45
C PRO A 69 3.86 -16.33 2.44
N LEU A 70 4.47 -16.12 1.27
CA LEU A 70 5.40 -15.03 1.06
C LEU A 70 4.80 -13.70 1.49
N SER A 71 3.47 -13.64 1.48
CA SER A 71 2.75 -12.44 1.86
C SER A 71 1.34 -12.78 2.32
N TYR A 72 1.20 -13.96 2.95
CA TYR A 72 -0.08 -14.44 3.46
C TYR A 72 -0.96 -13.30 3.98
N PRO A 73 -2.30 -13.46 3.92
CA PRO A 73 -3.24 -12.44 4.38
C PRO A 73 -3.35 -12.40 5.90
N GLN A 74 -3.19 -13.54 6.54
CA GLN A 74 -3.27 -13.64 7.99
C GLN A 74 -2.27 -12.72 8.68
N THR A 75 -1.26 -12.26 7.94
CA THR A 75 -0.24 -11.38 8.49
C THR A 75 -0.87 -10.23 9.30
N ASP A 76 -1.80 -9.52 8.69
CA ASP A 76 -2.48 -8.41 9.35
C ASP A 76 -3.45 -7.70 8.41
N VAL A 77 -3.81 -6.46 8.74
CA VAL A 77 -4.73 -5.69 7.91
C VAL A 77 -4.19 -5.56 6.49
N PHE A 78 -5.06 -5.18 5.55
CA PHE A 78 -4.66 -5.03 4.17
C PHE A 78 -4.81 -3.58 3.73
N LEU A 79 -3.76 -3.06 3.08
CA LEU A 79 -3.77 -1.70 2.59
C LEU A 79 -4.01 -1.67 1.09
N VAL A 80 -4.75 -0.67 0.63
CA VAL A 80 -5.04 -0.56 -0.80
C VAL A 80 -4.82 0.88 -1.29
N CYS A 81 -4.46 1.01 -2.57
CA CYS A 81 -4.23 2.31 -3.17
C CYS A 81 -5.09 2.50 -4.41
N PHE A 82 -5.39 3.75 -4.73
CA PHE A 82 -6.21 4.07 -5.90
C PHE A 82 -6.06 5.54 -6.30
N SER A 83 -6.37 5.85 -7.54
CA SER A 83 -6.27 7.21 -8.04
C SER A 83 -7.35 8.09 -7.44
N VAL A 84 -7.18 9.41 -7.55
CA VAL A 84 -8.15 10.35 -7.01
C VAL A 84 -8.22 11.61 -7.87
N VAL A 85 -8.49 11.42 -9.16
CA VAL A 85 -8.58 12.54 -10.09
C VAL A 85 -9.53 12.19 -11.25
N SER A 86 -8.98 11.60 -12.30
CA SER A 86 -9.77 11.23 -13.46
C SER A 86 -10.76 10.11 -13.11
N PRO A 87 -11.92 10.08 -13.78
CA PRO A 87 -12.94 9.05 -13.53
C PRO A 87 -12.59 7.71 -14.16
N SER A 88 -11.97 7.75 -15.33
CA SER A 88 -11.59 6.53 -16.03
C SER A 88 -10.75 5.62 -15.13
N SER A 89 -9.89 6.21 -14.33
CA SER A 89 -9.03 5.46 -13.42
C SER A 89 -9.77 5.13 -12.12
N PHE A 90 -10.75 5.95 -11.79
CA PHE A 90 -11.53 5.75 -10.57
C PHE A 90 -12.43 4.52 -10.68
N GLU A 91 -13.34 4.54 -11.64
CA GLU A 91 -14.25 3.42 -11.86
C GLU A 91 -13.49 2.09 -11.89
N ASN A 92 -12.22 2.15 -12.27
CA ASN A 92 -11.39 0.95 -12.36
C ASN A 92 -10.96 0.48 -10.97
N VAL A 93 -10.24 1.34 -10.26
CA VAL A 93 -9.75 1.01 -8.92
C VAL A 93 -10.87 0.43 -8.05
N LYS A 94 -12.11 0.80 -8.35
CA LYS A 94 -13.26 0.31 -7.59
C LYS A 94 -13.63 -1.11 -8.00
N GLU A 95 -13.99 -1.27 -9.27
CA GLU A 95 -14.39 -2.58 -9.79
C GLU A 95 -13.18 -3.44 -10.17
N LYS A 96 -11.97 -2.97 -9.85
CA LYS A 96 -10.76 -3.70 -10.18
C LYS A 96 -10.05 -4.20 -8.91
N TRP A 97 -10.05 -3.37 -7.87
CA TRP A 97 -9.40 -3.72 -6.61
C TRP A 97 -10.38 -4.34 -5.62
N VAL A 98 -11.58 -3.77 -5.53
CA VAL A 98 -12.60 -4.27 -4.61
C VAL A 98 -12.85 -5.77 -4.81
N PRO A 99 -12.96 -6.23 -6.07
CA PRO A 99 -13.20 -7.64 -6.37
C PRO A 99 -11.98 -8.52 -6.13
N GLU A 100 -10.79 -7.95 -6.33
CA GLU A 100 -9.55 -8.68 -6.15
C GLU A 100 -9.11 -8.67 -4.68
N ILE A 101 -9.42 -7.58 -3.99
CA ILE A 101 -9.05 -7.46 -2.57
C ILE A 101 -9.44 -8.70 -1.79
N THR A 102 -10.50 -9.38 -2.24
CA THR A 102 -10.98 -10.58 -1.58
C THR A 102 -9.96 -11.71 -1.72
N HIS A 103 -9.40 -11.85 -2.91
CA HIS A 103 -8.40 -12.88 -3.18
C HIS A 103 -7.17 -12.66 -2.31
N HIS A 104 -6.85 -11.39 -2.05
CA HIS A 104 -5.70 -11.05 -1.24
C HIS A 104 -6.00 -11.21 0.25
N CYS A 105 -7.26 -10.98 0.62
CA CYS A 105 -7.67 -11.10 2.01
C CYS A 105 -8.94 -11.97 2.12
N PRO A 106 -8.89 -13.06 2.91
CA PRO A 106 -10.03 -13.96 3.09
C PRO A 106 -11.27 -13.23 3.59
N LYS A 107 -11.17 -12.69 4.80
CA LYS A 107 -12.29 -11.96 5.40
C LYS A 107 -11.80 -10.99 6.47
N THR A 108 -10.59 -10.47 6.28
CA THR A 108 -10.02 -9.53 7.24
C THR A 108 -10.23 -8.08 6.77
N PRO A 109 -10.34 -7.14 7.72
CA PRO A 109 -10.55 -5.72 7.41
C PRO A 109 -9.54 -5.21 6.39
N PHE A 110 -9.99 -4.30 5.53
CA PHE A 110 -9.12 -3.72 4.51
C PHE A 110 -9.05 -2.21 4.63
N LEU A 111 -7.98 -1.63 4.11
CA LEU A 111 -7.79 -0.19 4.15
C LEU A 111 -7.50 0.37 2.77
N LEU A 112 -7.99 1.59 2.51
CA LEU A 112 -7.78 2.23 1.22
C LEU A 112 -7.04 3.55 1.40
N VAL A 113 -6.41 4.03 0.33
CA VAL A 113 -5.68 5.28 0.38
C VAL A 113 -5.56 5.92 -1.01
N GLY A 114 -6.31 6.98 -1.21
CA GLY A 114 -6.28 7.67 -2.50
C GLY A 114 -5.94 9.13 -2.36
N THR A 115 -4.94 9.58 -3.13
CA THR A 115 -4.52 10.98 -3.08
C THR A 115 -3.88 11.40 -4.40
N GLN A 116 -4.14 12.64 -4.81
CA GLN A 116 -3.59 13.18 -6.04
C GLN A 116 -4.02 14.63 -6.24
N ILE A 117 -4.09 15.37 -5.14
CA ILE A 117 -4.49 16.78 -5.20
C ILE A 117 -3.58 17.57 -6.13
N ASP A 118 -2.39 17.05 -6.39
CA ASP A 118 -1.44 17.72 -7.27
C ASP A 118 -1.52 17.16 -8.69
N LEU A 119 -1.96 15.91 -8.81
CA LEU A 119 -2.09 15.26 -10.10
C LEU A 119 -3.16 15.95 -10.95
N ARG A 120 -4.37 16.02 -10.42
CA ARG A 120 -5.48 16.65 -11.14
C ARG A 120 -5.06 18.00 -11.74
N ASP A 121 -4.78 18.00 -13.04
CA ASP A 121 -4.37 19.22 -13.72
C ASP A 121 -4.84 19.22 -15.17
N ASP A 122 -4.66 18.09 -15.84
CA ASP A 122 -5.06 17.96 -17.24
C ASP A 122 -6.54 18.32 -17.41
N PRO A 123 -6.87 19.17 -18.40
CA PRO A 123 -8.26 19.58 -18.67
C PRO A 123 -9.18 18.39 -18.89
N SER A 124 -8.65 17.36 -19.55
CA SER A 124 -9.43 16.16 -19.84
C SER A 124 -10.12 15.65 -18.57
N THR A 125 -9.39 15.61 -17.47
CA THR A 125 -9.94 15.15 -16.20
C THR A 125 -11.21 15.91 -15.85
N ILE A 126 -11.09 17.22 -15.72
CA ILE A 126 -12.25 18.06 -15.38
C ILE A 126 -13.33 17.94 -16.45
N GLU A 127 -12.92 17.90 -17.71
CA GLU A 127 -13.86 17.79 -18.82
C GLU A 127 -14.83 16.64 -18.59
N LYS A 128 -14.30 15.43 -18.51
CA LYS A 128 -15.13 14.25 -18.30
C LYS A 128 -15.66 14.20 -16.87
N LEU A 129 -14.84 14.64 -15.92
CA LEU A 129 -15.24 14.64 -14.52
C LEU A 129 -16.60 15.31 -14.33
N ALA A 130 -16.93 16.20 -15.26
CA ALA A 130 -18.20 16.91 -15.22
C ALA A 130 -19.35 16.01 -15.66
N LYS A 131 -19.02 14.95 -16.39
CA LYS A 131 -20.04 14.01 -16.87
C LYS A 131 -20.24 12.87 -15.87
N ASN A 132 -19.14 12.43 -15.25
CA ASN A 132 -19.21 11.35 -14.28
C ASN A 132 -19.96 11.80 -13.02
N LYS A 133 -19.93 13.09 -12.75
CA LYS A 133 -20.59 13.64 -11.58
C LYS A 133 -20.83 15.14 -11.73
N GLN A 134 -19.77 15.92 -11.51
CA GLN A 134 -19.85 17.38 -11.63
C GLN A 134 -18.51 18.02 -11.31
N LYS A 135 -17.89 17.58 -10.22
CA LYS A 135 -16.60 18.13 -9.80
C LYS A 135 -15.57 17.01 -9.64
N PRO A 136 -14.28 17.31 -9.87
CA PRO A 136 -13.20 16.34 -9.74
C PRO A 136 -13.21 15.63 -8.39
N ILE A 137 -12.34 14.64 -8.23
CA ILE A 137 -12.23 13.90 -6.97
C ILE A 137 -11.19 14.52 -6.06
N THR A 138 -11.62 14.90 -4.85
CA THR A 138 -10.72 15.50 -3.88
C THR A 138 -10.47 14.55 -2.70
N PRO A 139 -9.48 14.87 -1.85
CA PRO A 139 -9.15 14.04 -0.69
C PRO A 139 -10.38 13.66 0.13
N GLU A 140 -11.41 14.50 0.03
CA GLU A 140 -12.65 14.25 0.76
C GLU A 140 -13.45 13.12 0.13
N THR A 141 -13.59 13.18 -1.20
CA THR A 141 -14.33 12.17 -1.93
C THR A 141 -13.84 10.77 -1.59
N ALA A 142 -12.52 10.57 -1.68
CA ALA A 142 -11.92 9.28 -1.37
C ALA A 142 -12.41 8.75 -0.02
N GLU A 143 -12.51 9.64 0.95
CA GLU A 143 -12.96 9.28 2.29
C GLU A 143 -14.43 8.86 2.26
N LYS A 144 -15.20 9.50 1.41
CA LYS A 144 -16.63 9.18 1.29
C LYS A 144 -16.82 7.73 0.87
N LEU A 145 -16.02 7.28 -0.07
CA LEU A 145 -16.11 5.91 -0.56
C LEU A 145 -15.74 4.92 0.55
N ALA A 146 -14.66 5.22 1.26
CA ALA A 146 -14.20 4.36 2.35
C ALA A 146 -15.19 4.37 3.51
N ARG A 147 -15.95 5.45 3.61
CA ARG A 147 -16.95 5.59 4.67
C ARG A 147 -18.14 4.68 4.41
N ASP A 148 -18.57 4.62 3.16
CA ASP A 148 -19.70 3.79 2.78
C ASP A 148 -19.40 2.31 3.01
N LEU A 149 -18.42 1.79 2.28
CA LEU A 149 -18.03 0.39 2.40
C LEU A 149 -17.76 0.02 3.85
N LYS A 150 -17.42 1.02 4.66
CA LYS A 150 -17.14 0.81 6.08
C LYS A 150 -15.90 -0.06 6.27
N ALA A 151 -14.82 0.55 6.72
CA ALA A 151 -13.57 -0.16 6.93
C ALA A 151 -12.82 0.40 8.14
N VAL A 152 -11.52 0.11 8.21
CA VAL A 152 -10.70 0.59 9.31
C VAL A 152 -10.67 2.13 9.37
N LYS A 153 -11.00 2.76 8.24
CA LYS A 153 -11.03 4.22 8.15
C LYS A 153 -9.62 4.78 7.99
N TYR A 154 -9.48 5.77 7.11
CA TYR A 154 -8.19 6.41 6.86
C TYR A 154 -8.35 7.84 6.38
N VAL A 155 -7.26 8.59 6.39
CA VAL A 155 -7.27 9.98 5.94
C VAL A 155 -5.86 10.43 5.55
N GLU A 156 -5.72 10.93 4.33
CA GLU A 156 -4.43 11.40 3.84
C GLU A 156 -4.56 12.11 2.50
N CYS A 157 -3.64 13.04 2.23
CA CYS A 157 -3.66 13.80 0.99
C CYS A 157 -2.48 13.40 0.11
N SER A 158 -2.28 14.10 -1.00
CA SER A 158 -1.18 13.81 -1.92
C SER A 158 0.08 14.56 -1.51
N ALA A 159 1.22 14.04 -1.93
CA ALA A 159 2.51 14.64 -1.62
C ALA A 159 2.58 16.09 -2.09
N LEU A 160 3.78 16.62 -2.18
CA LEU A 160 3.97 18.00 -2.63
C LEU A 160 3.12 18.96 -1.79
N THR A 161 2.80 18.54 -0.57
CA THR A 161 2.00 19.35 0.34
C THR A 161 1.92 18.70 1.71
N GLN A 162 1.27 17.54 1.78
CA GLN A 162 1.12 16.81 3.03
C GLN A 162 0.28 17.59 4.03
N LYS A 163 -0.81 16.99 4.47
CA LYS A 163 -1.71 17.63 5.43
C LYS A 163 -1.55 17.02 6.82
N GLY A 164 -1.94 15.76 6.96
CA GLY A 164 -1.83 15.08 8.24
C GLY A 164 -2.05 13.59 8.12
N LEU A 165 -0.97 12.83 8.09
CA LEU A 165 -1.04 11.38 7.98
C LEU A 165 -1.03 10.70 9.35
N LYS A 166 -0.72 11.48 10.40
CA LYS A 166 -0.67 10.94 11.75
C LYS A 166 -1.91 10.09 12.05
N ASN A 167 -3.01 10.42 11.39
CA ASN A 167 -4.26 9.69 11.58
C ASN A 167 -4.25 8.37 10.82
N VAL A 168 -4.12 8.45 9.51
CA VAL A 168 -4.09 7.25 8.66
C VAL A 168 -3.09 6.23 9.20
N PHE A 169 -1.94 6.71 9.64
CA PHE A 169 -0.91 5.84 10.18
C PHE A 169 -1.34 5.24 11.52
N ASP A 170 -1.97 6.07 12.35
CA ASP A 170 -2.43 5.63 13.66
C ASP A 170 -3.24 4.34 13.54
N GLU A 171 -4.25 4.36 12.68
CA GLU A 171 -5.10 3.20 12.47
C GLU A 171 -4.28 2.01 11.96
N ALA A 172 -3.52 2.24 10.90
CA ALA A 172 -2.68 1.20 10.31
C ALA A 172 -1.78 0.55 11.36
N ILE A 173 -1.39 1.34 12.36
CA ILE A 173 -0.52 0.84 13.42
C ILE A 173 -1.34 0.32 14.60
N LEU A 174 -2.56 0.82 14.73
CA LEU A 174 -3.45 0.39 15.81
C LEU A 174 -4.12 -0.94 15.49
N ALA A 175 -4.76 -1.01 14.32
CA ALA A 175 -5.44 -2.23 13.90
C ALA A 175 -4.55 -3.46 14.09
N ALA A 176 -3.25 -3.27 13.96
CA ALA A 176 -2.30 -4.35 14.12
C ALA A 176 -2.28 -4.87 15.56
N LEU A 177 -2.69 -4.02 16.49
CA LEU A 177 -2.73 -4.38 17.91
C LEU A 177 -4.07 -4.99 18.28
N GLU A 178 -4.53 -5.94 17.48
CA GLU A 178 -5.80 -6.60 17.72
C GLU A 178 -5.83 -7.23 19.11
N PRO A 179 -4.94 -8.21 19.37
CA PRO A 179 -4.87 -8.89 20.66
C PRO A 179 -4.46 -7.96 21.81
N PRO A 180 -5.39 -7.66 22.72
CA PRO A 180 -5.10 -6.78 23.86
C PRO A 180 -3.86 -7.21 24.63
N GLU A 181 -3.50 -6.45 25.66
CA GLU A 181 -2.34 -6.76 26.47
C GLU A 181 -2.73 -7.05 27.91
N PRO A 182 -1.89 -7.79 28.65
CA PRO A 182 -2.15 -8.16 30.05
C PRO A 182 -2.53 -6.95 30.89
N LYS A 183 -3.83 -6.71 31.04
CA LYS A 183 -4.31 -5.58 31.84
C LYS A 183 -4.67 -6.03 33.24
N LYS A 184 -5.05 -5.06 34.09
CA LYS A 184 -5.42 -5.35 35.47
C LYS A 184 -4.25 -5.99 36.22
N GLY B 1 1.89 11.74 23.49
CA GLY B 1 2.46 11.09 22.28
C GLY B 1 2.23 9.60 22.27
N SER B 2 1.42 9.13 21.31
CA SER B 2 1.12 7.71 21.19
C SER B 2 1.61 7.16 19.87
N ILE B 3 1.19 7.80 18.78
CA ILE B 3 1.59 7.37 17.44
C ILE B 3 2.67 8.29 16.86
N SER B 4 3.59 7.70 16.11
CA SER B 4 4.67 8.47 15.50
C SER B 4 4.93 8.01 14.07
N LEU B 5 5.46 8.92 13.25
CA LEU B 5 5.77 8.61 11.86
C LEU B 5 7.21 8.11 11.73
N PRO B 6 7.43 7.04 10.95
CA PRO B 6 8.77 6.47 10.76
C PRO B 6 9.77 7.52 10.27
N SER B 7 10.97 7.07 9.90
CA SER B 7 12.00 7.97 9.43
C SER B 7 13.10 7.22 8.68
N ASP B 8 13.68 6.21 9.33
CA ASP B 8 14.74 5.42 8.73
C ASP B 8 14.24 4.60 7.55
N PHE B 9 13.77 5.29 6.51
CA PHE B 9 13.26 4.63 5.32
C PHE B 9 14.40 4.21 4.39
N GLU B 10 14.36 2.95 3.95
CA GLU B 10 15.39 2.43 3.05
C GLU B 10 14.84 1.29 2.19
N HIS B 11 14.88 1.46 0.88
CA HIS B 11 14.40 0.45 -0.05
C HIS B 11 15.31 -0.77 -0.04
N THR B 12 14.89 -1.82 0.64
CA THR B 12 15.69 -3.04 0.73
C THR B 12 15.60 -3.87 -0.54
N ILE B 13 14.39 -4.31 -0.90
CA ILE B 13 14.20 -5.12 -2.09
C ILE B 13 13.24 -4.47 -3.08
N HIS B 14 13.64 -4.48 -4.35
CA HIS B 14 12.81 -3.91 -5.42
C HIS B 14 12.50 -4.99 -6.45
N VAL B 15 11.32 -5.60 -6.31
CA VAL B 15 10.90 -6.66 -7.22
C VAL B 15 10.36 -6.11 -8.53
N GLY B 16 10.56 -6.86 -9.60
CA GLY B 16 10.10 -6.44 -10.91
C GLY B 16 9.63 -7.61 -11.77
N PHE B 17 9.15 -7.32 -12.96
CA PHE B 17 8.67 -8.36 -13.86
C PHE B 17 9.76 -8.76 -14.86
N ASP B 18 9.98 -10.06 -15.02
CA ASP B 18 10.99 -10.57 -15.93
C ASP B 18 10.47 -11.82 -16.66
N ALA B 19 10.42 -11.74 -17.98
CA ALA B 19 9.96 -12.87 -18.79
C ALA B 19 11.03 -13.94 -18.93
N VAL B 20 12.20 -13.72 -18.33
CA VAL B 20 13.29 -14.67 -18.40
C VAL B 20 12.81 -16.09 -18.09
N THR B 21 11.73 -16.18 -17.30
CA THR B 21 11.17 -17.46 -16.92
C THR B 21 9.66 -17.37 -16.72
N GLY B 22 9.22 -16.28 -16.10
CA GLY B 22 7.80 -16.08 -15.86
C GLY B 22 7.51 -15.71 -14.42
N GLU B 23 8.48 -15.11 -13.74
CA GLU B 23 8.32 -14.72 -12.34
C GLU B 23 8.76 -13.27 -12.15
N PHE B 24 9.02 -12.90 -10.89
CA PHE B 24 9.46 -11.55 -10.58
C PHE B 24 10.97 -11.51 -10.37
N THR B 25 11.53 -10.30 -10.41
CA THR B 25 12.97 -10.12 -10.23
C THR B 25 13.28 -9.68 -8.80
N GLY B 26 14.56 -9.74 -8.44
CA GLY B 26 14.97 -9.34 -7.10
C GLY B 26 14.15 -9.99 -6.02
N MET B 27 13.72 -11.22 -6.28
CA MET B 27 12.91 -11.97 -5.31
C MET B 27 13.52 -11.89 -3.91
N PRO B 28 12.88 -11.15 -2.98
CA PRO B 28 13.37 -10.99 -1.62
C PRO B 28 13.94 -12.28 -1.03
N GLU B 29 14.87 -12.14 -0.10
CA GLU B 29 15.51 -13.29 0.54
C GLU B 29 14.47 -14.34 0.93
N GLN B 30 13.51 -13.94 1.76
CA GLN B 30 12.47 -14.85 2.19
C GLN B 30 11.61 -15.31 1.02
N TRP B 31 11.08 -14.34 0.28
CA TRP B 31 10.24 -14.64 -0.89
C TRP B 31 10.93 -15.66 -1.79
N ALA B 32 12.07 -15.27 -2.33
CA ALA B 32 12.83 -16.12 -3.22
C ALA B 32 13.00 -17.53 -2.65
N ARG B 33 13.81 -17.63 -1.60
CA ARG B 33 14.07 -18.91 -0.96
C ARG B 33 12.78 -19.71 -0.79
N LEU B 34 11.69 -19.00 -0.47
CA LEU B 34 10.40 -19.64 -0.29
C LEU B 34 10.08 -20.53 -1.48
N LEU B 35 10.10 -19.96 -2.68
CA LEU B 35 9.84 -20.71 -3.88
C LEU B 35 11.13 -21.18 -4.53
N GLN B 36 11.90 -20.24 -5.09
CA GLN B 36 13.16 -20.57 -5.74
C GLN B 36 14.30 -20.77 -4.73
N THR B 37 15.14 -19.73 -4.53
CA THR B 37 16.27 -19.84 -3.61
C THR B 37 16.81 -18.49 -3.16
N SER B 38 16.79 -17.50 -4.04
CA SER B 38 17.31 -16.17 -3.70
C SER B 38 16.81 -15.09 -4.67
N ASN B 39 17.34 -13.88 -4.52
CA ASN B 39 16.94 -12.76 -5.36
C ASN B 39 17.75 -12.75 -6.65
N ILE B 40 17.32 -13.55 -7.62
CA ILE B 40 18.01 -13.64 -8.90
C ILE B 40 18.10 -12.27 -9.57
N THR B 41 19.18 -11.55 -9.26
CA THR B 41 19.41 -10.23 -9.82
C THR B 41 20.58 -9.53 -9.12
N LYS B 42 20.45 -9.39 -7.81
CA LYS B 42 21.49 -8.75 -7.00
C LYS B 42 22.16 -9.76 -6.07
N SER B 43 21.40 -10.79 -5.69
CA SER B 43 21.91 -11.82 -4.80
C SER B 43 23.08 -12.56 -5.43
N GLU B 44 22.76 -13.43 -6.38
CA GLU B 44 23.79 -14.21 -7.07
C GLU B 44 24.55 -15.09 -6.09
N GLN B 45 24.34 -16.40 -6.17
CA GLN B 45 25.00 -17.34 -5.29
C GLN B 45 26.49 -17.39 -5.58
N LYS B 46 27.28 -17.70 -4.55
CA LYS B 46 28.74 -17.78 -4.69
C LYS B 46 29.31 -16.42 -5.09
PG GNP C . 5.84 3.71 -9.53
O1G GNP C . 6.98 4.22 -8.71
O2G GNP C . 5.33 2.36 -9.24
O3G GNP C . 6.36 3.69 -11.05
N3B GNP C . 4.56 4.77 -9.30
PB GNP C . 3.69 4.85 -7.88
O1B GNP C . 2.36 4.27 -8.16
O2B GNP C . 4.52 4.21 -6.83
O3A GNP C . 3.44 6.36 -7.40
PA GNP C . 2.27 7.39 -7.83
O1A GNP C . 1.08 7.10 -7.00
O2A GNP C . 2.17 7.39 -9.30
O5' GNP C . 2.88 8.81 -7.36
C5' GNP C . 2.02 9.93 -7.14
C4' GNP C . 2.67 10.98 -6.24
O4' GNP C . 1.74 11.42 -5.22
C3' GNP C . 3.89 10.41 -5.55
O3' GNP C . 5.07 11.13 -5.94
C2' GNP C . 3.64 10.53 -4.07
O2' GNP C . 4.68 11.32 -3.44
C1' GNP C . 2.29 11.21 -3.91
N9 GNP C . 1.39 10.37 -3.10
C8 GNP C . 0.75 9.21 -3.41
N7 GNP C . 0.00 8.67 -2.51
C5 GNP C . 0.15 9.57 -1.44
C6 GNP C . -0.43 9.55 -0.13
O6 GNP C . -1.20 8.71 0.35
N1 GNP C . -0.02 10.64 0.64
C2 GNP C . 0.85 11.65 0.21
N2 GNP C . 1.12 12.62 1.08
N3 GNP C . 1.38 11.67 -1.02
C4 GNP C . 1.01 10.61 -1.79
HNB3 GNP C . 4.32 5.37 -10.03
H5'2 GNP C . 1.77 10.39 -8.10
H5'1 GNP C . 1.09 9.58 -6.67
H4' GNP C . 2.96 11.83 -6.84
H3' GNP C . 4.00 9.36 -5.81
HO3' GNP C . 5.60 10.53 -6.47
H2' GNP C . 3.62 9.54 -3.62
HO2' GNP C . 5.25 11.65 -4.14
H1' GNP C . 2.43 12.16 -3.42
H8 GNP C . 0.86 8.76 -4.40
HN1 GNP C . -0.38 10.70 1.55
HN21 GNP C . 0.71 12.60 2.01
HN22 GNP C . 1.74 13.37 0.83
MG MG D . 5.25 1.92 -6.97
N MET A 1 5.64 -8.77 22.47
CA MET A 1 5.82 -7.71 21.44
C MET A 1 4.65 -7.70 20.46
N GLN A 2 4.33 -8.86 19.92
CA GLN A 2 3.22 -8.99 18.97
C GLN A 2 3.50 -8.19 17.71
N THR A 3 3.61 -8.89 16.58
CA THR A 3 3.88 -8.23 15.30
C THR A 3 2.61 -8.19 14.45
N ILE A 4 2.68 -7.43 13.35
CA ILE A 4 1.54 -7.29 12.44
C ILE A 4 2.00 -6.80 11.08
N LYS A 5 1.49 -7.43 10.02
CA LYS A 5 1.86 -7.06 8.66
C LYS A 5 0.62 -6.77 7.82
N CYS A 6 0.75 -5.84 6.88
CA CYS A 6 -0.36 -5.47 6.01
C CYS A 6 0.10 -5.40 4.56
N VAL A 7 -0.70 -5.99 3.67
CA VAL A 7 -0.39 -6.00 2.25
C VAL A 7 -1.42 -5.21 1.45
N VAL A 8 -0.99 -4.64 0.33
CA VAL A 8 -1.87 -3.87 -0.52
C VAL A 8 -2.48 -4.74 -1.62
N VAL A 9 -3.59 -4.27 -2.20
CA VAL A 9 -4.26 -5.00 -3.26
C VAL A 9 -5.01 -4.06 -4.20
N GLY A 10 -4.78 -4.23 -5.49
CA GLY A 10 -5.45 -3.39 -6.47
C GLY A 10 -4.47 -2.54 -7.26
N ASP A 11 -4.99 -1.83 -8.26
CA ASP A 11 -4.15 -0.97 -9.09
C ASP A 11 -3.77 0.30 -8.34
N GLY A 12 -2.70 0.21 -7.55
CA GLY A 12 -2.24 1.36 -6.78
C GLY A 12 -0.91 1.12 -6.10
N ALA A 13 -0.71 1.72 -4.94
CA ALA A 13 0.53 1.56 -4.20
C ALA A 13 0.52 2.33 -2.88
N VAL A 14 -0.65 2.43 -2.26
CA VAL A 14 -0.76 3.14 -0.97
C VAL A 14 -0.33 2.24 0.19
N GLY A 15 0.15 1.05 -0.11
CA GLY A 15 0.57 0.13 0.93
C GLY A 15 1.99 0.40 1.39
N LYS A 16 2.92 -0.44 0.96
CA LYS A 16 4.32 -0.29 1.33
C LYS A 16 5.13 0.42 0.25
N THR A 17 4.56 0.57 -0.94
CA THR A 17 5.27 1.21 -2.05
C THR A 17 5.15 2.74 -2.06
N CYS A 18 3.99 3.26 -2.47
CA CYS A 18 3.80 4.70 -2.53
C CYS A 18 3.64 5.31 -1.15
N LEU A 19 3.01 4.57 -0.25
CA LEU A 19 2.79 5.05 1.11
C LEU A 19 4.13 5.40 1.76
N LEU A 20 4.89 4.39 2.15
CA LEU A 20 6.18 4.61 2.79
C LEU A 20 7.01 5.64 2.01
N ILE A 21 6.99 5.52 0.68
CA ILE A 21 7.72 6.44 -0.17
C ILE A 21 7.44 7.90 0.23
N SER A 22 6.22 8.35 -0.01
CA SER A 22 5.84 9.72 0.31
C SER A 22 5.21 9.83 1.69
N TYR A 23 4.14 9.07 1.92
CA TYR A 23 3.42 9.10 3.19
C TYR A 23 4.36 8.94 4.39
N THR A 24 5.50 8.27 4.20
CA THR A 24 6.43 8.08 5.31
C THR A 24 7.75 8.82 5.09
N THR A 25 8.73 8.16 4.49
CA THR A 25 10.03 8.77 4.24
C THR A 25 9.87 10.12 3.53
N ASN A 26 8.75 10.28 2.83
CA ASN A 26 8.48 11.53 2.12
C ASN A 26 9.46 11.75 0.97
N LYS A 27 9.60 10.75 0.11
CA LYS A 27 10.51 10.84 -1.02
C LYS A 27 9.82 10.38 -2.30
N PHE A 28 10.61 10.14 -3.34
CA PHE A 28 10.07 9.68 -4.62
C PHE A 28 10.86 8.47 -5.12
N PRO A 29 10.18 7.55 -5.83
CA PRO A 29 10.80 6.34 -6.36
C PRO A 29 12.10 6.62 -7.11
N SER A 30 13.00 5.65 -7.12
CA SER A 30 14.28 5.78 -7.81
C SER A 30 14.27 4.96 -9.10
N GLU A 31 14.51 3.66 -8.96
CA GLU A 31 14.51 2.76 -10.10
C GLU A 31 13.08 2.48 -10.57
N TYR A 32 12.68 3.13 -11.65
CA TYR A 32 11.33 2.95 -12.18
C TYR A 32 11.13 1.54 -12.70
N VAL A 33 10.37 0.74 -11.93
CA VAL A 33 10.08 -0.63 -12.30
C VAL A 33 8.86 -1.13 -11.52
N PRO A 34 7.96 -1.86 -12.19
CA PRO A 34 6.76 -2.39 -11.57
C PRO A 34 7.01 -2.88 -10.14
N THR A 35 6.81 -2.00 -9.17
CA THR A 35 7.04 -2.37 -7.77
C THR A 35 6.33 -3.67 -7.42
N VAL A 36 7.04 -4.78 -7.57
CA VAL A 36 6.47 -6.07 -7.22
C VAL A 36 6.60 -6.30 -5.72
N PHE A 37 7.59 -5.65 -5.12
CA PHE A 37 7.82 -5.74 -3.69
C PHE A 37 8.41 -4.45 -3.15
N ASP A 38 9.70 -4.25 -3.39
CA ASP A 38 10.38 -3.05 -2.91
C ASP A 38 10.26 -2.99 -1.38
N ASN A 39 11.37 -3.16 -0.68
CA ASN A 39 11.36 -3.13 0.77
C ASN A 39 11.96 -1.83 1.29
N TYR A 40 11.64 -1.51 2.54
CA TYR A 40 12.13 -0.29 3.16
C TYR A 40 12.22 -0.44 4.68
N ALA A 41 12.87 0.53 5.32
CA ALA A 41 13.03 0.51 6.76
C ALA A 41 12.10 1.52 7.43
N VAL A 42 11.41 1.09 8.48
CA VAL A 42 10.49 1.95 9.19
C VAL A 42 10.14 1.40 10.56
N THR A 43 10.19 2.27 11.58
CA THR A 43 9.88 1.86 12.94
C THR A 43 8.91 2.85 13.56
N VAL A 44 7.72 2.37 13.89
CA VAL A 44 6.71 3.21 14.49
C VAL A 44 6.69 3.04 16.01
N MET A 45 6.99 4.13 16.71
CA MET A 45 7.04 4.09 18.17
C MET A 45 5.68 4.48 18.76
N ILE A 46 4.95 3.47 19.21
CA ILE A 46 3.63 3.68 19.80
C ILE A 46 3.74 4.08 21.27
N GLY A 47 3.21 5.25 21.60
CA GLY A 47 3.27 5.73 22.97
C GLY A 47 4.68 5.88 23.47
N GLY A 48 5.62 6.08 22.54
CA GLY A 48 7.02 6.24 22.92
C GLY A 48 7.70 4.91 23.18
N GLU A 49 7.12 3.84 22.66
CA GLU A 49 7.68 2.51 22.84
C GLU A 49 8.11 1.91 21.50
N PRO A 50 9.12 1.03 21.50
CA PRO A 50 9.63 0.39 20.28
C PRO A 50 8.59 -0.51 19.63
N TYR A 51 8.53 -0.46 18.30
CA TYR A 51 7.58 -1.27 17.56
C TYR A 51 8.12 -1.58 16.16
N THR A 52 7.39 -2.42 15.41
CA THR A 52 7.81 -2.80 14.08
C THR A 52 6.63 -2.75 13.10
N LEU A 53 6.68 -1.80 12.17
CA LEU A 53 5.61 -1.65 11.18
C LEU A 53 5.70 -2.76 10.14
N GLY A 54 4.58 -3.43 9.89
CA GLY A 54 4.58 -4.51 8.91
C GLY A 54 3.77 -4.17 7.68
N LEU A 55 4.45 -3.85 6.59
CA LEU A 55 3.79 -3.53 5.33
C LEU A 55 4.34 -4.41 4.22
N PHE A 56 3.54 -4.63 3.18
CA PHE A 56 3.96 -5.44 2.06
C PHE A 56 3.39 -4.90 0.75
N ASP A 57 4.27 -4.65 -0.20
CA ASP A 57 3.86 -4.12 -1.50
C ASP A 57 3.04 -5.16 -2.28
N THR A 58 2.30 -4.69 -3.27
CA THR A 58 1.48 -5.58 -4.10
C THR A 58 0.97 -4.85 -5.33
N ALA A 59 0.61 -5.61 -6.36
CA ALA A 59 0.10 -5.04 -7.60
C ALA A 59 -1.31 -5.52 -7.90
N GLY A 60 -1.83 -5.14 -9.05
CA GLY A 60 -3.17 -5.55 -9.44
C GLY A 60 -3.20 -6.96 -10.00
N LEU A 61 -4.09 -7.18 -10.97
CA LEU A 61 -4.22 -8.49 -11.60
C LEU A 61 -4.39 -9.59 -10.55
N GLU A 62 -4.17 -10.83 -10.94
CA GLU A 62 -4.30 -11.96 -10.03
C GLU A 62 -3.17 -12.97 -10.25
N ASP A 63 -1.93 -12.48 -10.22
CA ASP A 63 -0.76 -13.33 -10.41
C ASP A 63 0.22 -13.18 -9.26
N TYR A 64 -0.30 -12.83 -8.08
CA TYR A 64 0.55 -12.65 -6.91
C TYR A 64 0.51 -13.89 -6.01
N ASP A 65 -0.51 -14.72 -6.18
CA ASP A 65 -0.66 -15.94 -5.38
C ASP A 65 0.68 -16.68 -5.27
N ARG A 66 1.53 -16.52 -6.28
CA ARG A 66 2.83 -17.17 -6.28
C ARG A 66 3.63 -16.77 -5.04
N LEU A 67 3.64 -15.48 -4.75
CA LEU A 67 4.36 -14.97 -3.59
C LEU A 67 3.44 -14.85 -2.39
N ARG A 68 2.36 -15.62 -2.39
CA ARG A 68 1.38 -15.60 -1.31
C ARG A 68 2.02 -15.92 0.04
N PRO A 69 2.67 -17.08 0.18
CA PRO A 69 3.32 -17.48 1.45
C PRO A 69 4.19 -16.39 2.05
N LEU A 70 4.63 -15.44 1.22
CA LEU A 70 5.47 -14.35 1.69
C LEU A 70 4.64 -13.16 2.17
N SER A 71 3.35 -13.15 1.81
CA SER A 71 2.47 -12.06 2.20
C SER A 71 1.47 -12.51 3.27
N TYR A 72 1.10 -13.79 3.22
CA TYR A 72 0.15 -14.34 4.19
C TYR A 72 -1.08 -13.44 4.34
N PRO A 73 -2.15 -13.72 3.58
CA PRO A 73 -3.38 -12.93 3.63
C PRO A 73 -3.88 -12.71 5.05
N GLN A 74 -3.71 -13.73 5.90
CA GLN A 74 -4.14 -13.65 7.28
C GLN A 74 -3.26 -12.71 8.09
N THR A 75 -2.14 -12.28 7.52
CA THR A 75 -1.21 -11.38 8.19
C THR A 75 -1.94 -10.28 8.97
N ASP A 76 -2.88 -9.61 8.31
CA ASP A 76 -3.65 -8.54 8.93
C ASP A 76 -4.50 -7.80 7.90
N VAL A 77 -4.90 -6.57 8.22
CA VAL A 77 -5.71 -5.77 7.30
C VAL A 77 -4.98 -5.57 5.98
N PHE A 78 -5.75 -5.33 4.93
CA PHE A 78 -5.17 -5.13 3.60
C PHE A 78 -5.18 -3.65 3.21
N LEU A 79 -4.40 -3.30 2.19
CA LEU A 79 -4.32 -1.94 1.72
C LEU A 79 -4.86 -1.81 0.30
N VAL A 80 -5.61 -0.75 0.05
CA VAL A 80 -6.19 -0.51 -1.26
C VAL A 80 -5.92 0.91 -1.73
N CYS A 81 -5.50 1.07 -2.98
CA CYS A 81 -5.19 2.39 -3.51
C CYS A 81 -5.80 2.59 -4.90
N PHE A 82 -6.03 3.85 -5.24
CA PHE A 82 -6.58 4.22 -6.54
C PHE A 82 -5.64 5.21 -7.22
N SER A 83 -4.95 4.75 -8.26
CA SER A 83 -4.00 5.59 -9.01
C SER A 83 -4.48 7.02 -9.15
N VAL A 84 -3.92 7.90 -8.34
CA VAL A 84 -4.27 9.31 -8.37
C VAL A 84 -5.76 9.52 -8.13
N VAL A 85 -6.55 9.40 -9.19
CA VAL A 85 -8.00 9.58 -9.07
C VAL A 85 -8.74 8.99 -10.27
N SER A 86 -8.79 9.73 -11.38
CA SER A 86 -9.46 9.27 -12.57
C SER A 86 -10.91 8.87 -12.26
N PRO A 87 -11.88 9.74 -12.59
CA PRO A 87 -13.30 9.47 -12.32
C PRO A 87 -13.82 8.26 -13.11
N SER A 88 -13.23 8.03 -14.27
CA SER A 88 -13.63 6.91 -15.13
C SER A 88 -13.16 5.59 -14.53
N SER A 89 -12.13 5.65 -13.70
CA SER A 89 -11.58 4.45 -13.05
C SER A 89 -12.22 4.23 -11.68
N PHE A 90 -12.74 5.30 -11.09
CA PHE A 90 -13.37 5.21 -9.78
C PHE A 90 -14.36 4.06 -9.72
N GLU A 91 -15.48 4.20 -10.44
CA GLU A 91 -16.50 3.17 -10.46
C GLU A 91 -15.90 1.81 -10.81
N ASN A 92 -14.92 1.81 -11.70
CA ASN A 92 -14.26 0.58 -12.11
C ASN A 92 -13.54 -0.06 -10.93
N VAL A 93 -12.53 0.63 -10.40
CA VAL A 93 -11.75 0.13 -9.28
C VAL A 93 -12.64 -0.50 -8.21
N LYS A 94 -13.85 0.02 -8.06
CA LYS A 94 -14.78 -0.51 -7.07
C LYS A 94 -15.31 -1.89 -7.47
N GLU A 95 -16.12 -1.93 -8.52
CA GLU A 95 -16.70 -3.19 -8.99
C GLU A 95 -15.72 -3.99 -9.85
N LYS A 96 -14.46 -3.56 -9.92
CA LYS A 96 -13.47 -4.26 -10.72
C LYS A 96 -12.36 -4.84 -9.85
N TRP A 97 -11.85 -4.05 -8.91
CA TRP A 97 -10.78 -4.51 -8.04
C TRP A 97 -11.29 -5.07 -6.71
N VAL A 98 -12.33 -4.44 -6.15
CA VAL A 98 -12.89 -4.91 -4.88
C VAL A 98 -13.20 -6.40 -4.91
N PRO A 99 -13.83 -6.89 -6.00
CA PRO A 99 -14.17 -8.31 -6.13
C PRO A 99 -12.96 -9.22 -5.96
N GLU A 100 -11.77 -8.66 -6.18
CA GLU A 100 -10.53 -9.43 -6.06
C GLU A 100 -9.94 -9.30 -4.65
N ILE A 101 -10.17 -8.15 -4.03
CA ILE A 101 -9.66 -7.91 -2.68
C ILE A 101 -9.97 -9.07 -1.76
N THR A 102 -11.09 -9.75 -2.01
CA THR A 102 -11.49 -10.89 -1.20
C THR A 102 -10.48 -12.02 -1.34
N HIS A 103 -9.92 -12.17 -2.53
CA HIS A 103 -8.94 -13.20 -2.79
C HIS A 103 -7.61 -12.88 -2.12
N HIS A 104 -7.31 -11.58 -2.04
CA HIS A 104 -6.07 -11.13 -1.42
C HIS A 104 -6.20 -11.14 0.10
N CYS A 105 -7.33 -10.65 0.61
CA CYS A 105 -7.56 -10.60 2.04
C CYS A 105 -8.52 -11.71 2.48
N PRO A 106 -8.19 -12.43 3.56
CA PRO A 106 -9.03 -13.51 4.08
C PRO A 106 -10.15 -13.00 4.97
N LYS A 107 -11.16 -12.39 4.37
CA LYS A 107 -12.29 -11.85 5.12
C LYS A 107 -11.83 -10.76 6.08
N THR A 108 -10.74 -10.11 5.74
CA THR A 108 -10.20 -9.04 6.57
C THR A 108 -10.42 -7.67 5.92
N PRO A 109 -10.73 -6.64 6.72
CA PRO A 109 -10.98 -5.28 6.22
C PRO A 109 -9.84 -4.80 5.32
N PHE A 110 -10.05 -3.65 4.69
CA PHE A 110 -9.05 -3.07 3.80
C PHE A 110 -9.11 -1.55 3.83
N LEU A 111 -7.94 -0.91 3.84
CA LEU A 111 -7.86 0.54 3.86
C LEU A 111 -7.70 1.10 2.44
N LEU A 112 -8.66 1.91 2.02
CA LEU A 112 -8.62 2.51 0.69
C LEU A 112 -8.07 3.93 0.76
N VAL A 113 -6.98 4.18 0.02
CA VAL A 113 -6.37 5.50 0.00
C VAL A 113 -5.57 5.74 -1.28
N GLY A 114 -5.72 6.93 -1.84
CA GLY A 114 -5.02 7.28 -3.06
C GLY A 114 -5.23 8.73 -3.44
N THR A 115 -4.31 9.30 -4.21
CA THR A 115 -4.42 10.69 -4.63
C THR A 115 -3.16 11.15 -5.39
N GLN A 116 -3.19 12.39 -5.84
CA GLN A 116 -2.07 12.97 -6.58
C GLN A 116 -2.34 14.45 -6.86
N ILE A 117 -2.65 15.19 -5.80
CA ILE A 117 -2.94 16.63 -5.89
C ILE A 117 -2.05 17.33 -6.92
N ASP A 118 -0.83 16.83 -7.08
CA ASP A 118 0.11 17.41 -8.03
C ASP A 118 -0.44 17.41 -9.45
N LEU A 119 -0.66 16.22 -10.01
CA LEU A 119 -1.17 16.09 -11.37
C LEU A 119 -2.69 15.91 -11.39
N ARG A 120 -3.23 15.40 -10.27
CA ARG A 120 -4.68 15.16 -10.17
C ARG A 120 -5.49 16.31 -10.76
N ASP A 121 -4.92 17.51 -10.69
CA ASP A 121 -5.59 18.70 -11.23
C ASP A 121 -5.06 19.02 -12.62
N ASP A 122 -5.25 18.09 -13.55
CA ASP A 122 -4.78 18.27 -14.92
C ASP A 122 -5.97 18.47 -15.87
N PRO A 123 -5.72 19.09 -17.04
CA PRO A 123 -6.77 19.34 -18.04
C PRO A 123 -7.58 18.09 -18.35
N SER A 124 -6.92 16.94 -18.33
CA SER A 124 -7.59 15.67 -18.60
C SER A 124 -8.54 15.30 -17.47
N THR A 125 -8.06 15.44 -16.23
CA THR A 125 -8.87 15.12 -15.07
C THR A 125 -10.18 15.89 -15.09
N ILE A 126 -10.09 17.21 -15.15
CA ILE A 126 -11.26 18.07 -15.19
C ILE A 126 -12.12 17.78 -16.42
N GLU A 127 -11.47 17.39 -17.51
CA GLU A 127 -12.16 17.07 -18.75
C GLU A 127 -13.27 16.06 -18.51
N LYS A 128 -12.89 14.82 -18.23
CA LYS A 128 -13.85 13.76 -17.98
C LYS A 128 -14.63 14.01 -16.70
N LEU A 129 -13.97 14.61 -15.71
CA LEU A 129 -14.61 14.91 -14.43
C LEU A 129 -15.93 15.65 -14.66
N ALA A 130 -16.03 16.34 -15.79
CA ALA A 130 -17.23 17.08 -16.13
C ALA A 130 -18.34 16.15 -16.61
N LYS A 131 -17.96 14.96 -17.05
CA LYS A 131 -18.93 13.98 -17.53
C LYS A 131 -19.46 13.13 -16.38
N ASN A 132 -18.66 12.96 -15.35
CA ASN A 132 -19.05 12.19 -14.18
C ASN A 132 -19.99 12.97 -13.28
N LYS A 133 -20.02 14.29 -13.45
CA LYS A 133 -20.88 15.15 -12.64
C LYS A 133 -20.50 15.08 -11.17
N GLN A 134 -19.23 14.78 -10.90
CA GLN A 134 -18.73 14.68 -9.54
C GLN A 134 -17.45 15.48 -9.37
N LYS A 135 -17.46 16.42 -8.44
CA LYS A 135 -16.29 17.25 -8.19
C LYS A 135 -15.04 16.38 -8.00
N PRO A 136 -13.85 16.95 -8.30
CA PRO A 136 -12.58 16.22 -8.16
C PRO A 136 -12.45 15.53 -6.80
N ILE A 137 -11.96 14.30 -6.81
CA ILE A 137 -11.79 13.54 -5.59
C ILE A 137 -10.62 14.08 -4.77
N THR A 138 -10.93 14.89 -3.76
CA THR A 138 -9.90 15.48 -2.91
C THR A 138 -9.61 14.56 -1.71
N PRO A 139 -8.69 14.98 -0.83
CA PRO A 139 -8.33 14.20 0.36
C PRO A 139 -9.54 13.83 1.20
N GLU A 140 -10.62 14.59 1.04
CA GLU A 140 -11.85 14.33 1.78
C GLU A 140 -12.78 13.39 1.01
N THR A 141 -12.82 13.55 -0.31
CA THR A 141 -13.66 12.72 -1.16
C THR A 141 -13.41 11.24 -0.89
N ALA A 142 -12.14 10.85 -0.88
CA ALA A 142 -11.76 9.47 -0.63
C ALA A 142 -12.45 8.93 0.62
N GLU A 143 -12.19 9.57 1.75
CA GLU A 143 -12.79 9.15 3.01
C GLU A 143 -14.31 9.05 2.88
N LYS A 144 -14.86 9.84 1.96
CA LYS A 144 -16.31 9.85 1.73
C LYS A 144 -16.78 8.47 1.28
N LEU A 145 -16.20 7.97 0.19
CA LEU A 145 -16.57 6.67 -0.33
C LEU A 145 -16.43 5.60 0.75
N ALA A 146 -15.41 5.74 1.58
CA ALA A 146 -15.16 4.79 2.66
C ALA A 146 -16.29 4.82 3.67
N ARG A 147 -16.79 6.02 3.96
CA ARG A 147 -17.88 6.18 4.92
C ARG A 147 -19.10 5.40 4.47
N ASP A 148 -19.40 5.47 3.17
CA ASP A 148 -20.56 4.75 2.62
C ASP A 148 -20.40 3.25 2.81
N LEU A 149 -19.16 2.80 2.95
CA LEU A 149 -18.88 1.38 3.14
C LEU A 149 -18.19 1.13 4.48
N LYS A 150 -18.30 2.08 5.40
CA LYS A 150 -17.69 1.97 6.71
C LYS A 150 -16.18 1.74 6.60
N ALA A 151 -15.79 0.48 6.42
CA ALA A 151 -14.37 0.13 6.29
C ALA A 151 -13.59 0.54 7.53
N VAL A 152 -12.29 0.26 7.53
CA VAL A 152 -11.43 0.61 8.65
C VAL A 152 -11.27 2.12 8.79
N LYS A 153 -11.65 2.87 7.74
CA LYS A 153 -11.54 4.32 7.74
C LYS A 153 -10.11 4.76 7.44
N TYR A 154 -9.97 5.83 6.66
CA TYR A 154 -8.65 6.33 6.29
C TYR A 154 -8.67 7.82 6.01
N VAL A 155 -7.52 8.45 6.12
CA VAL A 155 -7.38 9.88 5.86
C VAL A 155 -5.94 10.23 5.53
N GLU A 156 -5.73 10.81 4.36
CA GLU A 156 -4.38 11.20 3.93
C GLU A 156 -4.45 12.00 2.64
N CYS A 157 -3.48 12.89 2.46
CA CYS A 157 -3.41 13.70 1.26
C CYS A 157 -2.37 13.15 0.32
N SER A 158 -2.10 13.87 -0.76
CA SER A 158 -1.12 13.42 -1.74
C SER A 158 0.27 13.90 -1.38
N ALA A 159 1.25 13.44 -2.14
CA ALA A 159 2.64 13.79 -1.91
C ALA A 159 2.85 15.30 -2.07
N LEU A 160 4.11 15.73 -1.96
CA LEU A 160 4.43 17.14 -2.08
C LEU A 160 3.82 17.95 -0.94
N THR A 161 2.51 18.11 -0.96
CA THR A 161 1.79 18.85 0.06
C THR A 161 1.81 18.11 1.39
N GLN A 162 0.89 17.17 1.56
CA GLN A 162 0.79 16.40 2.79
C GLN A 162 0.30 17.27 3.93
N LYS A 163 -0.90 16.99 4.43
CA LYS A 163 -1.47 17.76 5.53
C LYS A 163 -1.32 17.03 6.87
N GLY A 164 -2.04 15.92 7.00
CA GLY A 164 -1.98 15.15 8.22
C GLY A 164 -2.25 13.67 8.00
N LEU A 165 -1.20 12.92 7.70
CA LEU A 165 -1.33 11.49 7.46
C LEU A 165 -1.07 10.68 8.74
N LYS A 166 -0.47 11.33 9.74
CA LYS A 166 -0.17 10.66 11.00
C LYS A 166 -1.43 10.04 11.61
N ASN A 167 -2.54 10.77 11.56
CA ASN A 167 -3.80 10.28 12.11
C ASN A 167 -4.15 8.91 11.54
N VAL A 168 -4.38 8.85 10.23
CA VAL A 168 -4.71 7.59 9.58
C VAL A 168 -3.71 6.50 9.96
N PHE A 169 -2.49 6.91 10.25
CA PHE A 169 -1.45 5.99 10.66
C PHE A 169 -1.89 5.25 11.92
N ASP A 170 -2.43 6.01 12.87
CA ASP A 170 -2.90 5.45 14.12
C ASP A 170 -4.01 4.43 13.85
N GLU A 171 -4.85 4.75 12.87
CA GLU A 171 -5.95 3.87 12.50
C GLU A 171 -5.42 2.62 11.80
N ALA A 172 -4.23 2.72 11.24
CA ALA A 172 -3.61 1.59 10.55
C ALA A 172 -2.77 0.75 11.50
N ILE A 173 -1.84 1.41 12.19
CA ILE A 173 -0.97 0.72 13.14
C ILE A 173 -1.77 0.11 14.29
N LEU A 174 -2.78 0.86 14.74
CA LEU A 174 -3.62 0.40 15.84
C LEU A 174 -4.62 -0.65 15.36
N ALA A 175 -5.11 -0.49 14.14
CA ALA A 175 -6.07 -1.43 13.57
C ALA A 175 -5.55 -2.85 13.64
N ALA A 176 -4.29 -3.04 13.24
CA ALA A 176 -3.67 -4.36 13.25
C ALA A 176 -3.29 -4.77 14.67
N LEU A 177 -3.03 -3.78 15.51
CA LEU A 177 -2.64 -4.05 16.90
C LEU A 177 -3.69 -4.92 17.60
N GLU A 178 -4.82 -4.33 17.94
CA GLU A 178 -5.89 -5.06 18.62
C GLU A 178 -5.35 -5.79 19.84
N PRO A 179 -4.95 -5.04 20.88
CA PRO A 179 -4.43 -5.61 22.12
C PRO A 179 -5.48 -6.40 22.90
N PRO A 180 -5.38 -7.74 22.92
CA PRO A 180 -6.33 -8.59 23.62
C PRO A 180 -6.26 -8.41 25.14
N GLU A 181 -7.21 -7.65 25.67
CA GLU A 181 -7.25 -7.39 27.11
C GLU A 181 -7.59 -8.66 27.88
N PRO A 182 -8.78 -9.24 27.63
CA PRO A 182 -9.21 -10.47 28.32
C PRO A 182 -8.34 -11.67 27.96
N LYS A 183 -7.70 -12.25 28.98
CA LYS A 183 -6.83 -13.41 28.77
C LYS A 183 -7.65 -14.69 28.67
N LYS A 184 -6.97 -15.80 28.40
CA LYS A 184 -7.63 -17.09 28.26
C LYS A 184 -7.39 -17.95 29.49
N GLY B 1 2.74 10.50 22.74
CA GLY B 1 2.88 10.08 21.31
C GLY B 1 2.31 8.70 21.06
N SER B 2 0.99 8.61 20.96
CA SER B 2 0.32 7.34 20.72
C SER B 2 0.95 6.61 19.54
N ILE B 3 1.20 7.35 18.46
CA ILE B 3 1.80 6.77 17.26
C ILE B 3 2.74 7.78 16.60
N SER B 4 3.94 7.31 16.23
CA SER B 4 4.93 8.15 15.60
C SER B 4 5.30 7.62 14.21
N LEU B 5 5.52 8.54 13.28
CA LEU B 5 5.88 8.18 11.92
C LEU B 5 7.29 7.60 11.86
N PRO B 6 7.49 6.51 11.10
CA PRO B 6 8.80 5.86 10.97
C PRO B 6 9.88 6.85 10.51
N SER B 7 11.13 6.56 10.85
CA SER B 7 12.24 7.42 10.48
C SER B 7 13.21 6.71 9.54
N ASP B 8 14.12 5.94 10.13
CA ASP B 8 15.13 5.21 9.35
C ASP B 8 14.51 4.52 8.15
N PHE B 9 14.64 5.15 6.98
CA PHE B 9 14.10 4.60 5.74
C PHE B 9 15.18 4.43 4.70
N GLU B 10 15.26 3.24 4.11
CA GLU B 10 16.27 2.95 3.10
C GLU B 10 15.79 1.85 2.14
N HIS B 11 16.12 2.00 0.86
CA HIS B 11 15.72 1.02 -0.15
C HIS B 11 16.47 -0.29 0.06
N THR B 12 15.78 -1.28 0.62
CA THR B 12 16.39 -2.58 0.88
C THR B 12 16.48 -3.42 -0.39
N ILE B 13 15.40 -4.14 -0.71
CA ILE B 13 15.37 -4.99 -1.90
C ILE B 13 14.54 -4.35 -3.01
N HIS B 14 15.12 -4.23 -4.19
CA HIS B 14 14.42 -3.63 -5.33
C HIS B 14 14.00 -4.70 -6.33
N VAL B 15 12.74 -5.11 -6.27
CA VAL B 15 12.22 -6.13 -7.16
C VAL B 15 11.74 -5.52 -8.48
N GLY B 16 11.81 -6.31 -9.54
CA GLY B 16 11.39 -5.86 -10.85
C GLY B 16 10.77 -6.96 -11.68
N PHE B 17 10.08 -6.59 -12.76
CA PHE B 17 9.45 -7.58 -13.62
C PHE B 17 10.34 -7.93 -14.80
N ASP B 18 10.92 -9.12 -14.76
CA ASP B 18 11.80 -9.59 -15.83
C ASP B 18 11.31 -10.91 -16.41
N ALA B 19 10.97 -10.91 -17.69
CA ALA B 19 10.48 -12.11 -18.35
C ALA B 19 11.60 -13.07 -18.69
N VAL B 20 12.84 -12.71 -18.34
CA VAL B 20 13.99 -13.57 -18.62
C VAL B 20 13.72 -15.01 -18.21
N THR B 21 12.84 -15.18 -17.22
CA THR B 21 12.47 -16.50 -16.73
C THR B 21 11.06 -16.50 -16.15
N GLY B 22 10.26 -15.52 -16.56
CA GLY B 22 8.89 -15.44 -16.09
C GLY B 22 8.79 -15.19 -14.59
N GLU B 23 9.84 -14.62 -14.01
CA GLU B 23 9.86 -14.34 -12.58
C GLU B 23 10.35 -12.91 -12.31
N PHE B 24 10.11 -12.43 -11.09
CA PHE B 24 10.53 -11.09 -10.72
C PHE B 24 12.01 -11.06 -10.38
N THR B 25 12.62 -9.89 -10.52
CA THR B 25 14.04 -9.71 -10.23
C THR B 25 14.25 -9.24 -8.80
N GLY B 26 15.50 -9.26 -8.36
CA GLY B 26 15.81 -8.83 -7.01
C GLY B 26 14.94 -9.51 -5.97
N MET B 27 14.41 -10.68 -6.33
CA MET B 27 13.56 -11.45 -5.42
C MET B 27 14.20 -11.60 -4.04
N PRO B 28 13.70 -10.86 -3.03
CA PRO B 28 14.24 -10.91 -1.68
C PRO B 28 14.70 -12.31 -1.27
N GLU B 29 15.66 -12.36 -0.35
CA GLU B 29 16.21 -13.63 0.12
C GLU B 29 15.13 -14.69 0.31
N GLN B 30 14.24 -14.46 1.26
CA GLN B 30 13.15 -15.40 1.54
C GLN B 30 12.28 -15.60 0.31
N TRP B 31 11.83 -14.50 -0.28
CA TRP B 31 10.99 -14.56 -1.47
C TRP B 31 11.58 -15.49 -2.51
N ALA B 32 12.77 -15.14 -3.00
CA ALA B 32 13.46 -15.93 -4.00
C ALA B 32 13.47 -17.41 -3.64
N ARG B 33 14.22 -17.75 -2.60
CA ARG B 33 14.33 -19.13 -2.15
C ARG B 33 12.96 -19.80 -2.07
N LEU B 34 11.96 -19.06 -1.62
CA LEU B 34 10.61 -19.59 -1.51
C LEU B 34 10.20 -20.28 -2.80
N LEU B 35 10.24 -19.54 -3.90
CA LEU B 35 9.88 -20.08 -5.21
C LEU B 35 11.11 -20.56 -5.96
N GLN B 36 11.95 -19.62 -6.38
CA GLN B 36 13.15 -19.94 -7.13
C GLN B 36 14.28 -20.42 -6.21
N THR B 37 15.24 -19.54 -5.89
CA THR B 37 16.36 -19.89 -5.03
C THR B 37 17.14 -18.64 -4.62
N SER B 38 17.32 -17.73 -5.58
CA SER B 38 18.04 -16.49 -5.33
C SER B 38 17.28 -15.31 -5.92
N ASN B 39 17.72 -14.11 -5.60
CA ASN B 39 17.07 -12.92 -6.12
C ASN B 39 17.00 -12.99 -7.64
N ILE B 40 18.16 -12.99 -8.27
CA ILE B 40 18.24 -13.09 -9.71
C ILE B 40 19.05 -14.32 -10.09
N THR B 41 18.37 -15.46 -10.19
CA THR B 41 19.02 -16.71 -10.53
C THR B 41 19.92 -17.18 -9.38
N LYS B 42 20.94 -16.38 -9.09
CA LYS B 42 21.87 -16.70 -8.01
C LYS B 42 22.38 -15.43 -7.33
N SER B 43 21.49 -14.46 -7.14
CA SER B 43 21.85 -13.20 -6.51
C SER B 43 22.77 -12.39 -7.41
N GLU B 44 23.98 -12.88 -7.62
CA GLU B 44 24.95 -12.19 -8.47
C GLU B 44 24.77 -12.59 -9.93
N GLN B 45 25.02 -11.64 -10.83
CA GLN B 45 24.88 -11.90 -12.27
C GLN B 45 26.21 -12.36 -12.86
N LYS B 46 26.14 -13.26 -13.82
CA LYS B 46 27.33 -13.79 -14.47
C LYS B 46 27.00 -14.37 -15.84
PG GNP C . 5.62 3.73 -9.49
O1G GNP C . 6.94 4.22 -9.04
O2G GNP C . 5.25 2.33 -9.16
O3G GNP C . 5.63 3.82 -11.09
N3B GNP C . 4.47 4.72 -8.79
PB GNP C . 3.19 4.12 -7.90
O1B GNP C . 2.36 3.31 -8.82
O2B GNP C . 3.76 3.46 -6.71
O3A GNP C . 2.23 5.29 -7.34
PA GNP C . 1.38 6.40 -8.15
O1A GNP C . -0.03 6.31 -7.71
O2A GNP C . 1.72 6.28 -9.59
O5' GNP C . 1.99 7.78 -7.61
C5' GNP C . 1.16 8.95 -7.48
C4' GNP C . 1.86 10.06 -6.72
O4' GNP C . 0.98 10.64 -5.74
C3' GNP C . 3.09 9.53 -6.00
O3' GNP C . 4.28 10.16 -6.48
C2' GNP C . 2.89 9.82 -4.53
O2' GNP C . 3.94 10.65 -4.03
C1' GNP C . 1.53 10.51 -4.41
N9 GNP C . 0.63 9.74 -3.54
C8 GNP C . -0.15 8.66 -3.84
N7 GNP C . -0.87 8.16 -2.89
C5 GNP C . -0.54 8.99 -1.81
C6 GNP C . -1.00 8.97 -0.45
O6 GNP C . -1.81 8.18 0.06
N1 GNP C . -0.42 9.98 0.32
C2 GNP C . 0.50 10.92 -0.16
N2 GNP C . 0.94 11.81 0.73
N3 GNP C . 0.93 10.95 -1.43
C4 GNP C . 0.38 9.96 -2.20
HNB3 GNP C . 4.54 5.68 -8.92
H5'2 GNP C . 0.24 8.67 -6.96
H5'1 GNP C . 0.91 9.30 -8.48
H4' GNP C . 2.17 10.84 -7.42
H3' GNP C . 3.15 8.46 -6.14
HO3' GNP C . 4.00 10.89 -7.04
H2' GNP C . 2.86 8.88 -3.97
HO2' GNP C . 4.73 10.42 -4.51
H1' GNP C . 1.68 11.51 -3.98
H8 GNP C . -0.17 8.25 -4.85
HN1 GNP C . -0.70 10.02 1.26
HN21 GNP C . 0.61 11.78 1.68
HN22 GNP C . 1.61 12.52 0.44
MG MG D . 5.35 1.78 -6.82
N MET A 1 9.24 -10.79 19.58
CA MET A 1 9.10 -9.31 19.63
C MET A 1 7.85 -8.85 18.87
N GLN A 2 6.89 -9.75 18.73
CA GLN A 2 5.65 -9.44 18.03
C GLN A 2 5.94 -8.91 16.63
N THR A 3 5.99 -9.81 15.65
CA THR A 3 6.26 -9.44 14.27
C THR A 3 4.96 -9.11 13.53
N ILE A 4 5.09 -8.37 12.43
CA ILE A 4 3.93 -7.99 11.64
C ILE A 4 4.30 -7.82 10.17
N LYS A 5 3.46 -8.33 9.28
CA LYS A 5 3.68 -8.23 7.85
C LYS A 5 2.55 -7.46 7.18
N CYS A 6 2.78 -6.16 6.98
CA CYS A 6 1.77 -5.31 6.35
C CYS A 6 1.73 -5.53 4.85
N VAL A 7 0.79 -6.35 4.39
CA VAL A 7 0.65 -6.63 2.98
C VAL A 7 -0.20 -5.57 2.30
N VAL A 8 0.43 -4.77 1.45
CA VAL A 8 -0.27 -3.71 0.75
C VAL A 8 -0.49 -4.07 -0.73
N VAL A 9 -1.74 -3.92 -1.18
CA VAL A 9 -2.09 -4.23 -2.56
C VAL A 9 -2.79 -3.05 -3.23
N GLY A 10 -2.44 -2.79 -4.49
CA GLY A 10 -3.04 -1.69 -5.21
C GLY A 10 -2.28 -1.33 -6.47
N ASP A 11 -2.95 -1.42 -7.60
CA ASP A 11 -2.32 -1.10 -8.88
C ASP A 11 -1.85 0.36 -8.89
N GLY A 12 -2.58 1.21 -8.17
CA GLY A 12 -2.24 2.61 -8.11
C GLY A 12 -0.90 2.85 -7.43
N ALA A 13 -0.56 2.00 -6.48
CA ALA A 13 0.70 2.13 -5.76
C ALA A 13 0.84 3.52 -5.17
N VAL A 14 -0.29 4.19 -4.96
CA VAL A 14 -0.31 5.52 -4.37
C VAL A 14 -0.43 5.42 -2.85
N GLY A 15 -0.87 4.26 -2.37
CA GLY A 15 -1.04 4.05 -0.94
C GLY A 15 -0.39 2.78 -0.44
N LYS A 16 0.09 1.93 -1.35
CA LYS A 16 0.74 0.68 -0.98
C LYS A 16 2.26 0.87 -0.92
N THR A 17 2.83 1.29 -2.05
CA THR A 17 4.26 1.54 -2.16
C THR A 17 4.56 3.02 -1.95
N CYS A 18 3.71 3.88 -2.53
CA CYS A 18 3.88 5.31 -2.38
C CYS A 18 3.68 5.70 -0.92
N LEU A 19 2.92 4.87 -0.20
CA LEU A 19 2.64 5.10 1.22
C LEU A 19 3.89 5.55 1.97
N LEU A 20 4.82 4.62 2.19
CA LEU A 20 6.05 4.93 2.91
C LEU A 20 6.89 5.93 2.15
N ILE A 21 6.84 5.88 0.82
CA ILE A 21 7.60 6.81 0.01
C ILE A 21 7.23 8.25 0.39
N SER A 22 5.94 8.50 0.57
CA SER A 22 5.47 9.84 0.93
C SER A 22 5.27 9.99 2.44
N TYR A 23 5.00 8.88 3.13
CA TYR A 23 4.75 8.90 4.57
C TYR A 23 6.05 8.95 5.38
N THR A 24 6.79 7.86 5.33
CA THR A 24 8.04 7.75 6.07
C THR A 24 9.18 8.47 5.36
N THR A 25 9.79 7.80 4.40
CA THR A 25 10.89 8.36 3.65
C THR A 25 10.55 9.75 3.10
N ASN A 26 9.26 10.01 2.92
CA ASN A 26 8.78 11.29 2.41
C ASN A 26 9.62 11.75 1.22
N LYS A 27 10.01 10.80 0.38
CA LYS A 27 10.81 11.11 -0.81
C LYS A 27 10.02 10.84 -2.09
N PHE A 28 10.74 10.78 -3.21
CA PHE A 28 10.13 10.52 -4.49
C PHE A 28 10.76 9.29 -5.14
N PRO A 29 9.95 8.45 -5.81
CA PRO A 29 10.42 7.23 -6.47
C PRO A 29 11.83 7.36 -7.05
N SER A 30 12.64 6.34 -6.84
CA SER A 30 14.02 6.32 -7.33
C SER A 30 14.14 5.38 -8.52
N GLU A 31 14.34 4.09 -8.25
CA GLU A 31 14.46 3.10 -9.30
C GLU A 31 13.08 2.72 -9.82
N TYR A 32 12.65 3.36 -10.91
CA TYR A 32 11.34 3.09 -11.48
C TYR A 32 11.28 1.68 -12.04
N VAL A 33 10.57 0.81 -11.33
CA VAL A 33 10.40 -0.57 -11.74
C VAL A 33 9.20 -1.17 -11.01
N PRO A 34 8.32 -1.88 -11.73
CA PRO A 34 7.14 -2.50 -11.14
C PRO A 34 7.44 -3.15 -9.80
N THR A 35 7.32 -2.37 -8.72
CA THR A 35 7.59 -2.91 -7.39
C THR A 35 6.49 -3.84 -6.93
N VAL A 36 6.61 -5.11 -7.30
CA VAL A 36 5.64 -6.11 -6.91
C VAL A 36 5.71 -6.36 -5.41
N PHE A 37 6.85 -6.03 -4.81
CA PHE A 37 7.05 -6.19 -3.38
C PHE A 37 7.57 -4.91 -2.76
N ASP A 38 8.86 -4.66 -2.97
CA ASP A 38 9.49 -3.48 -2.42
C ASP A 38 9.43 -3.53 -0.90
N ASN A 39 10.59 -3.57 -0.26
CA ASN A 39 10.63 -3.63 1.20
C ASN A 39 11.08 -2.31 1.77
N TYR A 40 10.60 -2.00 2.96
CA TYR A 40 10.93 -0.75 3.62
C TYR A 40 11.12 -0.95 5.11
N ALA A 41 12.08 -0.22 5.68
CA ALA A 41 12.35 -0.30 7.11
C ALA A 41 11.61 0.80 7.86
N VAL A 42 10.93 0.42 8.94
CA VAL A 42 10.19 1.38 9.73
C VAL A 42 10.10 0.97 11.20
N THR A 43 9.76 1.91 12.05
CA THR A 43 9.63 1.68 13.48
C THR A 43 8.69 2.70 14.10
N VAL A 44 7.46 2.28 14.35
CA VAL A 44 6.46 3.16 14.94
C VAL A 44 6.35 2.94 16.43
N MET A 45 6.38 4.03 17.19
CA MET A 45 6.27 3.95 18.64
C MET A 45 4.82 4.06 19.09
N ILE A 46 4.22 2.93 19.38
CA ILE A 46 2.83 2.89 19.83
C ILE A 46 2.75 2.71 21.34
N GLY A 47 2.57 3.83 22.05
CA GLY A 47 2.50 3.78 23.49
C GLY A 47 3.87 3.81 24.15
N GLY A 48 4.90 4.14 23.36
CA GLY A 48 6.24 4.20 23.89
C GLY A 48 7.01 2.90 23.71
N GLU A 49 6.74 2.21 22.60
CA GLU A 49 7.40 0.94 22.32
C GLU A 49 7.72 0.81 20.83
N PRO A 50 8.94 0.37 20.48
CA PRO A 50 9.36 0.21 19.08
C PRO A 50 8.51 -0.82 18.35
N TYR A 51 8.65 -0.86 17.02
CA TYR A 51 7.89 -1.81 16.21
C TYR A 51 8.62 -2.13 14.90
N THR A 52 8.14 -3.15 14.20
CA THR A 52 8.73 -3.55 12.94
C THR A 52 7.64 -3.82 11.90
N LEU A 53 7.38 -2.83 11.06
CA LEU A 53 6.36 -2.95 10.01
C LEU A 53 6.99 -2.88 8.63
N GLY A 54 6.24 -3.36 7.63
CA GLY A 54 6.73 -3.34 6.26
C GLY A 54 5.63 -3.50 5.24
N LEU A 55 5.49 -2.51 4.36
CA LEU A 55 4.44 -2.54 3.34
C LEU A 55 4.85 -3.48 2.21
N PHE A 56 4.25 -4.67 2.19
CA PHE A 56 4.54 -5.64 1.15
C PHE A 56 3.67 -5.36 -0.07
N ASP A 57 4.29 -4.80 -1.11
CA ASP A 57 3.55 -4.48 -2.32
C ASP A 57 3.09 -5.74 -3.03
N THR A 58 2.32 -5.57 -4.10
CA THR A 58 1.82 -6.71 -4.86
C THR A 58 1.39 -6.28 -6.27
N ALA A 59 1.87 -6.99 -7.27
CA ALA A 59 1.55 -6.69 -8.66
C ALA A 59 0.04 -6.75 -8.89
N GLY A 60 -0.39 -6.30 -10.06
CA GLY A 60 -1.80 -6.32 -10.39
C GLY A 60 -2.27 -7.67 -10.88
N LEU A 61 -1.32 -8.50 -11.32
CA LEU A 61 -1.64 -9.83 -11.83
C LEU A 61 -2.27 -10.69 -10.74
N GLU A 62 -3.12 -11.62 -11.14
CA GLU A 62 -3.79 -12.52 -10.20
C GLU A 62 -3.05 -13.84 -10.07
N ASP A 63 -1.72 -13.76 -10.18
CA ASP A 63 -0.89 -14.96 -10.07
C ASP A 63 0.04 -14.87 -8.86
N TYR A 64 -0.32 -14.02 -7.89
CA TYR A 64 0.48 -13.85 -6.69
C TYR A 64 0.25 -14.99 -5.71
N ASP A 65 -0.76 -15.81 -5.97
CA ASP A 65 -1.09 -16.95 -5.09
C ASP A 65 0.18 -17.67 -4.65
N ARG A 66 1.20 -17.66 -5.50
CA ARG A 66 2.46 -18.31 -5.18
C ARG A 66 3.30 -17.43 -4.26
N LEU A 67 3.36 -16.15 -4.59
CA LEU A 67 4.12 -15.19 -3.79
C LEU A 67 3.20 -14.48 -2.80
N ARG A 68 2.10 -15.14 -2.43
CA ARG A 68 1.15 -14.56 -1.51
C ARG A 68 1.35 -15.09 -0.08
N PRO A 69 1.47 -16.42 0.11
CA PRO A 69 1.67 -16.99 1.45
C PRO A 69 2.84 -16.35 2.17
N LEU A 70 3.93 -16.13 1.44
CA LEU A 70 5.12 -15.50 1.99
C LEU A 70 4.78 -14.23 2.76
N SER A 71 3.65 -13.62 2.42
CA SER A 71 3.22 -12.38 3.07
C SER A 71 2.06 -12.65 4.04
N TYR A 72 1.37 -13.77 3.84
CA TYR A 72 0.25 -14.15 4.70
C TYR A 72 -0.86 -13.10 4.66
N PRO A 73 -2.13 -13.53 4.61
CA PRO A 73 -3.27 -12.63 4.56
C PRO A 73 -3.67 -12.10 5.93
N GLN A 74 -3.77 -13.00 6.89
CA GLN A 74 -4.14 -12.65 8.26
C GLN A 74 -3.03 -11.85 8.95
N THR A 75 -1.86 -11.79 8.33
CA THR A 75 -0.72 -11.07 8.88
C THR A 75 -1.15 -9.74 9.51
N ASP A 76 -1.86 -8.93 8.74
CA ASP A 76 -2.33 -7.63 9.22
C ASP A 76 -3.28 -6.98 8.22
N VAL A 77 -3.55 -5.69 8.44
CA VAL A 77 -4.44 -4.95 7.55
C VAL A 77 -3.85 -4.81 6.16
N PHE A 78 -4.68 -4.48 5.18
CA PHE A 78 -4.23 -4.32 3.80
C PHE A 78 -4.29 -2.85 3.38
N LEU A 79 -3.22 -2.39 2.74
CA LEU A 79 -3.16 -1.00 2.27
C LEU A 79 -3.38 -0.93 0.77
N VAL A 80 -4.42 -0.20 0.36
CA VAL A 80 -4.73 -0.04 -1.05
C VAL A 80 -4.95 1.43 -1.40
N CYS A 81 -4.71 1.78 -2.66
CA CYS A 81 -4.87 3.15 -3.11
C CYS A 81 -5.39 3.22 -4.54
N PHE A 82 -5.65 4.44 -5.01
CA PHE A 82 -6.16 4.66 -6.36
C PHE A 82 -6.07 6.13 -6.73
N SER A 83 -6.58 6.47 -7.92
CA SER A 83 -6.55 7.85 -8.40
C SER A 83 -7.51 8.72 -7.59
N VAL A 84 -7.50 10.02 -7.88
CA VAL A 84 -8.37 10.97 -7.18
C VAL A 84 -9.03 11.92 -8.16
N VAL A 85 -9.53 11.39 -9.28
CA VAL A 85 -10.19 12.20 -10.29
C VAL A 85 -10.60 11.36 -11.48
N SER A 86 -9.61 10.91 -12.25
CA SER A 86 -9.86 10.07 -13.43
C SER A 86 -10.90 8.99 -13.13
N PRO A 87 -12.16 9.20 -13.54
CA PRO A 87 -13.23 8.22 -13.31
C PRO A 87 -12.96 6.89 -13.98
N SER A 88 -12.34 6.93 -15.16
CA SER A 88 -12.02 5.73 -15.90
C SER A 88 -11.31 4.71 -15.01
N SER A 89 -10.53 5.21 -14.06
CA SER A 89 -9.79 4.35 -13.14
C SER A 89 -10.55 4.16 -11.85
N PHE A 90 -11.29 5.19 -11.43
CA PHE A 90 -12.07 5.14 -10.20
C PHE A 90 -13.03 3.96 -10.22
N GLU A 91 -14.05 4.04 -11.07
CA GLU A 91 -15.04 2.98 -11.17
C GLU A 91 -14.37 1.61 -11.32
N ASN A 92 -13.15 1.62 -11.84
CA ASN A 92 -12.40 0.38 -12.02
C ASN A 92 -11.89 -0.16 -10.69
N VAL A 93 -10.99 0.59 -10.05
CA VAL A 93 -10.42 0.18 -8.78
C VAL A 93 -11.47 -0.40 -7.84
N LYS A 94 -12.69 0.12 -7.93
CA LYS A 94 -13.79 -0.35 -7.08
C LYS A 94 -14.37 -1.67 -7.59
N GLU A 95 -14.92 -1.65 -8.80
CA GLU A 95 -15.53 -2.84 -9.38
C GLU A 95 -14.50 -3.80 -9.97
N LYS A 96 -13.21 -3.54 -9.74
CA LYS A 96 -12.17 -4.40 -10.26
C LYS A 96 -11.34 -5.03 -9.15
N TRP A 97 -11.02 -4.26 -8.12
CA TRP A 97 -10.22 -4.76 -7.01
C TRP A 97 -11.08 -5.23 -5.84
N VAL A 98 -12.16 -4.51 -5.55
CA VAL A 98 -13.04 -4.89 -4.45
C VAL A 98 -13.40 -6.38 -4.49
N PRO A 99 -13.72 -6.92 -5.69
CA PRO A 99 -14.07 -8.33 -5.84
C PRO A 99 -12.91 -9.27 -5.58
N GLU A 100 -11.69 -8.82 -5.89
CA GLU A 100 -10.50 -9.63 -5.70
C GLU A 100 -9.85 -9.37 -4.34
N ILE A 101 -10.12 -8.19 -3.77
CA ILE A 101 -9.55 -7.82 -2.47
C ILE A 101 -9.68 -8.96 -1.46
N THR A 102 -10.70 -9.79 -1.64
CA THR A 102 -10.93 -10.91 -0.74
C THR A 102 -9.92 -12.03 -0.99
N HIS A 103 -9.62 -12.28 -2.26
CA HIS A 103 -8.67 -13.31 -2.63
C HIS A 103 -7.31 -13.03 -2.00
N HIS A 104 -6.92 -11.76 -1.97
CA HIS A 104 -5.66 -11.35 -1.40
C HIS A 104 -5.83 -10.95 0.07
N CYS A 105 -7.04 -10.51 0.40
CA CYS A 105 -7.36 -10.09 1.77
C CYS A 105 -8.54 -10.88 2.31
N PRO A 106 -8.36 -12.19 2.52
CA PRO A 106 -9.42 -13.06 3.05
C PRO A 106 -9.81 -12.71 4.48
N LYS A 107 -11.01 -12.19 4.65
CA LYS A 107 -11.51 -11.82 5.96
C LYS A 107 -10.53 -10.91 6.68
N THR A 108 -10.06 -9.88 5.98
CA THR A 108 -9.10 -8.93 6.56
C THR A 108 -9.42 -7.51 6.11
N PRO A 109 -9.29 -6.53 7.03
CA PRO A 109 -9.55 -5.12 6.73
C PRO A 109 -8.69 -4.62 5.58
N PHE A 110 -9.00 -3.41 5.09
CA PHE A 110 -8.24 -2.83 4.00
C PHE A 110 -8.43 -1.32 3.94
N LEU A 111 -7.33 -0.61 3.70
CA LEU A 111 -7.38 0.86 3.60
C LEU A 111 -7.35 1.28 2.14
N LEU A 112 -8.35 2.07 1.74
CA LEU A 112 -8.43 2.52 0.35
C LEU A 112 -8.75 4.01 0.26
N VAL A 113 -7.73 4.82 -0.01
CA VAL A 113 -7.90 6.26 -0.14
C VAL A 113 -6.96 6.83 -1.20
N GLY A 114 -7.53 7.23 -2.34
CA GLY A 114 -6.72 7.79 -3.42
C GLY A 114 -6.04 9.08 -3.02
N THR A 115 -4.94 9.40 -3.69
CA THR A 115 -4.19 10.62 -3.41
C THR A 115 -3.53 11.16 -4.67
N GLN A 116 -3.95 12.34 -5.09
CA GLN A 116 -3.40 12.97 -6.29
C GLN A 116 -3.87 14.41 -6.42
N ILE A 117 -3.33 15.28 -5.56
CA ILE A 117 -3.70 16.68 -5.58
C ILE A 117 -3.26 17.36 -6.88
N ASP A 118 -1.95 17.38 -7.11
CA ASP A 118 -1.40 17.98 -8.32
C ASP A 118 -2.11 17.45 -9.57
N LEU A 119 -2.04 16.14 -9.77
CA LEU A 119 -2.66 15.51 -10.93
C LEU A 119 -4.11 15.96 -11.09
N ARG A 120 -4.86 15.93 -10.00
CA ARG A 120 -6.25 16.35 -10.01
C ARG A 120 -6.41 17.72 -10.66
N ASP A 121 -5.36 18.53 -10.56
CA ASP A 121 -5.37 19.87 -11.15
C ASP A 121 -5.28 19.83 -12.67
N ASP A 122 -4.89 18.67 -13.21
CA ASP A 122 -4.77 18.51 -14.66
C ASP A 122 -6.06 18.91 -15.37
N PRO A 123 -5.95 19.52 -16.55
CA PRO A 123 -7.11 19.95 -17.34
C PRO A 123 -7.86 18.77 -17.94
N SER A 124 -7.11 17.83 -18.52
CA SER A 124 -7.71 16.66 -19.15
C SER A 124 -8.72 16.00 -18.21
N THR A 125 -8.38 15.93 -16.92
CA THR A 125 -9.25 15.33 -15.93
C THR A 125 -10.66 15.95 -15.98
N ILE A 126 -10.73 17.25 -15.68
CA ILE A 126 -12.00 17.96 -15.70
C ILE A 126 -12.74 17.73 -17.01
N GLU A 127 -11.99 17.71 -18.11
CA GLU A 127 -12.57 17.50 -19.43
C GLU A 127 -13.51 16.29 -19.43
N LYS A 128 -12.96 15.12 -19.18
CA LYS A 128 -13.74 13.89 -19.15
C LYS A 128 -14.62 13.83 -17.90
N LEU A 129 -14.09 14.37 -16.79
CA LEU A 129 -14.83 14.37 -15.54
C LEU A 129 -16.23 14.92 -15.74
N ALA A 130 -16.39 15.76 -16.77
CA ALA A 130 -17.68 16.36 -17.08
C ALA A 130 -18.62 15.31 -17.69
N LYS A 131 -18.04 14.27 -18.28
CA LYS A 131 -18.83 13.22 -18.91
C LYS A 131 -19.25 12.17 -17.87
N ASN A 132 -18.59 12.18 -16.72
CA ASN A 132 -18.90 11.23 -15.65
C ASN A 132 -19.90 11.82 -14.67
N LYS A 133 -20.76 12.71 -15.15
CA LYS A 133 -21.77 13.35 -14.31
C LYS A 133 -21.11 14.32 -13.33
N GLN A 134 -20.03 14.95 -13.76
CA GLN A 134 -19.33 15.91 -12.92
C GLN A 134 -19.03 15.31 -11.54
N LYS A 135 -18.70 16.17 -10.58
CA LYS A 135 -18.40 15.72 -9.23
C LYS A 135 -17.06 14.98 -9.19
N PRO A 136 -15.94 15.72 -9.25
CA PRO A 136 -14.60 15.13 -9.22
C PRO A 136 -14.25 14.57 -7.85
N ILE A 137 -13.15 13.81 -7.78
CA ILE A 137 -12.71 13.22 -6.53
C ILE A 137 -11.62 14.07 -5.88
N THR A 138 -11.79 14.33 -4.59
CA THR A 138 -10.84 15.12 -3.82
C THR A 138 -10.46 14.39 -2.54
N PRO A 139 -9.58 14.99 -1.71
CA PRO A 139 -9.14 14.39 -0.44
C PRO A 139 -10.31 13.95 0.43
N GLU A 140 -11.48 14.53 0.19
CA GLU A 140 -12.67 14.20 0.96
C GLU A 140 -13.45 13.05 0.31
N THR A 141 -13.55 13.09 -1.03
CA THR A 141 -14.27 12.07 -1.78
C THR A 141 -13.86 10.67 -1.33
N ALA A 142 -12.55 10.44 -1.23
CA ALA A 142 -12.03 9.15 -0.81
C ALA A 142 -12.73 8.66 0.45
N GLU A 143 -12.77 9.53 1.46
CA GLU A 143 -13.41 9.18 2.72
C GLU A 143 -14.91 8.93 2.50
N LYS A 144 -15.48 9.64 1.54
CA LYS A 144 -16.89 9.48 1.23
C LYS A 144 -17.22 8.03 0.91
N LEU A 145 -16.42 7.42 0.04
CA LEU A 145 -16.61 6.03 -0.33
C LEU A 145 -16.35 5.12 0.87
N ALA A 146 -15.42 5.52 1.71
CA ALA A 146 -15.07 4.75 2.90
C ALA A 146 -16.22 4.75 3.91
N ARG A 147 -16.75 5.93 4.19
CA ARG A 147 -17.85 6.07 5.14
C ARG A 147 -19.09 5.34 4.63
N ASP A 148 -19.29 5.37 3.31
CA ASP A 148 -20.44 4.71 2.71
C ASP A 148 -20.36 3.21 2.88
N LEU A 149 -19.13 2.68 2.92
CA LEU A 149 -18.92 1.25 3.09
C LEU A 149 -18.59 0.91 4.54
N LYS A 150 -18.17 1.91 5.31
CA LYS A 150 -17.83 1.70 6.71
C LYS A 150 -16.65 0.74 6.85
N ALA A 151 -15.45 1.29 6.94
CA ALA A 151 -14.25 0.48 7.08
C ALA A 151 -13.30 1.07 8.12
N VAL A 152 -12.10 0.49 8.24
CA VAL A 152 -11.11 0.96 9.19
C VAL A 152 -11.03 2.48 9.23
N LYS A 153 -11.01 3.09 8.03
CA LYS A 153 -10.94 4.55 7.82
C LYS A 153 -9.60 4.92 7.20
N TYR A 154 -9.63 5.86 6.26
CA TYR A 154 -8.42 6.28 5.56
C TYR A 154 -8.53 7.71 5.04
N VAL A 155 -7.44 8.45 5.14
CA VAL A 155 -7.40 9.83 4.68
C VAL A 155 -5.96 10.28 4.43
N GLU A 156 -5.68 10.76 3.21
CA GLU A 156 -4.34 11.20 2.88
C GLU A 156 -4.34 12.12 1.66
N CYS A 157 -3.17 12.66 1.36
CA CYS A 157 -2.99 13.57 0.23
C CYS A 157 -1.73 13.20 -0.54
N SER A 158 -1.34 14.04 -1.49
CA SER A 158 -0.14 13.77 -2.28
C SER A 158 1.11 14.27 -1.56
N ALA A 159 2.27 13.82 -2.01
CA ALA A 159 3.54 14.20 -1.40
C ALA A 159 3.58 15.68 -1.03
N LEU A 160 4.04 16.53 -1.96
CA LEU A 160 4.13 17.97 -1.70
C LEU A 160 2.79 18.55 -1.25
N THR A 161 2.53 18.46 0.05
CA THR A 161 1.29 18.98 0.62
C THR A 161 1.13 18.52 2.07
N GLN A 162 0.96 17.22 2.25
CA GLN A 162 0.80 16.64 3.59
C GLN A 162 -0.15 17.47 4.46
N LYS A 163 -1.42 17.06 4.50
CA LYS A 163 -2.43 17.77 5.29
C LYS A 163 -2.77 16.97 6.55
N GLY A 164 -3.07 15.69 6.37
CA GLY A 164 -3.40 14.84 7.49
C GLY A 164 -2.97 13.40 7.26
N LEU A 165 -1.66 13.18 7.24
CA LEU A 165 -1.11 11.84 7.03
C LEU A 165 -0.86 11.11 8.35
N LYS A 166 -0.72 11.88 9.43
CA LYS A 166 -0.48 11.31 10.74
C LYS A 166 -1.72 10.57 11.25
N ASN A 167 -2.89 11.15 11.04
CA ASN A 167 -4.14 10.55 11.48
C ASN A 167 -4.34 9.18 10.85
N VAL A 168 -4.49 9.16 9.53
CA VAL A 168 -4.70 7.90 8.80
C VAL A 168 -3.70 6.84 9.24
N PHE A 169 -2.41 7.20 9.28
CA PHE A 169 -1.38 6.26 9.68
C PHE A 169 -1.70 5.68 11.05
N ASP A 170 -2.12 6.53 11.97
CA ASP A 170 -2.46 6.10 13.32
C ASP A 170 -3.47 4.95 13.28
N GLU A 171 -4.46 5.08 12.40
CA GLU A 171 -5.48 4.05 12.26
C GLU A 171 -4.96 2.88 11.44
N ALA A 172 -4.30 3.19 10.32
CA ALA A 172 -3.75 2.17 9.45
C ALA A 172 -2.84 1.23 10.22
N ILE A 173 -2.24 1.74 11.30
CA ILE A 173 -1.34 0.95 12.13
C ILE A 173 -2.09 0.33 13.31
N LEU A 174 -3.12 1.02 13.78
CA LEU A 174 -3.92 0.53 14.91
C LEU A 174 -4.47 -0.86 14.62
N ALA A 175 -5.03 -1.05 13.43
CA ALA A 175 -5.59 -2.34 13.05
C ALA A 175 -4.62 -3.48 13.34
N ALA A 176 -3.32 -3.16 13.36
CA ALA A 176 -2.30 -4.15 13.62
C ALA A 176 -2.40 -4.68 15.05
N LEU A 177 -2.46 -3.76 16.01
CA LEU A 177 -2.56 -4.14 17.42
C LEU A 177 -4.02 -4.25 17.85
N GLU A 178 -4.73 -5.23 17.29
CA GLU A 178 -6.13 -5.45 17.61
C GLU A 178 -6.28 -6.02 19.02
N PRO A 179 -5.71 -7.21 19.27
CA PRO A 179 -5.79 -7.87 20.57
C PRO A 179 -4.96 -7.15 21.64
N PRO A 180 -5.28 -7.37 22.92
CA PRO A 180 -4.57 -6.75 24.04
C PRO A 180 -3.18 -7.33 24.23
N GLU A 181 -2.43 -6.76 25.17
CA GLU A 181 -1.07 -7.22 25.46
C GLU A 181 -1.08 -8.70 25.83
N PRO A 182 -0.57 -9.57 24.95
CA PRO A 182 -0.52 -11.02 25.20
C PRO A 182 0.10 -11.35 26.56
N LYS A 183 -0.31 -12.48 27.13
CA LYS A 183 0.20 -12.91 28.42
C LYS A 183 1.39 -13.84 28.25
N LYS A 184 1.93 -14.32 29.38
CA LYS A 184 3.06 -15.23 29.35
C LYS A 184 2.75 -16.51 30.10
N GLY B 1 2.32 11.61 22.71
CA GLY B 1 2.88 10.98 21.48
C GLY B 1 2.01 9.87 20.95
N SER B 2 1.73 8.88 21.79
CA SER B 2 0.91 7.75 21.41
C SER B 2 1.54 6.98 20.25
N ILE B 3 1.36 7.49 19.03
CA ILE B 3 1.91 6.86 17.85
C ILE B 3 2.73 7.85 17.03
N SER B 4 3.79 7.36 16.40
CA SER B 4 4.65 8.21 15.58
C SER B 4 5.05 7.51 14.29
N LEU B 5 4.91 8.22 13.17
CA LEU B 5 5.27 7.65 11.87
C LEU B 5 6.74 7.25 11.83
N PRO B 6 7.05 6.16 11.11
CA PRO B 6 8.43 5.66 10.99
C PRO B 6 9.41 6.76 10.60
N SER B 7 10.67 6.36 10.39
CA SER B 7 11.71 7.31 10.00
C SER B 7 12.82 6.61 9.22
N ASP B 8 13.50 5.67 9.88
CA ASP B 8 14.58 4.93 9.25
C ASP B 8 14.07 4.10 8.07
N PHE B 9 13.90 4.75 6.92
CA PHE B 9 13.42 4.08 5.72
C PHE B 9 14.57 3.70 4.80
N GLU B 10 14.49 2.51 4.22
CA GLU B 10 15.51 2.03 3.31
C GLU B 10 14.94 1.02 2.32
N HIS B 11 15.12 1.29 1.03
CA HIS B 11 14.62 0.41 -0.01
C HIS B 11 15.38 -0.91 0.02
N THR B 12 15.01 -1.77 0.96
CA THR B 12 15.64 -3.07 1.13
C THR B 12 15.73 -3.84 -0.19
N ILE B 13 14.61 -4.42 -0.62
CA ILE B 13 14.59 -5.20 -1.86
C ILE B 13 13.61 -4.62 -2.87
N HIS B 14 14.16 -4.05 -3.95
CA HIS B 14 13.33 -3.49 -5.01
C HIS B 14 13.06 -4.56 -6.07
N VAL B 15 11.91 -5.21 -5.96
CA VAL B 15 11.53 -6.27 -6.91
C VAL B 15 11.03 -5.68 -8.23
N GLY B 16 11.48 -6.29 -9.32
CA GLY B 16 11.06 -5.83 -10.64
C GLY B 16 10.53 -6.96 -11.50
N PHE B 17 10.08 -6.62 -12.70
CA PHE B 17 9.55 -7.62 -13.62
C PHE B 17 10.66 -8.42 -14.29
N ASP B 18 10.61 -9.73 -14.14
CA ASP B 18 11.62 -10.62 -14.73
C ASP B 18 11.01 -11.51 -15.80
N ALA B 19 11.14 -11.10 -17.06
CA ALA B 19 10.59 -11.86 -18.17
C ALA B 19 11.44 -13.09 -18.48
N VAL B 20 12.68 -13.09 -18.01
CA VAL B 20 13.59 -14.21 -18.25
C VAL B 20 12.91 -15.56 -18.01
N THR B 21 12.20 -15.65 -16.88
CA THR B 21 11.49 -16.88 -16.54
C THR B 21 9.99 -16.65 -16.35
N GLY B 22 9.58 -15.37 -16.32
CA GLY B 22 8.18 -15.06 -16.14
C GLY B 22 7.85 -14.69 -14.70
N GLU B 23 8.86 -14.33 -13.93
CA GLU B 23 8.69 -13.96 -12.53
C GLU B 23 9.25 -12.58 -12.26
N PHE B 24 9.51 -12.29 -10.99
CA PHE B 24 10.06 -10.98 -10.62
C PHE B 24 11.57 -11.07 -10.42
N THR B 25 12.24 -9.92 -10.39
CA THR B 25 13.68 -9.87 -10.21
C THR B 25 14.05 -9.50 -8.77
N GLY B 26 15.32 -9.67 -8.43
CA GLY B 26 15.77 -9.36 -7.09
C GLY B 26 14.87 -9.95 -6.02
N MET B 27 14.31 -11.12 -6.31
CA MET B 27 13.43 -11.80 -5.38
C MET B 27 14.03 -11.84 -3.98
N PRO B 28 13.36 -11.22 -2.98
CA PRO B 28 13.83 -11.20 -1.60
C PRO B 28 14.36 -12.56 -1.16
N GLU B 29 15.23 -12.56 -0.16
CA GLU B 29 15.81 -13.79 0.36
C GLU B 29 14.72 -14.83 0.62
N GLN B 30 13.72 -14.44 1.41
CA GLN B 30 12.61 -15.34 1.73
C GLN B 30 11.74 -15.62 0.51
N TRP B 31 11.23 -14.56 -0.11
CA TRP B 31 10.39 -14.69 -1.29
C TRP B 31 11.01 -15.65 -2.30
N ALA B 32 12.23 -15.31 -2.72
CA ALA B 32 12.94 -16.13 -3.69
C ALA B 32 12.95 -17.61 -3.28
N ARG B 33 13.61 -17.90 -2.17
CA ARG B 33 13.70 -19.27 -1.67
C ARG B 33 12.32 -19.93 -1.63
N LEU B 34 11.33 -19.17 -1.13
CA LEU B 34 9.97 -19.66 -1.02
C LEU B 34 9.55 -20.42 -2.29
N LEU B 35 9.54 -19.71 -3.42
CA LEU B 35 9.17 -20.32 -4.69
C LEU B 35 10.39 -20.81 -5.45
N GLN B 36 11.21 -19.87 -5.92
CA GLN B 36 12.40 -20.21 -6.68
C GLN B 36 13.55 -20.66 -5.77
N THR B 37 14.47 -19.76 -5.43
CA THR B 37 15.59 -20.12 -4.58
C THR B 37 16.25 -18.91 -3.92
N SER B 38 16.66 -17.94 -4.72
CA SER B 38 17.33 -16.74 -4.18
C SER B 38 17.11 -15.51 -5.05
N ASN B 39 17.53 -14.37 -4.54
CA ASN B 39 17.41 -13.10 -5.27
C ASN B 39 18.24 -13.14 -6.54
N ILE B 40 17.74 -13.84 -7.56
CA ILE B 40 18.44 -13.96 -8.82
C ILE B 40 18.72 -12.57 -9.42
N THR B 41 19.85 -12.01 -9.03
CA THR B 41 20.29 -10.67 -9.49
C THR B 41 21.33 -10.11 -8.53
N LYS B 42 21.26 -10.54 -7.27
CA LYS B 42 22.19 -10.08 -6.24
C LYS B 42 21.80 -8.70 -5.74
N SER B 43 20.51 -8.50 -5.51
CA SER B 43 20.00 -7.22 -5.03
C SER B 43 20.14 -6.14 -6.11
N GLU B 44 21.38 -5.83 -6.47
CA GLU B 44 21.67 -4.83 -7.49
C GLU B 44 21.44 -3.42 -6.95
N GLN B 45 22.51 -2.63 -6.93
CA GLN B 45 22.43 -1.25 -6.44
C GLN B 45 22.96 -0.28 -7.50
N LYS B 46 22.24 0.81 -7.71
CA LYS B 46 22.65 1.82 -8.68
C LYS B 46 21.78 3.08 -8.55
PG GNP C . 7.29 3.16 -8.98
O1G GNP C . 7.15 2.89 -10.43
O2G GNP C . 7.80 2.06 -8.13
O3G GNP C . 8.37 4.35 -8.84
N3B GNP C . 5.79 3.58 -8.41
PB GNP C . 5.55 4.36 -6.95
O1B GNP C . 4.16 4.06 -6.52
O2B GNP C . 6.66 3.96 -6.05
O3A GNP C . 5.65 5.96 -7.10
PA GNP C . 4.73 6.97 -7.97
O1A GNP C . 5.29 7.01 -9.35
O2A GNP C . 3.31 6.61 -7.75
O5' GNP C . 5.02 8.39 -7.28
C5' GNP C . 3.95 9.32 -7.08
C4' GNP C . 4.37 10.46 -6.16
O4' GNP C . 3.24 10.98 -5.42
C3' GNP C . 5.39 9.97 -5.15
O3' GNP C . 6.65 10.63 -5.33
C2' GNP C . 4.82 10.26 -3.78
O2' GNP C . 5.69 11.13 -3.04
C1' GNP C . 3.47 10.91 -4.01
N9 GNP C . 2.40 10.13 -3.35
C8 GNP C . 1.74 9.03 -3.78
N7 GNP C . 0.85 8.51 -3.00
C5 GNP C . 0.93 9.37 -1.89
C6 GNP C . 0.19 9.34 -0.66
O6 GNP C . -0.68 8.54 -0.30
N1 GNP C . 0.57 10.39 0.20
C2 GNP C . 1.53 11.35 -0.08
N2 GNP C . 1.75 12.27 0.85
N3 GNP C . 2.22 11.38 -1.25
C4 GNP C . 1.87 10.36 -2.10
HNB3 GNP C . 5.00 3.39 -8.96
H5'2 GNP C . 3.10 8.80 -6.64
H5'1 GNP C . 3.65 9.73 -8.04
H4' GNP C . 4.81 11.25 -6.75
H3' GNP C . 5.52 8.89 -5.26
HO3' GNP C . 6.68 10.95 -6.24
H2' GNP C . 4.69 9.32 -3.24
HO2' GNP C . 5.82 10.74 -2.17
H1' GNP C . 3.48 11.91 -3.60
H8 GNP C . 1.94 8.60 -4.76
HN1 GNP C . 0.10 10.42 1.07
HN21 GNP C . 1.23 12.25 1.71
HN22 GNP C . 2.44 12.99 0.69
MG MG D . 6.95 1.65 -5.90
N MET A 1 6.84 -6.43 21.59
CA MET A 1 7.26 -6.21 20.19
C MET A 1 6.16 -6.62 19.21
N GLN A 2 5.88 -7.92 19.15
CA GLN A 2 4.86 -8.43 18.25
C GLN A 2 5.26 -8.24 16.80
N THR A 3 4.33 -8.52 15.89
CA THR A 3 4.59 -8.38 14.46
C THR A 3 3.40 -7.75 13.74
N ILE A 4 3.69 -6.79 12.87
CA ILE A 4 2.64 -6.12 12.11
C ILE A 4 3.15 -5.67 10.75
N LYS A 5 2.63 -6.30 9.70
CA LYS A 5 3.04 -5.97 8.33
C LYS A 5 1.82 -5.85 7.42
N CYS A 6 1.40 -4.61 7.17
CA CYS A 6 0.25 -4.36 6.31
C CYS A 6 0.63 -4.51 4.85
N VAL A 7 -0.34 -4.87 4.02
CA VAL A 7 -0.11 -5.05 2.59
C VAL A 7 -1.23 -4.44 1.76
N VAL A 8 -0.87 -3.86 0.62
CA VAL A 8 -1.84 -3.24 -0.27
C VAL A 8 -2.48 -4.27 -1.19
N VAL A 9 -3.64 -3.93 -1.74
CA VAL A 9 -4.36 -4.82 -2.64
C VAL A 9 -4.91 -4.06 -3.84
N GLY A 10 -4.51 -4.46 -5.04
CA GLY A 10 -4.99 -3.80 -6.24
C GLY A 10 -4.00 -2.79 -6.78
N ASP A 11 -4.29 -2.23 -7.93
CA ASP A 11 -3.42 -1.24 -8.55
C ASP A 11 -3.79 0.17 -8.08
N GLY A 12 -2.91 0.77 -7.28
CA GLY A 12 -3.17 2.11 -6.79
C GLY A 12 -1.92 2.81 -6.29
N ALA A 13 -1.04 2.05 -5.62
CA ALA A 13 0.21 2.60 -5.07
C ALA A 13 -0.01 3.27 -3.73
N VAL A 14 -1.03 4.12 -3.63
CA VAL A 14 -1.33 4.82 -2.39
C VAL A 14 -1.32 3.85 -1.21
N GLY A 15 -1.59 2.58 -1.50
CA GLY A 15 -1.59 1.57 -0.46
C GLY A 15 -0.29 1.51 0.30
N LYS A 16 0.61 0.62 -0.11
CA LYS A 16 1.90 0.46 0.55
C LYS A 16 3.02 1.25 -0.15
N THR A 17 3.43 0.76 -1.32
CA THR A 17 4.53 1.39 -2.08
C THR A 17 4.56 2.91 -1.96
N CYS A 18 3.49 3.60 -2.35
CA CYS A 18 3.48 5.05 -2.29
C CYS A 18 3.48 5.53 -0.85
N LEU A 19 2.94 4.70 0.04
CA LEU A 19 2.87 5.09 1.44
C LEU A 19 4.27 5.37 1.99
N LEU A 20 5.05 4.33 2.28
CA LEU A 20 6.40 4.53 2.80
C LEU A 20 7.15 5.53 1.95
N ILE A 21 6.88 5.55 0.65
CA ILE A 21 7.53 6.50 -0.23
C ILE A 21 7.39 7.91 0.34
N SER A 22 6.16 8.42 0.35
CA SER A 22 5.90 9.76 0.89
C SER A 22 5.50 9.67 2.35
N TYR A 23 4.45 8.92 2.61
CA TYR A 23 3.94 8.71 3.97
C TYR A 23 5.06 8.56 4.99
N THR A 24 6.12 7.86 4.63
CA THR A 24 7.23 7.64 5.55
C THR A 24 8.45 8.50 5.21
N THR A 25 9.17 8.12 4.16
CA THR A 25 10.37 8.84 3.76
C THR A 25 10.05 10.20 3.13
N ASN A 26 8.80 10.41 2.76
CA ASN A 26 8.39 11.68 2.16
C ASN A 26 9.06 11.90 0.81
N LYS A 27 9.21 10.81 0.05
CA LYS A 27 9.84 10.88 -1.26
C LYS A 27 9.96 9.47 -1.87
N PHE A 28 10.23 9.40 -3.18
CA PHE A 28 10.36 8.12 -3.85
C PHE A 28 11.58 8.08 -4.78
N PRO A 29 12.79 8.26 -4.21
CA PRO A 29 14.03 8.26 -4.97
C PRO A 29 14.67 6.87 -5.04
N SER A 30 14.95 6.41 -6.25
CA SER A 30 15.56 5.10 -6.46
C SER A 30 15.60 4.74 -7.93
N GLU A 31 14.54 4.12 -8.43
CA GLU A 31 14.46 3.72 -9.83
C GLU A 31 13.02 3.40 -10.23
N TYR A 32 12.71 3.57 -11.51
CA TYR A 32 11.38 3.29 -12.01
C TYR A 32 11.26 1.84 -12.49
N VAL A 33 10.49 1.06 -11.77
CA VAL A 33 10.29 -0.35 -12.11
C VAL A 33 8.99 -0.88 -11.50
N PRO A 34 8.24 -1.71 -12.24
CA PRO A 34 6.99 -2.29 -11.74
C PRO A 34 7.15 -2.84 -10.34
N THR A 35 6.87 -2.00 -9.35
CA THR A 35 6.99 -2.39 -7.95
C THR A 35 6.23 -3.68 -7.66
N VAL A 36 6.89 -4.81 -7.87
CA VAL A 36 6.28 -6.10 -7.59
C VAL A 36 6.24 -6.36 -6.09
N PHE A 37 7.16 -5.71 -5.37
CA PHE A 37 7.24 -5.84 -3.93
C PHE A 37 7.76 -4.54 -3.31
N ASP A 38 9.02 -4.24 -3.56
CA ASP A 38 9.63 -3.04 -3.03
C ASP A 38 9.55 -3.02 -1.51
N ASN A 39 10.69 -3.16 -0.86
CA ASN A 39 10.73 -3.17 0.60
C ASN A 39 11.34 -1.89 1.14
N TYR A 40 10.87 -1.48 2.31
CA TYR A 40 11.36 -0.26 2.94
C TYR A 40 11.33 -0.40 4.46
N ALA A 41 12.35 0.15 5.12
CA ALA A 41 12.44 0.10 6.57
C ALA A 41 11.61 1.19 7.23
N VAL A 42 11.15 0.92 8.45
CA VAL A 42 10.35 1.89 9.19
C VAL A 42 10.31 1.54 10.68
N THR A 43 10.22 2.56 11.52
CA THR A 43 10.17 2.37 12.95
C THR A 43 9.04 3.20 13.55
N VAL A 44 7.95 2.52 13.91
CA VAL A 44 6.80 3.20 14.48
C VAL A 44 6.82 3.12 15.99
N MET A 45 6.91 4.28 16.63
CA MET A 45 6.97 4.34 18.08
C MET A 45 5.60 4.71 18.66
N ILE A 46 4.88 3.71 19.14
CA ILE A 46 3.56 3.91 19.71
C ILE A 46 3.59 3.70 21.22
N GLY A 47 3.45 4.78 21.97
CA GLY A 47 3.45 4.69 23.42
C GLY A 47 4.86 4.76 23.99
N GLY A 48 5.81 5.22 23.19
CA GLY A 48 7.18 5.33 23.65
C GLY A 48 8.04 4.15 23.21
N GLU A 49 7.48 2.95 23.31
CA GLU A 49 8.21 1.74 22.92
C GLU A 49 8.21 1.57 21.40
N PRO A 50 9.33 1.08 20.85
CA PRO A 50 9.47 0.87 19.40
C PRO A 50 8.63 -0.30 18.91
N TYR A 51 8.60 -0.48 17.59
CA TYR A 51 7.84 -1.57 16.99
C TYR A 51 8.43 -1.98 15.65
N THR A 52 8.35 -3.27 15.33
CA THR A 52 8.88 -3.78 14.07
C THR A 52 7.77 -3.96 13.05
N LEU A 53 7.63 -2.97 12.17
CA LEU A 53 6.60 -3.00 11.14
C LEU A 53 7.22 -3.14 9.74
N GLY A 54 6.45 -3.67 8.81
CA GLY A 54 6.94 -3.84 7.44
C GLY A 54 5.82 -3.78 6.43
N LEU A 55 5.82 -2.74 5.60
CA LEU A 55 4.81 -2.56 4.58
C LEU A 55 5.17 -3.32 3.31
N PHE A 56 4.54 -4.47 3.10
CA PHE A 56 4.78 -5.28 1.92
C PHE A 56 3.82 -4.91 0.80
N ASP A 57 4.36 -4.44 -0.33
CA ASP A 57 3.54 -4.05 -1.45
C ASP A 57 2.94 -5.27 -2.15
N THR A 58 1.96 -5.02 -3.01
CA THR A 58 1.29 -6.08 -3.75
C THR A 58 0.41 -5.49 -4.85
N ALA A 59 0.58 -5.98 -6.07
CA ALA A 59 -0.21 -5.50 -7.20
C ALA A 59 -1.60 -6.12 -7.19
N GLY A 60 -1.68 -7.40 -7.56
CA GLY A 60 -2.96 -8.09 -7.58
C GLY A 60 -3.02 -9.18 -8.63
N LEU A 61 -4.13 -9.26 -9.34
CA LEU A 61 -4.31 -10.26 -10.38
C LEU A 61 -4.48 -11.65 -9.78
N GLU A 62 -4.53 -12.67 -10.63
CA GLU A 62 -4.69 -14.05 -10.18
C GLU A 62 -3.35 -14.76 -10.07
N ASP A 63 -2.32 -14.19 -10.70
CA ASP A 63 -0.98 -14.79 -10.66
C ASP A 63 -0.29 -14.54 -9.33
N TYR A 64 -0.78 -13.54 -8.58
CA TYR A 64 -0.19 -13.22 -7.29
C TYR A 64 -0.50 -14.30 -6.25
N ASP A 65 -1.48 -15.15 -6.54
CA ASP A 65 -1.85 -16.23 -5.62
C ASP A 65 -0.61 -16.99 -5.15
N ARG A 66 0.44 -16.97 -5.95
CA ARG A 66 1.69 -17.66 -5.62
C ARG A 66 2.65 -16.73 -4.88
N LEU A 67 2.73 -15.48 -5.34
CA LEU A 67 3.61 -14.49 -4.73
C LEU A 67 2.92 -13.78 -3.56
N ARG A 68 1.68 -14.16 -3.26
CA ARG A 68 0.93 -13.54 -2.17
C ARG A 68 1.17 -14.28 -0.85
N PRO A 69 1.07 -15.62 -0.84
CA PRO A 69 1.29 -16.42 0.37
C PRO A 69 2.58 -16.01 1.07
N LEU A 70 3.51 -15.45 0.31
CA LEU A 70 4.78 -15.01 0.84
C LEU A 70 4.57 -13.86 1.83
N SER A 71 3.50 -13.11 1.60
CA SER A 71 3.17 -11.97 2.46
C SER A 71 2.07 -12.34 3.46
N TYR A 72 1.39 -13.46 3.21
CA TYR A 72 0.31 -13.96 4.09
C TYR A 72 -0.77 -12.90 4.30
N PRO A 73 -2.05 -13.34 4.33
CA PRO A 73 -3.19 -12.44 4.54
C PRO A 73 -3.33 -12.03 6.00
N GLN A 74 -3.01 -12.95 6.90
CA GLN A 74 -3.10 -12.70 8.33
C GLN A 74 -2.06 -11.68 8.78
N THR A 75 -1.11 -11.35 7.89
CA THR A 75 -0.05 -10.39 8.19
C THR A 75 -0.59 -9.20 8.99
N ASP A 76 -1.70 -8.62 8.52
CA ASP A 76 -2.32 -7.47 9.18
C ASP A 76 -3.41 -6.86 8.30
N VAL A 77 -3.88 -5.69 8.69
CA VAL A 77 -4.91 -4.99 7.93
C VAL A 77 -4.44 -4.74 6.50
N PHE A 78 -5.36 -4.88 5.54
CA PHE A 78 -5.02 -4.68 4.14
C PHE A 78 -5.29 -3.24 3.72
N LEU A 79 -4.44 -2.72 2.85
CA LEU A 79 -4.59 -1.35 2.37
C LEU A 79 -5.15 -1.35 0.96
N VAL A 80 -6.35 -0.80 0.80
CA VAL A 80 -6.99 -0.76 -0.50
C VAL A 80 -6.61 0.52 -1.25
N CYS A 81 -5.57 0.41 -2.08
CA CYS A 81 -5.09 1.54 -2.86
C CYS A 81 -6.12 1.95 -3.91
N PHE A 82 -6.73 3.12 -3.71
CA PHE A 82 -7.74 3.62 -4.64
C PHE A 82 -7.49 5.08 -5.02
N SER A 83 -7.01 5.30 -6.24
CA SER A 83 -6.73 6.65 -6.72
C SER A 83 -7.93 7.55 -6.50
N VAL A 84 -7.68 8.85 -6.44
CA VAL A 84 -8.75 9.83 -6.23
C VAL A 84 -9.45 10.17 -7.53
N VAL A 85 -8.80 10.98 -8.36
CA VAL A 85 -9.37 11.38 -9.63
C VAL A 85 -9.45 10.20 -10.60
N SER A 86 -8.51 10.12 -11.57
CA SER A 86 -8.49 9.02 -12.54
C SER A 86 -9.89 8.53 -12.90
N PRO A 87 -10.75 9.43 -13.40
CA PRO A 87 -12.13 9.11 -13.77
C PRO A 87 -12.20 7.82 -14.60
N SER A 88 -11.12 7.49 -15.29
CA SER A 88 -11.07 6.28 -16.11
C SER A 88 -10.68 5.07 -15.28
N SER A 89 -9.96 5.31 -14.19
CA SER A 89 -9.51 4.23 -13.31
C SER A 89 -10.46 4.05 -12.13
N PHE A 90 -10.95 5.17 -11.59
CA PHE A 90 -11.87 5.15 -10.46
C PHE A 90 -12.96 4.09 -10.63
N GLU A 91 -13.83 4.31 -11.62
CA GLU A 91 -14.92 3.38 -11.90
C GLU A 91 -14.40 1.95 -11.99
N ASN A 92 -13.42 1.75 -12.88
CA ASN A 92 -12.84 0.42 -13.08
C ASN A 92 -12.34 -0.15 -11.75
N VAL A 93 -11.34 0.51 -11.16
CA VAL A 93 -10.77 0.06 -9.90
C VAL A 93 -11.84 -0.40 -8.91
N LYS A 94 -12.99 0.27 -8.93
CA LYS A 94 -14.08 -0.08 -8.03
C LYS A 94 -14.60 -1.49 -8.33
N GLU A 95 -15.26 -1.65 -9.46
CA GLU A 95 -15.82 -2.94 -9.84
C GLU A 95 -14.78 -3.86 -10.49
N LYS A 96 -13.51 -3.45 -10.47
CA LYS A 96 -12.45 -4.25 -11.07
C LYS A 96 -11.43 -4.72 -10.04
N TRP A 97 -11.01 -3.83 -9.16
CA TRP A 97 -10.01 -4.17 -8.15
C TRP A 97 -10.65 -4.57 -6.82
N VAL A 98 -11.84 -4.05 -6.54
CA VAL A 98 -12.52 -4.37 -5.29
C VAL A 98 -13.02 -5.82 -5.27
N PRO A 99 -13.63 -6.28 -6.38
CA PRO A 99 -14.15 -7.65 -6.47
C PRO A 99 -13.10 -8.70 -6.07
N GLU A 100 -11.83 -8.37 -6.29
CA GLU A 100 -10.73 -9.28 -5.98
C GLU A 100 -10.18 -9.02 -4.58
N ILE A 101 -10.47 -7.85 -4.02
CA ILE A 101 -9.98 -7.49 -2.69
C ILE A 101 -10.22 -8.63 -1.70
N THR A 102 -11.34 -9.33 -1.86
CA THR A 102 -11.68 -10.44 -0.98
C THR A 102 -10.67 -11.58 -1.15
N HIS A 103 -10.25 -11.81 -2.39
CA HIS A 103 -9.29 -12.86 -2.68
C HIS A 103 -7.97 -12.58 -1.96
N HIS A 104 -7.69 -11.30 -1.75
CA HIS A 104 -6.47 -10.88 -1.07
C HIS A 104 -6.66 -10.85 0.44
N CYS A 105 -7.75 -10.22 0.89
CA CYS A 105 -8.03 -10.13 2.32
C CYS A 105 -9.16 -11.09 2.71
N PRO A 106 -8.79 -12.28 3.22
CA PRO A 106 -9.77 -13.29 3.63
C PRO A 106 -10.55 -12.88 4.89
N LYS A 107 -11.77 -12.38 4.69
CA LYS A 107 -12.61 -11.94 5.80
C LYS A 107 -11.84 -11.00 6.72
N THR A 108 -10.92 -10.23 6.14
CA THR A 108 -10.11 -9.30 6.91
C THR A 108 -10.38 -7.86 6.46
N PRO A 109 -10.63 -6.94 7.40
CA PRO A 109 -10.90 -5.53 7.09
C PRO A 109 -9.84 -4.93 6.18
N PHE A 110 -10.05 -3.69 5.78
CA PHE A 110 -9.10 -2.99 4.90
C PHE A 110 -9.34 -1.49 4.92
N LEU A 111 -8.32 -0.72 4.54
CA LEU A 111 -8.44 0.73 4.50
C LEU A 111 -8.41 1.25 3.07
N LEU A 112 -9.48 1.93 2.67
CA LEU A 112 -9.58 2.48 1.32
C LEU A 112 -9.13 3.94 1.29
N VAL A 113 -7.92 4.17 0.81
CA VAL A 113 -7.36 5.52 0.73
C VAL A 113 -7.18 5.95 -0.73
N GLY A 114 -7.07 7.26 -0.93
CA GLY A 114 -6.89 7.79 -2.27
C GLY A 114 -6.05 9.06 -2.28
N THR A 115 -5.13 9.16 -3.24
CA THR A 115 -4.26 10.32 -3.34
C THR A 115 -4.24 10.88 -4.77
N GLN A 116 -3.16 11.58 -5.12
CA GLN A 116 -3.00 12.18 -6.44
C GLN A 116 -3.73 13.52 -6.52
N ILE A 117 -3.12 14.55 -5.95
CA ILE A 117 -3.71 15.89 -5.94
C ILE A 117 -3.09 16.78 -7.02
N ASP A 118 -1.80 16.59 -7.25
CA ASP A 118 -1.08 17.37 -8.26
C ASP A 118 -1.37 16.87 -9.67
N LEU A 119 -1.21 15.56 -9.88
CA LEU A 119 -1.45 14.97 -11.18
C LEU A 119 -2.82 15.36 -11.72
N ARG A 120 -3.81 15.37 -10.83
CA ARG A 120 -5.17 15.73 -11.21
C ARG A 120 -5.28 17.23 -11.49
N ASP A 121 -4.55 17.70 -12.48
CA ASP A 121 -4.57 19.11 -12.84
C ASP A 121 -4.59 19.29 -14.36
N ASP A 122 -5.47 18.54 -15.02
CA ASP A 122 -5.60 18.61 -16.47
C ASP A 122 -6.97 19.17 -16.87
N PRO A 123 -7.01 19.94 -17.98
CA PRO A 123 -8.27 20.53 -18.46
C PRO A 123 -9.23 19.48 -19.01
N SER A 124 -8.70 18.57 -19.82
CA SER A 124 -9.52 17.51 -20.40
C SER A 124 -10.35 16.81 -19.34
N THR A 125 -9.72 16.48 -18.22
CA THR A 125 -10.40 15.82 -17.12
C THR A 125 -11.66 16.58 -16.74
N ILE A 126 -11.64 17.89 -16.94
CA ILE A 126 -12.78 18.75 -16.62
C ILE A 126 -13.97 18.42 -17.52
N GLU A 127 -13.76 18.53 -18.83
CA GLU A 127 -14.81 18.25 -19.80
C GLU A 127 -15.50 16.94 -19.50
N LYS A 128 -14.73 15.95 -19.07
CA LYS A 128 -15.29 14.63 -18.74
C LYS A 128 -15.80 14.60 -17.30
N LEU A 129 -15.07 15.24 -16.40
CA LEU A 129 -15.46 15.27 -14.99
C LEU A 129 -16.90 15.74 -14.86
N ALA A 130 -17.37 16.48 -15.85
CA ALA A 130 -18.74 16.99 -15.86
C ALA A 130 -19.72 15.92 -16.31
N LYS A 131 -19.20 14.89 -17.00
CA LYS A 131 -20.04 13.80 -17.49
C LYS A 131 -20.33 12.80 -16.38
N ASN A 132 -19.37 12.64 -15.46
CA ASN A 132 -19.52 11.71 -14.35
C ASN A 132 -20.60 12.19 -13.38
N LYS A 133 -20.94 13.48 -13.45
CA LYS A 133 -21.96 14.05 -12.58
C LYS A 133 -21.44 14.22 -11.16
N GLN A 134 -20.23 14.77 -11.04
CA GLN A 134 -19.62 14.98 -9.73
C GLN A 134 -18.31 15.77 -9.87
N LYS A 135 -18.16 16.78 -9.03
CA LYS A 135 -16.96 17.61 -9.05
C LYS A 135 -15.70 16.74 -8.99
N PRO A 136 -14.53 17.35 -9.25
CA PRO A 136 -13.24 16.64 -9.23
C PRO A 136 -13.02 15.88 -7.92
N ILE A 137 -12.68 14.61 -8.02
CA ILE A 137 -12.45 13.78 -6.85
C ILE A 137 -11.30 14.34 -6.01
N THR A 138 -11.54 14.51 -4.71
CA THR A 138 -10.52 15.04 -3.81
C THR A 138 -10.33 14.13 -2.60
N PRO A 139 -9.41 14.50 -1.68
CA PRO A 139 -9.13 13.71 -0.48
C PRO A 139 -10.40 13.37 0.31
N GLU A 140 -11.45 14.16 0.09
CA GLU A 140 -12.72 13.95 0.79
C GLU A 140 -13.55 12.88 0.10
N THR A 141 -13.77 13.05 -1.21
CA THR A 141 -14.56 12.08 -1.98
C THR A 141 -14.13 10.65 -1.67
N ALA A 142 -12.83 10.41 -1.68
CA ALA A 142 -12.30 9.08 -1.40
C ALA A 142 -12.87 8.54 -0.09
N GLU A 143 -13.13 9.45 0.84
CA GLU A 143 -13.69 9.07 2.14
C GLU A 143 -15.16 8.70 2.00
N LYS A 144 -15.86 9.38 1.09
CA LYS A 144 -17.27 9.12 0.85
C LYS A 144 -17.50 7.66 0.47
N LEU A 145 -16.83 7.23 -0.60
CA LEU A 145 -16.96 5.84 -1.06
C LEU A 145 -16.55 4.88 0.04
N ALA A 146 -15.35 5.07 0.58
CA ALA A 146 -14.85 4.22 1.65
C ALA A 146 -15.80 4.24 2.83
N ARG A 147 -16.32 5.43 3.15
CA ARG A 147 -17.26 5.58 4.25
C ARG A 147 -18.38 4.56 4.15
N ASP A 148 -18.88 4.36 2.93
CA ASP A 148 -19.95 3.40 2.70
C ASP A 148 -19.47 1.97 2.93
N LEU A 149 -18.15 1.77 2.84
CA LEU A 149 -17.57 0.45 3.03
C LEU A 149 -17.57 0.05 4.51
N LYS A 150 -17.51 1.05 5.39
CA LYS A 150 -17.48 0.80 6.82
C LYS A 150 -16.19 0.10 7.24
N ALA A 151 -15.05 0.73 6.95
CA ALA A 151 -13.76 0.16 7.29
C ALA A 151 -13.11 0.89 8.46
N VAL A 152 -11.90 0.47 8.81
CA VAL A 152 -11.17 1.08 9.92
C VAL A 152 -11.16 2.60 9.80
N LYS A 153 -10.53 3.10 8.74
CA LYS A 153 -10.46 4.54 8.49
C LYS A 153 -9.66 4.83 7.23
N TYR A 154 -9.85 6.02 6.67
CA TYR A 154 -9.16 6.40 5.44
C TYR A 154 -9.01 7.92 5.31
N VAL A 155 -7.77 8.39 5.41
CA VAL A 155 -7.49 9.82 5.27
C VAL A 155 -6.03 10.04 4.90
N GLU A 156 -5.79 10.68 3.76
CA GLU A 156 -4.44 10.94 3.30
C GLU A 156 -4.46 11.82 2.05
N CYS A 157 -3.29 12.11 1.53
CA CYS A 157 -3.14 12.92 0.34
C CYS A 157 -1.95 12.45 -0.48
N SER A 158 -1.62 13.18 -1.53
CA SER A 158 -0.49 12.80 -2.38
C SER A 158 0.82 13.36 -1.85
N ALA A 159 1.90 12.69 -2.22
CA ALA A 159 3.24 13.10 -1.80
C ALA A 159 3.52 14.52 -2.22
N LEU A 160 4.80 14.88 -2.30
CA LEU A 160 5.20 16.22 -2.71
C LEU A 160 4.39 17.27 -1.95
N THR A 161 3.94 16.93 -0.75
CA THR A 161 3.17 17.83 0.09
C THR A 161 2.90 17.23 1.47
N GLN A 162 1.93 16.33 1.54
CA GLN A 162 1.59 15.67 2.81
C GLN A 162 0.84 16.63 3.74
N LYS A 163 -0.37 16.25 4.12
CA LYS A 163 -1.18 17.08 5.01
C LYS A 163 -1.22 16.50 6.43
N GLY A 164 -1.88 15.35 6.57
CA GLY A 164 -1.97 14.71 7.87
C GLY A 164 -2.38 13.25 7.76
N LEU A 165 -1.39 12.39 7.56
CA LEU A 165 -1.64 10.95 7.42
C LEU A 165 -1.49 10.22 8.77
N LYS A 166 -0.96 10.92 9.77
CA LYS A 166 -0.76 10.33 11.08
C LYS A 166 -1.98 9.52 11.52
N ASN A 167 -3.15 9.92 11.04
CA ASN A 167 -4.39 9.23 11.36
C ASN A 167 -4.37 7.81 10.81
N VAL A 168 -3.99 7.68 9.54
CA VAL A 168 -3.92 6.36 8.91
C VAL A 168 -3.06 5.42 9.71
N PHE A 169 -1.88 5.88 10.11
CA PHE A 169 -0.96 5.05 10.89
C PHE A 169 -1.51 4.84 12.29
N ASP A 170 -2.11 5.87 12.87
CA ASP A 170 -2.68 5.77 14.21
C ASP A 170 -3.63 4.58 14.29
N GLU A 171 -4.44 4.41 13.26
CA GLU A 171 -5.40 3.31 13.19
C GLU A 171 -4.77 2.09 12.55
N ALA A 172 -4.01 2.31 11.47
CA ALA A 172 -3.36 1.22 10.76
C ALA A 172 -2.39 0.47 11.67
N ILE A 173 -1.75 1.21 12.58
CA ILE A 173 -0.80 0.62 13.51
C ILE A 173 -1.51 0.10 14.75
N LEU A 174 -2.42 0.91 15.29
CA LEU A 174 -3.18 0.53 16.47
C LEU A 174 -4.11 -0.63 16.18
N ALA A 175 -4.75 -0.60 15.02
CA ALA A 175 -5.68 -1.66 14.63
C ALA A 175 -5.01 -3.03 14.73
N ALA A 176 -3.75 -3.10 14.34
CA ALA A 176 -3.00 -4.35 14.40
C ALA A 176 -2.40 -4.57 15.78
N LEU A 177 -2.21 -3.49 16.52
CA LEU A 177 -1.65 -3.56 17.86
C LEU A 177 -2.36 -4.63 18.70
N GLU A 178 -3.65 -4.40 18.96
CA GLU A 178 -4.44 -5.34 19.74
C GLU A 178 -5.92 -5.25 19.37
N PRO A 179 -6.32 -5.90 18.26
CA PRO A 179 -7.71 -5.89 17.79
C PRO A 179 -8.69 -6.27 18.89
N PRO A 180 -9.42 -5.29 19.44
CA PRO A 180 -10.40 -5.54 20.51
C PRO A 180 -11.40 -6.62 20.14
N GLU A 181 -11.70 -7.50 21.09
CA GLU A 181 -12.64 -8.59 20.86
C GLU A 181 -14.08 -8.14 21.10
N PRO A 182 -14.34 -7.45 22.24
CA PRO A 182 -15.67 -6.97 22.58
C PRO A 182 -16.35 -6.24 21.42
N LYS A 183 -17.51 -6.74 21.01
CA LYS A 183 -18.26 -6.14 19.91
C LYS A 183 -19.58 -5.54 20.40
N LYS A 184 -19.64 -4.22 20.45
CA LYS A 184 -20.84 -3.53 20.91
C LYS A 184 -21.71 -3.12 19.73
N GLY B 1 3.79 12.01 22.98
CA GLY B 1 3.57 11.53 21.59
C GLY B 1 3.30 10.04 21.53
N SER B 2 2.03 9.68 21.54
CA SER B 2 1.64 8.27 21.48
C SER B 2 2.28 7.57 20.28
N ILE B 3 1.64 7.71 19.12
CA ILE B 3 2.15 7.11 17.90
C ILE B 3 2.98 8.09 17.09
N SER B 4 4.04 7.61 16.47
CA SER B 4 4.91 8.46 15.66
C SER B 4 5.15 7.84 14.29
N LEU B 5 5.26 8.69 13.27
CA LEU B 5 5.49 8.25 11.91
C LEU B 5 6.92 7.74 11.73
N PRO B 6 7.09 6.53 11.17
CA PRO B 6 8.42 5.94 10.97
C PRO B 6 9.36 6.88 10.22
N SER B 7 10.65 6.76 10.50
CA SER B 7 11.65 7.60 9.87
C SER B 7 12.67 6.77 9.10
N ASP B 8 13.42 5.94 9.83
CA ASP B 8 14.44 5.09 9.23
C ASP B 8 13.88 4.36 8.01
N PHE B 9 14.07 4.94 6.84
CA PHE B 9 13.58 4.36 5.59
C PHE B 9 14.73 4.06 4.63
N GLU B 10 14.69 2.88 4.02
CA GLU B 10 15.71 2.47 3.07
C GLU B 10 15.14 1.45 2.08
N HIS B 11 15.37 1.68 0.80
CA HIS B 11 14.87 0.77 -0.23
C HIS B 11 15.59 -0.58 -0.15
N THR B 12 15.05 -1.48 0.66
CA THR B 12 15.63 -2.79 0.84
C THR B 12 15.80 -3.53 -0.48
N ILE B 13 14.70 -4.05 -1.01
CA ILE B 13 14.75 -4.79 -2.28
C ILE B 13 13.85 -4.15 -3.34
N HIS B 14 14.43 -3.88 -4.49
CA HIS B 14 13.68 -3.30 -5.61
C HIS B 14 13.42 -4.35 -6.67
N VAL B 15 12.22 -4.93 -6.64
CA VAL B 15 11.85 -5.98 -7.59
C VAL B 15 11.48 -5.39 -8.95
N GLY B 16 11.82 -6.14 -10.01
CA GLY B 16 11.52 -5.68 -11.35
C GLY B 16 11.19 -6.84 -12.28
N PHE B 17 10.67 -6.52 -13.46
CA PHE B 17 10.31 -7.55 -14.42
C PHE B 17 11.46 -7.80 -15.39
N ASP B 18 11.86 -9.06 -15.51
CA ASP B 18 12.95 -9.44 -16.40
C ASP B 18 12.59 -10.69 -17.20
N ALA B 19 12.87 -10.65 -18.51
CA ALA B 19 12.58 -11.78 -19.38
C ALA B 19 13.60 -12.91 -19.22
N VAL B 20 14.56 -12.74 -18.32
CA VAL B 20 15.58 -13.75 -18.07
C VAL B 20 14.98 -15.14 -17.97
N THR B 21 13.71 -15.20 -17.55
CA THR B 21 13.01 -16.47 -17.40
C THR B 21 11.51 -16.28 -17.54
N GLY B 22 10.99 -15.23 -16.89
CA GLY B 22 9.57 -14.94 -16.95
C GLY B 22 8.99 -14.66 -15.58
N GLU B 23 9.78 -14.01 -14.72
CA GLU B 23 9.33 -13.69 -13.37
C GLU B 23 9.91 -12.34 -12.93
N PHE B 24 9.92 -12.10 -11.63
CA PHE B 24 10.45 -10.85 -11.08
C PHE B 24 11.88 -11.04 -10.62
N THR B 25 12.68 -9.97 -10.75
CA THR B 25 14.08 -10.02 -10.35
C THR B 25 14.24 -9.60 -8.89
N GLY B 26 15.48 -9.62 -8.40
CA GLY B 26 15.74 -9.23 -7.03
C GLY B 26 14.85 -9.97 -6.05
N MET B 27 14.49 -11.21 -6.39
CA MET B 27 13.64 -12.04 -5.55
C MET B 27 14.05 -11.96 -4.07
N PRO B 28 13.33 -11.18 -3.26
CA PRO B 28 13.64 -11.04 -1.84
C PRO B 28 13.92 -12.38 -1.18
N GLU B 29 14.73 -12.35 -0.13
CA GLU B 29 15.11 -13.57 0.60
C GLU B 29 13.90 -14.48 0.84
N GLN B 30 12.94 -13.99 1.62
CA GLN B 30 11.75 -14.77 1.93
C GLN B 30 10.90 -15.05 0.69
N TRP B 31 10.42 -13.99 0.05
CA TRP B 31 9.59 -14.14 -1.15
C TRP B 31 10.21 -15.16 -2.12
N ALA B 32 11.49 -14.96 -2.42
CA ALA B 32 12.21 -15.85 -3.32
C ALA B 32 12.24 -17.27 -2.77
N ARG B 33 12.95 -17.45 -1.66
CA ARG B 33 13.07 -18.75 -1.03
C ARG B 33 11.70 -19.45 -0.93
N LEU B 34 10.65 -18.64 -0.86
CA LEU B 34 9.30 -19.17 -0.76
C LEU B 34 8.94 -19.96 -2.02
N LEU B 35 8.93 -19.27 -3.17
CA LEU B 35 8.63 -19.90 -4.44
C LEU B 35 9.90 -20.32 -5.15
N GLN B 36 10.76 -19.34 -5.44
CA GLN B 36 12.02 -19.60 -6.12
C GLN B 36 13.06 -20.19 -5.16
N THR B 37 13.96 -19.36 -4.65
CA THR B 37 14.99 -19.82 -3.73
C THR B 37 15.69 -18.64 -3.05
N SER B 38 16.17 -17.70 -3.87
CA SER B 38 16.86 -16.52 -3.35
C SER B 38 16.75 -15.34 -4.32
N ASN B 39 17.41 -14.25 -3.97
CA ASN B 39 17.41 -13.05 -4.78
C ASN B 39 18.43 -13.15 -5.91
N ILE B 40 18.07 -13.85 -6.97
CA ILE B 40 18.95 -14.02 -8.11
C ILE B 40 19.40 -12.67 -8.69
N THR B 41 20.49 -12.14 -8.14
CA THR B 41 21.04 -10.87 -8.58
C THR B 41 22.04 -10.34 -7.56
N LYS B 42 21.80 -10.67 -6.29
CA LYS B 42 22.67 -10.24 -5.20
C LYS B 42 22.75 -11.31 -4.12
N SER B 43 21.63 -11.55 -3.44
CA SER B 43 21.56 -12.55 -2.39
C SER B 43 22.77 -12.44 -1.44
N GLU B 44 22.61 -11.72 -0.35
CA GLU B 44 23.68 -11.55 0.61
C GLU B 44 23.27 -10.56 1.71
N GLN B 45 23.74 -10.82 2.93
CA GLN B 45 23.43 -9.96 4.06
C GLN B 45 24.66 -9.17 4.51
N LYS B 46 24.43 -7.95 4.98
CA LYS B 46 25.52 -7.09 5.43
C LYS B 46 26.41 -6.67 4.26
PG GNP C . 8.07 4.09 -8.47
O1G GNP C . 8.05 4.55 -9.87
O2G GNP C . 7.67 2.69 -8.19
O3G GNP C . 9.61 4.21 -7.99
N3B GNP C . 7.05 5.07 -7.60
PB GNP C . 5.54 4.57 -7.07
O1B GNP C . 5.00 3.65 -8.10
O2B GNP C . 5.72 4.05 -5.69
O3A GNP C . 4.49 5.78 -6.96
PA GNP C . 3.60 6.49 -8.10
O1A GNP C . 2.92 5.42 -8.88
O2A GNP C . 4.43 7.48 -8.80
O5' GNP C . 2.49 7.27 -7.24
C5' GNP C . 2.21 8.64 -7.49
C4' GNP C . 2.96 9.55 -6.51
O4' GNP C . 2.06 10.09 -5.52
C3' GNP C . 4.05 8.79 -5.79
O3' GNP C . 5.35 9.28 -6.16
C2' GNP C . 3.80 8.97 -4.32
O2' GNP C . 4.93 9.59 -3.68
C1' GNP C . 2.57 9.84 -4.19
N9 GNP C . 1.55 9.18 -3.36
C8 GNP C . 0.65 8.22 -3.68
N7 GNP C . -0.15 7.80 -2.76
C5 GNP C . 0.24 8.58 -1.67
C6 GNP C . -0.26 8.62 -0.32
O6 GNP C . -1.17 7.93 0.17
N1 GNP C . 0.41 9.55 0.48
C2 GNP C . 1.45 10.36 0.04
N2 GNP C . 1.97 11.20 0.94
N3 GNP C . 1.93 10.34 -1.23
C4 GNP C . 1.28 9.43 -2.02
HNB3 GNP C . 7.34 5.98 -7.39
H5'2 GNP C . 1.14 8.83 -7.39
H5'1 GNP C . 2.52 8.89 -8.50
H4' GNP C . 3.40 10.38 -7.06
H3' GNP C . 3.98 7.73 -6.04
HO3' GNP C . 5.99 8.86 -5.58
H2' GNP C . 3.62 8.00 -3.86
HO2' GNP C . 5.72 9.16 -4.01
H1' GNP C . 2.85 10.79 -3.74
H8 GNP C . 0.61 7.80 -4.69
HN1 GNP C . 0.10 9.62 1.42
HN21 GNP C . 1.62 11.22 1.88
HN22 GNP C . 2.73 11.82 0.67
MG MG D . 6.62 1.98 -6.23
N MET A 1 6.99 -7.08 21.77
CA MET A 1 7.27 -6.57 20.40
C MET A 1 6.46 -7.33 19.36
N GLN A 2 5.26 -6.82 19.06
CA GLN A 2 4.38 -7.45 18.08
C GLN A 2 4.88 -7.18 16.66
N THR A 3 4.77 -8.18 15.80
CA THR A 3 5.20 -8.06 14.42
C THR A 3 4.03 -8.28 13.46
N ILE A 4 3.64 -7.21 12.77
CA ILE A 4 2.53 -7.29 11.82
C ILE A 4 3.02 -7.00 10.40
N LYS A 5 2.34 -7.57 9.41
CA LYS A 5 2.70 -7.36 8.01
C LYS A 5 1.49 -6.92 7.20
N CYS A 6 1.36 -5.60 7.02
CA CYS A 6 0.25 -5.05 6.25
C CYS A 6 0.50 -5.17 4.75
N VAL A 7 -0.18 -6.11 4.11
CA VAL A 7 -0.02 -6.32 2.68
C VAL A 7 -0.93 -5.38 1.89
N VAL A 8 -0.58 -5.16 0.63
CA VAL A 8 -1.34 -4.28 -0.23
C VAL A 8 -1.45 -4.83 -1.65
N VAL A 9 -2.54 -4.50 -2.33
CA VAL A 9 -2.76 -4.97 -3.70
C VAL A 9 -3.48 -3.91 -4.54
N GLY A 10 -3.00 -3.70 -5.76
CA GLY A 10 -3.61 -2.72 -6.64
C GLY A 10 -2.59 -1.99 -7.51
N ASP A 11 -2.99 -1.65 -8.72
CA ASP A 11 -2.10 -0.94 -9.64
C ASP A 11 -1.96 0.53 -9.23
N GLY A 12 -0.84 1.14 -9.58
CA GLY A 12 -0.61 2.53 -9.23
C GLY A 12 -0.89 2.80 -7.76
N ALA A 13 0.16 2.79 -6.94
CA ALA A 13 0.00 3.02 -5.52
C ALA A 13 -0.75 1.86 -4.88
N VAL A 14 -0.13 0.68 -4.92
CA VAL A 14 -0.73 -0.51 -4.34
C VAL A 14 -1.24 -0.25 -2.93
N GLY A 15 -0.65 0.75 -2.28
CA GLY A 15 -1.07 1.09 -0.93
C GLY A 15 0.11 1.29 0.01
N LYS A 16 1.18 0.54 -0.23
CA LYS A 16 2.37 0.64 0.60
C LYS A 16 3.42 1.57 -0.01
N THR A 17 4.07 1.09 -1.07
CA THR A 17 5.11 1.87 -1.76
C THR A 17 4.72 3.35 -1.86
N CYS A 18 3.62 3.63 -2.55
CA CYS A 18 3.16 5.00 -2.71
C CYS A 18 3.20 5.76 -1.38
N LEU A 19 2.86 5.06 -0.29
CA LEU A 19 2.85 5.67 1.03
C LEU A 19 4.26 6.02 1.48
N LEU A 20 5.07 5.00 1.81
CA LEU A 20 6.45 5.22 2.26
C LEU A 20 7.12 6.35 1.50
N ILE A 21 6.89 6.40 0.20
CA ILE A 21 7.45 7.44 -0.63
C ILE A 21 6.98 8.81 -0.19
N SER A 22 5.69 8.93 0.08
CA SER A 22 5.11 10.20 0.52
C SER A 22 5.04 10.27 2.04
N TYR A 23 4.24 9.38 2.61
CA TYR A 23 4.02 9.32 4.05
C TYR A 23 5.33 9.32 4.86
N THR A 24 6.29 8.48 4.46
CA THR A 24 7.54 8.40 5.21
C THR A 24 8.67 9.24 4.58
N THR A 25 9.50 8.61 3.76
CA THR A 25 10.62 9.29 3.12
C THR A 25 10.23 10.69 2.63
N ASN A 26 8.96 10.86 2.28
CA ASN A 26 8.47 12.15 1.81
C ASN A 26 9.06 12.53 0.46
N LYS A 27 9.47 11.53 -0.31
CA LYS A 27 10.03 11.76 -1.64
C LYS A 27 9.10 11.21 -2.71
N PHE A 28 9.64 10.97 -3.90
CA PHE A 28 8.85 10.44 -5.00
C PHE A 28 9.52 9.19 -5.58
N PRO A 29 8.74 8.31 -6.24
CA PRO A 29 9.25 7.08 -6.84
C PRO A 29 10.64 7.24 -7.44
N SER A 30 11.46 6.21 -7.29
CA SER A 30 12.81 6.21 -7.82
C SER A 30 12.94 5.24 -8.99
N GLU A 31 13.14 3.96 -8.69
CA GLU A 31 13.27 2.95 -9.73
C GLU A 31 11.90 2.62 -10.31
N TYR A 32 11.57 3.24 -11.44
CA TYR A 32 10.29 3.01 -12.08
C TYR A 32 10.18 1.58 -12.59
N VAL A 33 9.39 0.79 -11.89
CA VAL A 33 9.17 -0.61 -12.25
C VAL A 33 7.90 -1.13 -11.62
N PRO A 34 7.12 -1.94 -12.34
CA PRO A 34 5.87 -2.51 -11.84
C PRO A 34 5.98 -2.90 -10.37
N THR A 35 5.45 -2.05 -9.49
CA THR A 35 5.49 -2.30 -8.05
C THR A 35 5.06 -3.72 -7.73
N VAL A 36 6.03 -4.65 -7.72
CA VAL A 36 5.76 -6.04 -7.40
C VAL A 36 5.96 -6.25 -5.91
N PHE A 37 7.04 -5.67 -5.39
CA PHE A 37 7.34 -5.75 -3.98
C PHE A 37 8.52 -4.87 -3.59
N ASP A 38 8.22 -3.78 -2.93
CA ASP A 38 9.24 -2.88 -2.46
C ASP A 38 9.35 -3.03 -0.95
N ASN A 39 10.55 -3.26 -0.44
CA ASN A 39 10.73 -3.46 0.99
C ASN A 39 11.41 -2.26 1.63
N TYR A 40 11.06 -1.98 2.87
CA TYR A 40 11.63 -0.86 3.59
C TYR A 40 11.62 -1.12 5.10
N ALA A 41 12.44 -0.37 5.81
CA ALA A 41 12.54 -0.48 7.26
C ALA A 41 11.69 0.59 7.92
N VAL A 42 10.67 0.16 8.67
CA VAL A 42 9.79 1.10 9.34
C VAL A 42 9.71 0.83 10.83
N THR A 43 10.01 1.86 11.62
CA THR A 43 9.96 1.76 13.06
C THR A 43 8.99 2.80 13.62
N VAL A 44 7.76 2.38 13.86
CA VAL A 44 6.74 3.28 14.37
C VAL A 44 6.61 3.14 15.88
N MET A 45 6.92 4.23 16.58
CA MET A 45 6.85 4.24 18.04
C MET A 45 5.47 4.65 18.52
N ILE A 46 4.78 3.72 19.18
CA ILE A 46 3.45 3.98 19.70
C ILE A 46 3.42 3.91 21.22
N GLY A 47 3.10 5.03 21.84
CA GLY A 47 3.04 5.09 23.30
C GLY A 47 4.39 5.38 23.92
N GLY A 48 5.31 5.92 23.11
CA GLY A 48 6.63 6.24 23.61
C GLY A 48 7.51 5.01 23.74
N GLU A 49 7.33 4.05 22.85
CA GLU A 49 8.12 2.83 22.88
C GLU A 49 8.50 2.40 21.46
N PRO A 50 9.69 1.77 21.30
CA PRO A 50 10.16 1.32 20.00
C PRO A 50 9.31 0.19 19.43
N TYR A 51 9.45 -0.05 18.12
CA TYR A 51 8.68 -1.09 17.46
C TYR A 51 9.39 -1.61 16.22
N THR A 52 8.92 -2.73 15.69
CA THR A 52 9.49 -3.32 14.49
C THR A 52 8.39 -3.67 13.50
N LEU A 53 8.17 -2.78 12.53
CA LEU A 53 7.14 -2.99 11.53
C LEU A 53 7.74 -3.33 10.17
N GLY A 54 6.94 -3.95 9.31
CA GLY A 54 7.41 -4.32 7.99
C GLY A 54 6.29 -4.32 6.97
N LEU A 55 6.24 -3.28 6.14
CA LEU A 55 5.19 -3.17 5.13
C LEU A 55 5.50 -4.06 3.92
N PHE A 56 4.80 -5.20 3.85
CA PHE A 56 5.00 -6.12 2.74
C PHE A 56 4.16 -5.70 1.54
N ASP A 57 4.82 -5.09 0.56
CA ASP A 57 4.13 -4.63 -0.63
C ASP A 57 3.69 -5.79 -1.50
N THR A 58 3.08 -5.48 -2.64
CA THR A 58 2.61 -6.50 -3.57
C THR A 58 2.17 -5.87 -4.88
N ALA A 59 1.85 -6.71 -5.87
CA ALA A 59 1.41 -6.23 -7.17
C ALA A 59 -0.09 -6.00 -7.21
N GLY A 60 -0.85 -7.05 -6.99
CA GLY A 60 -2.31 -6.94 -7.00
C GLY A 60 -2.93 -7.61 -8.21
N LEU A 61 -2.18 -8.49 -8.85
CA LEU A 61 -2.67 -9.19 -10.03
C LEU A 61 -3.26 -10.55 -9.64
N GLU A 62 -3.63 -11.34 -10.65
CA GLU A 62 -4.21 -12.65 -10.41
C GLU A 62 -3.19 -13.75 -10.68
N ASP A 63 -1.94 -13.50 -10.28
CA ASP A 63 -0.87 -14.46 -10.48
C ASP A 63 0.00 -14.59 -9.23
N TYR A 64 -0.47 -14.04 -8.11
CA TYR A 64 0.28 -14.11 -6.85
C TYR A 64 -0.03 -15.39 -6.09
N ASP A 65 -0.86 -16.26 -6.68
CA ASP A 65 -1.22 -17.52 -6.04
C ASP A 65 0.02 -18.26 -5.55
N ARG A 66 1.16 -17.99 -6.20
CA ARG A 66 2.41 -18.62 -5.83
C ARG A 66 3.15 -17.78 -4.79
N LEU A 67 3.09 -16.46 -4.97
CA LEU A 67 3.73 -15.54 -4.04
C LEU A 67 2.73 -15.01 -3.02
N ARG A 68 1.70 -15.82 -2.75
CA ARG A 68 0.66 -15.44 -1.79
C ARG A 68 0.95 -15.90 -0.35
N PRO A 69 1.73 -16.99 -0.14
CA PRO A 69 2.04 -17.46 1.22
C PRO A 69 3.08 -16.59 1.89
N LEU A 70 3.88 -15.90 1.08
CA LEU A 70 4.92 -15.03 1.60
C LEU A 70 4.30 -13.92 2.45
N SER A 71 3.00 -13.71 2.29
CA SER A 71 2.28 -12.70 3.05
C SER A 71 1.64 -13.33 4.29
N TYR A 72 1.34 -14.62 4.18
CA TYR A 72 0.72 -15.38 5.28
C TYR A 72 -0.50 -14.66 5.86
N PRO A 73 -1.30 -15.36 6.70
CA PRO A 73 -2.49 -14.78 7.32
C PRO A 73 -2.18 -13.52 8.11
N GLN A 74 -0.90 -13.33 8.45
CA GLN A 74 -0.47 -12.16 9.20
C GLN A 74 -0.66 -10.88 8.39
N THR A 75 -0.96 -11.02 7.10
CA THR A 75 -1.16 -9.88 6.20
C THR A 75 -1.90 -8.74 6.90
N ASP A 76 -2.76 -9.07 7.86
CA ASP A 76 -3.52 -8.06 8.58
C ASP A 76 -4.40 -7.26 7.63
N VAL A 77 -4.72 -6.02 8.01
CA VAL A 77 -5.56 -5.17 7.18
C VAL A 77 -4.94 -4.96 5.81
N PHE A 78 -5.75 -4.54 4.84
CA PHE A 78 -5.27 -4.31 3.49
C PHE A 78 -5.30 -2.83 3.14
N LEU A 79 -4.14 -2.30 2.78
CA LEU A 79 -4.04 -0.88 2.42
C LEU A 79 -3.93 -0.74 0.91
N VAL A 80 -4.86 0.01 0.33
CA VAL A 80 -4.88 0.21 -1.12
C VAL A 80 -5.04 1.69 -1.46
N CYS A 81 -4.29 2.14 -2.46
CA CYS A 81 -4.34 3.53 -2.90
C CYS A 81 -4.50 3.63 -4.40
N PHE A 82 -5.10 4.73 -4.85
CA PHE A 82 -5.34 4.96 -6.27
C PHE A 82 -5.04 6.40 -6.65
N SER A 83 -5.14 6.71 -7.95
CA SER A 83 -4.90 8.06 -8.43
C SER A 83 -6.18 8.88 -8.42
N VAL A 84 -6.17 9.98 -7.68
CA VAL A 84 -7.34 10.85 -7.59
C VAL A 84 -7.26 11.98 -8.62
N VAL A 85 -6.80 11.65 -9.82
CA VAL A 85 -6.68 12.62 -10.88
C VAL A 85 -7.91 12.60 -11.79
N SER A 86 -8.33 11.39 -12.16
CA SER A 86 -9.49 11.22 -13.02
C SER A 86 -10.34 10.03 -12.55
N PRO A 87 -11.68 10.18 -12.57
CA PRO A 87 -12.59 9.11 -12.14
C PRO A 87 -12.57 7.92 -13.09
N SER A 88 -12.07 8.13 -14.31
CA SER A 88 -12.00 7.07 -15.30
C SER A 88 -11.33 5.82 -14.73
N SER A 89 -10.52 6.01 -13.69
CA SER A 89 -9.82 4.90 -13.07
C SER A 89 -10.61 4.35 -11.88
N PHE A 90 -11.37 5.21 -11.23
CA PHE A 90 -12.18 4.83 -10.07
C PHE A 90 -12.94 3.53 -10.34
N GLU A 91 -13.55 3.45 -11.53
CA GLU A 91 -14.32 2.27 -11.91
C GLU A 91 -13.47 1.01 -11.81
N ASN A 92 -12.36 0.99 -12.55
CA ASN A 92 -11.45 -0.16 -12.55
C ASN A 92 -10.86 -0.40 -11.16
N VAL A 93 -10.55 0.69 -10.46
CA VAL A 93 -9.97 0.59 -9.13
C VAL A 93 -10.74 -0.40 -8.25
N LYS A 94 -11.98 -0.07 -7.95
CA LYS A 94 -12.83 -0.92 -7.10
C LYS A 94 -13.28 -2.17 -7.86
N GLU A 95 -13.57 -2.01 -9.14
CA GLU A 95 -14.03 -3.13 -9.97
C GLU A 95 -12.90 -4.12 -10.26
N LYS A 96 -11.66 -3.73 -9.97
CA LYS A 96 -10.51 -4.59 -10.22
C LYS A 96 -9.75 -4.92 -8.94
N TRP A 97 -9.85 -4.04 -7.95
CA TRP A 97 -9.17 -4.26 -6.68
C TRP A 97 -10.08 -4.96 -5.67
N VAL A 98 -11.30 -4.45 -5.52
CA VAL A 98 -12.25 -5.03 -4.58
C VAL A 98 -12.34 -6.55 -4.72
N PRO A 99 -12.39 -7.08 -5.96
CA PRO A 99 -12.47 -8.51 -6.21
C PRO A 99 -11.22 -9.26 -5.80
N GLU A 100 -10.09 -8.56 -5.82
CA GLU A 100 -8.80 -9.17 -5.46
C GLU A 100 -8.53 -9.03 -3.96
N ILE A 101 -8.95 -7.92 -3.38
CA ILE A 101 -8.75 -7.66 -1.95
C ILE A 101 -9.15 -8.88 -1.11
N THR A 102 -10.08 -9.67 -1.63
CA THR A 102 -10.55 -10.85 -0.93
C THR A 102 -9.71 -12.07 -1.30
N HIS A 103 -9.23 -12.10 -2.55
CA HIS A 103 -8.41 -13.20 -3.01
C HIS A 103 -7.24 -13.46 -2.06
N HIS A 104 -6.59 -12.38 -1.64
CA HIS A 104 -5.46 -12.49 -0.72
C HIS A 104 -5.93 -12.58 0.73
N CYS A 105 -6.86 -11.70 1.10
CA CYS A 105 -7.40 -11.67 2.45
C CYS A 105 -8.73 -12.43 2.53
N PRO A 106 -8.71 -13.66 3.08
CA PRO A 106 -9.92 -14.48 3.21
C PRO A 106 -11.13 -13.67 3.63
N LYS A 107 -10.98 -12.90 4.70
CA LYS A 107 -12.07 -12.08 5.21
C LYS A 107 -11.59 -11.18 6.35
N THR A 108 -10.48 -10.50 6.13
CA THR A 108 -9.92 -9.60 7.14
C THR A 108 -10.21 -8.15 6.78
N PRO A 109 -10.49 -7.30 7.79
CA PRO A 109 -10.77 -5.89 7.56
C PRO A 109 -9.86 -5.28 6.50
N PHE A 110 -10.47 -4.61 5.53
CA PHE A 110 -9.71 -4.00 4.44
C PHE A 110 -9.57 -2.49 4.65
N LEU A 111 -8.79 -1.87 3.77
CA LEU A 111 -8.55 -0.45 3.82
C LEU A 111 -8.24 0.08 2.42
N LEU A 112 -8.99 1.10 1.98
CA LEU A 112 -8.78 1.66 0.65
C LEU A 112 -8.99 3.18 0.64
N VAL A 113 -7.99 3.90 0.16
CA VAL A 113 -8.05 5.35 0.09
C VAL A 113 -7.10 5.91 -0.98
N GLY A 114 -7.60 6.83 -1.79
CA GLY A 114 -6.77 7.43 -2.82
C GLY A 114 -6.33 8.83 -2.49
N THR A 115 -5.26 9.29 -3.12
CA THR A 115 -4.74 10.63 -2.89
C THR A 115 -3.68 11.00 -3.93
N GLN A 116 -3.65 12.26 -4.32
CA GLN A 116 -2.69 12.75 -5.31
C GLN A 116 -3.02 14.19 -5.72
N ILE A 117 -3.09 15.07 -4.73
CA ILE A 117 -3.40 16.48 -4.97
C ILE A 117 -2.47 17.07 -6.02
N ASP A 118 -1.29 16.46 -6.17
CA ASP A 118 -0.31 16.94 -7.14
C ASP A 118 -0.62 16.41 -8.54
N LEU A 119 -0.72 15.08 -8.66
CA LEU A 119 -1.01 14.44 -9.94
C LEU A 119 -2.38 14.86 -10.47
N ARG A 120 -3.35 14.94 -9.57
CA ARG A 120 -4.71 15.32 -9.95
C ARG A 120 -4.76 16.77 -10.42
N ASP A 121 -4.19 17.02 -11.60
CA ASP A 121 -4.15 18.36 -12.16
C ASP A 121 -3.56 18.35 -13.56
N ASP A 122 -4.12 17.51 -14.43
CA ASP A 122 -3.64 17.40 -15.80
C ASP A 122 -4.52 18.21 -16.75
N PRO A 123 -4.00 18.52 -17.96
CA PRO A 123 -4.74 19.30 -18.96
C PRO A 123 -5.85 18.48 -19.61
N SER A 124 -5.67 17.17 -19.63
CA SER A 124 -6.66 16.27 -20.23
C SER A 124 -7.67 15.77 -19.20
N THR A 125 -7.22 15.68 -17.95
CA THR A 125 -8.09 15.20 -16.87
C THR A 125 -9.42 15.92 -16.88
N ILE A 126 -9.40 17.22 -16.56
CA ILE A 126 -10.62 18.03 -16.53
C ILE A 126 -11.49 17.77 -17.76
N GLU A 127 -10.85 17.62 -18.92
CA GLU A 127 -11.56 17.38 -20.15
C GLU A 127 -12.55 16.22 -20.00
N LYS A 128 -12.01 15.04 -19.69
CA LYS A 128 -12.84 13.86 -19.53
C LYS A 128 -13.59 13.90 -18.19
N LEU A 129 -12.94 14.44 -17.17
CA LEU A 129 -13.54 14.54 -15.85
C LEU A 129 -14.94 15.14 -15.94
N ALA A 130 -15.15 15.96 -16.96
CA ALA A 130 -16.45 16.61 -17.17
C ALA A 130 -17.50 15.61 -17.63
N LYS A 131 -17.05 14.47 -18.16
CA LYS A 131 -17.98 13.44 -18.62
C LYS A 131 -18.32 12.45 -17.51
N ASN A 132 -17.46 12.38 -16.50
CA ASN A 132 -17.67 11.47 -15.37
C ASN A 132 -18.52 12.13 -14.28
N LYS A 133 -18.45 13.47 -14.22
CA LYS A 133 -19.20 14.22 -13.22
C LYS A 133 -18.72 15.67 -13.14
N GLN A 134 -17.45 15.89 -13.50
CA GLN A 134 -16.83 17.22 -13.47
C GLN A 134 -16.26 17.51 -12.09
N LYS A 135 -15.75 18.73 -11.91
CA LYS A 135 -15.15 19.12 -10.64
C LYS A 135 -13.93 18.27 -10.33
N PRO A 136 -12.78 18.90 -10.00
CA PRO A 136 -11.54 18.17 -9.69
C PRO A 136 -11.66 17.34 -8.42
N ILE A 137 -11.08 16.15 -8.45
CA ILE A 137 -11.10 15.25 -7.30
C ILE A 137 -10.23 15.78 -6.17
N THR A 138 -10.85 16.06 -5.03
CA THR A 138 -10.14 16.59 -3.87
C THR A 138 -9.90 15.50 -2.82
N PRO A 139 -8.88 15.68 -1.96
CA PRO A 139 -8.54 14.74 -0.90
C PRO A 139 -9.77 14.14 -0.22
N GLU A 140 -10.86 14.91 -0.19
CA GLU A 140 -12.10 14.48 0.43
C GLU A 140 -12.76 13.36 -0.37
N THR A 141 -12.79 13.52 -1.70
CA THR A 141 -13.40 12.52 -2.58
C THR A 141 -12.95 11.11 -2.21
N ALA A 142 -11.67 10.83 -2.41
CA ALA A 142 -11.11 9.52 -2.10
C ALA A 142 -11.54 9.05 -0.72
N GLU A 143 -11.40 9.93 0.26
CA GLU A 143 -11.79 9.60 1.63
C GLU A 143 -13.25 9.16 1.70
N LYS A 144 -14.11 9.90 1.00
CA LYS A 144 -15.53 9.56 0.98
C LYS A 144 -15.75 8.15 0.48
N LEU A 145 -14.98 7.75 -0.53
CA LEU A 145 -15.08 6.40 -1.09
C LEU A 145 -14.87 5.36 -0.01
N ALA A 146 -13.77 5.47 0.72
CA ALA A 146 -13.45 4.53 1.79
C ALA A 146 -14.53 4.52 2.86
N ARG A 147 -15.23 5.65 2.99
CA ARG A 147 -16.30 5.78 3.98
C ARG A 147 -17.60 5.16 3.47
N ASP A 148 -17.83 5.27 2.17
CA ASP A 148 -19.03 4.72 1.55
C ASP A 148 -19.32 3.30 2.04
N LEU A 149 -18.30 2.44 1.95
CA LEU A 149 -18.45 1.06 2.39
C LEU A 149 -17.97 0.88 3.83
N LYS A 150 -18.12 1.92 4.64
CA LYS A 150 -17.70 1.88 6.03
C LYS A 150 -16.20 1.67 6.14
N ALA A 151 -15.77 0.43 5.96
CA ALA A 151 -14.35 0.10 6.04
C ALA A 151 -13.73 0.62 7.32
N VAL A 152 -12.42 0.43 7.46
CA VAL A 152 -11.70 0.87 8.65
C VAL A 152 -11.57 2.40 8.68
N LYS A 153 -11.96 3.06 7.59
CA LYS A 153 -11.88 4.53 7.49
C LYS A 153 -10.50 4.97 7.02
N TYR A 154 -10.43 6.12 6.35
CA TYR A 154 -9.17 6.62 5.85
C TYR A 154 -9.17 8.14 5.73
N VAL A 155 -7.98 8.73 5.85
CA VAL A 155 -7.82 10.18 5.73
C VAL A 155 -6.38 10.52 5.39
N GLU A 156 -6.17 11.26 4.31
CA GLU A 156 -4.83 11.63 3.90
C GLU A 156 -4.84 12.68 2.80
N CYS A 157 -3.65 13.05 2.36
CA CYS A 157 -3.48 14.04 1.30
C CYS A 157 -2.32 13.64 0.40
N SER A 158 -1.88 14.55 -0.46
CA SER A 158 -0.79 14.25 -1.37
C SER A 158 0.55 14.45 -0.66
N ALA A 159 1.59 13.85 -1.22
CA ALA A 159 2.92 13.91 -0.64
C ALA A 159 3.27 15.33 -0.18
N LEU A 160 3.59 16.19 -1.16
CA LEU A 160 3.96 17.58 -0.87
C LEU A 160 3.15 18.18 0.27
N THR A 161 1.85 17.91 0.29
CA THR A 161 0.98 18.43 1.34
C THR A 161 0.96 17.50 2.55
N GLN A 162 0.33 17.95 3.63
CA GLN A 162 0.25 17.16 4.85
C GLN A 162 -0.84 17.70 5.79
N LYS A 163 -2.06 17.20 5.61
CA LYS A 163 -3.18 17.63 6.44
C LYS A 163 -3.41 16.66 7.60
N GLY A 164 -3.84 15.45 7.28
CA GLY A 164 -4.10 14.46 8.31
C GLY A 164 -3.48 13.11 7.97
N LEU A 165 -2.18 13.00 8.14
CA LEU A 165 -1.46 11.76 7.85
C LEU A 165 -1.33 10.89 9.10
N LYS A 166 -1.20 11.54 10.25
CA LYS A 166 -1.06 10.83 11.53
C LYS A 166 -2.33 10.04 11.85
N ASN A 167 -3.48 10.68 11.64
CA ASN A 167 -4.77 10.04 11.90
C ASN A 167 -4.85 8.68 11.22
N VAL A 168 -4.85 8.70 9.88
CA VAL A 168 -4.93 7.47 9.10
C VAL A 168 -4.02 6.38 9.66
N PHE A 169 -2.73 6.69 9.80
CA PHE A 169 -1.79 5.71 10.33
C PHE A 169 -2.28 5.14 11.64
N ASP A 170 -2.97 5.96 12.42
CA ASP A 170 -3.50 5.52 13.71
C ASP A 170 -4.64 4.53 13.53
N GLU A 171 -5.38 4.68 12.42
CA GLU A 171 -6.49 3.79 12.13
C GLU A 171 -6.01 2.59 11.32
N ALA A 172 -4.93 2.76 10.59
CA ALA A 172 -4.37 1.69 9.78
C ALA A 172 -3.35 0.88 10.57
N ILE A 173 -2.77 1.51 11.59
CA ILE A 173 -1.78 0.83 12.43
C ILE A 173 -2.43 0.25 13.68
N LEU A 174 -3.10 1.10 14.45
CA LEU A 174 -3.76 0.67 15.67
C LEU A 174 -4.71 -0.49 15.39
N ALA A 175 -5.17 -0.58 14.14
CA ALA A 175 -6.09 -1.65 13.74
C ALA A 175 -5.45 -3.02 13.95
N ALA A 176 -4.13 -3.06 13.89
CA ALA A 176 -3.40 -4.32 14.06
C ALA A 176 -2.96 -4.50 15.51
N LEU A 177 -2.84 -3.38 16.23
CA LEU A 177 -2.42 -3.42 17.63
C LEU A 177 -3.24 -4.45 18.42
N GLU A 178 -4.53 -4.16 18.58
CA GLU A 178 -5.42 -5.06 19.31
C GLU A 178 -6.84 -4.52 19.32
N PRO A 179 -7.85 -5.41 19.21
CA PRO A 179 -9.25 -5.02 19.22
C PRO A 179 -9.73 -4.55 20.59
N PRO A 180 -10.76 -3.69 20.63
CA PRO A 180 -11.30 -3.17 21.89
C PRO A 180 -12.07 -4.23 22.69
N GLU A 181 -12.43 -3.89 23.91
CA GLU A 181 -13.17 -4.81 24.78
C GLU A 181 -14.64 -4.88 24.37
N PRO A 182 -15.28 -6.03 24.62
CA PRO A 182 -16.69 -6.23 24.27
C PRO A 182 -17.57 -5.09 24.79
N LYS A 183 -18.33 -4.47 23.88
CA LYS A 183 -19.20 -3.37 24.23
C LYS A 183 -20.47 -3.89 24.92
N LYS A 184 -20.39 -4.05 26.23
CA LYS A 184 -21.53 -4.53 27.02
C LYS A 184 -22.63 -3.48 27.09
N GLY B 1 2.69 10.36 23.72
CA GLY B 1 3.17 9.85 22.40
C GLY B 1 2.33 8.69 21.88
N SER B 2 1.20 9.02 21.27
CA SER B 2 0.30 8.00 20.72
C SER B 2 1.01 7.17 19.66
N ILE B 3 1.30 7.80 18.52
CA ILE B 3 1.97 7.12 17.43
C ILE B 3 2.94 8.06 16.70
N SER B 4 3.99 7.50 16.12
CA SER B 4 4.98 8.29 15.40
C SER B 4 5.36 7.63 14.08
N LEU B 5 5.32 8.40 13.00
CA LEU B 5 5.65 7.88 11.67
C LEU B 5 6.95 7.08 11.73
N PRO B 6 7.03 5.96 11.00
CA PRO B 6 8.21 5.10 10.97
C PRO B 6 9.48 5.90 10.66
N SER B 7 10.58 5.53 11.32
CA SER B 7 11.84 6.21 11.11
C SER B 7 12.29 6.08 9.65
N ASP B 8 13.29 6.87 9.27
CA ASP B 8 13.82 6.84 7.90
C ASP B 8 14.08 5.41 7.45
N PHE B 9 13.28 4.93 6.51
CA PHE B 9 13.42 3.57 6.00
C PHE B 9 14.54 3.49 4.96
N GLU B 10 14.85 2.27 4.55
CA GLU B 10 15.89 2.03 3.56
C GLU B 10 15.37 1.12 2.46
N HIS B 11 15.67 1.46 1.21
CA HIS B 11 15.23 0.66 0.08
C HIS B 11 15.94 -0.69 0.07
N THR B 12 15.29 -1.69 0.65
CA THR B 12 15.85 -3.03 0.74
C THR B 12 15.80 -3.76 -0.61
N ILE B 13 14.61 -4.18 -1.02
CA ILE B 13 14.46 -4.89 -2.28
C ILE B 13 13.45 -4.23 -3.21
N HIS B 14 13.78 -4.18 -4.49
CA HIS B 14 12.90 -3.59 -5.50
C HIS B 14 12.59 -4.61 -6.57
N VAL B 15 11.43 -5.26 -6.46
CA VAL B 15 11.02 -6.29 -7.42
C VAL B 15 10.51 -5.68 -8.71
N GLY B 16 10.65 -6.43 -9.79
CA GLY B 16 10.20 -5.98 -11.09
C GLY B 16 9.69 -7.13 -11.96
N PHE B 17 9.22 -6.80 -13.15
CA PHE B 17 8.70 -7.81 -14.07
C PHE B 17 9.85 -8.56 -14.75
N ASP B 18 9.85 -9.88 -14.63
CA ASP B 18 10.89 -10.70 -15.22
C ASP B 18 10.32 -11.61 -16.31
N ALA B 19 10.63 -11.29 -17.56
CA ALA B 19 10.16 -12.06 -18.69
C ALA B 19 10.85 -13.42 -18.76
N VAL B 20 12.00 -13.53 -18.09
CA VAL B 20 12.77 -14.77 -18.07
C VAL B 20 11.87 -16.01 -17.95
N THR B 21 11.06 -16.06 -16.91
CA THR B 21 10.17 -17.19 -16.69
C THR B 21 8.86 -16.75 -16.05
N GLY B 22 8.20 -15.75 -16.66
CA GLY B 22 6.95 -15.25 -16.13
C GLY B 22 7.03 -14.97 -14.64
N GLU B 23 8.21 -14.61 -14.16
CA GLU B 23 8.42 -14.31 -12.75
C GLU B 23 8.85 -12.87 -12.55
N PHE B 24 9.13 -12.50 -11.30
CA PHE B 24 9.56 -11.15 -10.99
C PHE B 24 11.08 -11.09 -10.83
N THR B 25 11.63 -9.88 -10.86
CA THR B 25 13.06 -9.69 -10.73
C THR B 25 13.42 -9.17 -9.35
N GLY B 26 14.70 -9.20 -9.01
CA GLY B 26 15.15 -8.74 -7.71
C GLY B 26 14.29 -9.26 -6.57
N MET B 27 13.67 -10.42 -6.79
CA MET B 27 12.83 -11.04 -5.77
C MET B 27 13.53 -11.06 -4.42
N PRO B 28 12.79 -10.75 -3.33
CA PRO B 28 13.36 -10.74 -1.98
C PRO B 28 14.03 -12.06 -1.65
N GLU B 29 15.03 -12.01 -0.78
CA GLU B 29 15.76 -13.20 -0.38
C GLU B 29 14.83 -14.36 -0.07
N GLN B 30 13.88 -14.13 0.84
CA GLN B 30 12.92 -15.16 1.21
C GLN B 30 11.93 -15.44 0.09
N TRP B 31 11.39 -14.38 -0.49
CA TRP B 31 10.42 -14.53 -1.58
C TRP B 31 10.96 -15.46 -2.66
N ALA B 32 12.12 -15.09 -3.21
CA ALA B 32 12.76 -15.89 -4.24
C ALA B 32 12.92 -17.34 -3.80
N ARG B 33 13.78 -17.54 -2.80
CA ARG B 33 14.05 -18.88 -2.28
C ARG B 33 12.76 -19.66 -2.09
N LEU B 34 11.72 -18.99 -1.58
CA LEU B 34 10.44 -19.64 -1.35
C LEU B 34 9.97 -20.38 -2.59
N LEU B 35 9.90 -19.67 -3.71
CA LEU B 35 9.46 -20.27 -4.97
C LEU B 35 10.66 -20.73 -5.80
N GLN B 36 11.42 -19.78 -6.32
CA GLN B 36 12.58 -20.11 -7.14
C GLN B 36 13.78 -20.50 -6.28
N THR B 37 14.67 -19.54 -6.00
CA THR B 37 15.86 -19.80 -5.20
C THR B 37 16.50 -18.51 -4.70
N SER B 38 16.85 -17.63 -5.64
CA SER B 38 17.49 -16.36 -5.33
C SER B 38 16.71 -15.21 -5.94
N ASN B 39 17.10 -13.98 -5.61
CA ASN B 39 16.44 -12.82 -6.16
C ASN B 39 16.54 -12.85 -7.67
N ILE B 40 17.77 -12.93 -8.16
CA ILE B 40 18.02 -13.01 -9.58
C ILE B 40 19.02 -14.11 -9.87
N THR B 41 18.51 -15.33 -10.02
CA THR B 41 19.36 -16.48 -10.29
C THR B 41 20.15 -16.86 -9.04
N LYS B 42 21.01 -15.94 -8.60
CA LYS B 42 21.84 -16.16 -7.43
C LYS B 42 22.02 -14.87 -6.64
N SER B 43 20.96 -14.06 -6.56
CA SER B 43 21.00 -12.81 -5.84
C SER B 43 22.08 -11.89 -6.40
N GLU B 44 22.01 -10.61 -6.07
CA GLU B 44 22.99 -9.64 -6.55
C GLU B 44 23.85 -9.13 -5.39
N GLN B 45 25.12 -8.87 -5.68
CA GLN B 45 26.06 -8.38 -4.67
C GLN B 45 26.02 -6.86 -4.60
N LYS B 46 26.55 -6.32 -3.51
CA LYS B 46 26.59 -4.86 -3.31
C LYS B 46 27.79 -4.25 -4.04
PG GNP C . 5.19 3.89 -9.14
O1G GNP C . 5.20 4.25 -10.57
O2G GNP C . 4.71 2.54 -8.76
O3G GNP C . 6.72 3.98 -8.64
N3B GNP C . 4.20 4.99 -8.37
PB GNP C . 2.84 4.55 -7.51
O1B GNP C . 2.12 3.55 -8.33
O2B GNP C . 3.28 4.14 -6.16
O3A GNP C . 1.82 5.77 -7.30
PA GNP C . 2.13 7.31 -6.93
O1A GNP C . 2.67 7.98 -8.12
O2A GNP C . 2.90 7.33 -5.66
O5' GNP C . 0.66 7.90 -6.62
C5' GNP C . 0.30 8.30 -5.30
C4' GNP C . 0.84 9.69 -4.96
O4' GNP C . 0.06 10.30 -3.91
C3' GNP C . 2.28 9.59 -4.48
O3' GNP C . 3.15 10.34 -5.34
C2' GNP C . 2.31 10.13 -3.08
O2' GNP C . 3.21 11.23 -2.99
C1' GNP C . 0.89 10.57 -2.76
N9 GNP C . 0.37 9.85 -1.58
C8 GNP C . -0.27 8.65 -1.49
N7 GNP C . -0.62 8.25 -0.33
C5 GNP C . -0.16 9.28 0.49
C6 GNP C . -0.24 9.44 1.92
O6 GNP C . -0.75 8.68 2.74
N1 GNP C . 0.34 10.64 2.35
C2 GNP C . 0.94 11.58 1.51
N2 GNP C . 1.45 12.66 2.10
N3 GNP C . 1.02 11.44 0.17
C4 GNP C . 0.45 10.28 -0.27
HNB3 GNP C . 4.43 5.94 -8.42
H5'2 GNP C . 0.69 7.58 -4.59
H5'1 GNP C . -0.79 8.32 -5.22
H4' GNP C . 0.79 10.32 -5.85
H3' GNP C . 2.58 8.55 -4.48
HO3' GNP C . 2.89 10.15 -6.25
H2' GNP C . 2.61 9.34 -2.40
HO2' GNP C . 3.62 11.34 -3.85
H1' GNP C . 0.88 11.63 -2.55
H8 GNP C . -0.48 8.07 -2.38
HN1 GNP C . 0.33 10.81 3.31
HN21 GNP C . 1.40 12.77 3.09
HN22 GNP C . 1.89 13.38 1.54
MG MG D . 4.38 2.09 -6.42
N MET A 1 9.39 -9.32 17.96
CA MET A 1 8.32 -8.46 18.52
C MET A 1 7.09 -8.43 17.61
N GLN A 2 6.15 -7.56 17.91
CA GLN A 2 4.92 -7.44 17.12
C GLN A 2 5.24 -6.88 15.73
N THR A 3 4.87 -7.65 14.70
CA THR A 3 5.12 -7.23 13.33
C THR A 3 3.79 -7.09 12.57
N ILE A 4 3.75 -6.14 11.64
CA ILE A 4 2.55 -5.91 10.84
C ILE A 4 2.87 -5.83 9.35
N LYS A 5 2.55 -6.89 8.63
CA LYS A 5 2.81 -6.95 7.20
C LYS A 5 1.53 -6.71 6.41
N CYS A 6 1.31 -5.46 5.99
CA CYS A 6 0.12 -5.11 5.23
C CYS A 6 0.28 -5.48 3.76
N VAL A 7 -0.63 -6.31 3.26
CA VAL A 7 -0.58 -6.75 1.86
C VAL A 7 -1.53 -5.91 1.00
N VAL A 8 -1.20 -5.81 -0.29
CA VAL A 8 -2.02 -5.04 -1.22
C VAL A 8 -2.56 -5.92 -2.35
N VAL A 9 -3.52 -5.39 -3.10
CA VAL A 9 -4.12 -6.11 -4.20
C VAL A 9 -4.75 -5.15 -5.20
N GLY A 10 -4.29 -5.20 -6.45
CA GLY A 10 -4.82 -4.33 -7.48
C GLY A 10 -3.91 -3.15 -7.76
N ASP A 11 -4.21 -2.42 -8.83
CA ASP A 11 -3.40 -1.26 -9.20
C ASP A 11 -3.90 -0.01 -8.49
N GLY A 12 -2.97 0.77 -7.94
CA GLY A 12 -3.33 1.98 -7.23
C GLY A 12 -2.12 2.81 -6.85
N ALA A 13 -1.09 2.15 -6.30
CA ALA A 13 0.13 2.84 -5.91
C ALA A 13 -0.04 3.57 -4.58
N VAL A 14 -0.89 4.60 -4.59
CA VAL A 14 -1.12 5.40 -3.39
C VAL A 14 -1.40 4.52 -2.17
N GLY A 15 -1.88 3.29 -2.42
CA GLY A 15 -2.19 2.38 -1.33
C GLY A 15 -1.01 2.15 -0.41
N LYS A 16 -0.22 1.13 -0.70
CA LYS A 16 0.94 0.78 0.12
C LYS A 16 2.25 1.38 -0.39
N THR A 17 2.78 0.83 -1.50
CA THR A 17 4.04 1.28 -2.07
C THR A 17 4.20 2.81 -2.04
N CYS A 18 3.54 3.50 -2.96
CA CYS A 18 3.65 4.96 -3.04
C CYS A 18 3.42 5.58 -1.67
N LEU A 19 2.62 4.91 -0.86
CA LEU A 19 2.32 5.39 0.47
C LEU A 19 3.59 5.69 1.25
N LEU A 20 4.27 4.64 1.68
CA LEU A 20 5.51 4.80 2.45
C LEU A 20 6.46 5.78 1.79
N ILE A 21 6.40 5.87 0.48
CA ILE A 21 7.27 6.79 -0.23
C ILE A 21 7.15 8.21 0.33
N SER A 22 5.99 8.81 0.18
CA SER A 22 5.77 10.19 0.66
C SER A 22 5.12 10.24 2.04
N TYR A 23 4.50 9.14 2.47
CA TYR A 23 3.81 9.12 3.76
C TYR A 23 4.66 8.53 4.90
N THR A 24 5.40 7.45 4.63
CA THR A 24 6.22 6.82 5.68
C THR A 24 7.65 7.34 5.65
N THR A 25 7.86 8.50 5.05
CA THR A 25 9.19 9.08 4.96
C THR A 25 9.15 10.45 4.29
N ASN A 26 8.25 10.61 3.32
CA ASN A 26 8.11 11.89 2.61
C ASN A 26 9.16 12.04 1.51
N LYS A 27 9.26 11.03 0.66
CA LYS A 27 10.20 11.05 -0.45
C LYS A 27 9.52 10.59 -1.74
N PHE A 28 10.27 10.55 -2.83
CA PHE A 28 9.72 10.12 -4.11
C PHE A 28 10.51 8.94 -4.68
N PRO A 29 9.81 8.03 -5.40
CA PRO A 29 10.41 6.85 -6.00
C PRO A 29 11.83 7.10 -6.52
N SER A 30 12.66 6.08 -6.44
CA SER A 30 14.05 6.17 -6.89
C SER A 30 14.25 5.38 -8.19
N GLU A 31 14.32 4.05 -8.05
CA GLU A 31 14.50 3.18 -9.22
C GLU A 31 13.16 2.78 -9.80
N TYR A 32 12.89 3.21 -11.01
CA TYR A 32 11.62 2.90 -11.67
C TYR A 32 11.53 1.41 -11.98
N VAL A 33 10.64 0.72 -11.28
CA VAL A 33 10.43 -0.71 -11.48
C VAL A 33 9.06 -1.12 -10.95
N PRO A 34 8.28 -1.87 -11.74
CA PRO A 34 6.96 -2.32 -11.32
C PRO A 34 6.97 -2.86 -9.90
N THR A 35 6.68 -1.98 -8.94
CA THR A 35 6.69 -2.35 -7.53
C THR A 35 5.85 -3.60 -7.28
N VAL A 36 6.50 -4.75 -7.39
CA VAL A 36 5.81 -6.02 -7.15
C VAL A 36 5.73 -6.26 -5.65
N PHE A 37 6.84 -5.97 -4.96
CA PHE A 37 6.91 -6.13 -3.52
C PHE A 37 7.34 -4.83 -2.87
N ASP A 38 8.59 -4.43 -3.11
CA ASP A 38 9.14 -3.21 -2.56
C ASP A 38 8.99 -3.19 -1.04
N ASN A 39 10.11 -3.29 -0.33
CA ASN A 39 10.08 -3.29 1.12
C ASN A 39 10.61 -1.95 1.64
N TYR A 40 10.29 -1.64 2.89
CA TYR A 40 10.72 -0.38 3.48
C TYR A 40 10.95 -0.53 4.99
N ALA A 41 11.68 0.42 5.55
CA ALA A 41 11.97 0.42 6.98
C ALA A 41 11.19 1.51 7.70
N VAL A 42 10.83 1.24 8.95
CA VAL A 42 10.08 2.20 9.75
C VAL A 42 10.37 2.04 11.24
N THR A 43 10.13 3.09 12.00
CA THR A 43 10.37 3.07 13.44
C THR A 43 9.48 4.07 14.17
N VAL A 44 8.27 3.64 14.52
CA VAL A 44 7.34 4.51 15.22
C VAL A 44 7.34 4.23 16.72
N MET A 45 6.70 5.12 17.49
CA MET A 45 6.64 4.96 18.93
C MET A 45 5.19 4.89 19.41
N ILE A 46 4.72 3.68 19.70
CA ILE A 46 3.35 3.48 20.17
C ILE A 46 3.30 3.47 21.68
N GLY A 47 3.09 4.65 22.27
CA GLY A 47 3.01 4.75 23.71
C GLY A 47 4.38 4.84 24.36
N GLY A 48 5.39 5.22 23.58
CA GLY A 48 6.73 5.35 24.10
C GLY A 48 7.52 4.05 23.99
N GLU A 49 7.28 3.31 22.92
CA GLU A 49 7.96 2.04 22.69
C GLU A 49 8.35 1.89 21.22
N PRO A 50 9.56 1.38 20.95
CA PRO A 50 10.05 1.18 19.58
C PRO A 50 9.09 0.33 18.74
N TYR A 51 9.28 0.35 17.43
CA TYR A 51 8.43 -0.42 16.53
C TYR A 51 9.20 -0.78 15.25
N THR A 52 9.03 -2.02 14.81
CA THR A 52 9.71 -2.50 13.60
C THR A 52 8.74 -3.28 12.71
N LEU A 53 8.20 -2.62 11.71
CA LEU A 53 7.26 -3.25 10.79
C LEU A 53 7.61 -2.92 9.35
N GLY A 54 7.11 -3.73 8.42
CA GLY A 54 7.38 -3.49 7.02
C GLY A 54 6.17 -3.77 6.14
N LEU A 55 5.76 -2.78 5.37
CA LEU A 55 4.60 -2.93 4.48
C LEU A 55 4.97 -3.76 3.26
N PHE A 56 4.32 -4.91 3.12
CA PHE A 56 4.57 -5.80 2.00
C PHE A 56 3.58 -5.54 0.87
N ASP A 57 4.08 -5.12 -0.29
CA ASP A 57 3.21 -4.84 -1.43
C ASP A 57 2.77 -6.15 -2.08
N THR A 58 1.72 -6.07 -2.89
CA THR A 58 1.20 -7.25 -3.58
C THR A 58 0.20 -6.87 -4.65
N ALA A 59 0.16 -7.66 -5.72
CA ALA A 59 -0.77 -7.41 -6.82
C ALA A 59 -0.61 -8.46 -7.92
N GLY A 60 0.36 -8.25 -8.80
CA GLY A 60 0.60 -9.18 -9.88
C GLY A 60 -0.63 -9.39 -10.74
N LEU A 61 -1.57 -8.46 -10.66
CA LEU A 61 -2.80 -8.55 -11.45
C LEU A 61 -3.62 -9.78 -11.04
N GLU A 62 -3.87 -9.91 -9.74
CA GLU A 62 -4.64 -11.03 -9.21
C GLU A 62 -3.94 -12.36 -9.47
N ASP A 63 -2.61 -12.32 -9.54
CA ASP A 63 -1.82 -13.51 -9.77
C ASP A 63 -0.77 -13.69 -8.67
N TYR A 64 -1.02 -13.07 -7.52
CA TYR A 64 -0.08 -13.17 -6.40
C TYR A 64 -0.37 -14.40 -5.55
N ASP A 65 -1.41 -15.15 -5.90
CA ASP A 65 -1.75 -16.38 -5.16
C ASP A 65 -0.49 -17.20 -4.86
N ARG A 66 0.51 -17.08 -5.74
CA ARG A 66 1.76 -17.79 -5.58
C ARG A 66 2.60 -17.16 -4.48
N LEU A 67 2.69 -15.83 -4.48
CA LEU A 67 3.45 -15.11 -3.47
C LEU A 67 2.56 -14.75 -2.27
N ARG A 68 1.42 -15.42 -2.16
CA ARG A 68 0.49 -15.17 -1.05
C ARG A 68 1.06 -15.67 0.28
N PRO A 69 1.36 -16.97 0.39
CA PRO A 69 1.91 -17.56 1.62
C PRO A 69 3.16 -16.82 2.11
N LEU A 70 3.80 -16.07 1.20
CA LEU A 70 5.00 -15.32 1.55
C LEU A 70 4.62 -14.03 2.27
N SER A 71 3.42 -13.52 1.97
CA SER A 71 2.95 -12.29 2.58
C SER A 71 1.90 -12.56 3.67
N TYR A 72 1.45 -13.81 3.76
CA TYR A 72 0.46 -14.21 4.76
C TYR A 72 -0.64 -13.15 4.89
N PRO A 73 -1.74 -13.30 4.13
CA PRO A 73 -2.87 -12.36 4.16
C PRO A 73 -3.43 -12.18 5.57
N GLN A 74 -3.57 -13.29 6.28
CA GLN A 74 -4.11 -13.27 7.63
C GLN A 74 -3.13 -12.60 8.61
N THR A 75 -1.90 -12.35 8.16
CA THR A 75 -0.89 -11.72 9.00
C THR A 75 -1.47 -10.52 9.77
N ASP A 76 -2.17 -9.64 9.06
CA ASP A 76 -2.76 -8.46 9.68
C ASP A 76 -3.69 -7.74 8.71
N VAL A 77 -3.96 -6.47 8.98
CA VAL A 77 -4.83 -5.67 8.12
C VAL A 77 -4.32 -5.64 6.69
N PHE A 78 -5.19 -5.26 5.76
CA PHE A 78 -4.82 -5.20 4.35
C PHE A 78 -4.78 -3.75 3.85
N LEU A 79 -3.72 -3.41 3.14
CA LEU A 79 -3.56 -2.07 2.60
C LEU A 79 -3.84 -2.07 1.10
N VAL A 80 -4.89 -1.36 0.69
CA VAL A 80 -5.27 -1.30 -0.72
C VAL A 80 -4.85 0.02 -1.35
N CYS A 81 -4.66 -0.01 -2.67
CA CYS A 81 -4.26 1.18 -3.40
C CYS A 81 -5.33 1.62 -4.39
N PHE A 82 -5.85 2.83 -4.18
CA PHE A 82 -6.86 3.40 -5.05
C PHE A 82 -6.20 4.36 -6.03
N SER A 83 -6.93 4.74 -7.08
CA SER A 83 -6.39 5.64 -8.08
C SER A 83 -6.53 7.09 -7.65
N VAL A 84 -5.46 7.85 -7.87
CA VAL A 84 -5.42 9.25 -7.51
C VAL A 84 -6.63 9.99 -8.07
N VAL A 85 -6.56 10.36 -9.34
CA VAL A 85 -7.66 11.09 -9.97
C VAL A 85 -8.18 10.32 -11.19
N SER A 86 -7.72 10.66 -12.40
CA SER A 86 -8.16 9.98 -13.61
C SER A 86 -9.66 9.68 -13.58
N PRO A 87 -10.48 10.59 -14.14
CA PRO A 87 -11.94 10.42 -14.17
C PRO A 87 -12.35 9.00 -14.59
N SER A 88 -11.49 8.35 -15.37
CA SER A 88 -11.77 7.00 -15.85
C SER A 88 -11.19 5.95 -14.90
N SER A 89 -9.88 6.02 -14.68
CA SER A 89 -9.20 5.06 -13.80
C SER A 89 -9.94 4.89 -12.47
N PHE A 90 -10.40 6.01 -11.90
CA PHE A 90 -11.13 5.98 -10.63
C PHE A 90 -12.22 4.91 -10.65
N GLU A 91 -13.23 5.13 -11.47
CA GLU A 91 -14.35 4.18 -11.57
C GLU A 91 -13.84 2.77 -11.85
N ASN A 92 -12.86 2.65 -12.74
CA ASN A 92 -12.30 1.35 -13.08
C ASN A 92 -11.65 0.68 -11.87
N VAL A 93 -10.63 1.34 -11.31
CA VAL A 93 -9.92 0.82 -10.15
C VAL A 93 -10.89 0.35 -9.06
N LYS A 94 -12.09 0.93 -9.04
CA LYS A 94 -13.09 0.57 -8.05
C LYS A 94 -13.71 -0.78 -8.35
N GLU A 95 -14.33 -0.90 -9.52
CA GLU A 95 -14.98 -2.14 -9.93
C GLU A 95 -13.99 -3.17 -10.48
N LYS A 96 -12.70 -2.87 -10.37
CA LYS A 96 -11.67 -3.78 -10.87
C LYS A 96 -10.85 -4.37 -9.73
N TRP A 97 -10.51 -3.54 -8.75
CA TRP A 97 -9.70 -3.98 -7.61
C TRP A 97 -10.57 -4.38 -6.42
N VAL A 98 -11.58 -3.57 -6.13
CA VAL A 98 -12.47 -3.85 -5.00
C VAL A 98 -12.89 -5.33 -4.95
N PRO A 99 -13.52 -5.83 -6.03
CA PRO A 99 -13.96 -7.23 -6.09
C PRO A 99 -12.82 -8.22 -5.88
N GLU A 100 -11.59 -7.74 -6.04
CA GLU A 100 -10.41 -8.58 -5.87
C GLU A 100 -9.87 -8.48 -4.44
N ILE A 101 -10.11 -7.34 -3.80
CA ILE A 101 -9.64 -7.12 -2.44
C ILE A 101 -10.03 -8.29 -1.53
N THR A 102 -11.20 -8.85 -1.79
CA THR A 102 -11.69 -9.99 -1.01
C THR A 102 -10.89 -11.24 -1.32
N HIS A 103 -10.42 -11.34 -2.56
CA HIS A 103 -9.64 -12.50 -3.00
C HIS A 103 -8.37 -12.63 -2.15
N HIS A 104 -7.71 -11.50 -1.90
CA HIS A 104 -6.49 -11.49 -1.12
C HIS A 104 -6.79 -11.64 0.37
N CYS A 105 -7.48 -10.66 0.95
CA CYS A 105 -7.82 -10.70 2.36
C CYS A 105 -8.83 -11.82 2.65
N PRO A 106 -8.42 -12.86 3.39
CA PRO A 106 -9.31 -13.99 3.72
C PRO A 106 -10.52 -13.56 4.53
N LYS A 107 -10.28 -13.09 5.75
CA LYS A 107 -11.37 -12.65 6.62
C LYS A 107 -10.92 -11.48 7.49
N THR A 108 -9.90 -10.76 7.02
CA THR A 108 -9.37 -9.61 7.76
C THR A 108 -9.73 -8.31 7.06
N PRO A 109 -9.97 -7.24 7.84
CA PRO A 109 -10.32 -5.92 7.29
C PRO A 109 -9.17 -5.32 6.48
N PHE A 110 -9.44 -4.19 5.83
CA PHE A 110 -8.42 -3.53 5.03
C PHE A 110 -8.66 -2.02 5.00
N LEU A 111 -7.79 -1.32 4.27
CA LEU A 111 -7.90 0.12 4.14
C LEU A 111 -7.66 0.55 2.69
N LEU A 112 -8.39 1.56 2.23
CA LEU A 112 -8.25 2.04 0.85
C LEU A 112 -7.67 3.45 0.81
N VAL A 113 -6.58 3.63 0.06
CA VAL A 113 -5.94 4.93 -0.07
C VAL A 113 -6.20 5.55 -1.43
N GLY A 114 -6.53 6.85 -1.42
CA GLY A 114 -6.79 7.57 -2.65
C GLY A 114 -6.66 9.06 -2.47
N THR A 115 -6.15 9.75 -3.49
CA THR A 115 -5.97 11.20 -3.38
C THR A 115 -5.82 11.86 -4.75
N GLN A 116 -5.45 13.13 -4.76
CA GLN A 116 -5.28 13.87 -6.02
C GLN A 116 -5.04 15.35 -5.77
N ILE A 117 -3.84 15.67 -5.28
CA ILE A 117 -3.49 17.06 -5.01
C ILE A 117 -2.66 17.64 -6.14
N ASP A 118 -1.44 17.14 -6.29
CA ASP A 118 -0.54 17.61 -7.35
C ASP A 118 -0.84 16.94 -8.68
N LEU A 119 -1.08 15.63 -8.63
CA LEU A 119 -1.39 14.87 -9.83
C LEU A 119 -2.54 15.50 -10.60
N ARG A 120 -3.59 15.88 -9.88
CA ARG A 120 -4.75 16.51 -10.49
C ARG A 120 -4.42 17.90 -11.03
N ASP A 121 -3.32 18.48 -10.52
CA ASP A 121 -2.90 19.81 -10.95
C ASP A 121 -2.95 19.96 -12.47
N ASP A 122 -2.79 18.83 -13.17
CA ASP A 122 -2.83 18.84 -14.63
C ASP A 122 -4.11 19.49 -15.14
N PRO A 123 -4.01 20.62 -15.84
CA PRO A 123 -5.18 21.34 -16.38
C PRO A 123 -6.12 20.41 -17.15
N SER A 124 -5.58 19.74 -18.17
CA SER A 124 -6.37 18.83 -18.99
C SER A 124 -7.28 17.95 -18.14
N THR A 125 -6.76 17.51 -17.00
CA THR A 125 -7.52 16.68 -16.08
C THR A 125 -8.80 17.39 -15.65
N ILE A 126 -8.65 18.51 -14.95
CA ILE A 126 -9.79 19.28 -14.49
C ILE A 126 -10.67 19.69 -15.66
N GLU A 127 -10.05 20.08 -16.76
CA GLU A 127 -10.77 20.49 -17.96
C GLU A 127 -11.84 19.47 -18.30
N LYS A 128 -11.51 18.20 -18.13
CA LYS A 128 -12.44 17.10 -18.40
C LYS A 128 -13.24 16.78 -17.15
N LEU A 129 -12.58 16.85 -15.99
CA LEU A 129 -13.25 16.56 -14.72
C LEU A 129 -14.56 17.33 -14.62
N ALA A 130 -14.60 18.49 -15.26
CA ALA A 130 -15.79 19.33 -15.27
C ALA A 130 -16.95 18.60 -15.95
N LYS A 131 -16.62 17.68 -16.86
CA LYS A 131 -17.63 16.92 -17.57
C LYS A 131 -18.11 15.75 -16.73
N ASN A 132 -17.25 15.29 -15.82
CA ASN A 132 -17.58 14.17 -14.95
C ASN A 132 -18.34 14.64 -13.71
N LYS A 133 -18.14 15.92 -13.35
CA LYS A 133 -18.80 16.52 -12.19
C LYS A 133 -18.07 17.78 -11.73
N GLN A 134 -16.77 17.88 -12.08
CA GLN A 134 -15.94 19.03 -11.70
C GLN A 134 -15.26 18.79 -10.36
N LYS A 135 -16.03 18.26 -9.40
CA LYS A 135 -15.51 17.97 -8.07
C LYS A 135 -15.80 16.52 -7.70
N PRO A 136 -15.48 15.58 -8.59
CA PRO A 136 -15.72 14.15 -8.36
C PRO A 136 -14.71 13.52 -7.40
N ILE A 137 -13.43 13.79 -7.64
CA ILE A 137 -12.37 13.25 -6.78
C ILE A 137 -11.77 14.33 -5.90
N THR A 138 -11.56 13.98 -4.63
CA THR A 138 -10.99 14.91 -3.66
C THR A 138 -10.39 14.15 -2.48
N PRO A 139 -9.43 14.76 -1.78
CA PRO A 139 -8.78 14.12 -0.62
C PRO A 139 -9.79 13.53 0.35
N GLU A 140 -11.01 14.06 0.34
CA GLU A 140 -12.07 13.58 1.22
C GLU A 140 -12.89 12.49 0.55
N THR A 141 -13.09 12.61 -0.75
CA THR A 141 -13.86 11.63 -1.50
C THR A 141 -13.24 10.24 -1.39
N ALA A 142 -11.94 10.15 -1.64
CA ALA A 142 -11.23 8.88 -1.56
C ALA A 142 -11.57 8.14 -0.27
N GLU A 143 -11.38 8.81 0.86
CA GLU A 143 -11.67 8.21 2.16
C GLU A 143 -13.15 7.88 2.27
N LYS A 144 -14.00 8.77 1.76
CA LYS A 144 -15.44 8.57 1.80
C LYS A 144 -15.82 7.27 1.10
N LEU A 145 -15.30 7.08 -0.11
CA LEU A 145 -15.59 5.88 -0.89
C LEU A 145 -15.19 4.64 -0.11
N ALA A 146 -14.09 4.75 0.63
CA ALA A 146 -13.59 3.62 1.43
C ALA A 146 -14.48 3.39 2.66
N ARG A 147 -15.18 4.43 3.08
CA ARG A 147 -16.05 4.33 4.25
C ARG A 147 -17.36 3.64 3.88
N ASP A 148 -17.91 3.98 2.71
CA ASP A 148 -19.15 3.38 2.24
C ASP A 148 -19.08 1.86 2.32
N LEU A 149 -17.98 1.30 1.81
CA LEU A 149 -17.79 -0.14 1.82
C LEU A 149 -17.54 -0.67 3.23
N LYS A 150 -17.34 0.24 4.18
CA LYS A 150 -17.09 -0.15 5.57
C LYS A 150 -15.67 -0.71 5.73
N ALA A 151 -14.86 -0.03 6.52
CA ALA A 151 -13.49 -0.45 6.76
C ALA A 151 -12.80 0.45 7.78
N VAL A 152 -11.52 0.19 8.02
CA VAL A 152 -10.75 0.98 8.97
C VAL A 152 -10.61 2.43 8.52
N LYS A 153 -10.92 2.70 7.25
CA LYS A 153 -10.84 4.05 6.69
C LYS A 153 -9.40 4.42 6.36
N TYR A 154 -9.23 5.41 5.49
CA TYR A 154 -7.91 5.86 5.07
C TYR A 154 -7.94 7.33 4.67
N VAL A 155 -7.30 8.19 5.47
CA VAL A 155 -7.24 9.60 5.17
C VAL A 155 -5.80 10.07 4.96
N GLU A 156 -5.54 10.65 3.81
CA GLU A 156 -4.20 11.13 3.49
C GLU A 156 -4.20 11.94 2.20
N CYS A 157 -3.01 12.40 1.80
CA CYS A 157 -2.87 13.17 0.58
C CYS A 157 -1.74 12.60 -0.27
N SER A 158 -1.65 13.03 -1.53
CA SER A 158 -0.61 12.55 -2.42
C SER A 158 0.64 13.42 -2.29
N ALA A 159 1.61 12.93 -1.53
CA ALA A 159 2.86 13.65 -1.32
C ALA A 159 2.62 15.12 -1.01
N LEU A 160 3.71 15.89 -0.88
CA LEU A 160 3.61 17.32 -0.56
C LEU A 160 2.55 17.58 0.49
N THR A 161 2.12 18.84 0.61
CA THR A 161 1.10 19.24 1.57
C THR A 161 1.29 18.54 2.93
N GLN A 162 0.66 17.37 3.08
CA GLN A 162 0.76 16.60 4.32
C GLN A 162 -0.13 17.21 5.41
N LYS A 163 -1.41 16.91 5.35
CA LYS A 163 -2.37 17.42 6.33
C LYS A 163 -2.79 16.34 7.31
N GLY A 164 -3.52 15.35 6.80
CA GLY A 164 -3.99 14.26 7.64
C GLY A 164 -3.17 12.99 7.47
N LEU A 165 -1.87 13.09 7.70
CA LEU A 165 -0.98 11.94 7.56
C LEU A 165 -0.78 11.25 8.91
N LYS A 166 -0.88 12.02 9.98
CA LYS A 166 -0.72 11.49 11.33
C LYS A 166 -1.93 10.63 11.73
N ASN A 167 -3.12 11.23 11.68
CA ASN A 167 -4.35 10.53 12.05
C ASN A 167 -4.38 9.13 11.42
N VAL A 168 -4.25 9.07 10.11
CA VAL A 168 -4.27 7.80 9.40
C VAL A 168 -3.20 6.87 9.97
N PHE A 169 -2.04 7.43 10.28
CA PHE A 169 -0.94 6.64 10.84
C PHE A 169 -1.38 5.93 12.12
N ASP A 170 -2.38 6.49 12.79
CA ASP A 170 -2.89 5.92 14.02
C ASP A 170 -3.95 4.85 13.73
N GLU A 171 -4.64 5.00 12.59
CA GLU A 171 -5.68 4.05 12.21
C GLU A 171 -5.06 2.76 11.67
N ALA A 172 -3.98 2.89 10.91
CA ALA A 172 -3.30 1.74 10.33
C ALA A 172 -2.39 1.06 11.35
N ILE A 173 -1.63 1.87 12.09
CA ILE A 173 -0.72 1.34 13.09
C ILE A 173 -1.47 0.78 14.29
N LEU A 174 -2.20 1.66 14.99
CA LEU A 174 -2.97 1.25 16.16
C LEU A 174 -3.90 0.08 15.83
N ALA A 175 -4.22 -0.08 14.55
CA ALA A 175 -5.11 -1.15 14.12
C ALA A 175 -4.52 -2.53 14.43
N ALA A 176 -3.23 -2.69 14.12
CA ALA A 176 -2.55 -3.95 14.37
C ALA A 176 -2.22 -4.13 15.85
N LEU A 177 -2.14 -3.02 16.57
CA LEU A 177 -1.83 -3.06 17.99
C LEU A 177 -2.74 -4.07 18.72
N GLU A 178 -3.94 -4.26 18.18
CA GLU A 178 -4.89 -5.20 18.78
C GLU A 178 -4.60 -6.62 18.33
N PRO A 179 -4.78 -7.60 19.24
CA PRO A 179 -4.55 -9.01 18.94
C PRO A 179 -5.58 -9.58 17.96
N PRO A 180 -5.16 -10.55 17.13
CA PRO A 180 -6.05 -11.18 16.15
C PRO A 180 -7.32 -11.74 16.79
N GLU A 181 -8.44 -11.63 16.06
CA GLU A 181 -9.73 -12.12 16.55
C GLU A 181 -9.92 -11.81 18.03
N PRO A 182 -9.91 -10.51 18.39
CA PRO A 182 -10.09 -10.07 19.78
C PRO A 182 -11.30 -10.74 20.44
N LYS A 183 -11.06 -11.43 21.55
CA LYS A 183 -12.13 -12.11 22.27
C LYS A 183 -12.25 -11.58 23.69
N LYS A 184 -13.41 -11.02 24.02
CA LYS A 184 -13.67 -10.48 25.34
C LYS A 184 -15.15 -10.54 25.69
N GLY B 1 2.18 12.58 22.28
CA GLY B 1 2.85 11.27 22.08
C GLY B 1 1.90 10.22 21.53
N SER B 2 1.77 9.11 22.23
CA SER B 2 0.90 8.02 21.80
C SER B 2 1.47 7.31 20.58
N ILE B 3 1.58 8.06 19.48
CA ILE B 3 2.11 7.50 18.23
C ILE B 3 3.05 8.49 17.55
N SER B 4 4.01 7.95 16.80
CA SER B 4 4.97 8.78 16.09
C SER B 4 5.08 8.36 14.63
N LEU B 5 5.73 9.18 13.82
CA LEU B 5 5.90 8.89 12.40
C LEU B 5 7.33 8.42 12.12
N PRO B 6 7.48 7.37 11.29
CA PRO B 6 8.80 6.83 10.93
C PRO B 6 9.74 7.91 10.40
N SER B 7 10.96 7.52 10.09
CA SER B 7 11.96 8.47 9.57
C SER B 7 12.96 7.78 8.65
N ASP B 8 13.49 6.65 9.09
CA ASP B 8 14.47 5.90 8.31
C ASP B 8 13.95 5.69 6.88
N PHE B 9 13.21 4.60 6.67
CA PHE B 9 12.67 4.29 5.35
C PHE B 9 13.79 4.13 4.32
N GLU B 10 13.88 2.94 3.73
CA GLU B 10 14.90 2.66 2.73
C GLU B 10 14.44 1.58 1.76
N HIS B 11 14.54 1.88 0.46
CA HIS B 11 14.14 0.92 -0.57
C HIS B 11 15.12 -0.25 -0.60
N THR B 12 14.79 -1.30 0.14
CA THR B 12 15.65 -2.47 0.21
C THR B 12 15.51 -3.36 -1.04
N ILE B 13 14.52 -4.24 -1.03
CA ILE B 13 14.30 -5.14 -2.16
C ILE B 13 13.30 -4.56 -3.16
N HIS B 14 13.80 -4.16 -4.32
CA HIS B 14 12.96 -3.61 -5.37
C HIS B 14 12.62 -4.68 -6.39
N VAL B 15 11.45 -5.30 -6.24
CA VAL B 15 11.02 -6.36 -7.14
C VAL B 15 10.37 -5.80 -8.40
N GLY B 16 10.62 -6.46 -9.53
CA GLY B 16 10.07 -6.03 -10.79
C GLY B 16 9.75 -7.19 -11.70
N PHE B 17 9.20 -6.90 -12.88
CA PHE B 17 8.86 -7.94 -13.84
C PHE B 17 9.93 -8.06 -14.92
N ASP B 18 10.46 -9.27 -15.09
CA ASP B 18 11.49 -9.52 -16.09
C ASP B 18 11.23 -10.82 -16.82
N ALA B 19 11.30 -10.77 -18.15
CA ALA B 19 11.06 -11.95 -18.98
C ALA B 19 12.27 -12.89 -18.99
N VAL B 20 13.32 -12.54 -18.24
CA VAL B 20 14.52 -13.36 -18.18
C VAL B 20 14.18 -14.84 -18.03
N THR B 21 13.04 -15.11 -17.42
CA THR B 21 12.59 -16.49 -17.19
C THR B 21 11.07 -16.57 -17.18
N GLY B 22 10.45 -15.62 -16.49
CA GLY B 22 9.00 -15.59 -16.40
C GLY B 22 8.51 -15.35 -14.98
N GLU B 23 9.26 -14.55 -14.24
CA GLU B 23 8.91 -14.22 -12.85
C GLU B 23 9.34 -12.81 -12.50
N PHE B 24 9.33 -12.49 -11.21
CA PHE B 24 9.74 -11.16 -10.76
C PHE B 24 11.25 -11.12 -10.53
N THR B 25 11.80 -9.90 -10.47
CA THR B 25 13.23 -9.73 -10.26
C THR B 25 13.53 -9.31 -8.83
N GLY B 26 14.78 -9.43 -8.43
CA GLY B 26 15.18 -9.06 -7.08
C GLY B 26 14.26 -9.67 -6.03
N MET B 27 13.66 -10.81 -6.37
CA MET B 27 12.76 -11.50 -5.46
C MET B 27 13.36 -11.61 -4.06
N PRO B 28 12.58 -11.30 -3.02
CA PRO B 28 13.06 -11.37 -1.63
C PRO B 28 13.66 -12.73 -1.30
N GLU B 29 14.72 -12.72 -0.49
CA GLU B 29 15.38 -13.96 -0.10
C GLU B 29 14.36 -15.02 0.31
N GLN B 30 13.42 -14.62 1.16
CA GLN B 30 12.38 -15.52 1.62
C GLN B 30 11.42 -15.87 0.49
N TRP B 31 10.86 -14.84 -0.15
CA TRP B 31 9.95 -15.04 -1.26
C TRP B 31 10.57 -15.94 -2.31
N ALA B 32 11.69 -15.47 -2.88
CA ALA B 32 12.41 -16.21 -3.90
C ALA B 32 12.52 -17.69 -3.55
N ARG B 33 13.28 -17.98 -2.51
CA ARG B 33 13.49 -19.35 -2.07
C ARG B 33 12.16 -20.10 -1.97
N LEU B 34 11.15 -19.42 -1.43
CA LEU B 34 9.82 -20.02 -1.28
C LEU B 34 9.37 -20.70 -2.56
N LEU B 35 9.35 -19.95 -3.66
CA LEU B 35 8.94 -20.50 -4.95
C LEU B 35 10.14 -20.96 -5.76
N GLN B 36 10.93 -20.00 -6.25
CA GLN B 36 12.10 -20.31 -7.05
C GLN B 36 13.29 -20.76 -6.17
N THR B 37 14.19 -19.82 -5.84
CA THR B 37 15.36 -20.14 -5.03
C THR B 37 16.03 -18.88 -4.50
N SER B 38 16.40 -17.98 -5.42
CA SER B 38 17.06 -16.74 -5.06
C SER B 38 16.32 -15.54 -5.62
N ASN B 39 16.85 -14.35 -5.37
CA ASN B 39 16.23 -13.14 -5.88
C ASN B 39 16.35 -13.14 -7.40
N ILE B 40 17.58 -13.16 -7.87
CA ILE B 40 17.84 -13.20 -9.29
C ILE B 40 18.98 -14.17 -9.56
N THR B 41 18.62 -15.44 -9.72
CA THR B 41 19.61 -16.49 -9.98
C THR B 41 20.75 -16.40 -8.97
N LYS B 42 20.40 -15.99 -7.75
CA LYS B 42 21.35 -15.84 -6.65
C LYS B 42 22.04 -14.48 -6.72
N SER B 43 21.26 -13.42 -6.53
CA SER B 43 21.79 -12.06 -6.56
C SER B 43 20.79 -11.07 -5.98
N GLU B 44 21.19 -10.41 -4.88
CA GLU B 44 20.33 -9.43 -4.23
C GLU B 44 20.97 -8.05 -4.25
N GLN B 45 21.33 -7.58 -5.43
CA GLN B 45 21.95 -6.27 -5.58
C GLN B 45 20.92 -5.16 -5.49
N LYS B 46 21.35 -3.98 -5.06
CA LYS B 46 20.46 -2.84 -4.93
C LYS B 46 20.29 -2.12 -6.27
PG GNP C . 7.39 3.58 -9.32
O1G GNP C . 8.64 3.90 -10.04
O2G GNP C . 7.43 2.56 -8.25
O3G GNP C . 6.37 3.03 -10.43
N3B GNP C . 6.86 5.02 -8.62
PB GNP C . 5.45 5.12 -7.74
O1B GNP C . 4.33 4.75 -8.64
O2B GNP C . 5.64 4.30 -6.51
O3A GNP C . 5.14 6.62 -7.23
PA GNP C . 4.18 7.74 -7.87
O1A GNP C . 3.64 7.22 -9.15
O2A GNP C . 4.89 9.04 -7.85
O5' GNP C . 2.98 7.81 -6.81
C5' GNP C . 2.41 9.07 -6.42
C4' GNP C . 3.27 9.78 -5.39
O4' GNP C . 2.46 10.33 -4.34
C3' GNP C . 4.27 8.83 -4.76
O3' GNP C . 5.61 9.19 -5.09
C2' GNP C . 4.04 8.89 -3.28
O2' GNP C . 5.24 9.28 -2.60
C1' GNP C . 2.93 9.89 -3.05
N9 GNP C . 1.83 9.30 -2.26
C8 GNP C . 0.95 8.33 -2.60
N7 GNP C . 0.07 7.99 -1.72
C5 GNP C . 0.39 8.83 -0.65
C6 GNP C . -0.22 8.95 0.64
O6 GNP C . -1.18 8.32 1.10
N1 GNP C . 0.42 9.93 1.44
C2 GNP C . 1.50 10.70 1.03
N2 GNP C . 1.97 11.58 1.92
N3 GNP C . 2.07 10.58 -0.18
C4 GNP C . 1.47 9.64 -0.98
HNB3 GNP C . 7.39 5.82 -8.75
H5'2 GNP C . 2.32 9.70 -7.31
H5'1 GNP C . 1.42 8.90 -6.00
H4' GNP C . 3.82 10.59 -5.88
H3' GNP C . 4.07 7.81 -5.11
HO3' GNP C . 5.67 10.15 -5.04
H2' GNP C . 3.72 7.91 -2.91
HO2' GNP C . 5.76 9.80 -3.21
H1' GNP C . 3.34 10.75 -2.52
H8 GNP C . 0.98 7.86 -3.57
HN1 GNP C . 0.05 10.06 2.34
HN21 GNP C . 1.54 11.65 2.82
HN22 GNP C . 2.76 12.16 1.69
MG MG D . 6.19 2.08 -6.24
N MET A 1 9.21 -7.23 20.37
CA MET A 1 8.49 -6.23 19.52
C MET A 1 7.25 -6.83 18.88
N GLN A 2 6.68 -6.11 17.92
CA GLN A 2 5.48 -6.57 17.23
C GLN A 2 5.70 -6.61 15.72
N THR A 3 5.46 -7.76 15.12
CA THR A 3 5.63 -7.91 13.68
C THR A 3 4.29 -8.04 12.98
N ILE A 4 3.94 -7.02 12.20
CA ILE A 4 2.67 -7.01 11.48
C ILE A 4 2.88 -6.70 10.00
N LYS A 5 2.26 -7.49 9.14
CA LYS A 5 2.38 -7.30 7.69
C LYS A 5 1.03 -6.89 7.10
N CYS A 6 1.06 -6.24 5.94
CA CYS A 6 -0.16 -5.79 5.29
C CYS A 6 -0.21 -6.24 3.83
N VAL A 7 -1.14 -7.14 3.51
CA VAL A 7 -1.28 -7.65 2.15
C VAL A 7 -2.19 -6.74 1.32
N VAL A 8 -1.59 -5.86 0.53
CA VAL A 8 -2.34 -4.94 -0.30
C VAL A 8 -2.15 -5.23 -1.79
N VAL A 9 -3.20 -5.01 -2.57
CA VAL A 9 -3.15 -5.23 -4.01
C VAL A 9 -3.84 -4.10 -4.77
N GLY A 10 -3.10 -3.43 -5.65
CA GLY A 10 -3.69 -2.33 -6.41
C GLY A 10 -2.82 -1.92 -7.58
N ASP A 11 -3.39 -1.11 -8.48
CA ASP A 11 -2.66 -0.62 -9.64
C ASP A 11 -1.64 0.42 -9.21
N GLY A 12 -2.14 1.53 -8.67
CA GLY A 12 -1.26 2.59 -8.22
C GLY A 12 -0.44 2.15 -7.02
N ALA A 13 -0.30 3.04 -6.05
CA ALA A 13 0.47 2.70 -4.84
C ALA A 13 0.37 3.80 -3.78
N VAL A 14 -0.76 4.48 -3.75
CA VAL A 14 -1.00 5.53 -2.77
C VAL A 14 -1.06 4.95 -1.36
N GLY A 15 -1.15 3.62 -1.26
CA GLY A 15 -1.23 2.98 0.04
C GLY A 15 -0.10 2.00 0.31
N LYS A 16 0.50 1.45 -0.75
CA LYS A 16 1.59 0.49 -0.58
C LYS A 16 2.96 1.15 -0.69
N THR A 17 3.35 1.50 -1.93
CA THR A 17 4.65 2.13 -2.17
C THR A 17 4.65 3.61 -1.81
N CYS A 18 3.83 4.37 -2.52
CA CYS A 18 3.72 5.80 -2.30
C CYS A 18 3.54 6.12 -0.81
N LEU A 19 2.65 5.37 -0.16
CA LEU A 19 2.37 5.57 1.25
C LEU A 19 3.64 5.87 2.07
N LEU A 20 4.47 4.84 2.27
CA LEU A 20 5.71 5.01 3.03
C LEU A 20 6.64 5.99 2.35
N ILE A 21 6.42 6.24 1.06
CA ILE A 21 7.24 7.17 0.32
C ILE A 21 7.01 8.60 0.82
N SER A 22 5.76 8.98 0.95
CA SER A 22 5.42 10.33 1.43
C SER A 22 5.21 10.35 2.94
N TYR A 23 4.93 9.18 3.51
CA TYR A 23 4.70 9.07 4.94
C TYR A 23 6.00 8.95 5.73
N THR A 24 6.70 7.84 5.52
CA THR A 24 7.95 7.58 6.22
C THR A 24 9.17 8.17 5.50
N THR A 25 9.67 7.44 4.52
CA THR A 25 10.83 7.86 3.76
C THR A 25 10.71 9.31 3.26
N ASN A 26 9.49 9.77 3.06
CA ASN A 26 9.24 11.12 2.57
C ASN A 26 10.13 11.43 1.36
N LYS A 27 10.25 10.45 0.46
CA LYS A 27 11.07 10.60 -0.74
C LYS A 27 10.30 10.13 -1.98
N PHE A 28 10.37 10.91 -3.05
CA PHE A 28 9.68 10.54 -4.29
C PHE A 28 10.21 9.20 -4.80
N PRO A 29 9.37 8.48 -5.58
CA PRO A 29 9.75 7.17 -6.14
C PRO A 29 11.22 7.07 -6.51
N SER A 30 11.79 5.88 -6.35
CA SER A 30 13.19 5.64 -6.66
C SER A 30 13.35 4.92 -8.00
N GLU A 31 13.22 3.60 -7.98
CA GLU A 31 13.35 2.80 -9.19
C GLU A 31 11.98 2.42 -9.73
N TYR A 32 11.66 2.91 -10.93
CA TYR A 32 10.38 2.60 -11.55
C TYR A 32 10.36 1.18 -12.08
N VAL A 33 9.67 0.30 -11.36
CA VAL A 33 9.56 -1.10 -11.74
C VAL A 33 8.28 -1.70 -11.19
N PRO A 34 7.58 -2.53 -11.98
CA PRO A 34 6.34 -3.18 -11.56
C PRO A 34 6.42 -3.67 -10.11
N THR A 35 6.02 -2.83 -9.18
CA THR A 35 6.06 -3.19 -7.77
C THR A 35 5.37 -4.51 -7.50
N VAL A 36 6.12 -5.60 -7.60
CA VAL A 36 5.57 -6.92 -7.34
C VAL A 36 5.41 -7.12 -5.85
N PHE A 37 6.32 -6.51 -5.08
CA PHE A 37 6.29 -6.61 -3.63
C PHE A 37 6.75 -5.30 -3.00
N ASP A 38 8.03 -4.98 -3.20
CA ASP A 38 8.60 -3.76 -2.63
C ASP A 38 8.39 -3.73 -1.12
N ASN A 39 9.47 -3.92 -0.36
CA ASN A 39 9.39 -3.92 1.09
C ASN A 39 10.02 -2.66 1.66
N TYR A 40 9.61 -2.32 2.88
CA TYR A 40 10.11 -1.13 3.55
C TYR A 40 10.10 -1.31 5.06
N ALA A 41 10.77 -0.39 5.77
CA ALA A 41 10.83 -0.44 7.22
C ALA A 41 10.32 0.85 7.84
N VAL A 42 9.89 0.75 9.10
CA VAL A 42 9.37 1.92 9.81
C VAL A 42 9.39 1.69 11.32
N THR A 43 9.60 2.76 12.08
CA THR A 43 9.64 2.69 13.52
C THR A 43 8.63 3.65 14.14
N VAL A 44 7.50 3.11 14.58
CA VAL A 44 6.45 3.91 15.18
C VAL A 44 6.50 3.85 16.69
N MET A 45 6.26 4.99 17.34
CA MET A 45 6.29 5.05 18.79
C MET A 45 4.89 5.13 19.37
N ILE A 46 4.38 4.00 19.85
CA ILE A 46 3.04 3.93 20.42
C ILE A 46 3.12 3.83 21.95
N GLY A 47 3.07 4.98 22.61
CA GLY A 47 3.13 5.01 24.05
C GLY A 47 4.57 5.05 24.56
N GLY A 48 5.50 5.40 23.68
CA GLY A 48 6.90 5.45 24.07
C GLY A 48 7.62 4.13 23.90
N GLU A 49 7.30 3.42 22.82
CA GLU A 49 7.91 2.14 22.54
C GLU A 49 8.17 1.97 21.04
N PRO A 50 9.34 1.41 20.67
CA PRO A 50 9.71 1.19 19.26
C PRO A 50 8.80 0.20 18.57
N TYR A 51 8.89 0.13 17.24
CA TYR A 51 8.06 -0.79 16.46
C TYR A 51 8.76 -1.19 15.17
N THR A 52 8.30 -2.30 14.59
CA THR A 52 8.87 -2.81 13.35
C THR A 52 7.76 -3.24 12.40
N LEU A 53 7.40 -2.34 11.47
CA LEU A 53 6.34 -2.63 10.51
C LEU A 53 6.78 -2.28 9.09
N GLY A 54 6.08 -2.85 8.10
CA GLY A 54 6.41 -2.58 6.72
C GLY A 54 5.22 -2.82 5.79
N LEU A 55 5.05 -1.95 4.81
CA LEU A 55 3.95 -2.08 3.87
C LEU A 55 4.26 -3.12 2.80
N PHE A 56 3.64 -4.28 2.93
CA PHE A 56 3.85 -5.37 1.98
C PHE A 56 2.93 -5.23 0.78
N ASP A 57 3.48 -4.78 -0.34
CA ASP A 57 2.69 -4.60 -1.56
C ASP A 57 2.31 -5.94 -2.16
N THR A 58 1.79 -5.92 -3.38
CA THR A 58 1.38 -7.14 -4.07
C THR A 58 1.12 -6.87 -5.55
N ALA A 59 1.08 -7.94 -6.35
CA ALA A 59 0.82 -7.82 -7.78
C ALA A 59 -0.66 -7.96 -8.09
N GLY A 60 -1.16 -9.19 -8.02
CA GLY A 60 -2.56 -9.43 -8.31
C GLY A 60 -2.78 -10.58 -9.26
N LEU A 61 -2.36 -11.77 -8.87
CA LEU A 61 -2.52 -12.96 -9.71
C LEU A 61 -3.08 -14.12 -8.89
N GLU A 62 -3.06 -15.31 -9.48
CA GLU A 62 -3.56 -16.50 -8.81
C GLU A 62 -2.82 -16.74 -7.49
N ASP A 63 -3.29 -16.11 -6.44
CA ASP A 63 -2.67 -16.24 -5.12
C ASP A 63 -1.40 -15.42 -5.07
N TYR A 64 -1.44 -14.20 -5.60
CA TYR A 64 -0.26 -13.35 -5.63
C TYR A 64 0.89 -14.14 -6.22
N ASP A 65 0.54 -14.99 -7.18
CA ASP A 65 1.49 -15.87 -7.82
C ASP A 65 1.75 -17.04 -6.87
N ARG A 66 2.92 -17.66 -6.95
CA ARG A 66 3.21 -18.77 -6.06
C ARG A 66 3.81 -18.27 -4.73
N LEU A 67 3.99 -16.95 -4.62
CA LEU A 67 4.52 -16.35 -3.41
C LEU A 67 3.40 -16.18 -2.38
N ARG A 68 2.76 -17.30 -2.02
CA ARG A 68 1.64 -17.29 -1.08
C ARG A 68 2.05 -16.82 0.33
N PRO A 69 2.84 -17.62 1.06
CA PRO A 69 3.28 -17.26 2.42
C PRO A 69 4.25 -16.09 2.40
N LEU A 70 4.90 -15.89 1.27
CA LEU A 70 5.85 -14.80 1.11
C LEU A 70 5.20 -13.45 1.40
N SER A 71 3.87 -13.41 1.31
CA SER A 71 3.13 -12.18 1.57
C SER A 71 2.30 -12.28 2.85
N TYR A 72 1.79 -13.49 3.12
CA TYR A 72 0.98 -13.71 4.30
C TYR A 72 -0.33 -12.93 4.22
N PRO A 73 -1.29 -13.43 3.42
CA PRO A 73 -2.59 -12.77 3.24
C PRO A 73 -3.28 -12.44 4.57
N GLN A 74 -3.45 -13.46 5.40
CA GLN A 74 -4.09 -13.30 6.70
C GLN A 74 -3.27 -12.45 7.67
N THR A 75 -2.03 -12.12 7.28
CA THR A 75 -1.12 -11.31 8.12
C THR A 75 -1.86 -10.29 8.98
N ASP A 76 -2.68 -9.45 8.36
CA ASP A 76 -3.43 -8.43 9.09
C ASP A 76 -4.10 -7.45 8.14
N VAL A 77 -4.48 -6.29 8.66
CA VAL A 77 -5.13 -5.26 7.85
C VAL A 77 -4.24 -4.85 6.70
N PHE A 78 -4.86 -4.44 5.59
CA PHE A 78 -4.10 -4.03 4.42
C PHE A 78 -4.74 -2.80 3.77
N LEU A 79 -3.93 -1.78 3.53
CA LEU A 79 -4.42 -0.57 2.89
C LEU A 79 -4.00 -0.52 1.44
N VAL A 80 -4.97 -0.55 0.54
CA VAL A 80 -4.71 -0.54 -0.89
C VAL A 80 -4.77 0.88 -1.45
N CYS A 81 -4.06 1.10 -2.55
CA CYS A 81 -4.03 2.42 -3.18
C CYS A 81 -5.41 2.76 -3.75
N PHE A 82 -5.57 3.99 -4.22
CA PHE A 82 -6.84 4.43 -4.78
C PHE A 82 -6.68 5.72 -5.58
N SER A 83 -6.72 5.58 -6.91
CA SER A 83 -6.59 6.74 -7.79
C SER A 83 -7.68 7.75 -7.50
N VAL A 84 -7.28 8.91 -6.96
CA VAL A 84 -8.23 9.96 -6.64
C VAL A 84 -8.18 11.08 -7.67
N VAL A 85 -8.96 10.92 -8.73
CA VAL A 85 -9.03 11.92 -9.80
C VAL A 85 -9.79 11.36 -11.01
N SER A 86 -9.07 10.78 -11.97
CA SER A 86 -9.70 10.22 -13.16
C SER A 86 -10.91 9.36 -12.79
N PRO A 87 -12.13 9.88 -12.98
CA PRO A 87 -13.36 9.15 -12.66
C PRO A 87 -13.41 7.77 -13.32
N SER A 88 -12.95 7.70 -14.57
CA SER A 88 -12.95 6.46 -15.32
C SER A 88 -12.23 5.36 -14.53
N SER A 89 -11.32 5.77 -13.65
CA SER A 89 -10.56 4.81 -12.84
C SER A 89 -11.28 4.51 -11.53
N PHE A 90 -11.93 5.53 -10.97
CA PHE A 90 -12.65 5.37 -9.71
C PHE A 90 -13.58 4.16 -9.76
N GLU A 91 -14.52 4.17 -10.70
CA GLU A 91 -15.47 3.08 -10.85
C GLU A 91 -14.76 1.78 -11.21
N ASN A 92 -13.65 1.90 -11.94
CA ASN A 92 -12.88 0.74 -12.35
C ASN A 92 -12.19 0.09 -11.16
N VAL A 93 -11.30 0.85 -10.51
CA VAL A 93 -10.58 0.35 -9.35
C VAL A 93 -11.52 -0.30 -8.35
N LYS A 94 -12.71 0.25 -8.20
CA LYS A 94 -13.70 -0.27 -7.27
C LYS A 94 -14.09 -1.69 -7.65
N GLU A 95 -14.68 -1.86 -8.83
CA GLU A 95 -15.10 -3.17 -9.30
C GLU A 95 -13.94 -3.95 -9.95
N LYS A 96 -12.72 -3.42 -9.84
CA LYS A 96 -11.57 -4.08 -10.42
C LYS A 96 -10.56 -4.48 -9.33
N TRP A 97 -10.43 -3.65 -8.32
CA TRP A 97 -9.49 -3.92 -7.22
C TRP A 97 -10.19 -4.65 -6.07
N VAL A 98 -11.40 -4.22 -5.75
CA VAL A 98 -12.16 -4.85 -4.67
C VAL A 98 -12.18 -6.37 -4.80
N PRO A 99 -12.66 -6.90 -5.94
CA PRO A 99 -12.72 -8.35 -6.17
C PRO A 99 -11.33 -9.00 -6.10
N GLU A 100 -10.29 -8.18 -6.23
CA GLU A 100 -8.92 -8.68 -6.18
C GLU A 100 -8.44 -8.80 -4.74
N ILE A 101 -8.59 -7.72 -3.98
CA ILE A 101 -8.16 -7.71 -2.58
C ILE A 101 -8.74 -8.90 -1.84
N THR A 102 -9.85 -9.43 -2.34
CA THR A 102 -10.49 -10.59 -1.72
C THR A 102 -9.71 -11.85 -2.03
N HIS A 103 -9.04 -11.86 -3.18
CA HIS A 103 -8.23 -13.00 -3.59
C HIS A 103 -6.98 -13.12 -2.73
N HIS A 104 -6.43 -11.98 -2.33
CA HIS A 104 -5.23 -11.95 -1.50
C HIS A 104 -5.55 -11.52 -0.06
N CYS A 105 -6.81 -11.20 0.21
CA CYS A 105 -7.22 -10.79 1.55
C CYS A 105 -8.67 -11.18 1.84
N PRO A 106 -8.98 -12.48 1.75
CA PRO A 106 -10.33 -12.99 2.00
C PRO A 106 -10.61 -13.20 3.48
N LYS A 107 -10.44 -12.16 4.28
CA LYS A 107 -10.68 -12.25 5.72
C LYS A 107 -10.35 -10.94 6.42
N THR A 108 -9.12 -10.47 6.23
CA THR A 108 -8.67 -9.23 6.85
C THR A 108 -9.31 -8.01 6.20
N PRO A 109 -9.59 -6.95 6.99
CA PRO A 109 -10.19 -5.72 6.47
C PRO A 109 -9.34 -5.06 5.41
N PHE A 110 -9.82 -3.95 4.86
CA PHE A 110 -9.08 -3.23 3.83
C PHE A 110 -9.15 -1.73 4.06
N LEU A 111 -8.19 -1.01 3.47
CA LEU A 111 -8.13 0.44 3.59
C LEU A 111 -7.85 1.08 2.24
N LEU A 112 -8.69 2.04 1.85
CA LEU A 112 -8.52 2.72 0.57
C LEU A 112 -7.94 4.11 0.76
N VAL A 113 -6.64 4.26 0.51
CA VAL A 113 -5.97 5.53 0.65
C VAL A 113 -5.63 6.13 -0.71
N GLY A 114 -6.02 7.38 -0.92
CA GLY A 114 -5.75 8.04 -2.18
C GLY A 114 -6.01 9.53 -2.14
N THR A 115 -5.39 10.26 -3.07
CA THR A 115 -5.57 11.71 -3.15
C THR A 115 -5.01 12.24 -4.46
N GLN A 116 -3.70 12.13 -4.64
CA GLN A 116 -3.04 12.60 -5.86
C GLN A 116 -3.47 14.03 -6.19
N ILE A 117 -3.20 14.94 -5.28
CA ILE A 117 -3.56 16.34 -5.47
C ILE A 117 -2.79 16.96 -6.63
N ASP A 118 -1.57 16.48 -6.84
CA ASP A 118 -0.72 16.99 -7.91
C ASP A 118 -1.08 16.35 -9.25
N LEU A 119 -1.19 15.02 -9.26
CA LEU A 119 -1.52 14.30 -10.48
C LEU A 119 -2.75 14.91 -11.16
N ARG A 120 -3.80 15.11 -10.37
CA ARG A 120 -5.03 15.68 -10.89
C ARG A 120 -4.77 17.05 -11.53
N ASP A 121 -5.83 17.84 -11.70
CA ASP A 121 -5.72 19.17 -12.30
C ASP A 121 -5.55 19.06 -13.81
N ASP A 122 -6.14 18.03 -14.40
CA ASP A 122 -6.06 17.82 -15.85
C ASP A 122 -7.26 18.44 -16.55
N PRO A 123 -7.12 18.75 -17.85
CA PRO A 123 -8.19 19.36 -18.65
C PRO A 123 -9.33 18.37 -18.91
N SER A 124 -8.98 17.12 -19.19
CA SER A 124 -9.98 16.09 -19.46
C SER A 124 -10.67 15.65 -18.17
N THR A 125 -9.99 15.82 -17.05
CA THR A 125 -10.53 15.43 -15.76
C THR A 125 -11.87 16.13 -15.49
N ILE A 126 -11.81 17.45 -15.32
CA ILE A 126 -13.01 18.24 -15.07
C ILE A 126 -14.13 17.88 -16.04
N GLU A 127 -13.77 17.69 -17.30
CA GLU A 127 -14.75 17.34 -18.32
C GLU A 127 -15.62 16.18 -17.88
N LYS A 128 -15.00 15.03 -17.65
CA LYS A 128 -15.71 13.83 -17.21
C LYS A 128 -16.18 13.98 -15.77
N LEU A 129 -15.36 14.64 -14.95
CA LEU A 129 -15.69 14.85 -13.55
C LEU A 129 -17.10 15.41 -13.40
N ALA A 130 -17.57 16.09 -14.44
CA ALA A 130 -18.90 16.68 -14.43
C ALA A 130 -19.98 15.63 -14.75
N LYS A 131 -19.55 14.52 -15.36
CA LYS A 131 -20.48 13.45 -15.71
C LYS A 131 -20.68 12.48 -14.55
N ASN A 132 -19.70 12.45 -13.64
CA ASN A 132 -19.77 11.56 -12.49
C ASN A 132 -20.38 12.28 -11.29
N LYS A 133 -20.17 13.60 -11.23
CA LYS A 133 -20.70 14.40 -10.14
C LYS A 133 -20.42 15.89 -10.37
N GLN A 134 -19.24 16.35 -9.96
CA GLN A 134 -18.85 17.74 -10.13
C GLN A 134 -17.58 18.06 -9.34
N LYS A 135 -16.77 18.95 -9.88
CA LYS A 135 -15.52 19.34 -9.22
C LYS A 135 -14.59 18.15 -9.06
N PRO A 136 -13.27 18.38 -9.17
CA PRO A 136 -12.26 17.32 -9.04
C PRO A 136 -12.24 16.72 -7.63
N ILE A 137 -12.05 15.41 -7.56
CA ILE A 137 -12.00 14.71 -6.28
C ILE A 137 -11.02 15.38 -5.33
N THR A 138 -11.49 15.72 -4.13
CA THR A 138 -10.65 16.38 -3.13
C THR A 138 -10.12 15.39 -2.11
N PRO A 139 -9.12 15.81 -1.30
CA PRO A 139 -8.53 14.95 -0.28
C PRO A 139 -9.56 14.33 0.66
N GLU A 140 -10.72 14.97 0.76
CA GLU A 140 -11.79 14.50 1.64
C GLU A 140 -12.73 13.54 0.90
N THR A 141 -12.98 13.83 -0.38
CA THR A 141 -13.86 13.00 -1.20
C THR A 141 -13.56 11.51 -1.00
N ALA A 142 -12.27 11.17 -0.98
CA ALA A 142 -11.85 9.79 -0.79
C ALA A 142 -12.53 9.19 0.42
N GLU A 143 -12.43 9.88 1.56
CA GLU A 143 -13.04 9.40 2.79
C GLU A 143 -14.52 9.13 2.58
N LYS A 144 -15.18 9.99 1.79
CA LYS A 144 -16.59 9.82 1.51
C LYS A 144 -16.88 8.42 1.00
N LEU A 145 -16.17 8.03 -0.07
CA LEU A 145 -16.34 6.70 -0.64
C LEU A 145 -16.14 5.64 0.43
N ALA A 146 -15.25 5.93 1.38
CA ALA A 146 -14.98 5.00 2.47
C ALA A 146 -16.22 4.78 3.33
N ARG A 147 -16.85 5.89 3.73
CA ARG A 147 -18.06 5.81 4.55
C ARG A 147 -19.09 4.89 3.90
N ASP A 148 -19.23 4.99 2.59
CA ASP A 148 -20.17 4.16 1.86
C ASP A 148 -19.88 2.68 2.08
N LEU A 149 -18.62 2.38 2.40
CA LEU A 149 -18.20 1.00 2.64
C LEU A 149 -17.60 0.84 4.04
N LYS A 150 -17.91 1.78 4.93
CA LYS A 150 -17.39 1.73 6.29
C LYS A 150 -15.87 1.74 6.29
N ALA A 151 -15.27 0.57 6.12
CA ALA A 151 -13.81 0.44 6.11
C ALA A 151 -13.20 0.94 7.41
N VAL A 152 -11.89 0.81 7.52
CA VAL A 152 -11.17 1.24 8.71
C VAL A 152 -11.01 2.77 8.76
N LYS A 153 -11.39 3.44 7.66
CA LYS A 153 -11.29 4.90 7.57
C LYS A 153 -9.88 5.33 7.17
N TYR A 154 -9.78 6.35 6.32
CA TYR A 154 -8.49 6.83 5.85
C TYR A 154 -8.54 8.30 5.47
N VAL A 155 -7.39 8.97 5.57
CA VAL A 155 -7.28 10.37 5.22
C VAL A 155 -5.82 10.73 4.92
N GLU A 156 -5.57 11.27 3.73
CA GLU A 156 -4.22 11.64 3.34
C GLU A 156 -4.22 12.54 2.11
N CYS A 157 -3.13 13.29 1.94
CA CYS A 157 -2.98 14.20 0.80
C CYS A 157 -1.78 13.79 -0.04
N SER A 158 -1.45 14.61 -1.03
CA SER A 158 -0.32 14.31 -1.91
C SER A 158 0.99 14.82 -1.34
N ALA A 159 2.09 14.16 -1.71
CA ALA A 159 3.42 14.53 -1.23
C ALA A 159 3.61 16.05 -1.19
N LEU A 160 3.80 16.64 -2.37
CA LEU A 160 3.99 18.09 -2.51
C LEU A 160 3.14 18.86 -1.50
N THR A 161 1.96 18.33 -1.19
CA THR A 161 1.05 18.97 -0.25
C THR A 161 1.30 18.47 1.17
N GLN A 162 0.73 17.33 1.50
CA GLN A 162 0.90 16.74 2.82
C GLN A 162 0.30 17.64 3.90
N LYS A 163 -0.93 17.33 4.30
CA LYS A 163 -1.61 18.11 5.33
C LYS A 163 -1.64 17.36 6.66
N GLY A 164 -2.35 16.25 6.69
CA GLY A 164 -2.44 15.45 7.90
C GLY A 164 -2.68 13.98 7.62
N LEU A 165 -1.62 13.29 7.19
CA LEU A 165 -1.71 11.86 6.90
C LEU A 165 -1.34 11.01 8.12
N LYS A 166 -0.79 11.66 9.15
CA LYS A 166 -0.39 10.95 10.35
C LYS A 166 -1.54 10.07 10.86
N ASN A 167 -2.77 10.46 10.52
CA ASN A 167 -3.95 9.69 10.92
C ASN A 167 -3.89 8.29 10.32
N VAL A 168 -3.67 8.22 9.01
CA VAL A 168 -3.60 6.94 8.33
C VAL A 168 -2.56 6.05 9.00
N PHE A 169 -1.38 6.61 9.23
CA PHE A 169 -0.31 5.87 9.88
C PHE A 169 -0.73 5.44 11.28
N ASP A 170 -1.54 6.28 11.92
CA ASP A 170 -2.02 5.99 13.26
C ASP A 170 -3.00 4.81 13.25
N GLU A 171 -3.81 4.74 12.20
CA GLU A 171 -4.78 3.66 12.06
C GLU A 171 -4.10 2.38 11.60
N ALA A 172 -3.22 2.50 10.60
CA ALA A 172 -2.51 1.36 10.08
C ALA A 172 -1.81 0.59 11.20
N ILE A 173 -1.28 1.33 12.17
CA ILE A 173 -0.59 0.72 13.30
C ILE A 173 -1.58 0.27 14.37
N LEU A 174 -2.56 1.12 14.66
CA LEU A 174 -3.58 0.81 15.65
C LEU A 174 -4.32 -0.47 15.28
N ALA A 175 -4.85 -0.50 14.06
CA ALA A 175 -5.59 -1.66 13.58
C ALA A 175 -4.80 -2.95 13.79
N ALA A 176 -3.48 -2.84 13.69
CA ALA A 176 -2.60 -3.99 13.86
C ALA A 176 -2.17 -4.13 15.32
N LEU A 177 -2.14 -3.01 16.03
CA LEU A 177 -1.74 -3.00 17.43
C LEU A 177 -2.50 -4.07 18.22
N GLU A 178 -3.82 -4.06 18.08
CA GLU A 178 -4.67 -5.03 18.78
C GLU A 178 -4.51 -4.90 20.29
N PRO A 179 -5.29 -4.01 20.93
CA PRO A 179 -5.24 -3.81 22.37
C PRO A 179 -5.31 -5.12 23.15
N PRO A 180 -4.57 -5.21 24.27
CA PRO A 180 -4.54 -6.42 25.10
C PRO A 180 -5.95 -6.88 25.48
N GLU A 181 -6.20 -8.18 25.32
CA GLU A 181 -7.51 -8.74 25.65
C GLU A 181 -7.72 -8.79 27.16
N PRO A 182 -6.75 -9.35 27.91
CA PRO A 182 -6.83 -9.44 29.37
C PRO A 182 -7.15 -8.11 30.02
N LYS A 183 -7.15 -8.10 31.35
CA LYS A 183 -7.45 -6.87 32.09
C LYS A 183 -6.34 -5.85 31.91
N LYS A 184 -6.63 -4.59 32.26
CA LYS A 184 -5.67 -3.51 32.14
C LYS A 184 -5.58 -2.72 33.44
N GLY B 1 2.35 11.49 24.30
CA GLY B 1 2.59 11.12 22.88
C GLY B 1 2.13 9.70 22.57
N SER B 2 0.83 9.54 22.33
CA SER B 2 0.26 8.24 22.03
C SER B 2 1.05 7.55 20.91
N ILE B 3 0.76 7.94 19.67
CA ILE B 3 1.45 7.35 18.52
C ILE B 3 2.19 8.42 17.73
N SER B 4 3.26 8.01 17.05
CA SER B 4 4.06 8.93 16.26
C SER B 4 4.39 8.33 14.88
N LEU B 5 4.84 9.18 13.97
CA LEU B 5 5.19 8.74 12.63
C LEU B 5 6.64 8.26 12.56
N PRO B 6 6.90 7.14 11.85
CA PRO B 6 8.26 6.59 11.73
C PRO B 6 9.17 7.50 10.93
N SER B 7 10.33 6.97 10.54
CA SER B 7 11.29 7.75 9.76
C SER B 7 12.39 6.85 9.19
N ASP B 8 12.89 5.94 10.02
CA ASP B 8 13.94 5.03 9.60
C ASP B 8 13.48 4.13 8.46
N PHE B 9 13.45 4.69 7.25
CA PHE B 9 13.03 3.95 6.08
C PHE B 9 14.09 2.96 5.63
N GLU B 10 13.66 1.87 4.99
CA GLU B 10 14.58 0.85 4.52
C GLU B 10 14.01 0.09 3.33
N HIS B 11 14.39 0.50 2.12
CA HIS B 11 13.92 -0.19 0.92
C HIS B 11 14.54 -1.57 0.84
N THR B 12 14.10 -2.44 1.74
CA THR B 12 14.62 -3.81 1.81
C THR B 12 14.75 -4.46 0.43
N ILE B 13 13.66 -5.04 -0.08
CA ILE B 13 13.72 -5.69 -1.39
C ILE B 13 12.87 -4.96 -2.43
N HIS B 14 13.48 -4.72 -3.59
CA HIS B 14 12.79 -4.06 -4.70
C HIS B 14 12.59 -5.05 -5.83
N VAL B 15 11.41 -5.64 -5.90
CA VAL B 15 11.09 -6.64 -6.91
C VAL B 15 10.79 -5.99 -8.26
N GLY B 16 10.96 -6.77 -9.33
CA GLY B 16 10.70 -6.29 -10.67
C GLY B 16 10.16 -7.38 -11.56
N PHE B 17 9.85 -7.03 -12.81
CA PHE B 17 9.32 -8.00 -13.76
C PHE B 17 10.31 -8.26 -14.88
N ASP B 18 10.68 -9.53 -15.05
CA ASP B 18 11.62 -9.93 -16.09
C ASP B 18 11.19 -11.23 -16.73
N ALA B 19 11.10 -11.25 -18.06
CA ALA B 19 10.70 -12.43 -18.80
C ALA B 19 11.79 -13.50 -18.79
N VAL B 20 12.96 -13.16 -18.23
CA VAL B 20 14.08 -14.10 -18.17
C VAL B 20 13.62 -15.49 -17.75
N THR B 21 12.55 -15.54 -16.96
CA THR B 21 12.02 -16.82 -16.49
C THR B 21 10.53 -16.72 -16.19
N GLY B 22 9.87 -15.75 -16.83
CA GLY B 22 8.44 -15.56 -16.63
C GLY B 22 8.08 -15.34 -15.17
N GLU B 23 8.93 -14.62 -14.46
CA GLU B 23 8.69 -14.33 -13.04
C GLU B 23 9.33 -13.00 -12.64
N PHE B 24 9.17 -12.62 -11.38
CA PHE B 24 9.73 -11.37 -10.88
C PHE B 24 11.24 -11.50 -10.69
N THR B 25 11.91 -10.36 -10.56
CA THR B 25 13.36 -10.36 -10.39
C THR B 25 13.76 -9.56 -9.15
N GLY B 26 15.00 -9.73 -8.72
CA GLY B 26 15.49 -9.02 -7.56
C GLY B 26 14.58 -9.17 -6.35
N MET B 27 13.88 -10.31 -6.28
CA MET B 27 12.97 -10.56 -5.16
C MET B 27 13.74 -10.90 -3.88
N PRO B 28 13.06 -10.85 -2.73
CA PRO B 28 13.69 -11.14 -1.43
C PRO B 28 14.38 -12.50 -1.42
N GLU B 29 15.52 -12.56 -0.75
CA GLU B 29 16.29 -13.80 -0.66
C GLU B 29 15.38 -14.99 -0.33
N GLN B 30 14.71 -14.92 0.82
CA GLN B 30 13.81 -15.99 1.23
C GLN B 30 12.75 -16.24 0.18
N TRP B 31 12.10 -15.16 -0.26
CA TRP B 31 11.06 -15.26 -1.29
C TRP B 31 11.54 -16.13 -2.45
N ALA B 32 12.58 -15.66 -3.11
CA ALA B 32 13.15 -16.38 -4.24
C ALA B 32 13.44 -17.83 -3.87
N ARG B 33 14.29 -18.02 -2.87
CA ARG B 33 14.67 -19.36 -2.44
C ARG B 33 13.43 -20.23 -2.23
N LEU B 34 12.39 -19.65 -1.65
CA LEU B 34 11.15 -20.38 -1.42
C LEU B 34 10.71 -21.11 -2.68
N LEU B 35 10.54 -20.36 -3.76
CA LEU B 35 10.14 -20.94 -5.03
C LEU B 35 11.35 -21.24 -5.92
N GLN B 36 12.01 -20.18 -6.38
CA GLN B 36 13.17 -20.32 -7.24
C GLN B 36 14.42 -20.71 -6.42
N THR B 37 15.30 -19.74 -6.14
CA THR B 37 16.52 -20.00 -5.38
C THR B 37 17.17 -18.70 -4.92
N SER B 38 17.19 -17.71 -5.81
CA SER B 38 17.80 -16.42 -5.51
C SER B 38 16.96 -15.29 -6.10
N ASN B 39 17.33 -14.06 -5.77
CA ASN B 39 16.61 -12.91 -6.28
C ASN B 39 16.63 -12.96 -7.80
N ILE B 40 17.82 -12.78 -8.36
CA ILE B 40 17.98 -12.86 -9.80
C ILE B 40 19.25 -13.62 -10.13
N THR B 41 19.13 -14.94 -10.20
CA THR B 41 20.26 -15.80 -10.49
C THR B 41 21.38 -15.58 -9.49
N LYS B 42 21.00 -15.28 -8.25
CA LYS B 42 21.95 -15.04 -7.18
C LYS B 42 22.47 -13.60 -7.22
N SER B 43 21.58 -12.65 -6.93
CA SER B 43 21.95 -11.24 -6.94
C SER B 43 21.28 -10.49 -5.80
N GLU B 44 22.08 -9.82 -4.99
CA GLU B 44 21.57 -9.06 -3.86
C GLU B 44 22.33 -7.76 -3.68
N GLN B 45 23.66 -7.87 -3.61
CA GLN B 45 24.51 -6.71 -3.44
C GLN B 45 25.55 -6.63 -4.57
N LYS B 46 25.62 -5.48 -5.22
CA LYS B 46 26.57 -5.28 -6.32
C LYS B 46 27.96 -4.96 -5.78
PG GNP C . 4.79 2.51 -9.63
O1G GNP C . 5.57 2.70 -10.87
O2G GNP C . 5.05 1.29 -8.83
O3G GNP C . 3.24 2.43 -10.08
N3B GNP C . 5.09 3.82 -8.65
PB GNP C . 4.11 4.26 -7.38
O1B GNP C . 2.71 4.12 -7.85
O2B GNP C . 4.53 3.45 -6.21
O3A GNP C . 4.29 5.80 -6.95
PA GNP C . 3.65 7.13 -7.60
O1A GNP C . 2.35 6.76 -8.21
O2A GNP C . 4.68 7.79 -8.41
O5' GNP C . 3.36 8.05 -6.31
C5' GNP C . 2.53 9.22 -6.41
C4' GNP C . 3.14 10.41 -5.67
O4' GNP C . 2.34 10.76 -4.53
C3' GNP C . 4.54 10.08 -5.18
O3' GNP C . 5.51 10.97 -5.76
C2' GNP C . 4.51 10.22 -3.69
O2' GNP C . 5.56 11.09 -3.23
C1' GNP C . 3.15 10.79 -3.33
N9 GNP C . 2.51 10.03 -2.24
C8 GNP C . 3.02 9.09 -1.41
N7 GNP C . 2.25 8.60 -0.50
C5 GNP C . 1.05 9.29 -0.74
C6 GNP C . -0.21 9.21 -0.06
O6 GNP C . -0.52 8.50 0.88
N1 GNP C . -1.15 10.09 -0.63
C2 GNP C . -0.91 10.94 -1.69
N2 GNP C . -1.92 11.71 -2.09
N3 GNP C . 0.27 11.01 -2.33
C4 GNP C . 1.21 10.17 -1.81
HNB3 GNP C . 5.90 4.35 -8.82
H5'2 GNP C . 1.56 9.00 -5.99
H5'1 GNP C . 2.42 9.48 -7.46
H4' GNP C . 3.19 11.26 -6.34
H3' GNP C . 4.78 9.05 -5.44
HO3' GNP C . 5.15 11.26 -6.60
H2' GNP C . 4.63 9.23 -3.23
HO2' GNP C . 5.16 11.91 -2.98
H1' GNP C . 3.28 11.83 -3.02
H8 GNP C . 4.05 8.75 -1.50
HN1 GNP C . -2.03 10.10 -0.20
HN21 GNP C . -2.81 11.65 -1.61
HN22 GNP C . -1.80 12.36 -2.86
MG MG D . 5.12 1.21 -6.40
N MET A 1 7.04 -7.71 20.85
CA MET A 1 7.19 -7.04 19.54
C MET A 1 6.36 -7.72 18.47
N GLN A 2 5.13 -7.26 18.30
CA GLN A 2 4.23 -7.81 17.29
C GLN A 2 4.67 -7.43 15.89
N THR A 3 4.72 -8.42 15.00
CA THR A 3 5.12 -8.19 13.62
C THR A 3 3.92 -7.95 12.73
N ILE A 4 3.80 -6.72 12.23
CA ILE A 4 2.69 -6.36 11.35
C ILE A 4 3.18 -6.02 9.94
N LYS A 5 2.51 -6.58 8.94
CA LYS A 5 2.87 -6.34 7.55
C LYS A 5 1.68 -5.86 6.75
N CYS A 6 1.64 -4.56 6.46
CA CYS A 6 0.55 -3.99 5.69
C CYS A 6 0.71 -4.31 4.20
N VAL A 7 -0.01 -5.32 3.74
CA VAL A 7 0.05 -5.73 2.34
C VAL A 7 -0.90 -4.90 1.49
N VAL A 8 -0.64 -4.87 0.18
CA VAL A 8 -1.46 -4.11 -0.75
C VAL A 8 -1.86 -4.97 -1.94
N VAL A 9 -3.03 -4.70 -2.50
CA VAL A 9 -3.53 -5.46 -3.64
C VAL A 9 -4.18 -4.54 -4.67
N GLY A 10 -3.82 -4.73 -5.94
CA GLY A 10 -4.38 -3.91 -6.99
C GLY A 10 -3.43 -2.82 -7.46
N ASP A 11 -3.48 -2.50 -8.75
CA ASP A 11 -2.62 -1.46 -9.31
C ASP A 11 -3.07 -0.08 -8.87
N GLY A 12 -2.13 0.68 -8.31
CA GLY A 12 -2.45 2.02 -7.84
C GLY A 12 -1.23 2.79 -7.41
N ALA A 13 -0.32 2.13 -6.70
CA ALA A 13 0.90 2.78 -6.22
C ALA A 13 0.59 4.11 -5.57
N VAL A 14 -0.50 4.15 -4.83
CA VAL A 14 -0.91 5.34 -4.11
C VAL A 14 -0.73 5.13 -2.61
N GLY A 15 -0.53 3.86 -2.22
CA GLY A 15 -0.33 3.53 -0.83
C GLY A 15 0.81 2.54 -0.65
N LYS A 16 0.73 1.41 -1.35
CA LYS A 16 1.78 0.38 -1.27
C LYS A 16 3.17 1.01 -1.32
N THR A 17 3.50 1.61 -2.47
CA THR A 17 4.79 2.25 -2.66
C THR A 17 4.71 3.75 -2.36
N CYS A 18 3.74 4.41 -2.97
CA CYS A 18 3.55 5.84 -2.81
C CYS A 18 3.52 6.27 -1.34
N LEU A 19 2.81 5.53 -0.50
CA LEU A 19 2.72 5.91 0.91
C LEU A 19 4.10 6.18 1.52
N LEU A 20 4.85 5.13 1.84
CA LEU A 20 6.18 5.30 2.44
C LEU A 20 7.03 6.25 1.62
N ILE A 21 6.77 6.29 0.32
CA ILE A 21 7.52 7.17 -0.56
C ILE A 21 7.41 8.62 -0.07
N SER A 22 6.23 9.22 -0.18
CA SER A 22 6.03 10.60 0.23
C SER A 22 5.59 10.74 1.69
N TYR A 23 5.24 9.62 2.32
CA TYR A 23 4.79 9.64 3.72
C TYR A 23 5.90 9.36 4.70
N THR A 24 6.52 8.19 4.57
CA THR A 24 7.57 7.77 5.47
C THR A 24 8.88 8.50 5.22
N THR A 25 9.25 8.62 3.95
CA THR A 25 10.50 9.27 3.60
C THR A 25 10.28 10.57 2.81
N ASN A 26 9.01 10.96 2.63
CA ASN A 26 8.67 12.18 1.90
C ASN A 26 9.51 12.34 0.64
N LYS A 27 9.42 11.35 -0.25
CA LYS A 27 10.16 11.36 -1.51
C LYS A 27 9.24 10.96 -2.67
N PHE A 28 9.83 10.63 -3.80
CA PHE A 28 9.07 10.22 -4.98
C PHE A 28 9.69 8.97 -5.60
N PRO A 29 8.97 8.29 -6.51
CA PRO A 29 9.43 7.08 -7.18
C PRO A 29 10.93 7.10 -7.48
N SER A 30 11.55 5.93 -7.39
CA SER A 30 12.98 5.78 -7.66
C SER A 30 13.20 4.75 -8.76
N GLU A 31 13.26 3.48 -8.39
CA GLU A 31 13.46 2.40 -9.36
C GLU A 31 12.13 1.99 -9.97
N TYR A 32 11.95 2.25 -11.26
CA TYR A 32 10.71 1.91 -11.94
C TYR A 32 10.68 0.43 -12.34
N VAL A 33 9.89 -0.35 -11.61
CA VAL A 33 9.74 -1.77 -11.89
C VAL A 33 8.44 -2.28 -11.28
N PRO A 34 7.78 -3.24 -11.95
CA PRO A 34 6.51 -3.81 -11.47
C PRO A 34 6.55 -4.13 -9.98
N THR A 35 6.20 -3.14 -9.16
CA THR A 35 6.21 -3.30 -7.72
C THR A 35 5.36 -4.49 -7.29
N VAL A 36 5.98 -5.67 -7.25
CA VAL A 36 5.28 -6.88 -6.85
C VAL A 36 5.29 -7.02 -5.33
N PHE A 37 6.25 -6.35 -4.68
CA PHE A 37 6.37 -6.38 -3.24
C PHE A 37 6.91 -5.07 -2.71
N ASP A 38 8.15 -4.76 -3.07
CA ASP A 38 8.81 -3.54 -2.63
C ASP A 38 8.77 -3.43 -1.11
N ASN A 39 9.91 -3.61 -0.47
CA ASN A 39 9.99 -3.54 0.98
C ASN A 39 10.64 -2.25 1.43
N TYR A 40 10.21 -1.77 2.59
CA TYR A 40 10.73 -0.53 3.15
C TYR A 40 10.93 -0.65 4.65
N ALA A 41 11.61 0.31 5.24
CA ALA A 41 11.87 0.31 6.68
C ALA A 41 11.11 1.43 7.38
N VAL A 42 10.60 1.13 8.57
CA VAL A 42 9.85 2.11 9.35
C VAL A 42 9.74 1.69 10.81
N THR A 43 9.47 2.66 11.68
CA THR A 43 9.33 2.41 13.10
C THR A 43 8.27 3.33 13.70
N VAL A 44 7.10 2.76 13.98
CA VAL A 44 6.00 3.54 14.54
C VAL A 44 5.92 3.35 16.05
N MET A 45 6.10 4.45 16.78
CA MET A 45 6.07 4.41 18.23
C MET A 45 4.62 4.32 18.74
N ILE A 46 4.20 3.12 19.09
CA ILE A 46 2.86 2.89 19.60
C ILE A 46 2.83 2.98 21.11
N GLY A 47 2.61 4.18 21.63
CA GLY A 47 2.57 4.37 23.07
C GLY A 47 3.95 4.58 23.66
N GLY A 48 4.93 4.84 22.81
CA GLY A 48 6.29 5.06 23.30
C GLY A 48 7.23 3.92 22.93
N GLU A 49 6.67 2.77 22.59
CA GLU A 49 7.47 1.60 22.23
C GLU A 49 7.73 1.55 20.72
N PRO A 50 8.96 1.21 20.32
CA PRO A 50 9.34 1.13 18.90
C PRO A 50 8.64 -0.01 18.18
N TYR A 51 8.70 0.01 16.85
CA TYR A 51 8.07 -1.03 16.04
C TYR A 51 8.76 -1.19 14.69
N THR A 52 8.33 -2.19 13.93
CA THR A 52 8.90 -2.45 12.61
C THR A 52 7.80 -2.76 11.60
N LEU A 53 7.38 -1.74 10.85
CA LEU A 53 6.33 -1.91 9.85
C LEU A 53 6.91 -2.02 8.45
N GLY A 54 6.10 -2.55 7.54
CA GLY A 54 6.54 -2.71 6.16
C GLY A 54 5.39 -2.85 5.19
N LEU A 55 5.27 -1.92 4.25
CA LEU A 55 4.21 -1.95 3.26
C LEU A 55 4.48 -3.00 2.21
N PHE A 56 3.76 -4.11 2.28
CA PHE A 56 3.93 -5.20 1.32
C PHE A 56 3.12 -4.91 0.06
N ASP A 57 3.81 -4.49 -1.00
CA ASP A 57 3.14 -4.17 -2.25
C ASP A 57 2.75 -5.43 -3.00
N THR A 58 2.00 -5.27 -4.08
CA THR A 58 1.55 -6.40 -4.89
C THR A 58 0.99 -5.92 -6.22
N ALA A 59 0.72 -6.88 -7.11
CA ALA A 59 0.19 -6.56 -8.43
C ALA A 59 -1.31 -6.83 -8.51
N GLY A 60 -1.83 -6.96 -9.72
CA GLY A 60 -3.24 -7.22 -9.91
C GLY A 60 -3.69 -8.52 -9.27
N LEU A 61 -2.73 -9.38 -8.93
CA LEU A 61 -3.02 -10.66 -8.30
C LEU A 61 -3.47 -11.69 -9.33
N GLU A 62 -2.87 -12.88 -9.24
CA GLU A 62 -3.18 -13.97 -10.15
C GLU A 62 -2.17 -15.10 -9.95
N ASP A 63 -0.93 -14.71 -9.66
CA ASP A 63 0.14 -15.66 -9.42
C ASP A 63 0.65 -15.56 -7.99
N TYR A 64 0.24 -14.49 -7.28
CA TYR A 64 0.66 -14.29 -5.89
C TYR A 64 0.45 -15.55 -5.08
N ASP A 65 -0.60 -16.31 -5.41
CA ASP A 65 -0.90 -17.55 -4.70
C ASP A 65 0.36 -18.40 -4.57
N ARG A 66 1.28 -18.23 -5.52
CA ARG A 66 2.54 -18.96 -5.52
C ARG A 66 3.54 -18.28 -4.59
N LEU A 67 3.64 -16.97 -4.73
CA LEU A 67 4.56 -16.17 -3.92
C LEU A 67 3.85 -15.64 -2.66
N ARG A 68 3.18 -16.53 -1.95
CA ARG A 68 2.44 -16.18 -0.74
C ARG A 68 3.19 -16.49 0.58
N PRO A 69 4.04 -17.55 0.64
CA PRO A 69 4.76 -17.91 1.86
C PRO A 69 5.23 -16.72 2.69
N LEU A 70 5.89 -15.76 2.05
CA LEU A 70 6.38 -14.56 2.76
C LEU A 70 5.38 -13.42 2.65
N SER A 71 4.10 -13.76 2.60
CA SER A 71 3.04 -12.77 2.50
C SER A 71 1.92 -13.09 3.49
N TYR A 72 1.43 -14.33 3.43
CA TYR A 72 0.36 -14.79 4.33
C TYR A 72 -0.72 -13.73 4.50
N PRO A 73 -1.84 -13.85 3.77
CA PRO A 73 -2.95 -12.89 3.86
C PRO A 73 -3.32 -12.56 5.29
N GLN A 74 -3.20 -13.55 6.18
CA GLN A 74 -3.52 -13.37 7.59
C GLN A 74 -2.52 -12.42 8.28
N THR A 75 -1.43 -12.10 7.58
CA THR A 75 -0.40 -11.21 8.12
C THR A 75 -0.99 -10.07 8.96
N ASP A 76 -2.00 -9.39 8.41
CA ASP A 76 -2.65 -8.29 9.11
C ASP A 76 -3.51 -7.47 8.14
N VAL A 77 -3.92 -6.28 8.57
CA VAL A 77 -4.74 -5.41 7.74
C VAL A 77 -3.97 -4.96 6.51
N PHE A 78 -4.53 -5.19 5.34
CA PHE A 78 -3.90 -4.80 4.09
C PHE A 78 -4.43 -3.46 3.61
N LEU A 79 -3.52 -2.58 3.21
CA LEU A 79 -3.89 -1.26 2.73
C LEU A 79 -3.81 -1.18 1.22
N VAL A 80 -4.96 -0.97 0.58
CA VAL A 80 -5.02 -0.88 -0.88
C VAL A 80 -4.96 0.58 -1.33
N CYS A 81 -4.48 0.79 -2.54
CA CYS A 81 -4.35 2.14 -3.08
C CYS A 81 -5.34 2.37 -4.23
N PHE A 82 -5.61 3.64 -4.51
CA PHE A 82 -6.53 4.00 -5.58
C PHE A 82 -6.18 5.38 -6.14
N SER A 83 -5.56 5.39 -7.32
CA SER A 83 -5.16 6.64 -7.97
C SER A 83 -6.35 7.58 -8.11
N VAL A 84 -6.25 8.74 -7.48
CA VAL A 84 -7.32 9.74 -7.54
C VAL A 84 -7.15 10.67 -8.73
N VAL A 85 -7.58 10.21 -9.90
CA VAL A 85 -7.47 11.00 -11.12
C VAL A 85 -8.79 11.02 -11.88
N SER A 86 -9.71 11.87 -11.43
CA SER A 86 -11.02 11.99 -12.06
C SER A 86 -11.87 10.74 -11.78
N PRO A 87 -13.20 10.90 -11.75
CA PRO A 87 -14.12 9.79 -11.49
C PRO A 87 -13.87 8.60 -12.41
N SER A 88 -13.23 8.86 -13.55
CA SER A 88 -12.93 7.81 -14.50
C SER A 88 -12.21 6.64 -13.84
N SER A 89 -11.40 6.95 -12.83
CA SER A 89 -10.65 5.93 -12.10
C SER A 89 -11.45 5.42 -10.91
N PHE A 90 -12.28 6.28 -10.33
CA PHE A 90 -13.09 5.91 -9.18
C PHE A 90 -13.80 4.58 -9.41
N GLU A 91 -14.71 4.56 -10.39
CA GLU A 91 -15.46 3.35 -10.71
C GLU A 91 -14.53 2.22 -11.12
N ASN A 92 -13.38 2.59 -11.68
CA ASN A 92 -12.41 1.60 -12.13
C ASN A 92 -11.75 0.90 -10.93
N VAL A 93 -10.72 1.53 -10.38
CA VAL A 93 -10.00 0.98 -9.24
C VAL A 93 -10.96 0.42 -8.19
N LYS A 94 -12.16 0.99 -8.13
CA LYS A 94 -13.17 0.54 -7.16
C LYS A 94 -13.72 -0.83 -7.54
N GLU A 95 -14.48 -0.88 -8.64
CA GLU A 95 -15.07 -2.13 -9.09
C GLU A 95 -14.08 -2.98 -9.89
N LYS A 96 -12.81 -2.56 -9.93
CA LYS A 96 -11.79 -3.31 -10.66
C LYS A 96 -10.79 -3.95 -9.72
N TRP A 97 -10.37 -3.23 -8.69
CA TRP A 97 -9.40 -3.74 -7.74
C TRP A 97 -10.08 -4.34 -6.51
N VAL A 98 -11.10 -3.65 -5.98
CA VAL A 98 -11.81 -4.13 -4.80
C VAL A 98 -12.21 -5.60 -4.94
N PRO A 99 -12.73 -6.00 -6.11
CA PRO A 99 -13.14 -7.39 -6.34
C PRO A 99 -11.99 -8.37 -6.09
N GLU A 100 -10.76 -7.89 -6.18
CA GLU A 100 -9.58 -8.71 -5.98
C GLU A 100 -9.09 -8.65 -4.53
N ILE A 101 -9.32 -7.52 -3.87
CA ILE A 101 -8.87 -7.34 -2.49
C ILE A 101 -9.31 -8.53 -1.62
N THR A 102 -10.39 -9.18 -2.02
CA THR A 102 -10.90 -10.33 -1.29
C THR A 102 -10.08 -11.57 -1.56
N HIS A 103 -9.54 -11.66 -2.77
CA HIS A 103 -8.71 -12.80 -3.16
C HIS A 103 -7.43 -12.84 -2.33
N HIS A 104 -6.75 -11.70 -2.25
CA HIS A 104 -5.52 -11.61 -1.48
C HIS A 104 -5.80 -11.80 0.01
N CYS A 105 -6.51 -10.85 0.60
CA CYS A 105 -6.85 -10.92 2.02
C CYS A 105 -8.32 -11.32 2.20
N PRO A 106 -8.58 -12.63 2.31
CA PRO A 106 -9.94 -13.15 2.50
C PRO A 106 -10.53 -12.78 3.86
N LYS A 107 -11.62 -12.02 3.83
CA LYS A 107 -12.29 -11.59 5.06
C LYS A 107 -11.30 -10.98 6.04
N THR A 108 -10.52 -10.01 5.57
CA THR A 108 -9.54 -9.34 6.42
C THR A 108 -9.63 -7.82 6.24
N PRO A 109 -9.43 -7.07 7.32
CA PRO A 109 -9.48 -5.60 7.29
C PRO A 109 -8.81 -5.04 6.05
N PHE A 110 -9.33 -3.93 5.55
CA PHE A 110 -8.78 -3.29 4.37
C PHE A 110 -8.76 -1.77 4.52
N LEU A 111 -7.68 -1.15 4.07
CA LEU A 111 -7.53 0.29 4.14
C LEU A 111 -7.20 0.87 2.77
N LEU A 112 -8.06 1.75 2.27
CA LEU A 112 -7.85 2.35 0.96
C LEU A 112 -7.06 3.65 1.09
N VAL A 113 -5.77 3.58 0.77
CA VAL A 113 -4.89 4.74 0.84
C VAL A 113 -4.61 5.31 -0.55
N GLY A 114 -5.37 6.33 -0.93
CA GLY A 114 -5.19 6.94 -2.23
C GLY A 114 -4.79 8.40 -2.12
N THR A 115 -5.61 9.29 -2.65
CA THR A 115 -5.33 10.72 -2.59
C THR A 115 -4.13 11.09 -3.46
N GLN A 116 -3.96 12.40 -3.68
CA GLN A 116 -2.85 12.90 -4.48
C GLN A 116 -2.95 14.41 -4.63
N ILE A 117 -2.01 15.14 -4.04
CA ILE A 117 -2.01 16.59 -4.11
C ILE A 117 -1.17 17.09 -5.29
N ASP A 118 -0.26 16.26 -5.77
CA ASP A 118 0.60 16.63 -6.89
C ASP A 118 0.04 16.11 -8.21
N LEU A 119 -0.40 14.86 -8.21
CA LEU A 119 -0.95 14.24 -9.42
C LEU A 119 -2.35 14.78 -9.72
N ARG A 120 -3.21 14.80 -8.70
CA ARG A 120 -4.58 15.28 -8.87
C ARG A 120 -4.60 16.63 -9.59
N ASP A 121 -3.54 17.41 -9.41
CA ASP A 121 -3.44 18.71 -10.04
C ASP A 121 -2.66 18.64 -11.35
N ASP A 122 -3.05 17.71 -12.22
CA ASP A 122 -2.38 17.54 -13.50
C ASP A 122 -3.31 17.90 -14.66
N PRO A 123 -2.77 18.53 -15.71
CA PRO A 123 -3.56 18.94 -16.88
C PRO A 123 -4.33 17.78 -17.48
N SER A 124 -3.88 16.55 -17.19
CA SER A 124 -4.54 15.35 -17.71
C SER A 124 -5.85 15.09 -16.96
N THR A 125 -5.81 15.24 -15.64
CA THR A 125 -6.99 15.02 -14.81
C THR A 125 -8.16 15.89 -15.27
N ILE A 126 -7.98 17.20 -15.19
CA ILE A 126 -9.01 18.15 -15.59
C ILE A 126 -9.56 17.80 -16.97
N GLU A 127 -8.66 17.54 -17.92
CA GLU A 127 -9.06 17.20 -19.28
C GLU A 127 -10.18 16.17 -19.29
N LYS A 128 -9.92 15.01 -18.69
CA LYS A 128 -10.91 13.94 -18.63
C LYS A 128 -12.00 14.27 -17.62
N LEU A 129 -11.61 14.91 -16.53
CA LEU A 129 -12.56 15.28 -15.48
C LEU A 129 -13.77 16.00 -16.08
N ALA A 130 -13.56 16.63 -17.23
CA ALA A 130 -14.62 17.35 -17.91
C ALA A 130 -15.67 16.39 -18.47
N LYS A 131 -15.25 15.14 -18.70
CA LYS A 131 -16.16 14.12 -19.23
C LYS A 131 -16.95 13.46 -18.12
N ASN A 132 -16.28 13.17 -17.01
CA ASN A 132 -16.92 12.54 -15.86
C ASN A 132 -18.06 13.41 -15.31
N LYS A 133 -17.98 14.72 -15.58
CA LYS A 133 -18.98 15.65 -15.11
C LYS A 133 -18.89 15.84 -13.59
N GLN A 134 -17.77 16.39 -13.13
CA GLN A 134 -17.56 16.62 -11.71
C GLN A 134 -16.33 17.50 -11.47
N LYS A 135 -15.93 17.62 -10.22
CA LYS A 135 -14.76 18.44 -9.86
C LYS A 135 -13.59 17.55 -9.49
N PRO A 136 -12.38 18.13 -9.39
CA PRO A 136 -11.16 17.38 -9.04
C PRO A 136 -11.35 16.53 -7.81
N ILE A 137 -11.15 15.22 -7.96
CA ILE A 137 -11.29 14.28 -6.85
C ILE A 137 -10.39 14.67 -5.69
N THR A 138 -10.99 14.89 -4.52
CA THR A 138 -10.24 15.26 -3.33
C THR A 138 -10.40 14.21 -2.24
N PRO A 139 -9.53 14.26 -1.20
CA PRO A 139 -9.58 13.30 -0.09
C PRO A 139 -10.98 13.17 0.49
N GLU A 140 -11.78 14.22 0.34
CA GLU A 140 -13.14 14.22 0.85
C GLU A 140 -14.01 13.19 0.11
N THR A 141 -13.98 13.26 -1.22
CA THR A 141 -14.75 12.33 -2.04
C THR A 141 -14.42 10.88 -1.68
N ALA A 142 -13.15 10.54 -1.74
CA ALA A 142 -12.71 9.18 -1.43
C ALA A 142 -13.26 8.72 -0.08
N GLU A 143 -13.11 9.57 0.94
CA GLU A 143 -13.61 9.26 2.27
C GLU A 143 -15.09 8.92 2.23
N LYS A 144 -15.85 9.67 1.44
CA LYS A 144 -17.28 9.44 1.32
C LYS A 144 -17.56 8.00 0.91
N LEU A 145 -16.82 7.52 -0.10
CA LEU A 145 -16.98 6.15 -0.58
C LEU A 145 -16.80 5.15 0.55
N ALA A 146 -15.73 5.31 1.32
CA ALA A 146 -15.44 4.42 2.44
C ALA A 146 -16.57 4.43 3.46
N ARG A 147 -17.25 5.57 3.57
CA ARG A 147 -18.36 5.72 4.51
C ARG A 147 -19.57 4.91 4.05
N ASP A 148 -19.86 4.98 2.75
CA ASP A 148 -20.99 4.25 2.19
C ASP A 148 -20.83 2.75 2.41
N LEU A 149 -19.58 2.31 2.54
CA LEU A 149 -19.30 0.90 2.76
C LEU A 149 -18.94 0.63 4.22
N LYS A 150 -18.49 1.67 4.92
CA LYS A 150 -18.12 1.53 6.32
C LYS A 150 -16.99 0.52 6.49
N ALA A 151 -15.84 0.99 6.97
CA ALA A 151 -14.70 0.12 7.17
C ALA A 151 -13.68 0.76 8.12
N VAL A 152 -12.44 0.25 8.08
CA VAL A 152 -11.37 0.76 8.92
C VAL A 152 -11.34 2.28 8.92
N LYS A 153 -11.50 2.86 7.74
CA LYS A 153 -11.49 4.33 7.55
C LYS A 153 -10.07 4.82 7.27
N TYR A 154 -9.96 5.85 6.43
CA TYR A 154 -8.65 6.39 6.08
C TYR A 154 -8.74 7.87 5.69
N VAL A 155 -7.65 8.59 5.94
CA VAL A 155 -7.56 10.01 5.60
C VAL A 155 -6.11 10.45 5.48
N GLU A 156 -5.75 10.99 4.32
CA GLU A 156 -4.39 11.44 4.07
C GLU A 156 -4.27 12.18 2.76
N CYS A 157 -3.75 13.40 2.84
CA CYS A 157 -3.53 14.21 1.67
C CYS A 157 -2.09 14.69 1.71
N SER A 158 -1.32 14.34 0.71
CA SER A 158 0.08 14.71 0.69
C SER A 158 0.65 14.71 -0.71
N ALA A 159 1.91 15.14 -0.77
CA ALA A 159 2.71 15.24 -1.98
C ALA A 159 3.45 16.56 -1.99
N LEU A 160 4.64 16.58 -1.41
CA LEU A 160 5.42 17.80 -1.33
C LEU A 160 4.62 18.87 -0.58
N THR A 161 3.72 18.41 0.28
CA THR A 161 2.88 19.31 1.07
C THR A 161 2.55 18.69 2.44
N GLN A 162 1.69 17.67 2.43
CA GLN A 162 1.29 16.99 3.66
C GLN A 162 0.31 17.82 4.46
N LYS A 163 -0.93 17.32 4.59
CA LYS A 163 -1.95 18.04 5.34
C LYS A 163 -2.21 17.36 6.68
N GLY A 164 -2.32 16.03 6.64
CA GLY A 164 -2.56 15.26 7.84
C GLY A 164 -2.74 13.79 7.53
N LEU A 165 -1.65 13.13 7.16
CA LEU A 165 -1.69 11.71 6.82
C LEU A 165 -1.31 10.85 8.03
N LYS A 166 -0.70 11.47 9.03
CA LYS A 166 -0.29 10.74 10.23
C LYS A 166 -1.45 9.90 10.78
N ASN A 167 -2.68 10.33 10.47
CA ASN A 167 -3.86 9.62 10.94
C ASN A 167 -4.04 8.29 10.22
N VAL A 168 -4.21 8.33 8.89
CA VAL A 168 -4.39 7.11 8.11
C VAL A 168 -3.40 6.03 8.52
N PHE A 169 -2.20 6.46 8.90
CA PHE A 169 -1.17 5.53 9.32
C PHE A 169 -1.45 5.03 10.74
N ASP A 170 -1.99 5.91 11.58
CA ASP A 170 -2.33 5.57 12.95
C ASP A 170 -3.30 4.39 12.98
N GLU A 171 -4.19 4.34 12.00
CA GLU A 171 -5.17 3.27 11.91
C GLU A 171 -4.53 2.00 11.38
N ALA A 172 -3.72 2.14 10.34
CA ALA A 172 -3.04 0.99 9.74
C ALA A 172 -2.16 0.29 10.76
N ILE A 173 -1.73 1.02 11.77
CA ILE A 173 -0.87 0.46 12.82
C ILE A 173 -1.70 0.00 14.00
N LEU A 174 -2.52 0.89 14.54
CA LEU A 174 -3.36 0.57 15.68
C LEU A 174 -4.31 -0.58 15.35
N ALA A 175 -4.69 -0.68 14.08
CA ALA A 175 -5.59 -1.73 13.63
C ALA A 175 -5.06 -3.11 14.01
N ALA A 176 -3.73 -3.25 14.01
CA ALA A 176 -3.09 -4.50 14.36
C ALA A 176 -3.02 -4.68 15.87
N LEU A 177 -3.06 -3.57 16.60
CA LEU A 177 -3.01 -3.60 18.05
C LEU A 177 -4.41 -3.65 18.65
N GLU A 178 -5.29 -4.45 18.04
CA GLU A 178 -6.66 -4.57 18.52
C GLU A 178 -6.69 -5.00 19.99
N PRO A 179 -7.13 -4.09 20.88
CA PRO A 179 -7.20 -4.39 22.32
C PRO A 179 -8.21 -5.48 22.64
N PRO A 180 -8.04 -6.16 23.78
CA PRO A 180 -8.94 -7.25 24.20
C PRO A 180 -10.35 -6.74 24.52
N GLU A 181 -11.27 -7.68 24.72
CA GLU A 181 -12.66 -7.34 25.03
C GLU A 181 -12.73 -6.50 26.30
N PRO A 182 -13.13 -5.21 26.17
CA PRO A 182 -13.25 -4.31 27.33
C PRO A 182 -14.21 -4.84 28.38
N LYS A 183 -13.67 -5.17 29.56
CA LYS A 183 -14.48 -5.69 30.65
C LYS A 183 -15.46 -4.63 31.15
N LYS A 184 -16.72 -4.76 30.73
CA LYS A 184 -17.75 -3.81 31.13
C LYS A 184 -17.41 -2.40 30.68
N GLY B 1 1.19 11.41 22.49
CA GLY B 1 1.93 10.30 21.83
C GLY B 1 1.01 9.30 21.18
N SER B 2 0.90 8.12 21.79
CA SER B 2 0.04 7.06 21.25
C SER B 2 0.61 6.48 19.97
N ILE B 3 0.73 7.32 18.95
CA ILE B 3 1.26 6.88 17.66
C ILE B 3 2.08 8.00 17.01
N SER B 4 3.23 7.62 16.44
CA SER B 4 4.11 8.58 15.80
C SER B 4 4.53 8.09 14.42
N LEU B 5 4.84 9.04 13.53
CA LEU B 5 5.27 8.70 12.18
C LEU B 5 6.64 8.02 12.19
N PRO B 6 6.86 7.07 11.26
CA PRO B 6 8.13 6.34 11.17
C PRO B 6 9.34 7.27 11.11
N SER B 7 10.49 6.70 10.77
CA SER B 7 11.72 7.48 10.66
C SER B 7 12.65 6.88 9.61
N ASP B 8 13.36 5.81 9.99
CA ASP B 8 14.29 5.15 9.08
C ASP B 8 13.54 4.48 7.94
N PHE B 9 13.85 4.90 6.71
CA PHE B 9 13.21 4.33 5.53
C PHE B 9 14.25 3.99 4.47
N GLU B 10 14.18 2.77 3.95
CA GLU B 10 15.12 2.32 2.92
C GLU B 10 14.50 1.24 2.04
N HIS B 11 14.69 1.35 0.74
CA HIS B 11 14.15 0.36 -0.20
C HIS B 11 14.86 -0.98 -0.03
N THR B 12 14.31 -1.81 0.84
CA THR B 12 14.89 -3.12 1.12
C THR B 12 15.00 -3.96 -0.16
N ILE B 13 13.90 -4.59 -0.57
CA ILE B 13 13.90 -5.42 -1.77
C ILE B 13 13.01 -4.85 -2.85
N HIS B 14 13.61 -4.36 -3.93
CA HIS B 14 12.85 -3.82 -5.05
C HIS B 14 12.45 -4.94 -5.99
N VAL B 15 11.22 -5.43 -5.83
CA VAL B 15 10.72 -6.53 -6.64
C VAL B 15 10.08 -6.04 -7.94
N GLY B 16 10.34 -6.76 -9.02
CA GLY B 16 9.78 -6.43 -10.32
C GLY B 16 9.42 -7.68 -11.10
N PHE B 17 8.86 -7.50 -12.28
CA PHE B 17 8.48 -8.64 -13.11
C PHE B 17 9.52 -8.90 -14.21
N ASP B 18 10.12 -10.08 -14.17
CA ASP B 18 11.11 -10.46 -15.16
C ASP B 18 10.95 -11.92 -15.56
N ALA B 19 10.59 -12.15 -16.82
CA ALA B 19 10.40 -13.50 -17.33
C ALA B 19 11.73 -14.25 -17.48
N VAL B 20 12.84 -13.55 -17.25
CA VAL B 20 14.17 -14.17 -17.37
C VAL B 20 14.20 -15.53 -16.68
N THR B 21 13.36 -15.70 -15.66
CA THR B 21 13.29 -16.94 -14.92
C THR B 21 11.89 -17.20 -14.38
N GLY B 22 10.90 -16.50 -14.95
CA GLY B 22 9.53 -16.67 -14.53
C GLY B 22 9.29 -16.20 -13.10
N GLU B 23 10.21 -15.38 -12.59
CA GLU B 23 10.08 -14.85 -11.24
C GLU B 23 10.26 -13.34 -11.23
N PHE B 24 10.50 -12.77 -10.06
CA PHE B 24 10.69 -11.34 -9.93
C PHE B 24 12.17 -10.96 -9.96
N THR B 25 12.45 -9.68 -10.17
CA THR B 25 13.82 -9.18 -10.22
C THR B 25 14.24 -8.63 -8.86
N GLY B 26 15.47 -8.98 -8.44
CA GLY B 26 15.97 -8.50 -7.16
C GLY B 26 14.98 -8.73 -6.04
N MET B 27 14.27 -9.86 -6.11
CA MET B 27 13.27 -10.20 -5.11
C MET B 27 13.89 -10.71 -3.81
N PRO B 28 13.08 -10.77 -2.74
CA PRO B 28 13.52 -11.26 -1.42
C PRO B 28 14.12 -12.65 -1.51
N GLU B 29 15.18 -12.89 -0.73
CA GLU B 29 15.83 -14.19 -0.70
C GLU B 29 14.82 -15.28 -0.36
N GLN B 30 13.72 -14.88 0.30
CA GLN B 30 12.68 -15.81 0.69
C GLN B 30 11.94 -16.36 -0.52
N TRP B 31 11.25 -15.48 -1.23
CA TRP B 31 10.49 -15.86 -2.41
C TRP B 31 11.38 -16.65 -3.36
N ALA B 32 12.45 -16.01 -3.81
CA ALA B 32 13.39 -16.63 -4.73
C ALA B 32 13.66 -18.08 -4.35
N ARG B 33 14.27 -18.28 -3.19
CA ARG B 33 14.56 -19.64 -2.73
C ARG B 33 13.27 -20.43 -2.52
N LEU B 34 12.22 -19.76 -2.07
CA LEU B 34 10.94 -20.42 -1.86
C LEU B 34 10.56 -21.22 -3.10
N LEU B 35 10.54 -20.52 -4.23
CA LEU B 35 10.23 -21.15 -5.50
C LEU B 35 11.52 -21.51 -6.24
N GLN B 36 12.20 -20.49 -6.77
CA GLN B 36 13.45 -20.69 -7.48
C GLN B 36 14.65 -20.79 -6.51
N THR B 37 15.47 -19.72 -6.43
CA THR B 37 16.64 -19.66 -5.56
C THR B 37 17.65 -18.66 -6.09
N SER B 38 17.22 -17.41 -6.22
CA SER B 38 18.08 -16.34 -6.71
C SER B 38 17.29 -15.07 -6.95
N ASN B 39 17.73 -13.96 -6.36
CA ASN B 39 17.06 -12.68 -6.53
C ASN B 39 16.84 -12.42 -8.01
N ILE B 40 17.92 -12.15 -8.73
CA ILE B 40 17.83 -11.92 -10.16
C ILE B 40 18.72 -12.93 -10.87
N THR B 41 18.15 -14.11 -11.13
CA THR B 41 18.88 -15.19 -11.79
C THR B 41 20.29 -15.36 -11.21
N LYS B 42 20.47 -14.94 -9.95
CA LYS B 42 21.75 -15.03 -9.26
C LYS B 42 21.83 -14.03 -8.10
N SER B 43 21.11 -14.32 -7.01
CA SER B 43 21.09 -13.45 -5.83
C SER B 43 22.46 -12.83 -5.56
N GLU B 44 22.47 -11.53 -5.28
CA GLU B 44 23.71 -10.82 -5.00
C GLU B 44 23.43 -9.46 -4.37
N GLN B 45 22.95 -9.48 -3.13
CA GLN B 45 22.64 -8.25 -2.41
C GLN B 45 23.87 -7.72 -1.68
N LYS B 46 24.05 -6.39 -1.73
CA LYS B 46 25.18 -5.75 -1.08
C LYS B 46 26.51 -6.24 -1.67
PG GNP C . 6.83 2.84 -9.51
O1G GNP C . 8.31 2.77 -9.39
O2G GNP C . 6.04 1.70 -8.99
O3G GNP C . 6.52 2.93 -11.08
N3B GNP C . 6.33 4.20 -8.68
PB GNP C . 4.88 4.28 -7.84
O1B GNP C . 3.81 4.03 -8.83
O2B GNP C . 5.00 3.36 -6.69
O3A GNP C . 4.61 5.74 -7.24
PA GNP C . 3.58 6.89 -7.73
O1A GNP C . 2.27 6.26 -7.98
O2A GNP C . 4.24 7.67 -8.79
O5' GNP C . 3.45 7.82 -6.42
C5' GNP C . 2.24 8.56 -6.18
C4' GNP C . 2.53 9.96 -5.67
O4' GNP C . 1.33 10.59 -5.18
C3' GNP C . 3.53 9.92 -4.53
O3' GNP C . 4.76 10.57 -4.90
C2' GNP C . 2.91 10.64 -3.36
O2' GNP C . 3.68 11.76 -2.96
C1' GNP C . 1.52 11.07 -3.83
N9 GNP C . 0.46 10.58 -2.93
C8 GNP C . -0.77 10.08 -3.24
N7 GNP C . -1.54 9.76 -2.26
C5 GNP C . -0.75 10.06 -1.15
C6 GNP C . -1.03 9.94 0.25
O6 GNP C . -2.05 9.52 0.78
N1 GNP C . 0.04 10.37 1.05
C2 GNP C . 1.26 10.85 0.55
N2 GNP C . 2.17 11.20 1.45
N3 GNP C . 1.53 10.97 -0.76
C4 GNP C . 0.49 10.57 -1.56
HNB3 GNP C . 6.92 4.99 -8.68
H5'2 GNP C . 1.64 8.02 -5.44
H5'1 GNP C . 1.68 8.63 -7.11
H4' GNP C . 2.93 10.57 -6.48
H3' GNP C . 3.73 8.89 -4.26
HO3' GNP C . 5.47 9.93 -4.77
H2' GNP C . 2.80 9.94 -2.52
HO2' GNP C . 3.45 11.97 -2.05
H1' GNP C . 1.49 12.17 -3.84
H8 GNP C . -1.08 9.97 -4.27
HN1 GNP C . -0.10 10.33 2.02
HN21 GNP C . 1.97 11.11 2.44
HN22 GNP C . 3.07 11.56 1.15
MG MG D . 5.63 1.13 -6.70
N MET A 1 8.10 -9.24 19.71
CA MET A 1 7.33 -7.98 19.48
C MET A 1 6.25 -8.18 18.43
N GLN A 2 5.20 -7.38 18.50
CA GLN A 2 4.10 -7.47 17.54
C GLN A 2 4.57 -7.14 16.13
N THR A 3 4.39 -8.09 15.22
CA THR A 3 4.80 -7.91 13.84
C THR A 3 3.60 -7.90 12.91
N ILE A 4 3.42 -6.80 12.19
CA ILE A 4 2.30 -6.66 11.26
C ILE A 4 2.78 -6.18 9.89
N LYS A 5 2.35 -6.88 8.84
CA LYS A 5 2.73 -6.52 7.49
C LYS A 5 1.53 -6.56 6.54
N CYS A 6 0.93 -5.41 6.31
CA CYS A 6 -0.23 -5.31 5.44
C CYS A 6 0.20 -5.28 3.98
N VAL A 7 -0.61 -5.85 3.10
CA VAL A 7 -0.30 -5.89 1.68
C VAL A 7 -1.39 -5.23 0.84
N VAL A 8 -1.03 -4.83 -0.37
CA VAL A 8 -1.96 -4.17 -1.27
C VAL A 8 -2.10 -4.92 -2.60
N VAL A 9 -3.08 -4.51 -3.39
CA VAL A 9 -3.32 -5.12 -4.70
C VAL A 9 -4.08 -4.18 -5.62
N GLY A 10 -3.48 -3.86 -6.76
CA GLY A 10 -4.11 -2.97 -7.71
C GLY A 10 -3.12 -2.08 -8.44
N ASP A 11 -3.63 -1.00 -9.03
CA ASP A 11 -2.78 -0.06 -9.76
C ASP A 11 -2.82 1.33 -9.13
N GLY A 12 -1.93 2.20 -9.57
CA GLY A 12 -1.88 3.55 -9.03
C GLY A 12 -1.88 3.56 -7.52
N ALA A 13 -0.69 3.53 -6.92
CA ALA A 13 -0.57 3.53 -5.47
C ALA A 13 -1.40 2.40 -4.87
N VAL A 14 -0.92 1.17 -5.07
CA VAL A 14 -1.61 0.00 -4.56
C VAL A 14 -2.03 0.19 -3.11
N GLY A 15 -1.29 1.05 -2.40
CA GLY A 15 -1.61 1.33 -1.02
C GLY A 15 -0.39 1.47 -0.16
N LYS A 16 0.61 0.63 -0.40
CA LYS A 16 1.85 0.66 0.37
C LYS A 16 2.95 1.44 -0.35
N THR A 17 3.51 0.82 -1.38
CA THR A 17 4.59 1.41 -2.16
C THR A 17 4.46 2.93 -2.32
N CYS A 18 3.29 3.40 -2.76
CA CYS A 18 3.09 4.83 -2.94
C CYS A 18 3.12 5.55 -1.60
N LEU A 19 2.41 4.99 -0.62
CA LEU A 19 2.37 5.58 0.70
C LEU A 19 3.77 5.66 1.29
N LEU A 20 4.36 4.51 1.60
CA LEU A 20 5.70 4.46 2.17
C LEU A 20 6.62 5.47 1.49
N ILE A 21 6.56 5.51 0.18
CA ILE A 21 7.37 6.44 -0.60
C ILE A 21 7.31 7.84 0.00
N SER A 22 6.16 8.48 -0.12
CA SER A 22 5.98 9.82 0.42
C SER A 22 5.36 9.79 1.81
N TYR A 23 4.15 9.24 1.88
CA TYR A 23 3.39 9.15 3.13
C TYR A 23 4.26 8.69 4.32
N THR A 24 5.33 7.94 4.08
CA THR A 24 6.16 7.48 5.19
C THR A 24 7.52 8.19 5.23
N THR A 25 8.50 7.62 4.54
CA THR A 25 9.84 8.18 4.52
C THR A 25 9.87 9.55 3.85
N ASN A 26 8.85 9.85 3.06
CA ASN A 26 8.77 11.13 2.37
C ASN A 26 9.82 11.21 1.26
N LYS A 27 10.12 10.06 0.65
CA LYS A 27 11.10 9.98 -0.43
C LYS A 27 10.51 9.29 -1.65
N PHE A 28 10.80 9.84 -2.82
CA PHE A 28 10.30 9.27 -4.07
C PHE A 28 11.18 8.10 -4.52
N PRO A 29 10.59 7.11 -5.21
CA PRO A 29 11.32 5.94 -5.69
C PRO A 29 12.64 6.29 -6.35
N SER A 30 13.58 5.35 -6.33
CA SER A 30 14.89 5.56 -6.93
C SER A 30 15.03 4.74 -8.22
N GLU A 31 15.16 3.42 -8.07
CA GLU A 31 15.30 2.54 -9.21
C GLU A 31 13.94 2.21 -9.80
N TYR A 32 13.67 2.74 -11.00
CA TYR A 32 12.40 2.51 -11.66
C TYR A 32 12.24 1.04 -12.08
N VAL A 33 11.62 0.26 -11.20
CA VAL A 33 11.40 -1.16 -11.46
C VAL A 33 10.00 -1.57 -11.02
N PRO A 34 9.24 -2.26 -11.88
CA PRO A 34 7.89 -2.71 -11.56
C PRO A 34 7.79 -3.25 -10.14
N THR A 35 7.42 -2.38 -9.20
CA THR A 35 7.30 -2.76 -7.80
C THR A 35 6.45 -4.01 -7.64
N VAL A 36 7.08 -5.17 -7.73
CA VAL A 36 6.37 -6.43 -7.56
C VAL A 36 6.11 -6.68 -6.09
N PHE A 37 7.10 -6.30 -5.27
CA PHE A 37 7.02 -6.44 -3.83
C PHE A 37 7.53 -5.17 -3.16
N ASP A 38 8.81 -4.89 -3.36
CA ASP A 38 9.45 -3.71 -2.78
C ASP A 38 9.30 -3.70 -1.27
N ASN A 39 10.43 -3.81 -0.57
CA ASN A 39 10.41 -3.81 0.89
C ASN A 39 10.99 -2.51 1.42
N TYR A 40 10.57 -2.11 2.61
CA TYR A 40 11.06 -0.88 3.22
C TYR A 40 11.20 -1.02 4.73
N ALA A 41 11.84 -0.03 5.34
CA ALA A 41 12.05 -0.03 6.78
C ALA A 41 11.20 1.04 7.45
N VAL A 42 10.61 0.70 8.59
CA VAL A 42 9.77 1.64 9.33
C VAL A 42 9.57 1.19 10.76
N THR A 43 9.60 2.15 11.68
CA THR A 43 9.42 1.85 13.09
C THR A 43 8.43 2.82 13.71
N VAL A 44 7.25 2.32 14.06
CA VAL A 44 6.22 3.16 14.66
C VAL A 44 6.23 3.04 16.17
N MET A 45 6.51 4.14 16.85
CA MET A 45 6.57 4.16 18.30
C MET A 45 5.24 4.59 18.90
N ILE A 46 4.45 3.62 19.35
CA ILE A 46 3.15 3.89 19.94
C ILE A 46 3.25 4.02 21.46
N GLY A 47 2.99 5.23 21.96
CA GLY A 47 3.07 5.46 23.38
C GLY A 47 4.50 5.60 23.88
N GLY A 48 5.42 5.86 22.97
CA GLY A 48 6.82 6.01 23.35
C GLY A 48 7.62 4.75 23.11
N GLU A 49 6.94 3.60 23.11
CA GLU A 49 7.61 2.32 22.90
C GLU A 49 7.84 2.07 21.41
N PRO A 50 9.06 1.70 21.02
CA PRO A 50 9.41 1.43 19.62
C PRO A 50 8.84 0.10 19.13
N TYR A 51 8.74 -0.04 17.81
CA TYR A 51 8.21 -1.26 17.21
C TYR A 51 8.89 -1.56 15.88
N THR A 52 8.72 -2.79 15.40
CA THR A 52 9.31 -3.21 14.14
C THR A 52 8.23 -3.66 13.16
N LEU A 53 7.84 -2.76 12.27
CA LEU A 53 6.80 -3.06 11.28
C LEU A 53 7.37 -3.07 9.87
N GLY A 54 6.67 -3.77 8.98
CA GLY A 54 7.10 -3.85 7.59
C GLY A 54 5.93 -4.06 6.65
N LEU A 55 5.66 -3.06 5.82
CA LEU A 55 4.55 -3.15 4.87
C LEU A 55 5.00 -3.74 3.54
N PHE A 56 4.43 -4.89 3.19
CA PHE A 56 4.77 -5.56 1.94
C PHE A 56 3.84 -5.07 0.84
N ASP A 57 4.36 -4.95 -0.38
CA ASP A 57 3.58 -4.48 -1.50
C ASP A 57 3.18 -5.63 -2.43
N THR A 58 2.76 -5.28 -3.64
CA THR A 58 2.34 -6.27 -4.63
C THR A 58 2.53 -5.74 -6.05
N ALA A 59 2.56 -6.64 -7.02
CA ALA A 59 2.74 -6.26 -8.41
C ALA A 59 1.58 -5.38 -8.89
N GLY A 60 0.36 -5.83 -8.63
CA GLY A 60 -0.81 -5.07 -9.04
C GLY A 60 -1.97 -5.97 -9.42
N LEU A 61 -1.66 -7.20 -9.79
CA LEU A 61 -2.69 -8.16 -10.18
C LEU A 61 -2.74 -9.34 -9.20
N GLU A 62 -3.69 -10.23 -9.42
CA GLU A 62 -3.84 -11.41 -8.56
C GLU A 62 -2.86 -12.50 -8.96
N ASP A 63 -1.58 -12.25 -8.75
CA ASP A 63 -0.55 -13.22 -9.10
C ASP A 63 0.44 -13.42 -7.95
N TYR A 64 0.04 -13.03 -6.74
CA TYR A 64 0.89 -13.18 -5.57
C TYR A 64 0.70 -14.55 -4.90
N ASP A 65 -0.33 -15.28 -5.32
CA ASP A 65 -0.62 -16.60 -4.76
C ASP A 65 0.66 -17.42 -4.61
N ARG A 66 1.61 -17.18 -5.50
CA ARG A 66 2.89 -17.89 -5.46
C ARG A 66 3.73 -17.42 -4.28
N LEU A 67 3.70 -16.11 -4.03
CA LEU A 67 4.46 -15.53 -2.94
C LEU A 67 3.62 -15.48 -1.65
N ARG A 68 2.43 -16.09 -1.68
CA ARG A 68 1.55 -16.11 -0.52
C ARG A 68 2.31 -16.52 0.75
N PRO A 69 3.17 -17.54 0.69
CA PRO A 69 3.94 -18.00 1.85
C PRO A 69 4.83 -16.89 2.41
N LEU A 70 5.10 -15.87 1.60
CA LEU A 70 5.93 -14.76 2.01
C LEU A 70 5.10 -13.51 2.27
N SER A 71 4.21 -13.20 1.33
CA SER A 71 3.35 -12.03 1.45
C SER A 71 1.90 -12.43 1.71
N TYR A 72 1.71 -13.53 2.44
CA TYR A 72 0.38 -14.03 2.76
C TYR A 72 -0.57 -12.89 3.12
N PRO A 73 -1.88 -13.10 2.90
CA PRO A 73 -2.90 -12.09 3.19
C PRO A 73 -3.35 -12.11 4.65
N GLN A 74 -3.22 -13.26 5.30
CA GLN A 74 -3.61 -13.40 6.70
C GLN A 74 -2.75 -12.54 7.62
N THR A 75 -1.66 -11.99 7.09
CA THR A 75 -0.76 -11.15 7.87
C THR A 75 -1.52 -10.17 8.77
N ASP A 76 -2.42 -9.40 8.17
CA ASP A 76 -3.22 -8.42 8.92
C ASP A 76 -4.14 -7.63 7.98
N VAL A 77 -4.48 -6.40 8.36
CA VAL A 77 -5.36 -5.57 7.54
C VAL A 77 -4.76 -5.39 6.15
N PHE A 78 -5.61 -5.05 5.18
CA PHE A 78 -5.19 -4.86 3.81
C PHE A 78 -5.37 -3.42 3.35
N LEU A 79 -4.46 -2.94 2.52
CA LEU A 79 -4.53 -1.59 1.99
C LEU A 79 -5.02 -1.61 0.55
N VAL A 80 -5.94 -0.71 0.22
CA VAL A 80 -6.50 -0.66 -1.12
C VAL A 80 -6.15 0.64 -1.82
N CYS A 81 -6.12 0.60 -3.15
CA CYS A 81 -5.80 1.77 -3.96
C CYS A 81 -7.03 2.27 -4.70
N PHE A 82 -7.03 3.56 -5.05
CA PHE A 82 -8.16 4.15 -5.77
C PHE A 82 -7.90 5.62 -6.06
N SER A 83 -7.67 5.94 -7.34
CA SER A 83 -7.42 7.32 -7.74
C SER A 83 -8.55 8.24 -7.26
N VAL A 84 -8.54 9.48 -7.74
CA VAL A 84 -9.56 10.44 -7.35
C VAL A 84 -9.79 11.48 -8.44
N VAL A 85 -8.70 11.98 -9.02
CA VAL A 85 -8.78 12.98 -10.08
C VAL A 85 -9.82 12.60 -11.14
N SER A 86 -9.38 11.88 -12.18
CA SER A 86 -10.29 11.47 -13.24
C SER A 86 -11.28 10.42 -12.74
N PRO A 87 -12.58 10.79 -12.63
CA PRO A 87 -13.62 9.87 -12.15
C PRO A 87 -13.71 8.61 -13.00
N SER A 88 -13.22 8.69 -14.23
CA SER A 88 -13.25 7.56 -15.15
C SER A 88 -12.60 6.33 -14.52
N SER A 89 -11.63 6.55 -13.64
CA SER A 89 -10.93 5.46 -12.97
C SER A 89 -11.58 5.13 -11.63
N PHE A 90 -12.22 6.13 -11.03
CA PHE A 90 -12.87 5.95 -9.74
C PHE A 90 -13.75 4.71 -9.73
N GLU A 91 -14.85 4.76 -10.49
CA GLU A 91 -15.77 3.63 -10.58
C GLU A 91 -15.03 2.32 -10.84
N ASN A 92 -14.07 2.37 -11.75
CA ASN A 92 -13.29 1.18 -12.10
C ASN A 92 -12.65 0.57 -10.85
N VAL A 93 -11.68 1.28 -10.29
CA VAL A 93 -10.97 0.82 -9.09
C VAL A 93 -11.91 0.15 -8.09
N LYS A 94 -13.06 0.76 -7.87
CA LYS A 94 -14.03 0.23 -6.93
C LYS A 94 -14.48 -1.18 -7.32
N GLU A 95 -15.23 -1.29 -8.41
CA GLU A 95 -15.74 -2.58 -8.88
C GLU A 95 -14.68 -3.36 -9.66
N LYS A 96 -13.44 -2.89 -9.67
CA LYS A 96 -12.38 -3.57 -10.40
C LYS A 96 -11.28 -4.06 -9.46
N TRP A 97 -10.88 -3.21 -8.51
CA TRP A 97 -9.82 -3.57 -7.57
C TRP A 97 -10.37 -4.12 -6.27
N VAL A 98 -11.46 -3.54 -5.77
CA VAL A 98 -12.05 -4.01 -4.51
C VAL A 98 -12.28 -5.51 -4.52
N PRO A 99 -12.84 -6.06 -5.62
CA PRO A 99 -13.10 -7.50 -5.74
C PRO A 99 -11.91 -8.34 -5.29
N GLU A 100 -10.71 -7.88 -5.63
CA GLU A 100 -9.49 -8.59 -5.26
C GLU A 100 -9.34 -8.68 -3.75
N ILE A 101 -9.89 -7.70 -3.05
CA ILE A 101 -9.82 -7.68 -1.59
C ILE A 101 -10.23 -9.01 -0.99
N THR A 102 -11.06 -9.76 -1.72
CA THR A 102 -11.54 -11.05 -1.26
C THR A 102 -10.61 -12.17 -1.73
N HIS A 103 -9.85 -11.91 -2.79
CA HIS A 103 -8.92 -12.90 -3.33
C HIS A 103 -7.77 -13.12 -2.37
N HIS A 104 -7.32 -12.05 -1.72
CA HIS A 104 -6.22 -12.13 -0.77
C HIS A 104 -6.74 -12.06 0.66
N CYS A 105 -7.21 -10.88 1.06
CA CYS A 105 -7.74 -10.69 2.40
C CYS A 105 -8.93 -11.63 2.66
N PRO A 106 -8.73 -12.65 3.51
CA PRO A 106 -9.80 -13.62 3.83
C PRO A 106 -11.04 -12.94 4.43
N LYS A 107 -10.88 -12.36 5.61
CA LYS A 107 -11.98 -11.68 6.28
C LYS A 107 -11.46 -10.52 7.13
N THR A 108 -10.33 -9.94 6.71
CA THR A 108 -9.74 -8.82 7.43
C THR A 108 -10.17 -7.49 6.82
N PRO A 109 -10.28 -6.44 7.65
CA PRO A 109 -10.69 -5.11 7.18
C PRO A 109 -9.82 -4.61 6.04
N PHE A 110 -10.31 -3.63 5.30
CA PHE A 110 -9.57 -3.06 4.18
C PHE A 110 -9.47 -1.55 4.29
N LEU A 111 -8.24 -1.03 4.23
CA LEU A 111 -8.00 0.41 4.33
C LEU A 111 -7.67 0.98 2.95
N LEU A 112 -8.47 1.93 2.49
CA LEU A 112 -8.25 2.54 1.18
C LEU A 112 -7.35 3.78 1.29
N VAL A 113 -6.59 4.04 0.23
CA VAL A 113 -5.70 5.19 0.20
C VAL A 113 -5.38 5.60 -1.23
N GLY A 114 -4.68 6.71 -1.39
CA GLY A 114 -4.33 7.18 -2.72
C GLY A 114 -4.49 8.68 -2.86
N THR A 115 -5.25 9.10 -3.88
CA THR A 115 -5.49 10.52 -4.15
C THR A 115 -4.30 11.17 -4.83
N GLN A 116 -4.58 12.16 -5.68
CA GLN A 116 -3.53 12.88 -6.40
C GLN A 116 -3.81 14.38 -6.40
N ILE A 117 -2.80 15.16 -6.00
CA ILE A 117 -2.93 16.61 -5.95
C ILE A 117 -2.32 17.26 -7.18
N ASP A 118 -1.19 16.71 -7.64
CA ASP A 118 -0.50 17.25 -8.81
C ASP A 118 -1.00 16.61 -10.10
N LEU A 119 -1.54 15.40 -9.98
CA LEU A 119 -2.05 14.68 -11.14
C LEU A 119 -3.35 15.30 -11.66
N ARG A 120 -3.98 16.13 -10.85
CA ARG A 120 -5.23 16.78 -11.25
C ARG A 120 -4.99 17.80 -12.36
N ASP A 121 -5.96 18.68 -12.55
CA ASP A 121 -5.86 19.71 -13.58
C ASP A 121 -5.76 19.09 -14.97
N ASP A 122 -6.25 17.86 -15.11
CA ASP A 122 -6.22 17.17 -16.39
C ASP A 122 -7.45 17.52 -17.22
N PRO A 123 -7.29 17.67 -18.55
CA PRO A 123 -8.39 17.99 -19.45
C PRO A 123 -9.57 17.04 -19.30
N SER A 124 -9.28 15.74 -19.27
CA SER A 124 -10.31 14.72 -19.13
C SER A 124 -10.94 14.76 -17.74
N THR A 125 -10.13 15.10 -16.74
CA THR A 125 -10.59 15.18 -15.36
C THR A 125 -11.83 16.06 -15.26
N ILE A 126 -11.66 17.36 -15.51
CA ILE A 126 -12.77 18.30 -15.44
C ILE A 126 -13.89 17.90 -16.40
N GLU A 127 -13.52 17.41 -17.58
CA GLU A 127 -14.48 17.00 -18.58
C GLU A 127 -15.53 16.08 -17.98
N LYS A 128 -15.09 14.93 -17.47
CA LYS A 128 -16.01 13.97 -16.85
C LYS A 128 -16.56 14.51 -15.55
N LEU A 129 -15.74 15.25 -14.81
CA LEU A 129 -16.16 15.84 -13.55
C LEU A 129 -17.48 16.58 -13.72
N ALA A 130 -17.74 17.04 -14.94
CA ALA A 130 -18.96 17.76 -15.24
C ALA A 130 -20.17 16.84 -15.20
N LYS A 131 -19.92 15.54 -15.39
CA LYS A 131 -20.99 14.55 -15.38
C LYS A 131 -21.30 14.10 -13.95
N ASN A 132 -20.32 14.23 -13.07
CA ASN A 132 -20.49 13.84 -11.67
C ASN A 132 -20.88 15.04 -10.81
N LYS A 133 -21.58 15.99 -11.43
CA LYS A 133 -22.02 17.20 -10.73
C LYS A 133 -20.82 18.09 -10.37
N GLN A 134 -19.83 18.11 -11.26
CA GLN A 134 -18.64 18.92 -11.03
C GLN A 134 -18.03 18.64 -9.67
N LYS A 135 -17.17 19.55 -9.21
CA LYS A 135 -16.52 19.41 -7.91
C LYS A 135 -15.57 18.21 -7.91
N PRO A 136 -14.31 18.43 -8.29
CA PRO A 136 -13.30 17.36 -8.32
C PRO A 136 -13.16 16.66 -6.98
N ILE A 137 -12.92 15.34 -7.03
CA ILE A 137 -12.77 14.54 -5.83
C ILE A 137 -11.66 15.10 -4.94
N THR A 138 -12.01 15.46 -3.71
CA THR A 138 -11.04 16.00 -2.77
C THR A 138 -10.68 14.97 -1.69
N PRO A 139 -9.68 15.27 -0.85
CA PRO A 139 -9.24 14.37 0.22
C PRO A 139 -10.38 13.98 1.15
N GLU A 140 -11.46 14.77 1.14
CA GLU A 140 -12.61 14.50 1.98
C GLU A 140 -13.58 13.53 1.30
N THR A 141 -13.63 13.58 -0.02
CA THR A 141 -14.51 12.70 -0.79
C THR A 141 -14.15 11.24 -0.53
N ALA A 142 -12.86 10.93 -0.63
CA ALA A 142 -12.38 9.57 -0.40
C ALA A 142 -12.92 9.03 0.92
N GLU A 143 -12.81 9.82 1.98
CA GLU A 143 -13.30 9.42 3.29
C GLU A 143 -14.77 9.06 3.22
N LYS A 144 -15.54 9.84 2.47
CA LYS A 144 -16.96 9.59 2.31
C LYS A 144 -17.20 8.15 1.87
N LEU A 145 -16.44 7.71 0.87
CA LEU A 145 -16.56 6.35 0.36
C LEU A 145 -16.28 5.35 1.47
N ALA A 146 -15.35 5.69 2.35
CA ALA A 146 -14.98 4.82 3.46
C ALA A 146 -16.15 4.66 4.43
N ARG A 147 -16.97 5.69 4.53
CA ARG A 147 -18.12 5.67 5.43
C ARG A 147 -19.24 4.80 4.85
N ASP A 148 -19.60 5.06 3.59
CA ASP A 148 -20.66 4.30 2.93
C ASP A 148 -20.39 2.80 3.03
N LEU A 149 -19.16 2.41 2.71
CA LEU A 149 -18.78 0.99 2.77
C LEU A 149 -18.44 0.58 4.19
N LYS A 150 -17.99 1.54 4.99
CA LYS A 150 -17.62 1.28 6.38
C LYS A 150 -16.41 0.34 6.45
N ALA A 151 -15.36 0.81 7.10
CA ALA A 151 -14.14 0.03 7.25
C ALA A 151 -13.23 0.60 8.33
N VAL A 152 -11.96 0.24 8.30
CA VAL A 152 -11.00 0.73 9.27
C VAL A 152 -10.85 2.25 9.21
N LYS A 153 -11.34 2.85 8.12
CA LYS A 153 -11.27 4.30 7.92
C LYS A 153 -9.90 4.70 7.36
N TYR A 154 -9.90 5.72 6.51
CA TYR A 154 -8.66 6.19 5.90
C TYR A 154 -8.76 7.67 5.54
N VAL A 155 -7.64 8.38 5.68
CA VAL A 155 -7.60 9.80 5.37
C VAL A 155 -6.16 10.25 5.11
N GLU A 156 -5.94 10.84 3.94
CA GLU A 156 -4.60 11.31 3.57
C GLU A 156 -4.66 12.14 2.30
N CYS A 157 -3.50 12.60 1.86
CA CYS A 157 -3.41 13.40 0.64
C CYS A 157 -2.28 12.88 -0.25
N SER A 158 -2.00 13.61 -1.32
CA SER A 158 -0.94 13.22 -2.24
C SER A 158 0.41 13.77 -1.78
N ALA A 159 1.48 13.17 -2.26
CA ALA A 159 2.82 13.60 -1.89
C ALA A 159 3.03 15.08 -2.21
N LEU A 160 4.28 15.54 -2.05
CA LEU A 160 4.61 16.93 -2.32
C LEU A 160 3.66 17.88 -1.59
N THR A 161 3.22 17.48 -0.41
CA THR A 161 2.30 18.31 0.38
C THR A 161 2.18 17.79 1.81
N GLN A 162 1.30 16.80 2.01
CA GLN A 162 1.08 16.22 3.33
C GLN A 162 0.31 17.17 4.23
N LYS A 163 -0.97 16.89 4.44
CA LYS A 163 -1.82 17.72 5.29
C LYS A 163 -2.09 17.04 6.62
N GLY A 164 -2.85 15.96 6.58
CA GLY A 164 -3.18 15.21 7.79
C GLY A 164 -2.90 13.74 7.64
N LEU A 165 -1.64 13.36 7.73
CA LEU A 165 -1.24 11.97 7.59
C LEU A 165 -1.18 11.26 8.94
N LYS A 166 -0.74 11.98 9.97
CA LYS A 166 -0.64 11.42 11.31
C LYS A 166 -1.93 10.72 11.72
N ASN A 167 -3.05 11.15 11.14
CA ASN A 167 -4.35 10.57 11.45
C ASN A 167 -4.43 9.12 10.98
N VAL A 168 -4.55 8.94 9.67
CA VAL A 168 -4.66 7.60 9.08
C VAL A 168 -3.64 6.64 9.69
N PHE A 169 -2.45 7.16 9.98
CA PHE A 169 -1.39 6.34 10.56
C PHE A 169 -1.82 5.80 11.92
N ASP A 170 -2.43 6.66 12.73
CA ASP A 170 -2.89 6.26 14.06
C ASP A 170 -3.91 5.13 13.95
N GLU A 171 -4.79 5.22 12.95
CA GLU A 171 -5.81 4.20 12.73
C GLU A 171 -5.21 2.96 12.07
N ALA A 172 -4.44 3.18 11.02
CA ALA A 172 -3.81 2.09 10.28
C ALA A 172 -3.00 1.20 11.22
N ILE A 173 -2.32 1.81 12.18
CA ILE A 173 -1.50 1.07 13.13
C ILE A 173 -2.36 0.52 14.26
N LEU A 174 -3.06 1.40 14.95
CA LEU A 174 -3.91 1.00 16.07
C LEU A 174 -4.85 -0.14 15.67
N ALA A 175 -5.19 -0.18 14.39
CA ALA A 175 -6.09 -1.21 13.87
C ALA A 175 -5.56 -2.61 14.21
N ALA A 176 -4.24 -2.76 14.17
CA ALA A 176 -3.60 -4.03 14.47
C ALA A 176 -3.23 -4.13 15.95
N LEU A 177 -3.25 -3.00 16.65
CA LEU A 177 -2.91 -2.98 18.07
C LEU A 177 -4.15 -3.15 18.95
N GLU A 178 -5.21 -3.71 18.36
CA GLU A 178 -6.45 -3.92 19.10
C GLU A 178 -6.48 -5.32 19.72
N PRO A 179 -6.23 -6.37 18.91
CA PRO A 179 -6.23 -7.75 19.40
C PRO A 179 -5.24 -7.97 20.54
N PRO A 180 -5.49 -8.97 21.39
CA PRO A 180 -4.61 -9.29 22.53
C PRO A 180 -3.26 -9.86 22.08
N GLU A 181 -2.19 -9.32 22.64
CA GLU A 181 -0.85 -9.78 22.30
C GLU A 181 -0.60 -11.20 22.82
N PRO A 182 0.16 -12.01 22.07
CA PRO A 182 0.46 -13.39 22.46
C PRO A 182 1.44 -13.45 23.63
N LYS A 183 1.97 -14.65 23.88
CA LYS A 183 2.92 -14.86 24.97
C LYS A 183 4.22 -14.12 24.69
N LYS A 184 4.31 -12.87 25.15
CA LYS A 184 5.51 -12.06 24.96
C LYS A 184 6.76 -12.82 25.39
N GLY B 1 3.29 10.31 23.71
CA GLY B 1 3.01 10.30 22.25
C GLY B 1 2.24 9.08 21.81
N SER B 2 1.01 9.29 21.34
CA SER B 2 0.17 8.19 20.90
C SER B 2 0.87 7.36 19.84
N ILE B 3 1.13 7.97 18.69
CA ILE B 3 1.79 7.29 17.59
C ILE B 3 2.79 8.21 16.90
N SER B 4 3.83 7.61 16.31
CA SER B 4 4.86 8.39 15.62
C SER B 4 5.14 7.81 14.22
N LEU B 5 5.19 8.69 13.23
CA LEU B 5 5.45 8.28 11.86
C LEU B 5 6.84 7.63 11.74
N PRO B 6 6.95 6.52 11.00
CA PRO B 6 8.22 5.83 10.83
C PRO B 6 9.35 6.76 10.44
N SER B 7 10.54 6.48 10.95
CA SER B 7 11.72 7.29 10.65
C SER B 7 12.63 6.61 9.64
N ASP B 8 13.03 5.39 9.95
CA ASP B 8 13.90 4.62 9.07
C ASP B 8 13.19 4.25 7.78
N PHE B 9 13.95 3.88 6.76
CA PHE B 9 13.40 3.50 5.47
C PHE B 9 14.50 3.26 4.45
N GLU B 10 14.48 2.09 3.82
CA GLU B 10 15.47 1.74 2.82
C GLU B 10 14.90 0.74 1.82
N HIS B 11 15.23 0.91 0.55
CA HIS B 11 14.75 0.02 -0.49
C HIS B 11 15.40 -1.36 -0.34
N THR B 12 15.00 -2.07 0.72
CA THR B 12 15.54 -3.40 1.00
C THR B 12 15.67 -4.25 -0.26
N ILE B 13 14.59 -4.89 -0.67
CA ILE B 13 14.61 -5.74 -1.85
C ILE B 13 13.81 -5.12 -3.00
N HIS B 14 14.51 -4.65 -4.02
CA HIS B 14 13.86 -4.05 -5.18
C HIS B 14 13.52 -5.13 -6.20
N VAL B 15 12.28 -5.60 -6.17
CA VAL B 15 11.83 -6.64 -7.08
C VAL B 15 11.46 -6.06 -8.44
N GLY B 16 11.73 -6.84 -9.49
CA GLY B 16 11.42 -6.40 -10.83
C GLY B 16 10.99 -7.54 -11.73
N PHE B 17 10.58 -7.22 -12.94
CA PHE B 17 10.14 -8.23 -13.90
C PHE B 17 11.16 -8.41 -15.02
N ASP B 18 11.73 -9.61 -15.11
CA ASP B 18 12.72 -9.90 -16.15
C ASP B 18 12.30 -11.10 -16.99
N ALA B 19 12.45 -10.98 -18.30
CA ALA B 19 12.09 -12.07 -19.21
C ALA B 19 13.14 -13.18 -19.22
N VAL B 20 14.18 -13.03 -18.41
CA VAL B 20 15.24 -14.02 -18.34
C VAL B 20 14.67 -15.42 -18.18
N THR B 21 13.47 -15.51 -17.61
CA THR B 21 12.81 -16.80 -17.40
C THR B 21 11.29 -16.63 -17.31
N GLY B 22 10.84 -15.57 -16.65
CA GLY B 22 9.42 -15.32 -16.51
C GLY B 22 8.99 -15.05 -15.08
N GLU B 23 9.97 -14.82 -14.19
CA GLU B 23 9.68 -14.55 -12.79
C GLU B 23 10.28 -13.21 -12.38
N PHE B 24 9.96 -12.76 -11.17
CA PHE B 24 10.47 -11.49 -10.67
C PHE B 24 11.97 -11.59 -10.43
N THR B 25 12.64 -10.44 -10.41
CA THR B 25 14.09 -10.41 -10.20
C THR B 25 14.44 -9.60 -8.96
N GLY B 26 15.68 -9.76 -8.51
CA GLY B 26 16.15 -9.04 -7.33
C GLY B 26 15.20 -9.16 -6.15
N MET B 27 14.45 -10.26 -6.11
CA MET B 27 13.50 -10.48 -5.01
C MET B 27 14.23 -10.94 -3.75
N PRO B 28 13.56 -10.84 -2.59
CA PRO B 28 14.13 -11.25 -1.30
C PRO B 28 14.78 -12.63 -1.36
N GLU B 29 15.97 -12.74 -0.77
CA GLU B 29 16.69 -14.01 -0.75
C GLU B 29 15.78 -15.16 -0.35
N GLN B 30 14.91 -14.91 0.61
CA GLN B 30 13.97 -15.93 1.08
C GLN B 30 12.87 -16.15 0.06
N TRP B 31 12.29 -15.04 -0.41
CA TRP B 31 11.22 -15.11 -1.40
C TRP B 31 11.61 -16.02 -2.57
N ALA B 32 12.70 -15.66 -3.23
CA ALA B 32 13.19 -16.44 -4.36
C ALA B 32 13.36 -17.91 -3.97
N ARG B 33 14.20 -18.15 -2.98
CA ARG B 33 14.45 -19.50 -2.51
C ARG B 33 13.15 -20.26 -2.29
N LEU B 34 12.18 -19.58 -1.70
CA LEU B 34 10.88 -20.18 -1.44
C LEU B 34 10.32 -20.85 -2.69
N LEU B 35 10.23 -20.09 -3.77
CA LEU B 35 9.72 -20.62 -5.03
C LEU B 35 10.86 -21.10 -5.93
N GLN B 36 11.63 -20.16 -6.46
CA GLN B 36 12.75 -20.49 -7.33
C GLN B 36 13.97 -20.97 -6.54
N THR B 37 14.94 -20.07 -6.31
CA THR B 37 16.15 -20.42 -5.56
C THR B 37 16.93 -19.20 -5.13
N SER B 38 17.11 -18.25 -6.06
CA SER B 38 17.86 -17.03 -5.76
C SER B 38 17.10 -15.81 -6.22
N ASN B 39 17.54 -14.63 -5.79
CA ASN B 39 16.88 -13.40 -6.19
C ASN B 39 16.83 -13.30 -7.70
N ILE B 40 18.00 -13.40 -8.32
CA ILE B 40 18.11 -13.38 -9.76
C ILE B 40 19.03 -14.48 -10.23
N THR B 41 18.47 -15.66 -10.43
CA THR B 41 19.23 -16.82 -10.88
C THR B 41 20.10 -17.37 -9.75
N LYS B 42 21.00 -16.54 -9.24
CA LYS B 42 21.88 -16.95 -8.15
C LYS B 42 22.32 -15.74 -7.32
N SER B 43 21.38 -14.85 -7.03
CA SER B 43 21.67 -13.66 -6.23
C SER B 43 22.92 -12.95 -6.75
N GLU B 44 22.74 -12.15 -7.80
CA GLU B 44 23.85 -11.41 -8.40
C GLU B 44 23.71 -9.91 -8.10
N GLN B 45 24.68 -9.37 -7.38
CA GLN B 45 24.68 -7.95 -7.04
C GLN B 45 25.92 -7.25 -7.59
N LYS B 46 25.81 -6.75 -8.81
CA LYS B 46 26.91 -6.06 -9.46
C LYS B 46 27.15 -4.70 -8.81
PG GNP C . 6.57 3.46 -9.33
O1G GNP C . 7.34 3.91 -10.51
O2G GNP C . 7.17 2.41 -8.48
O3G GNP C . 5.19 2.86 -9.90
N3B GNP C . 6.34 4.79 -8.37
PB GNP C . 5.18 4.86 -7.16
O1B GNP C . 5.40 6.11 -6.41
O2B GNP C . 5.26 3.58 -6.42
O3A GNP C . 3.68 4.95 -7.75
PA GNP C . 2.87 6.23 -8.30
O1A GNP C . 3.48 6.67 -9.57
O2A GNP C . 1.42 5.91 -8.24
O5' GNP C . 3.19 7.34 -7.18
C5' GNP C . 2.20 8.33 -6.85
C4' GNP C . 2.79 9.40 -5.92
O4' GNP C . 1.79 9.91 -5.02
C3' GNP C . 3.93 8.82 -5.09
O3' GNP C . 5.18 9.41 -5.45
C2' GNP C . 3.58 9.11 -3.65
O2' GNP C . 4.61 9.87 -3.03
C1' GNP C . 2.27 9.88 -3.66
N9 GNP C . 1.29 9.25 -2.76
C8 GNP C . 0.46 8.20 -2.97
N7 GNP C . -0.32 7.84 -2.01
C5 GNP C . 0.00 8.77 -1.01
C6 GNP C . -0.51 8.93 0.31
O6 GNP C . -1.38 8.26 0.87
N1 GNP C . 0.10 9.99 0.99
C2 GNP C . 1.09 10.82 0.46
N2 GNP C . 1.55 11.79 1.26
N3 GNP C . 1.57 10.68 -0.79
C4 GNP C . 0.99 9.64 -1.47
HNB3 GNP C . 6.91 5.58 -8.51
H5'2 GNP C . 1.37 7.85 -6.35
H5'1 GNP C . 1.85 8.81 -7.76
H4' GNP C . 3.17 10.22 -6.53
H3' GNP C . 3.97 7.75 -5.24
HO3' GNP C . 5.70 8.74 -5.89
H2' GNP C . 3.44 8.17 -3.12
HO2' GNP C . 4.82 10.61 -3.60
H1' GNP C . 2.46 10.89 -3.33
H8 GNP C . 0.46 7.67 -3.92
HN1 GNP C . -0.21 10.16 1.91
HN21 GNP C . 1.18 11.89 2.19
HN22 GNP C . 2.27 12.42 0.92
MG MG D . 6.48 1.58 -6.36
N MET A 1 6.13 -7.65 21.84
CA MET A 1 6.96 -7.36 20.65
C MET A 1 6.61 -8.29 19.49
N GLN A 2 5.69 -7.85 18.64
CA GLN A 2 5.26 -8.64 17.50
C GLN A 2 5.48 -7.89 16.20
N THR A 3 5.29 -8.58 15.07
CA THR A 3 5.49 -7.98 13.76
C THR A 3 4.21 -8.09 12.93
N ILE A 4 3.89 -7.02 12.21
CA ILE A 4 2.69 -7.01 11.36
C ILE A 4 3.03 -6.65 9.93
N LYS A 5 2.40 -7.32 8.99
CA LYS A 5 2.63 -7.06 7.57
C LYS A 5 1.37 -6.51 6.91
N CYS A 6 1.55 -5.51 6.05
CA CYS A 6 0.42 -4.90 5.35
C CYS A 6 0.41 -5.29 3.88
N VAL A 7 -0.58 -6.10 3.50
CA VAL A 7 -0.71 -6.54 2.11
C VAL A 7 -1.53 -5.53 1.30
N VAL A 8 -1.17 -5.37 0.03
CA VAL A 8 -1.87 -4.42 -0.83
C VAL A 8 -2.11 -5.01 -2.22
N VAL A 9 -2.96 -4.35 -3.00
CA VAL A 9 -3.26 -4.80 -4.36
C VAL A 9 -3.93 -3.70 -5.18
N GLY A 10 -3.48 -3.56 -6.42
CA GLY A 10 -4.05 -2.54 -7.30
C GLY A 10 -3.00 -1.84 -8.13
N ASP A 11 -3.39 -1.40 -9.33
CA ASP A 11 -2.48 -0.71 -10.23
C ASP A 11 -2.38 0.76 -9.85
N GLY A 12 -1.32 1.42 -10.31
CA GLY A 12 -1.13 2.83 -10.01
C GLY A 12 -1.35 3.12 -8.52
N ALA A 13 -0.30 2.95 -7.74
CA ALA A 13 -0.39 3.17 -6.30
C ALA A 13 -1.17 2.05 -5.64
N VAL A 14 -0.58 0.85 -5.66
CA VAL A 14 -1.20 -0.32 -5.08
C VAL A 14 -1.71 -0.03 -3.67
N GLY A 15 -1.09 0.96 -3.02
CA GLY A 15 -1.50 1.34 -1.68
C GLY A 15 -0.35 1.31 -0.70
N LYS A 16 0.64 0.47 -0.98
CA LYS A 16 1.81 0.34 -0.12
C LYS A 16 2.97 1.18 -0.64
N THR A 17 3.60 0.73 -1.73
CA THR A 17 4.73 1.42 -2.32
C THR A 17 4.48 2.92 -2.44
N CYS A 18 3.51 3.29 -3.28
CA CYS A 18 3.17 4.70 -3.50
C CYS A 18 3.16 5.49 -2.20
N LEU A 19 2.49 4.94 -1.19
CA LEU A 19 2.42 5.60 0.11
C LEU A 19 3.81 5.87 0.66
N LEU A 20 4.51 4.80 1.06
CA LEU A 20 5.86 4.93 1.60
C LEU A 20 6.68 5.96 0.85
N ILE A 21 6.85 5.73 -0.46
CA ILE A 21 7.60 6.64 -1.32
C ILE A 21 7.39 8.11 -0.91
N SER A 22 6.14 8.54 -0.88
CA SER A 22 5.82 9.90 -0.48
C SER A 22 5.52 9.99 1.01
N TYR A 23 4.41 9.37 1.39
CA TYR A 23 3.95 9.34 2.77
C TYR A 23 5.10 9.15 3.78
N THR A 24 5.74 7.98 3.76
CA THR A 24 6.82 7.69 4.68
C THR A 24 8.16 8.18 4.16
N THR A 25 8.74 7.41 3.25
CA THR A 25 10.03 7.73 2.64
C THR A 25 10.21 9.23 2.41
N ASN A 26 9.11 9.92 2.12
CA ASN A 26 9.14 11.36 1.89
C ASN A 26 9.86 11.69 0.58
N LYS A 27 9.40 11.11 -0.52
CA LYS A 27 9.99 11.36 -1.83
C LYS A 27 9.18 10.68 -2.94
N PHE A 28 9.67 10.75 -4.16
CA PHE A 28 8.99 10.13 -5.29
C PHE A 28 9.63 8.80 -5.67
N PRO A 29 8.95 7.99 -6.49
CA PRO A 29 9.45 6.69 -6.92
C PRO A 29 10.93 6.73 -7.32
N SER A 30 11.64 5.64 -7.06
CA SER A 30 13.05 5.55 -7.39
C SER A 30 13.26 4.72 -8.64
N GLU A 31 13.27 3.40 -8.49
CA GLU A 31 13.46 2.50 -9.63
C GLU A 31 12.11 2.05 -10.18
N TYR A 32 11.77 2.53 -11.36
CA TYR A 32 10.50 2.18 -11.98
C TYR A 32 10.47 0.69 -12.35
N VAL A 33 9.96 -0.11 -11.43
CA VAL A 33 9.85 -1.55 -11.65
C VAL A 33 8.49 -2.06 -11.20
N PRO A 34 7.88 -2.98 -11.97
CA PRO A 34 6.57 -3.55 -11.63
C PRO A 34 6.49 -3.89 -10.15
N THR A 35 5.74 -3.09 -9.40
CA THR A 35 5.60 -3.30 -7.96
C THR A 35 5.28 -4.76 -7.63
N VAL A 36 6.34 -5.55 -7.44
CA VAL A 36 6.18 -6.95 -7.09
C VAL A 36 6.34 -7.10 -5.59
N PHE A 37 7.43 -6.56 -5.06
CA PHE A 37 7.68 -6.58 -3.63
C PHE A 37 8.74 -5.57 -3.23
N ASP A 38 8.30 -4.41 -2.81
CA ASP A 38 9.21 -3.39 -2.33
C ASP A 38 9.26 -3.48 -0.80
N ASN A 39 10.44 -3.67 -0.25
CA ASN A 39 10.58 -3.79 1.19
C ASN A 39 11.23 -2.55 1.78
N TYR A 40 10.88 -2.25 3.03
CA TYR A 40 11.43 -1.08 3.69
C TYR A 40 11.48 -1.26 5.20
N ALA A 41 12.15 -0.35 5.88
CA ALA A 41 12.27 -0.40 7.34
C ALA A 41 11.41 0.69 7.98
N VAL A 42 10.77 0.34 9.09
CA VAL A 42 9.92 1.31 9.79
C VAL A 42 9.70 0.91 11.25
N THR A 43 9.35 1.91 12.06
CA THR A 43 9.10 1.70 13.49
C THR A 43 8.19 2.78 14.02
N VAL A 44 6.94 2.42 14.32
CA VAL A 44 5.98 3.37 14.84
C VAL A 44 5.88 3.29 16.36
N MET A 45 6.19 4.38 17.03
CA MET A 45 6.13 4.43 18.48
C MET A 45 4.69 4.50 18.97
N ILE A 46 4.18 3.38 19.49
CA ILE A 46 2.81 3.31 19.99
C ILE A 46 2.77 3.56 21.49
N GLY A 47 2.20 4.70 21.88
CA GLY A 47 2.10 5.03 23.30
C GLY A 47 3.45 5.29 23.92
N GLY A 48 4.45 5.61 23.10
CA GLY A 48 5.78 5.87 23.60
C GLY A 48 6.58 4.61 23.81
N GLU A 49 6.48 3.68 22.87
CA GLU A 49 7.20 2.42 22.97
C GLU A 49 7.73 2.00 21.60
N PRO A 50 8.89 1.32 21.57
CA PRO A 50 9.50 0.85 20.32
C PRO A 50 8.63 -0.17 19.60
N TYR A 51 8.77 -0.25 18.27
CA TYR A 51 7.99 -1.18 17.47
C TYR A 51 8.79 -1.64 16.26
N THR A 52 8.35 -2.75 15.67
CA THR A 52 9.01 -3.31 14.49
C THR A 52 7.98 -3.72 13.44
N LEU A 53 7.76 -2.84 12.47
CA LEU A 53 6.80 -3.11 11.40
C LEU A 53 7.46 -2.98 10.03
N GLY A 54 6.83 -3.59 9.03
CA GLY A 54 7.37 -3.55 7.69
C GLY A 54 6.29 -3.73 6.64
N LEU A 55 6.17 -2.77 5.72
CA LEU A 55 5.18 -2.84 4.66
C LEU A 55 5.59 -3.82 3.58
N PHE A 56 4.78 -4.84 3.37
CA PHE A 56 5.06 -5.85 2.36
C PHE A 56 4.09 -5.69 1.18
N ASP A 57 4.65 -5.47 -0.01
CA ASP A 57 3.83 -5.29 -1.20
C ASP A 57 3.13 -6.58 -1.59
N THR A 58 2.27 -6.50 -2.61
CA THR A 58 1.53 -7.64 -3.10
C THR A 58 0.81 -7.31 -4.41
N ALA A 59 0.34 -8.34 -5.10
CA ALA A 59 -0.34 -8.16 -6.37
C ALA A 59 -1.60 -9.02 -6.47
N GLY A 60 -2.05 -9.27 -7.70
CA GLY A 60 -3.24 -10.08 -7.91
C GLY A 60 -2.96 -11.57 -7.77
N LEU A 61 -3.39 -12.34 -8.76
CA LEU A 61 -3.19 -13.78 -8.76
C LEU A 61 -3.92 -14.43 -7.58
N GLU A 62 -4.30 -15.68 -7.75
CA GLU A 62 -5.01 -16.42 -6.72
C GLU A 62 -4.37 -16.22 -5.35
N ASP A 63 -3.31 -16.98 -5.09
CA ASP A 63 -2.60 -16.88 -3.82
C ASP A 63 -1.48 -15.86 -3.95
N TYR A 64 -1.84 -14.61 -4.31
CA TYR A 64 -0.83 -13.57 -4.50
C TYR A 64 0.28 -14.17 -5.35
N ASP A 65 -0.15 -14.90 -6.38
CA ASP A 65 0.79 -15.61 -7.23
C ASP A 65 1.35 -16.77 -6.40
N ARG A 66 2.63 -17.07 -6.52
CA ARG A 66 3.20 -18.15 -5.72
C ARG A 66 3.84 -17.63 -4.44
N LEU A 67 3.82 -16.30 -4.26
CA LEU A 67 4.39 -15.67 -3.07
C LEU A 67 3.33 -15.59 -1.96
N ARG A 68 2.70 -16.72 -1.66
CA ARG A 68 1.65 -16.76 -0.64
C ARG A 68 2.18 -17.16 0.75
N PRO A 69 3.05 -18.17 0.83
CA PRO A 69 3.60 -18.63 2.11
C PRO A 69 4.56 -17.62 2.73
N LEU A 70 5.40 -17.06 1.88
CA LEU A 70 6.39 -16.08 2.32
C LEU A 70 5.80 -14.66 2.34
N SER A 71 4.48 -14.56 2.19
CA SER A 71 3.82 -13.26 2.19
C SER A 71 2.31 -13.42 2.36
N TYR A 72 1.91 -14.45 3.10
CA TYR A 72 0.50 -14.75 3.36
C TYR A 72 -0.36 -13.47 3.45
N PRO A 73 -1.39 -13.35 2.61
CA PRO A 73 -2.27 -12.18 2.60
C PRO A 73 -3.03 -12.00 3.91
N GLN A 74 -3.25 -13.11 4.61
CA GLN A 74 -3.97 -13.07 5.89
C GLN A 74 -3.17 -12.35 6.98
N THR A 75 -1.90 -12.04 6.69
CA THR A 75 -1.03 -11.36 7.64
C THR A 75 -1.77 -10.32 8.49
N ASP A 76 -2.45 -9.39 7.83
CA ASP A 76 -3.19 -8.35 8.55
C ASP A 76 -4.04 -7.51 7.60
N VAL A 77 -4.40 -6.30 8.04
CA VAL A 77 -5.21 -5.39 7.23
C VAL A 77 -4.55 -5.10 5.89
N PHE A 78 -5.33 -4.57 4.95
CA PHE A 78 -4.82 -4.25 3.63
C PHE A 78 -4.73 -2.74 3.42
N LEU A 79 -3.90 -2.33 2.46
CA LEU A 79 -3.73 -0.93 2.13
C LEU A 79 -3.85 -0.74 0.63
N VAL A 80 -4.77 0.13 0.22
CA VAL A 80 -4.98 0.37 -1.21
C VAL A 80 -5.01 1.86 -1.54
N CYS A 81 -4.52 2.19 -2.73
CA CYS A 81 -4.49 3.57 -3.19
C CYS A 81 -4.87 3.66 -4.66
N PHE A 82 -5.37 4.82 -5.08
CA PHE A 82 -5.77 5.01 -6.47
C PHE A 82 -5.88 6.49 -6.80
N SER A 83 -5.93 6.80 -8.09
CA SER A 83 -6.04 8.18 -8.55
C SER A 83 -7.18 8.90 -7.83
N VAL A 84 -7.10 10.22 -7.79
CA VAL A 84 -8.13 11.03 -7.13
C VAL A 84 -8.92 11.84 -8.14
N VAL A 85 -8.32 12.92 -8.64
CA VAL A 85 -8.97 13.79 -9.62
C VAL A 85 -9.61 12.97 -10.74
N SER A 86 -8.81 12.56 -11.72
CA SER A 86 -9.32 11.77 -12.84
C SER A 86 -10.15 10.59 -12.35
N PRO A 87 -11.48 10.66 -12.46
CA PRO A 87 -12.37 9.59 -12.03
C PRO A 87 -12.23 8.32 -12.87
N SER A 88 -11.63 8.46 -14.05
CA SER A 88 -11.43 7.33 -14.95
C SER A 88 -10.83 6.14 -14.20
N SER A 89 -10.09 6.42 -13.13
CA SER A 89 -9.46 5.38 -12.34
C SER A 89 -10.32 5.01 -11.13
N PHE A 90 -10.95 6.02 -10.54
CA PHE A 90 -11.80 5.81 -9.38
C PHE A 90 -12.80 4.68 -9.62
N GLU A 91 -13.66 4.87 -10.61
CA GLU A 91 -14.67 3.87 -10.95
C GLU A 91 -14.04 2.50 -11.12
N ASN A 92 -13.07 2.40 -12.03
CA ASN A 92 -12.38 1.14 -12.29
C ASN A 92 -11.87 0.51 -10.99
N VAL A 93 -11.02 1.24 -10.29
CA VAL A 93 -10.45 0.77 -9.03
C VAL A 93 -11.50 0.12 -8.14
N LYS A 94 -12.69 0.71 -8.11
CA LYS A 94 -13.78 0.20 -7.30
C LYS A 94 -14.34 -1.10 -7.85
N GLU A 95 -14.89 -1.04 -9.06
CA GLU A 95 -15.47 -2.22 -9.70
C GLU A 95 -14.41 -3.16 -10.28
N LYS A 96 -13.14 -2.89 -10.01
CA LYS A 96 -12.07 -3.72 -10.54
C LYS A 96 -11.21 -4.33 -9.42
N TRP A 97 -10.86 -3.52 -8.43
CA TRP A 97 -10.01 -3.99 -7.34
C TRP A 97 -10.83 -4.43 -6.12
N VAL A 98 -11.96 -3.78 -5.86
CA VAL A 98 -12.79 -4.14 -4.72
C VAL A 98 -13.06 -5.65 -4.68
N PRO A 99 -13.45 -6.26 -5.82
CA PRO A 99 -13.73 -7.69 -5.89
C PRO A 99 -12.46 -8.54 -5.88
N GLU A 100 -11.31 -7.89 -6.05
CA GLU A 100 -10.02 -8.58 -6.06
C GLU A 100 -9.42 -8.62 -4.66
N ILE A 101 -9.50 -7.48 -3.96
CA ILE A 101 -8.97 -7.39 -2.61
C ILE A 101 -9.50 -8.52 -1.75
N THR A 102 -10.75 -8.91 -2.00
CA THR A 102 -11.37 -9.99 -1.26
C THR A 102 -10.50 -11.23 -1.29
N HIS A 103 -10.03 -11.59 -2.49
CA HIS A 103 -9.16 -12.74 -2.65
C HIS A 103 -7.89 -12.57 -1.83
N HIS A 104 -7.42 -11.33 -1.74
CA HIS A 104 -6.21 -11.03 -0.99
C HIS A 104 -6.50 -10.93 0.51
N CYS A 105 -7.71 -10.50 0.86
CA CYS A 105 -8.10 -10.38 2.25
C CYS A 105 -9.18 -11.40 2.61
N PRO A 106 -8.76 -12.57 3.15
CA PRO A 106 -9.71 -13.63 3.54
C PRO A 106 -10.82 -13.13 4.43
N LYS A 107 -10.45 -12.49 5.54
CA LYS A 107 -11.43 -11.96 6.48
C LYS A 107 -10.85 -10.78 7.25
N THR A 108 -9.96 -10.03 6.60
CA THR A 108 -9.33 -8.87 7.23
C THR A 108 -9.74 -7.58 6.52
N PRO A 109 -9.99 -6.51 7.29
CA PRO A 109 -10.40 -5.21 6.73
C PRO A 109 -9.43 -4.74 5.64
N PHE A 110 -9.63 -3.51 5.18
CA PHE A 110 -8.79 -2.95 4.14
C PHE A 110 -8.89 -1.42 4.10
N LEU A 111 -7.73 -0.77 4.10
CA LEU A 111 -7.68 0.68 4.07
C LEU A 111 -7.47 1.18 2.65
N LEU A 112 -8.30 2.12 2.22
CA LEU A 112 -8.19 2.67 0.86
C LEU A 112 -8.22 4.19 0.86
N VAL A 113 -7.30 4.80 0.13
CA VAL A 113 -7.21 6.25 0.04
C VAL A 113 -6.88 6.71 -1.37
N GLY A 114 -6.85 8.03 -1.57
CA GLY A 114 -6.54 8.58 -2.88
C GLY A 114 -5.50 9.68 -2.79
N THR A 115 -4.61 9.74 -3.77
CA THR A 115 -3.56 10.75 -3.79
C THR A 115 -3.52 11.48 -5.14
N GLN A 116 -3.95 12.74 -5.13
CA GLN A 116 -3.96 13.55 -6.35
C GLN A 116 -4.70 14.87 -6.11
N ILE A 117 -4.14 15.72 -5.27
CA ILE A 117 -4.75 17.01 -4.96
C ILE A 117 -4.09 18.13 -5.77
N ASP A 118 -2.87 17.90 -6.21
CA ASP A 118 -2.15 18.90 -7.00
C ASP A 118 -2.29 18.63 -8.49
N LEU A 119 -2.30 17.35 -8.86
CA LEU A 119 -2.44 16.95 -10.25
C LEU A 119 -3.73 17.49 -10.86
N ARG A 120 -4.68 17.85 -9.99
CA ARG A 120 -5.96 18.38 -10.45
C ARG A 120 -5.77 19.51 -11.46
N ASP A 121 -4.61 20.17 -11.39
CA ASP A 121 -4.30 21.27 -12.30
C ASP A 121 -4.69 20.94 -13.75
N ASP A 122 -4.67 19.65 -14.09
CA ASP A 122 -5.03 19.21 -15.43
C ASP A 122 -6.51 19.47 -15.71
N PRO A 123 -6.81 20.34 -16.69
CA PRO A 123 -8.20 20.67 -17.06
C PRO A 123 -9.01 19.41 -17.41
N SER A 124 -8.31 18.35 -17.80
CA SER A 124 -8.97 17.11 -18.17
C SER A 124 -9.86 16.60 -17.03
N THR A 125 -9.34 16.66 -15.81
CA THR A 125 -10.08 16.21 -14.64
C THR A 125 -11.48 16.84 -14.60
N ILE A 126 -11.58 18.07 -15.09
CA ILE A 126 -12.85 18.78 -15.12
C ILE A 126 -13.70 18.35 -16.30
N GLU A 127 -13.06 18.21 -17.46
CA GLU A 127 -13.76 17.81 -18.68
C GLU A 127 -14.62 16.57 -18.43
N LYS A 128 -14.04 15.56 -17.81
CA LYS A 128 -14.76 14.32 -17.52
C LYS A 128 -15.66 14.50 -16.29
N LEU A 129 -15.17 15.25 -15.31
CA LEU A 129 -15.94 15.48 -14.09
C LEU A 129 -17.35 15.95 -14.42
N ALA A 130 -17.50 16.56 -15.60
CA ALA A 130 -18.80 17.04 -16.05
C ALA A 130 -19.72 15.88 -16.41
N LYS A 131 -19.13 14.73 -16.70
CA LYS A 131 -19.90 13.54 -17.05
C LYS A 131 -20.17 12.67 -15.83
N ASN A 132 -19.18 12.58 -14.95
CA ASN A 132 -19.30 11.79 -13.73
C ASN A 132 -20.51 12.22 -12.91
N LYS A 133 -20.93 13.47 -13.10
CA LYS A 133 -22.07 14.01 -12.38
C LYS A 133 -21.73 14.25 -10.92
N GLN A 134 -20.65 15.00 -10.68
CA GLN A 134 -20.21 15.30 -9.33
C GLN A 134 -19.03 16.27 -9.34
N LYS A 135 -18.68 16.78 -8.17
CA LYS A 135 -17.57 17.71 -8.04
C LYS A 135 -16.23 16.97 -8.12
N PRO A 136 -15.16 17.68 -8.53
CA PRO A 136 -13.82 17.08 -8.64
C PRO A 136 -13.41 16.34 -7.38
N ILE A 137 -13.11 15.05 -7.54
CA ILE A 137 -12.70 14.22 -6.41
C ILE A 137 -11.58 14.88 -5.62
N THR A 138 -11.80 15.04 -4.31
CA THR A 138 -10.81 15.67 -3.44
C THR A 138 -10.58 14.81 -2.19
N PRO A 139 -9.70 15.26 -1.29
CA PRO A 139 -9.40 14.52 -0.05
C PRO A 139 -10.67 14.15 0.71
N GLU A 140 -11.74 14.88 0.47
CA GLU A 140 -13.01 14.62 1.13
C GLU A 140 -13.79 13.54 0.41
N THR A 141 -13.80 13.60 -0.92
CA THR A 141 -14.51 12.63 -1.74
C THR A 141 -14.15 11.20 -1.32
N ALA A 142 -12.85 10.88 -1.34
CA ALA A 142 -12.39 9.57 -0.96
C ALA A 142 -12.97 9.15 0.40
N GLU A 143 -13.07 10.11 1.30
CA GLU A 143 -13.62 9.85 2.64
C GLU A 143 -15.05 9.33 2.52
N LYS A 144 -15.87 10.02 1.73
CA LYS A 144 -17.26 9.63 1.54
C LYS A 144 -17.35 8.16 1.16
N LEU A 145 -16.51 7.75 0.21
CA LEU A 145 -16.49 6.37 -0.25
C LEU A 145 -16.23 5.44 0.93
N ALA A 146 -15.36 5.88 1.84
CA ALA A 146 -15.02 5.08 3.02
C ALA A 146 -16.27 4.75 3.83
N ARG A 147 -17.12 5.76 4.02
CA ARG A 147 -18.35 5.57 4.77
C ARG A 147 -19.22 4.49 4.12
N ASP A 148 -19.35 4.56 2.80
CA ASP A 148 -20.15 3.59 2.06
C ASP A 148 -19.55 2.19 2.20
N LEU A 149 -18.29 2.05 1.82
CA LEU A 149 -17.60 0.77 1.90
C LEU A 149 -17.51 0.30 3.34
N LYS A 150 -17.50 1.24 4.27
CA LYS A 150 -17.42 0.92 5.69
C LYS A 150 -16.17 0.11 6.00
N ALA A 151 -15.02 0.79 5.97
CA ALA A 151 -13.75 0.14 6.25
C ALA A 151 -13.19 0.60 7.60
N VAL A 152 -12.01 0.08 7.95
CA VAL A 152 -11.38 0.45 9.21
C VAL A 152 -11.38 1.96 9.40
N LYS A 153 -10.64 2.66 8.55
CA LYS A 153 -10.52 4.12 8.60
C LYS A 153 -9.25 4.56 7.88
N TYR A 154 -9.36 5.60 7.07
CA TYR A 154 -8.21 6.09 6.33
C TYR A 154 -8.34 7.59 6.02
N VAL A 155 -7.22 8.29 6.10
CA VAL A 155 -7.19 9.73 5.82
C VAL A 155 -5.78 10.18 5.45
N GLU A 156 -5.66 10.81 4.28
CA GLU A 156 -4.37 11.31 3.82
C GLU A 156 -4.54 12.19 2.58
N CYS A 157 -3.43 12.67 2.06
CA CYS A 157 -3.45 13.52 0.87
C CYS A 157 -2.36 13.10 -0.11
N SER A 158 -2.18 13.89 -1.17
CA SER A 158 -1.17 13.59 -2.18
C SER A 158 0.17 14.19 -1.78
N ALA A 159 1.25 13.61 -2.30
CA ALA A 159 2.59 14.07 -2.00
C ALA A 159 2.73 15.57 -2.23
N LEU A 160 3.94 16.09 -2.09
CA LEU A 160 4.20 17.50 -2.28
C LEU A 160 3.28 18.33 -1.38
N THR A 161 2.81 17.72 -0.30
CA THR A 161 1.92 18.38 0.66
C THR A 161 1.37 17.37 1.66
N GLN A 162 1.50 17.68 2.94
CA GLN A 162 1.00 16.78 3.99
C GLN A 162 0.07 17.52 4.94
N LYS A 163 -1.16 17.03 5.05
CA LYS A 163 -2.15 17.64 5.92
C LYS A 163 -2.28 16.85 7.23
N GLY A 164 -2.31 15.53 7.12
CA GLY A 164 -2.44 14.68 8.28
C GLY A 164 -2.17 13.22 7.97
N LEU A 165 -0.90 12.84 8.01
CA LEU A 165 -0.50 11.46 7.73
C LEU A 165 -0.61 10.60 8.98
N LYS A 166 -0.25 11.18 10.12
CA LYS A 166 -0.29 10.47 11.39
C LYS A 166 -1.66 9.84 11.62
N ASN A 167 -2.69 10.42 11.00
CA ASN A 167 -4.06 9.91 11.14
C ASN A 167 -4.18 8.49 10.58
N VAL A 168 -4.08 8.38 9.27
CA VAL A 168 -4.19 7.07 8.61
C VAL A 168 -3.33 6.02 9.30
N PHE A 169 -2.11 6.41 9.68
CA PHE A 169 -1.20 5.49 10.34
C PHE A 169 -1.72 5.13 11.73
N ASP A 170 -2.09 6.14 12.51
CA ASP A 170 -2.61 5.92 13.86
C ASP A 170 -3.66 4.81 13.87
N GLU A 171 -4.58 4.85 12.91
CA GLU A 171 -5.63 3.85 12.80
C GLU A 171 -5.14 2.63 12.04
N ALA A 172 -4.50 2.86 10.90
CA ALA A 172 -3.97 1.77 10.09
C ALA A 172 -3.07 0.85 10.91
N ILE A 173 -2.37 1.45 11.87
CA ILE A 173 -1.47 0.69 12.73
C ILE A 173 -2.21 0.14 13.95
N LEU A 174 -3.20 0.90 14.42
CA LEU A 174 -3.99 0.49 15.58
C LEU A 174 -4.56 -0.90 15.37
N ALA A 175 -5.33 -1.07 14.29
CA ALA A 175 -5.94 -2.35 13.98
C ALA A 175 -4.91 -3.48 14.03
N ALA A 176 -3.67 -3.16 13.67
CA ALA A 176 -2.60 -4.14 13.68
C ALA A 176 -2.10 -4.40 15.09
N LEU A 177 -2.23 -3.40 15.96
CA LEU A 177 -1.79 -3.53 17.34
C LEU A 177 -2.43 -4.74 18.01
N GLU A 178 -3.58 -5.16 17.50
CA GLU A 178 -4.29 -6.31 18.04
C GLU A 178 -4.82 -6.01 19.44
N PRO A 179 -6.11 -5.61 19.53
CA PRO A 179 -6.74 -5.30 20.82
C PRO A 179 -6.52 -6.39 21.87
N PRO A 180 -6.87 -6.10 23.13
CA PRO A 180 -6.71 -7.06 24.22
C PRO A 180 -7.67 -8.24 24.12
N GLU A 181 -7.21 -9.41 24.55
CA GLU A 181 -8.03 -10.61 24.51
C GLU A 181 -9.38 -10.39 25.21
N PRO A 182 -9.34 -9.91 26.46
CA PRO A 182 -10.55 -9.65 27.24
C PRO A 182 -11.61 -8.89 26.45
N LYS A 183 -12.80 -9.46 26.37
CA LYS A 183 -13.90 -8.83 25.63
C LYS A 183 -14.10 -7.39 26.09
N LYS A 184 -14.74 -6.58 25.24
CA LYS A 184 -15.00 -5.19 25.55
C LYS A 184 -16.06 -4.61 24.62
N GLY B 1 1.85 12.03 20.39
CA GLY B 1 2.63 11.09 21.24
C GLY B 1 2.21 9.64 21.03
N SER B 2 0.92 9.44 20.78
CA SER B 2 0.39 8.09 20.55
C SER B 2 1.21 7.34 19.51
N ILE B 3 1.00 7.70 18.25
CA ILE B 3 1.72 7.06 17.14
C ILE B 3 2.61 8.06 16.42
N SER B 4 3.70 7.56 15.83
CA SER B 4 4.63 8.42 15.11
C SER B 4 5.05 7.80 13.78
N LEU B 5 5.06 8.61 12.73
CA LEU B 5 5.44 8.13 11.40
C LEU B 5 6.83 7.51 11.44
N PRO B 6 7.02 6.35 10.78
CA PRO B 6 8.32 5.67 10.75
C PRO B 6 9.47 6.59 10.36
N SER B 7 10.62 6.38 10.96
CA SER B 7 11.79 7.20 10.69
C SER B 7 12.83 6.41 9.90
N ASP B 8 13.47 5.44 10.55
CA ASP B 8 14.48 4.61 9.91
C ASP B 8 13.90 3.89 8.69
N PHE B 9 13.96 4.55 7.53
CA PHE B 9 13.45 3.97 6.30
C PHE B 9 14.58 3.68 5.32
N GLU B 10 14.53 2.51 4.68
CA GLU B 10 15.55 2.12 3.73
C GLU B 10 15.01 1.14 2.69
N HIS B 11 15.25 1.43 1.42
CA HIS B 11 14.79 0.57 0.33
C HIS B 11 15.62 -0.72 0.30
N THR B 12 15.07 -1.76 0.91
CA THR B 12 15.75 -3.06 0.97
C THR B 12 15.75 -3.77 -0.39
N ILE B 13 14.74 -4.60 -0.64
CA ILE B 13 14.66 -5.33 -1.90
C ILE B 13 13.68 -4.69 -2.87
N HIS B 14 14.05 -4.67 -4.15
CA HIS B 14 13.21 -4.11 -5.20
C HIS B 14 12.91 -5.19 -6.23
N VAL B 15 11.76 -5.85 -6.08
CA VAL B 15 11.37 -6.92 -6.99
C VAL B 15 10.72 -6.38 -8.26
N GLY B 16 10.84 -7.14 -9.34
CA GLY B 16 10.27 -6.74 -10.62
C GLY B 16 9.77 -7.91 -11.43
N PHE B 17 9.20 -7.63 -12.59
CA PHE B 17 8.69 -8.68 -13.47
C PHE B 17 9.51 -8.76 -14.76
N ASP B 18 10.12 -9.91 -15.00
CA ASP B 18 10.93 -10.11 -16.19
C ASP B 18 10.58 -11.43 -16.87
N ALA B 19 10.42 -11.39 -18.18
CA ALA B 19 10.09 -12.58 -18.95
C ALA B 19 11.30 -13.49 -19.16
N VAL B 20 12.45 -13.09 -18.61
CA VAL B 20 13.68 -13.87 -18.75
C VAL B 20 13.43 -15.35 -18.48
N THR B 21 12.42 -15.62 -17.65
CA THR B 21 12.07 -17.00 -17.29
C THR B 21 10.58 -17.14 -17.03
N GLY B 22 10.02 -16.15 -16.33
CA GLY B 22 8.60 -16.17 -16.02
C GLY B 22 8.33 -15.98 -14.54
N GLU B 23 9.22 -15.25 -13.87
CA GLU B 23 9.08 -14.98 -12.44
C GLU B 23 9.41 -13.53 -12.13
N PHE B 24 9.74 -13.25 -10.87
CA PHE B 24 10.09 -11.89 -10.46
C PHE B 24 11.61 -11.73 -10.38
N THR B 25 12.06 -10.48 -10.34
CA THR B 25 13.49 -10.19 -10.28
C THR B 25 13.87 -9.64 -8.91
N GLY B 26 15.18 -9.50 -8.68
CA GLY B 26 15.66 -8.98 -7.42
C GLY B 26 14.95 -9.60 -6.22
N MET B 27 14.48 -10.83 -6.39
CA MET B 27 13.77 -11.53 -5.32
C MET B 27 14.57 -11.47 -4.02
N PRO B 28 13.93 -11.07 -2.91
CA PRO B 28 14.60 -10.98 -1.60
C PRO B 28 15.26 -12.30 -1.22
N GLU B 29 16.45 -12.21 -0.63
CA GLU B 29 17.20 -13.40 -0.21
C GLU B 29 16.27 -14.43 0.44
N GLN B 30 15.41 -13.96 1.34
CA GLN B 30 14.48 -14.83 2.03
C GLN B 30 13.39 -15.31 1.08
N TRP B 31 12.68 -14.36 0.48
CA TRP B 31 11.61 -14.69 -0.45
C TRP B 31 12.11 -15.66 -1.52
N ALA B 32 13.13 -15.22 -2.26
CA ALA B 32 13.72 -16.04 -3.31
C ALA B 32 13.95 -17.47 -2.85
N ARG B 33 14.91 -17.63 -1.95
CA ARG B 33 15.24 -18.95 -1.41
C ARG B 33 13.98 -19.70 -0.98
N LEU B 34 13.03 -18.97 -0.40
CA LEU B 34 11.77 -19.57 0.04
C LEU B 34 11.24 -20.53 -1.02
N LEU B 35 10.89 -19.98 -2.19
CA LEU B 35 10.42 -20.80 -3.29
C LEU B 35 11.58 -21.11 -4.21
N GLN B 36 12.06 -20.07 -4.91
CA GLN B 36 13.20 -20.19 -5.81
C GLN B 36 14.51 -20.14 -5.01
N THR B 37 15.63 -19.84 -5.67
CA THR B 37 16.90 -19.75 -4.98
C THR B 37 17.86 -18.82 -5.72
N SER B 38 17.44 -17.57 -5.92
CA SER B 38 18.27 -16.58 -6.62
C SER B 38 17.47 -15.34 -6.97
N ASN B 39 17.93 -14.17 -6.53
CA ASN B 39 17.24 -12.92 -6.83
C ASN B 39 16.91 -12.85 -8.31
N ILE B 40 17.92 -12.57 -9.12
CA ILE B 40 17.73 -12.51 -10.56
C ILE B 40 18.75 -13.40 -11.25
N THR B 41 18.41 -14.68 -11.36
CA THR B 41 19.30 -15.65 -11.99
C THR B 41 20.69 -15.59 -11.36
N LYS B 42 20.87 -16.36 -10.29
CA LYS B 42 22.16 -16.39 -9.59
C LYS B 42 22.54 -14.99 -9.10
N SER B 43 21.55 -14.23 -8.65
CA SER B 43 21.80 -12.87 -8.15
C SER B 43 22.31 -11.97 -9.28
N GLU B 44 23.55 -12.19 -9.71
CA GLU B 44 24.15 -11.40 -10.77
C GLU B 44 24.39 -9.97 -10.31
N GLN B 45 23.34 -9.15 -10.34
CA GLN B 45 23.44 -7.76 -9.93
C GLN B 45 23.49 -7.65 -8.40
N LYS B 46 24.58 -7.09 -7.89
CA LYS B 46 24.75 -6.93 -6.45
C LYS B 46 24.73 -8.28 -5.75
PG GNP C . 5.48 2.92 -9.21
O1G GNP C . 6.90 2.83 -8.81
O2G GNP C . 4.60 1.76 -8.93
O3G GNP C . 5.48 3.12 -10.81
N3B GNP C . 4.83 4.23 -8.41
PB GNP C . 3.36 4.17 -7.61
O1B GNP C . 2.36 3.69 -8.58
O2B GNP C . 3.58 3.37 -6.38
O3A GNP C . 2.87 5.63 -7.13
PA GNP C . 1.65 6.53 -7.67
O1A GNP C . 0.48 5.66 -7.88
O2A GNP C . 2.17 7.36 -8.79
O5' GNP C . 1.35 7.50 -6.43
C5' GNP C . 0.72 8.78 -6.63
C4' GNP C . 1.59 9.92 -6.12
O4' GNP C . 1.05 10.47 -4.91
C3' GNP C . 3.01 9.45 -5.84
O3' GNP C . 3.95 10.11 -6.69
C2' GNP C . 3.29 9.75 -4.39
O2' GNP C . 4.40 10.65 -4.27
C1' GNP C . 2.02 10.40 -3.84
N9 GNP C . 1.50 9.61 -2.70
C8 GNP C . 1.19 8.30 -2.63
N7 GNP C . 0.72 7.86 -1.51
C5 GNP C . 0.72 9.01 -0.72
C6 GNP C . 0.32 9.21 0.65
O6 GNP C . -0.12 8.36 1.43
N1 GNP C . 0.49 10.53 1.06
C2 GNP C . 0.97 11.57 0.26
N2 GNP C . 1.05 12.77 0.83
N3 GNP C . 1.34 11.39 -1.02
C4 GNP C . 1.20 10.10 -1.45
HNB3 GNP C . 5.32 5.08 -8.41
H5'2 GNP C . 0.54 8.91 -7.69
H5'1 GNP C . -0.23 8.78 -6.10
H4' GNP C . 1.62 10.71 -6.88
H3' GNP C . 3.07 8.37 -5.99
HO3' GNP C . 3.93 11.05 -6.47
H2' GNP C . 3.49 8.83 -3.86
HO2' GNP C . 5.19 10.11 -4.16
H1' GNP C . 2.26 11.40 -3.50
H8 GNP C . 1.31 7.65 -3.49
HN1 GNP C . 0.23 10.73 1.99
HN21 GNP C . 0.77 12.90 1.79
HN22 GNP C . 1.40 13.55 0.30
MG MG D . 4.29 1.15 -6.65
N MET A 1 7.23 -6.31 21.35
CA MET A 1 7.59 -5.82 20.00
C MET A 1 6.57 -6.26 18.95
N GLN A 2 6.64 -7.53 18.56
CA GLN A 2 5.72 -8.08 17.57
C GLN A 2 5.95 -7.43 16.20
N THR A 3 5.95 -8.27 15.16
CA THR A 3 6.16 -7.78 13.80
C THR A 3 4.84 -7.70 13.04
N ILE A 4 4.70 -6.66 12.22
CA ILE A 4 3.49 -6.46 11.43
C ILE A 4 3.80 -6.38 9.95
N LYS A 5 2.97 -7.01 9.14
CA LYS A 5 3.15 -7.00 7.69
C LYS A 5 1.88 -6.54 6.99
N CYS A 6 1.81 -5.26 6.66
CA CYS A 6 0.64 -4.70 5.99
C CYS A 6 0.66 -5.07 4.51
N VAL A 7 -0.24 -5.97 4.12
CA VAL A 7 -0.33 -6.41 2.73
C VAL A 7 -1.20 -5.45 1.91
N VAL A 8 -0.90 -5.35 0.62
CA VAL A 8 -1.64 -4.46 -0.26
C VAL A 8 -1.97 -5.15 -1.58
N VAL A 9 -3.12 -4.82 -2.14
CA VAL A 9 -3.55 -5.40 -3.40
C VAL A 9 -4.06 -4.33 -4.36
N GLY A 10 -3.44 -4.23 -5.52
CA GLY A 10 -3.85 -3.25 -6.51
C GLY A 10 -2.69 -2.73 -7.34
N ASP A 11 -2.97 -1.74 -8.18
CA ASP A 11 -1.95 -1.16 -9.04
C ASP A 11 -2.06 0.35 -9.08
N GLY A 12 -0.94 1.02 -9.38
CA GLY A 12 -0.93 2.46 -9.45
C GLY A 12 -1.15 3.11 -8.10
N ALA A 13 -0.05 3.35 -7.38
CA ALA A 13 -0.11 3.96 -6.06
C ALA A 13 -1.14 3.27 -5.18
N VAL A 14 -1.01 1.95 -5.05
CA VAL A 14 -1.94 1.17 -4.24
C VAL A 14 -1.57 1.26 -2.75
N GLY A 15 -0.54 2.05 -2.42
CA GLY A 15 -0.14 2.20 -1.05
C GLY A 15 1.20 1.55 -0.76
N LYS A 16 1.51 0.49 -1.49
CA LYS A 16 2.76 -0.23 -1.29
C LYS A 16 3.97 0.72 -1.30
N THR A 17 4.25 1.31 -2.46
CA THR A 17 5.37 2.24 -2.60
C THR A 17 4.91 3.69 -2.48
N CYS A 18 3.65 3.94 -2.80
CA CYS A 18 3.10 5.29 -2.73
C CYS A 18 3.15 5.84 -1.32
N LEU A 19 2.51 5.13 -0.39
CA LEU A 19 2.47 5.58 1.00
C LEU A 19 3.87 5.89 1.52
N LEU A 20 4.67 4.86 1.77
CA LEU A 20 6.03 5.03 2.29
C LEU A 20 6.74 6.22 1.65
N ILE A 21 6.55 6.38 0.34
CA ILE A 21 7.17 7.48 -0.39
C ILE A 21 6.90 8.81 0.30
N SER A 22 5.63 9.24 0.29
CA SER A 22 5.26 10.50 0.94
C SER A 22 4.81 10.24 2.38
N TYR A 23 3.85 9.33 2.50
CA TYR A 23 3.29 8.94 3.78
C TYR A 23 4.37 8.73 4.84
N THR A 24 5.57 8.30 4.42
CA THR A 24 6.64 8.03 5.36
C THR A 24 7.93 8.81 5.04
N THR A 25 8.91 8.14 4.43
CA THR A 25 10.19 8.76 4.09
C THR A 25 10.04 10.17 3.56
N ASN A 26 8.95 10.41 2.81
CA ASN A 26 8.70 11.73 2.23
C ASN A 26 9.60 11.97 1.03
N LYS A 27 9.67 10.98 0.14
CA LYS A 27 10.50 11.08 -1.07
C LYS A 27 9.91 10.23 -2.19
N PHE A 28 9.90 10.79 -3.40
CA PHE A 28 9.36 10.08 -4.56
C PHE A 28 10.11 8.77 -4.79
N PRO A 29 9.57 7.88 -5.65
CA PRO A 29 10.18 6.59 -5.96
C PRO A 29 11.61 6.71 -6.46
N SER A 30 12.28 5.57 -6.60
CA SER A 30 13.66 5.53 -7.07
C SER A 30 13.77 4.79 -8.39
N GLU A 31 13.69 3.47 -8.35
CA GLU A 31 13.78 2.65 -9.55
C GLU A 31 12.40 2.36 -10.12
N TYR A 32 12.23 2.62 -11.42
CA TYR A 32 10.94 2.39 -12.06
C TYR A 32 10.87 0.98 -12.65
N VAL A 33 10.14 0.11 -11.96
CA VAL A 33 9.96 -1.27 -12.39
C VAL A 33 8.73 -1.87 -11.73
N PRO A 34 7.95 -2.68 -12.46
CA PRO A 34 6.74 -3.31 -11.93
C PRO A 34 6.89 -3.71 -10.46
N THR A 35 6.51 -2.81 -9.58
CA THR A 35 6.63 -3.03 -8.14
C THR A 35 6.02 -4.36 -7.72
N VAL A 36 6.81 -5.42 -7.78
CA VAL A 36 6.35 -6.74 -7.36
C VAL A 36 6.56 -6.85 -5.86
N PHE A 37 7.62 -6.21 -5.39
CA PHE A 37 7.95 -6.18 -3.97
C PHE A 37 9.12 -5.26 -3.71
N ASP A 38 8.93 -4.36 -2.76
CA ASP A 38 9.98 -3.43 -2.36
C ASP A 38 10.14 -3.51 -0.85
N ASN A 39 11.35 -3.27 -0.36
CA ASN A 39 11.61 -3.34 1.07
C ASN A 39 11.80 -1.96 1.64
N TYR A 40 11.58 -1.83 2.94
CA TYR A 40 11.71 -0.54 3.60
C TYR A 40 12.07 -0.68 5.08
N ALA A 41 12.43 0.44 5.68
CA ALA A 41 12.79 0.46 7.09
C ALA A 41 11.99 1.53 7.84
N VAL A 42 11.15 1.08 8.77
CA VAL A 42 10.33 2.01 9.55
C VAL A 42 10.23 1.58 11.01
N THR A 43 9.96 2.56 11.87
CA THR A 43 9.83 2.31 13.30
C THR A 43 8.99 3.40 13.96
N VAL A 44 7.70 3.11 14.11
CA VAL A 44 6.78 4.07 14.71
C VAL A 44 6.55 3.77 16.18
N MET A 45 5.74 4.61 16.83
CA MET A 45 5.45 4.43 18.25
C MET A 45 3.97 4.11 18.46
N ILE A 46 3.66 3.49 19.59
CA ILE A 46 2.29 3.13 19.93
C ILE A 46 2.14 2.93 21.42
N GLY A 47 1.83 4.01 22.13
CA GLY A 47 1.67 3.93 23.57
C GLY A 47 2.97 4.15 24.32
N GLY A 48 4.05 4.44 23.57
CA GLY A 48 5.34 4.67 24.20
C GLY A 48 6.32 3.53 23.94
N GLU A 49 6.13 2.83 22.83
CA GLU A 49 7.01 1.72 22.46
C GLU A 49 7.27 1.68 20.96
N PRO A 50 8.52 1.41 20.55
CA PRO A 50 8.89 1.35 19.14
C PRO A 50 8.05 0.34 18.36
N TYR A 51 8.24 0.31 17.04
CA TYR A 51 7.49 -0.61 16.18
C TYR A 51 8.31 -1.00 14.96
N THR A 52 7.79 -1.97 14.20
CA THR A 52 8.46 -2.44 13.00
C THR A 52 7.44 -2.61 11.87
N LEU A 53 7.33 -1.60 11.02
CA LEU A 53 6.39 -1.64 9.90
C LEU A 53 7.10 -2.07 8.61
N GLY A 54 6.32 -2.57 7.66
CA GLY A 54 6.87 -3.00 6.39
C GLY A 54 5.81 -3.17 5.32
N LEU A 55 5.72 -2.19 4.41
CA LEU A 55 4.74 -2.24 3.33
C LEU A 55 5.16 -3.23 2.26
N PHE A 56 4.51 -4.38 2.24
CA PHE A 56 4.81 -5.42 1.25
C PHE A 56 4.09 -5.12 -0.06
N ASP A 57 4.84 -4.69 -1.06
CA ASP A 57 4.25 -4.36 -2.35
C ASP A 57 3.73 -5.60 -3.06
N THR A 58 2.49 -5.51 -3.53
CA THR A 58 1.85 -6.63 -4.23
C THR A 58 0.68 -6.15 -5.07
N ALA A 59 0.23 -6.98 -6.00
CA ALA A 59 -0.90 -6.64 -6.86
C ALA A 59 -2.17 -7.35 -6.41
N GLY A 60 -2.08 -8.68 -6.28
CA GLY A 60 -3.23 -9.46 -5.86
C GLY A 60 -3.43 -10.69 -6.72
N LEU A 61 -3.33 -10.52 -8.03
CA LEU A 61 -3.50 -11.64 -8.96
C LEU A 61 -2.70 -11.44 -10.25
N GLU A 62 -1.74 -10.54 -10.22
CA GLU A 62 -0.93 -10.26 -11.40
C GLU A 62 0.45 -10.92 -11.28
N ASP A 63 0.51 -12.20 -11.62
CA ASP A 63 1.75 -12.97 -11.56
C ASP A 63 2.07 -13.39 -10.13
N TYR A 64 1.26 -12.97 -9.16
CA TYR A 64 1.48 -13.33 -7.77
C TYR A 64 0.85 -14.69 -7.46
N ASP A 65 -0.02 -15.17 -8.37
CA ASP A 65 -0.69 -16.47 -8.19
C ASP A 65 0.27 -17.50 -7.60
N ARG A 66 1.47 -17.58 -8.16
CA ARG A 66 2.48 -18.50 -7.66
C ARG A 66 2.87 -18.10 -6.25
N LEU A 67 3.26 -16.84 -6.11
CA LEU A 67 3.64 -16.30 -4.81
C LEU A 67 2.38 -15.97 -4.01
N ARG A 68 1.80 -16.98 -3.37
CA ARG A 68 0.54 -16.81 -2.62
C ARG A 68 0.70 -16.37 -1.15
N PRO A 69 1.74 -16.81 -0.42
CA PRO A 69 1.94 -16.45 0.97
C PRO A 69 2.61 -15.09 1.14
N LEU A 70 2.77 -14.37 0.04
CA LEU A 70 3.41 -13.07 0.07
C LEU A 70 2.78 -12.17 1.11
N SER A 71 3.55 -11.89 2.14
CA SER A 71 3.10 -11.05 3.24
C SER A 71 2.03 -11.74 4.08
N TYR A 72 1.73 -13.01 3.78
CA TYR A 72 0.73 -13.76 4.53
C TYR A 72 -0.63 -13.06 4.42
N PRO A 73 -1.74 -13.81 4.58
CA PRO A 73 -3.08 -13.28 4.50
C PRO A 73 -3.62 -12.79 5.85
N GLN A 74 -3.56 -13.65 6.85
CA GLN A 74 -4.03 -13.34 8.19
C GLN A 74 -3.14 -12.31 8.89
N THR A 75 -1.98 -12.00 8.27
CA THR A 75 -1.02 -11.05 8.83
C THR A 75 -1.69 -9.92 9.66
N ASP A 76 -2.32 -8.98 8.98
CA ASP A 76 -3.00 -7.86 9.64
C ASP A 76 -4.00 -7.22 8.68
N VAL A 77 -4.32 -5.94 8.90
CA VAL A 77 -5.25 -5.24 8.04
C VAL A 77 -4.66 -5.05 6.65
N PHE A 78 -5.50 -4.77 5.68
CA PHE A 78 -5.04 -4.56 4.31
C PHE A 78 -4.89 -3.08 4.00
N LEU A 79 -3.72 -2.70 3.51
CA LEU A 79 -3.44 -1.31 3.17
C LEU A 79 -3.50 -1.12 1.66
N VAL A 80 -4.46 -0.33 1.21
CA VAL A 80 -4.63 -0.08 -0.22
C VAL A 80 -4.79 1.42 -0.51
N CYS A 81 -4.42 1.82 -1.71
CA CYS A 81 -4.52 3.23 -2.12
C CYS A 81 -4.93 3.33 -3.58
N PHE A 82 -5.22 4.54 -4.04
CA PHE A 82 -5.62 4.76 -5.43
C PHE A 82 -5.53 6.24 -5.80
N SER A 83 -5.29 6.50 -7.07
CA SER A 83 -5.18 7.87 -7.56
C SER A 83 -6.55 8.54 -7.63
N VAL A 84 -6.62 9.79 -7.19
CA VAL A 84 -7.87 10.53 -7.20
C VAL A 84 -7.86 11.61 -8.28
N VAL A 85 -7.87 11.18 -9.54
CA VAL A 85 -7.85 12.10 -10.67
C VAL A 85 -9.21 12.12 -11.37
N SER A 86 -9.41 11.20 -12.31
CA SER A 86 -10.66 11.12 -13.04
C SER A 86 -11.74 10.42 -12.22
N PRO A 87 -13.02 10.56 -12.62
CA PRO A 87 -14.13 9.93 -11.91
C PRO A 87 -14.14 8.41 -12.07
N SER A 88 -13.49 7.93 -13.13
CA SER A 88 -13.42 6.50 -13.39
C SER A 88 -12.54 5.80 -12.36
N SER A 89 -11.49 6.50 -11.91
CA SER A 89 -10.57 5.95 -10.92
C SER A 89 -11.33 5.41 -9.71
N PHE A 90 -12.28 6.20 -9.22
CA PHE A 90 -13.07 5.80 -8.06
C PHE A 90 -13.68 4.41 -8.26
N GLU A 91 -14.65 4.33 -9.17
CA GLU A 91 -15.31 3.06 -9.47
C GLU A 91 -14.30 1.98 -9.83
N ASN A 92 -13.17 2.40 -10.40
CA ASN A 92 -12.12 1.45 -10.79
C ASN A 92 -11.56 0.73 -9.59
N VAL A 93 -10.63 1.38 -8.88
CA VAL A 93 -10.00 0.80 -7.70
C VAL A 93 -11.01 0.06 -6.82
N LYS A 94 -12.25 0.54 -6.83
CA LYS A 94 -13.30 -0.08 -6.02
C LYS A 94 -13.80 -1.38 -6.63
N GLU A 95 -14.51 -1.27 -7.76
CA GLU A 95 -15.06 -2.45 -8.43
C GLU A 95 -14.01 -3.19 -9.26
N LYS A 96 -12.74 -2.79 -9.14
CA LYS A 96 -11.69 -3.44 -9.91
C LYS A 96 -10.71 -4.19 -9.01
N TRP A 97 -10.36 -3.61 -7.87
CA TRP A 97 -9.43 -4.24 -6.95
C TRP A 97 -10.12 -5.04 -5.84
N VAL A 98 -11.43 -4.83 -5.66
CA VAL A 98 -12.16 -5.55 -4.62
C VAL A 98 -11.97 -7.06 -4.70
N PRO A 99 -11.79 -7.66 -5.91
CA PRO A 99 -11.61 -9.11 -6.04
C PRO A 99 -10.27 -9.58 -5.48
N GLU A 100 -9.22 -8.81 -5.75
CA GLU A 100 -7.88 -9.15 -5.27
C GLU A 100 -7.87 -9.24 -3.74
N ILE A 101 -8.52 -8.28 -3.09
CA ILE A 101 -8.58 -8.25 -1.64
C ILE A 101 -8.98 -9.61 -1.08
N THR A 102 -9.70 -10.38 -1.88
CA THR A 102 -10.15 -11.71 -1.48
C THR A 102 -9.06 -12.74 -1.74
N HIS A 103 -8.34 -12.57 -2.86
CA HIS A 103 -7.27 -13.49 -3.22
C HIS A 103 -6.30 -13.65 -2.05
N HIS A 104 -6.10 -12.56 -1.31
CA HIS A 104 -5.20 -12.58 -0.17
C HIS A 104 -5.98 -12.65 1.14
N CYS A 105 -6.80 -11.64 1.39
CA CYS A 105 -7.61 -11.59 2.61
C CYS A 105 -9.08 -11.81 2.29
N PRO A 106 -9.52 -13.07 2.21
CA PRO A 106 -10.92 -13.41 1.90
C PRO A 106 -11.87 -13.08 3.04
N LYS A 107 -11.32 -12.79 4.22
CA LYS A 107 -12.14 -12.47 5.38
C LYS A 107 -11.39 -11.56 6.36
N THR A 108 -10.66 -10.59 5.81
CA THR A 108 -9.91 -9.65 6.64
C THR A 108 -10.17 -8.21 6.20
N PRO A 109 -10.30 -7.28 7.17
CA PRO A 109 -10.55 -5.86 6.88
C PRO A 109 -9.57 -5.33 5.84
N PHE A 110 -10.07 -4.43 4.97
CA PHE A 110 -9.24 -3.84 3.93
C PHE A 110 -9.38 -2.32 3.90
N LEU A 111 -8.26 -1.63 3.89
CA LEU A 111 -8.24 -0.17 3.86
C LEU A 111 -7.96 0.33 2.45
N LEU A 112 -8.71 1.33 2.00
CA LEU A 112 -8.51 1.87 0.65
C LEU A 112 -8.80 3.36 0.61
N VAL A 113 -7.76 4.15 0.35
CA VAL A 113 -7.90 5.60 0.28
C VAL A 113 -7.29 6.15 -1.01
N GLY A 114 -7.82 7.29 -1.46
CA GLY A 114 -7.31 7.91 -2.67
C GLY A 114 -5.96 8.56 -2.47
N THR A 115 -5.45 9.20 -3.51
CA THR A 115 -4.15 9.87 -3.42
C THR A 115 -3.84 10.66 -4.68
N GLN A 116 -2.75 11.43 -4.64
CA GLN A 116 -2.33 12.24 -5.78
C GLN A 116 -3.27 13.45 -5.96
N ILE A 117 -2.78 14.64 -5.65
CA ILE A 117 -3.57 15.85 -5.79
C ILE A 117 -3.23 16.56 -7.10
N ASP A 118 -1.96 16.94 -7.26
CA ASP A 118 -1.50 17.64 -8.46
C ASP A 118 -1.83 16.83 -9.71
N LEU A 119 -2.02 15.53 -9.55
CA LEU A 119 -2.34 14.66 -10.67
C LEU A 119 -3.68 15.06 -11.31
N ARG A 120 -4.69 15.26 -10.48
CA ARG A 120 -6.01 15.65 -10.96
C ARG A 120 -5.94 16.97 -11.73
N ASP A 121 -4.91 17.76 -11.46
CA ASP A 121 -4.73 19.04 -12.13
C ASP A 121 -4.79 18.89 -13.64
N ASP A 122 -4.49 17.68 -14.13
CA ASP A 122 -4.51 17.40 -15.56
C ASP A 122 -5.85 17.79 -16.17
N PRO A 123 -5.85 18.46 -17.34
CA PRO A 123 -7.07 18.87 -18.02
C PRO A 123 -8.00 17.70 -18.31
N SER A 124 -7.43 16.59 -18.76
CA SER A 124 -8.20 15.39 -19.07
C SER A 124 -9.17 15.05 -17.94
N THR A 125 -8.71 15.23 -16.71
CA THR A 125 -9.53 14.95 -15.55
C THR A 125 -10.81 15.78 -15.56
N ILE A 126 -10.64 17.10 -15.46
CA ILE A 126 -11.79 18.01 -15.46
C ILE A 126 -12.75 17.69 -16.60
N GLU A 127 -12.20 17.44 -17.79
CA GLU A 127 -13.01 17.13 -18.96
C GLU A 127 -14.05 16.05 -18.64
N LYS A 128 -13.57 14.85 -18.32
CA LYS A 128 -14.46 13.75 -17.99
C LYS A 128 -15.12 13.96 -16.64
N LEU A 129 -14.40 14.60 -15.73
CA LEU A 129 -14.93 14.86 -14.39
C LEU A 129 -16.30 15.53 -14.49
N ALA A 130 -16.53 16.22 -15.60
CA ALA A 130 -17.80 16.90 -15.83
C ALA A 130 -18.90 15.90 -16.15
N LYS A 131 -18.51 14.71 -16.62
CA LYS A 131 -19.46 13.66 -16.96
C LYS A 131 -19.90 12.90 -15.71
N ASN A 132 -19.08 12.96 -14.67
CA ASN A 132 -19.38 12.28 -13.41
C ASN A 132 -20.07 13.21 -12.43
N LYS A 133 -20.83 14.17 -12.97
CA LYS A 133 -21.55 15.15 -12.14
C LYS A 133 -20.60 16.22 -11.62
N GLN A 134 -19.61 16.57 -12.44
CA GLN A 134 -18.63 17.58 -12.06
C GLN A 134 -18.06 17.29 -10.68
N LYS A 135 -17.47 18.32 -10.06
CA LYS A 135 -16.88 18.17 -8.74
C LYS A 135 -15.64 17.27 -8.78
N PRO A 136 -14.44 17.89 -8.89
CA PRO A 136 -13.19 17.14 -8.95
C PRO A 136 -12.87 16.43 -7.64
N ILE A 137 -12.31 15.22 -7.75
CA ILE A 137 -11.96 14.43 -6.58
C ILE A 137 -10.81 15.08 -5.80
N THR A 138 -11.03 15.31 -4.51
CA THR A 138 -10.03 15.93 -3.66
C THR A 138 -9.72 15.05 -2.46
N PRO A 139 -8.76 15.48 -1.60
CA PRO A 139 -8.37 14.72 -0.40
C PRO A 139 -9.57 14.40 0.50
N GLU A 140 -10.61 15.21 0.39
CA GLU A 140 -11.81 15.02 1.19
C GLU A 140 -12.77 14.05 0.51
N THR A 141 -12.88 14.14 -0.81
CA THR A 141 -13.76 13.27 -1.57
C THR A 141 -13.52 11.80 -1.20
N ALA A 142 -12.26 11.39 -1.18
CA ALA A 142 -11.91 10.02 -0.84
C ALA A 142 -12.56 9.60 0.47
N GLU A 143 -12.40 10.42 1.50
CA GLU A 143 -12.98 10.13 2.80
C GLU A 143 -14.47 9.83 2.69
N LYS A 144 -15.18 10.70 1.97
CA LYS A 144 -16.62 10.53 1.78
C LYS A 144 -16.92 9.12 1.28
N LEU A 145 -16.09 8.62 0.37
CA LEU A 145 -16.27 7.29 -0.17
C LEU A 145 -16.18 6.23 0.92
N ALA A 146 -15.23 6.42 1.83
CA ALA A 146 -15.03 5.49 2.94
C ALA A 146 -16.32 5.28 3.70
N ARG A 147 -16.92 6.38 4.16
CA ARG A 147 -18.17 6.32 4.91
C ARG A 147 -19.24 5.58 4.12
N ASP A 148 -19.27 5.79 2.81
CA ASP A 148 -20.24 5.14 1.94
C ASP A 148 -20.24 3.63 2.16
N LEU A 149 -19.08 3.08 2.49
CA LEU A 149 -18.95 1.65 2.72
C LEU A 149 -18.33 1.36 4.09
N LYS A 150 -18.43 2.34 5.00
CA LYS A 150 -17.88 2.20 6.33
C LYS A 150 -16.39 1.90 6.29
N ALA A 151 -16.03 0.63 6.11
CA ALA A 151 -14.63 0.23 6.05
C ALA A 151 -13.88 0.63 7.31
N VAL A 152 -12.62 0.23 7.40
CA VAL A 152 -11.80 0.56 8.56
C VAL A 152 -11.63 2.07 8.74
N LYS A 153 -11.95 2.83 7.68
CA LYS A 153 -11.84 4.29 7.70
C LYS A 153 -10.44 4.73 7.33
N TYR A 154 -10.34 5.81 6.55
CA TYR A 154 -9.05 6.32 6.11
C TYR A 154 -9.11 7.82 5.84
N VAL A 155 -7.96 8.48 6.00
CA VAL A 155 -7.87 9.91 5.76
C VAL A 155 -6.42 10.32 5.49
N GLU A 156 -6.19 10.94 4.34
CA GLU A 156 -4.85 11.38 3.97
C GLU A 156 -4.88 12.23 2.70
N CYS A 157 -3.91 13.12 2.57
CA CYS A 157 -3.80 13.97 1.40
C CYS A 157 -2.72 13.42 0.48
N SER A 158 -2.47 14.11 -0.62
CA SER A 158 -1.47 13.67 -1.59
C SER A 158 -0.09 14.17 -1.22
N ALA A 159 0.93 13.46 -1.71
CA ALA A 159 2.30 13.84 -1.44
C ALA A 159 2.54 15.27 -1.87
N LEU A 160 3.81 15.69 -1.88
CA LEU A 160 4.13 17.04 -2.30
C LEU A 160 3.28 18.06 -1.54
N THR A 161 2.81 17.66 -0.35
CA THR A 161 1.99 18.52 0.48
C THR A 161 1.72 17.86 1.83
N GLN A 162 0.82 16.88 1.83
CA GLN A 162 0.47 16.16 3.06
C GLN A 162 -0.03 17.11 4.14
N LYS A 163 -1.30 16.96 4.51
CA LYS A 163 -1.90 17.79 5.54
C LYS A 163 -1.73 17.17 6.91
N GLY A 164 -2.34 16.01 7.11
CA GLY A 164 -2.23 15.32 8.39
C GLY A 164 -2.64 13.86 8.29
N LEU A 165 -1.65 12.99 8.06
CA LEU A 165 -1.91 11.56 7.94
C LEU A 165 -1.73 10.84 9.29
N LYS A 166 -1.17 11.54 10.28
CA LYS A 166 -0.95 10.96 11.60
C LYS A 166 -2.15 10.12 12.04
N ASN A 167 -3.35 10.64 11.82
CA ASN A 167 -4.57 9.94 12.19
C ASN A 167 -4.66 8.60 11.48
N VAL A 168 -4.84 8.65 10.16
CA VAL A 168 -4.94 7.43 9.37
C VAL A 168 -3.78 6.49 9.67
N PHE A 169 -2.65 7.06 10.07
CA PHE A 169 -1.47 6.27 10.41
C PHE A 169 -1.80 5.29 11.52
N ASP A 170 -2.39 5.79 12.59
CA ASP A 170 -2.77 4.95 13.72
C ASP A 170 -3.81 3.94 13.29
N GLU A 171 -4.66 4.33 12.35
CA GLU A 171 -5.71 3.45 11.84
C GLU A 171 -5.12 2.32 11.02
N ALA A 172 -3.99 2.59 10.37
CA ALA A 172 -3.32 1.59 9.55
C ALA A 172 -2.24 0.86 10.35
N ILE A 173 -1.67 1.56 11.33
CA ILE A 173 -0.62 0.98 12.17
C ILE A 173 -1.22 0.42 13.45
N LEU A 174 -1.75 1.30 14.30
CA LEU A 174 -2.34 0.88 15.56
C LEU A 174 -3.34 -0.26 15.35
N ALA A 175 -4.19 -0.11 14.34
CA ALA A 175 -5.20 -1.12 14.03
C ALA A 175 -4.54 -2.48 13.82
N ALA A 176 -3.27 -2.47 13.41
CA ALA A 176 -2.53 -3.71 13.17
C ALA A 176 -2.44 -4.54 14.44
N LEU A 177 -2.43 -3.86 15.59
CA LEU A 177 -2.34 -4.56 16.88
C LEU A 177 -3.72 -4.84 17.44
N GLU A 178 -4.62 -5.33 16.58
CA GLU A 178 -5.98 -5.65 17.01
C GLU A 178 -6.53 -6.85 16.23
N PRO A 179 -6.20 -8.06 16.68
CA PRO A 179 -6.66 -9.30 16.03
C PRO A 179 -8.13 -9.58 16.31
N PRO A 180 -8.76 -10.45 15.49
CA PRO A 180 -10.17 -10.80 15.65
C PRO A 180 -10.41 -11.69 16.86
N GLU A 181 -11.64 -11.69 17.36
CA GLU A 181 -12.00 -12.49 18.52
C GLU A 181 -11.58 -13.95 18.33
N PRO A 182 -10.51 -14.38 19.02
CA PRO A 182 -10.02 -15.76 18.91
C PRO A 182 -11.12 -16.79 19.06
N LYS A 183 -11.71 -17.18 17.93
CA LYS A 183 -12.79 -18.17 17.93
C LYS A 183 -12.30 -19.52 17.44
N LYS A 184 -11.94 -20.38 18.39
CA LYS A 184 -11.45 -21.72 18.07
C LYS A 184 -12.58 -22.73 18.07
N GLY B 1 2.40 11.83 22.64
CA GLY B 1 3.06 11.22 21.46
C GLY B 1 2.93 9.72 21.42
N SER B 2 1.70 9.23 21.53
CA SER B 2 1.44 7.79 21.52
C SER B 2 2.03 7.15 20.27
N ILE B 3 1.85 7.82 19.13
CA ILE B 3 2.36 7.31 17.86
C ILE B 3 2.99 8.42 17.04
N SER B 4 4.00 8.06 16.24
CA SER B 4 4.69 9.03 15.40
C SER B 4 4.97 8.45 14.02
N LEU B 5 5.52 9.27 13.14
CA LEU B 5 5.85 8.85 11.78
C LEU B 5 7.30 8.40 11.70
N PRO B 6 7.58 7.32 10.94
CA PRO B 6 8.92 6.78 10.78
C PRO B 6 9.90 7.85 10.28
N SER B 7 11.07 7.41 9.81
CA SER B 7 12.08 8.32 9.30
C SER B 7 13.16 7.57 8.55
N ASP B 8 13.92 6.75 9.28
CA ASP B 8 15.00 5.97 8.67
C ASP B 8 14.44 4.80 7.86
N PHE B 9 14.30 5.02 6.56
CA PHE B 9 13.79 3.99 5.66
C PHE B 9 14.72 3.81 4.47
N GLU B 10 14.80 2.60 3.94
CA GLU B 10 15.67 2.33 2.80
C GLU B 10 15.16 1.16 1.96
N HIS B 11 15.27 1.30 0.65
CA HIS B 11 14.85 0.24 -0.27
C HIS B 11 15.85 -0.90 -0.26
N THR B 12 15.58 -1.92 0.54
CA THR B 12 16.48 -3.07 0.64
C THR B 12 16.34 -4.00 -0.55
N ILE B 13 15.11 -4.26 -0.98
CA ILE B 13 14.88 -5.15 -2.11
C ILE B 13 13.96 -4.51 -3.16
N HIS B 14 14.19 -4.85 -4.42
CA HIS B 14 13.39 -4.33 -5.52
C HIS B 14 13.14 -5.41 -6.55
N VAL B 15 11.97 -6.06 -6.46
CA VAL B 15 11.61 -7.14 -7.38
C VAL B 15 11.15 -6.59 -8.73
N GLY B 16 11.80 -7.06 -9.79
CA GLY B 16 11.46 -6.62 -11.13
C GLY B 16 11.07 -7.80 -12.02
N PHE B 17 10.60 -7.50 -13.22
CA PHE B 17 10.21 -8.55 -14.16
C PHE B 17 11.32 -8.81 -15.17
N ASP B 18 11.93 -9.99 -15.08
CA ASP B 18 13.00 -10.38 -15.99
C ASP B 18 12.72 -11.76 -16.57
N ALA B 19 12.78 -11.87 -17.89
CA ALA B 19 12.52 -13.14 -18.56
C ALA B 19 13.66 -14.14 -18.34
N VAL B 20 14.73 -13.69 -17.68
CA VAL B 20 15.88 -14.55 -17.41
C VAL B 20 15.45 -15.96 -16.98
N THR B 21 14.29 -16.05 -16.35
CA THR B 21 13.77 -17.33 -15.88
C THR B 21 12.24 -17.32 -15.83
N GLY B 22 11.64 -16.40 -16.58
CA GLY B 22 10.19 -16.31 -16.60
C GLY B 22 9.61 -15.96 -15.24
N GLU B 23 10.41 -15.29 -14.41
CA GLU B 23 9.97 -14.90 -13.08
C GLU B 23 10.58 -13.57 -12.68
N PHE B 24 10.13 -13.02 -11.56
CA PHE B 24 10.64 -11.75 -11.06
C PHE B 24 12.07 -11.90 -10.55
N THR B 25 12.74 -10.78 -10.37
CA THR B 25 14.12 -10.78 -9.89
C THR B 25 14.20 -10.22 -8.48
N GLY B 26 15.40 -10.24 -7.91
CA GLY B 26 15.60 -9.73 -6.56
C GLY B 26 14.50 -10.15 -5.60
N MET B 27 13.90 -11.31 -5.87
CA MET B 27 12.83 -11.82 -5.03
C MET B 27 13.31 -11.98 -3.58
N PRO B 28 12.60 -11.36 -2.62
CA PRO B 28 12.95 -11.44 -1.20
C PRO B 28 13.42 -12.82 -0.80
N GLU B 29 14.27 -12.89 0.24
CA GLU B 29 14.80 -14.16 0.73
C GLU B 29 13.66 -15.16 0.89
N GLN B 30 12.56 -14.70 1.45
CA GLN B 30 11.39 -15.55 1.67
C GLN B 30 10.70 -15.84 0.34
N TRP B 31 10.30 -14.77 -0.36
CA TRP B 31 9.64 -14.91 -1.65
C TRP B 31 10.41 -15.86 -2.56
N ALA B 32 11.66 -15.50 -2.83
CA ALA B 32 12.53 -16.33 -3.68
C ALA B 32 12.48 -17.79 -3.25
N ARG B 33 13.02 -18.07 -2.08
CA ARG B 33 13.04 -19.42 -1.56
C ARG B 33 11.65 -20.05 -1.59
N LEU B 34 10.62 -19.23 -1.37
CA LEU B 34 9.24 -19.70 -1.38
C LEU B 34 8.99 -20.61 -2.58
N LEU B 35 9.06 -20.03 -3.77
CA LEU B 35 8.83 -20.77 -5.00
C LEU B 35 10.15 -21.26 -5.61
N GLN B 36 10.99 -20.31 -6.00
CA GLN B 36 12.28 -20.64 -6.62
C GLN B 36 13.32 -21.05 -5.58
N THR B 37 14.23 -20.14 -5.20
CA THR B 37 15.26 -20.45 -4.22
C THR B 37 15.93 -19.19 -3.67
N SER B 38 16.48 -18.40 -4.57
CA SER B 38 17.16 -17.17 -4.18
C SER B 38 16.62 -15.99 -4.97
N ASN B 39 16.81 -14.78 -4.44
CA ASN B 39 16.34 -13.57 -5.14
C ASN B 39 16.68 -13.64 -6.62
N ILE B 40 17.96 -13.79 -6.90
CA ILE B 40 18.41 -13.90 -8.27
C ILE B 40 19.46 -15.00 -8.36
N THR B 41 18.99 -16.23 -8.53
CA THR B 41 19.88 -17.39 -8.64
C THR B 41 20.47 -17.73 -7.28
N LYS B 42 21.22 -16.80 -6.72
CA LYS B 42 21.85 -16.99 -5.41
C LYS B 42 21.95 -15.67 -4.65
N SER B 43 20.84 -14.94 -4.60
CA SER B 43 20.81 -13.66 -3.90
C SER B 43 21.61 -12.61 -4.66
N GLU B 44 21.37 -11.35 -4.34
CA GLU B 44 22.07 -10.24 -4.99
C GLU B 44 23.12 -9.64 -4.07
N GLN B 45 22.87 -9.74 -2.76
CA GLN B 45 23.79 -9.20 -1.77
C GLN B 45 25.15 -9.91 -1.84
N LYS B 46 26.22 -9.12 -1.77
CA LYS B 46 27.57 -9.67 -1.83
C LYS B 46 28.35 -9.33 -0.57
PG GNP C . 4.97 3.06 -9.81
O1G GNP C . 5.42 3.79 -11.02
O2G GNP C . 5.99 2.34 -9.02
O3G GNP C . 3.92 1.96 -10.31
N3B GNP C . 4.28 4.20 -8.80
PB GNP C . 3.61 3.80 -7.33
O1B GNP C . 2.65 2.71 -7.57
O2B GNP C . 4.72 3.55 -6.38
O3A GNP C . 2.75 5.01 -6.69
PA GNP C . 2.81 6.59 -7.01
O1A GNP C . 2.04 6.83 -8.25
O2A GNP C . 4.21 7.03 -6.91
O5' GNP C . 1.99 7.23 -5.78
C5' GNP C . 0.93 8.16 -6.02
C4' GNP C . 1.37 9.60 -5.76
O4' GNP C . 0.81 10.08 -4.52
C3' GNP C . 2.88 9.70 -5.68
O3' GNP C . 3.40 10.50 -6.73
C2' GNP C . 3.20 10.30 -4.34
O2' GNP C . 3.96 11.50 -4.49
C1' GNP C . 1.86 10.59 -3.66
N9 GNP C . 1.76 9.97 -2.33
C8 GNP C . 2.70 9.31 -1.59
N7 GNP C . 2.35 8.88 -0.41
C5 GNP C . 1.02 9.29 -0.34
C6 GNP C . 0.05 9.12 0.70
O6 GNP C . 0.19 8.56 1.78
N1 GNP C . -1.19 9.69 0.35
C2 GNP C . -1.46 10.34 -0.84
N2 GNP C . -2.69 10.83 -1.00
N3 GNP C . -0.56 10.49 -1.82
C4 GNP C . 0.66 9.96 -1.51
HNB3 GNP C . 4.28 5.14 -9.07
H5'2 GNP C . 0.60 8.07 -7.06
H5'1 GNP C . 0.09 7.92 -5.36
H4' GNP C . 1.01 10.23 -6.58
H3' GNP C . 3.31 8.70 -5.72
HO3' GNP C . 4.35 10.58 -6.59
H2' GNP C . 3.76 9.58 -3.74
HO2' GNP C . 4.41 11.66 -3.66
H1' GNP C . 1.73 11.67 -3.57
H8 GNP C . 3.71 9.16 -1.95
HN1 GNP C . -1.90 9.62 1.04
HN21 GNP C . -3.38 10.72 -0.28
HN22 GNP C . -2.92 11.33 -1.85
MG MG D . 5.76 1.46 -6.88
N MET A 1 7.58 -9.08 20.64
CA MET A 1 7.21 -7.94 19.76
C MET A 1 6.12 -8.33 18.78
N GLN A 2 5.18 -7.42 18.54
CA GLN A 2 4.08 -7.67 17.62
C GLN A 2 4.40 -7.13 16.23
N THR A 3 4.40 -8.01 15.25
CA THR A 3 4.69 -7.62 13.87
C THR A 3 3.40 -7.46 13.07
N ILE A 4 3.42 -6.53 12.12
CA ILE A 4 2.25 -6.28 11.29
C ILE A 4 2.64 -6.12 9.82
N LYS A 5 2.39 -7.17 9.03
CA LYS A 5 2.71 -7.15 7.62
C LYS A 5 1.50 -6.75 6.78
N CYS A 6 1.42 -5.48 6.41
CA CYS A 6 0.31 -4.98 5.62
C CYS A 6 0.45 -5.37 4.15
N VAL A 7 -0.44 -6.24 3.68
CA VAL A 7 -0.41 -6.70 2.31
C VAL A 7 -1.28 -5.81 1.42
N VAL A 8 -0.91 -5.70 0.14
CA VAL A 8 -1.66 -4.87 -0.79
C VAL A 8 -1.79 -5.54 -2.15
N VAL A 9 -2.91 -5.30 -2.82
CA VAL A 9 -3.18 -5.86 -4.13
C VAL A 9 -3.80 -4.81 -5.04
N GLY A 10 -3.13 -4.53 -6.16
CA GLY A 10 -3.65 -3.55 -7.10
C GLY A 10 -2.66 -3.21 -8.20
N ASP A 11 -3.12 -2.45 -9.18
CA ASP A 11 -2.28 -2.04 -10.30
C ASP A 11 -1.79 -0.62 -10.12
N GLY A 12 -2.49 0.15 -9.29
CA GLY A 12 -2.11 1.53 -9.05
C GLY A 12 -0.95 1.65 -8.08
N ALA A 13 -0.99 0.90 -6.99
CA ALA A 13 0.07 0.94 -5.98
C ALA A 13 0.03 2.21 -5.17
N VAL A 14 -0.97 3.06 -5.42
CA VAL A 14 -1.11 4.29 -4.66
C VAL A 14 -1.24 3.99 -3.17
N GLY A 15 -1.57 2.74 -2.85
CA GLY A 15 -1.74 2.32 -1.48
C GLY A 15 -0.42 2.01 -0.78
N LYS A 16 -0.31 0.80 -0.24
CA LYS A 16 0.88 0.36 0.49
C LYS A 16 2.20 0.94 -0.05
N THR A 17 2.66 0.40 -1.18
CA THR A 17 3.92 0.85 -1.77
C THR A 17 3.99 2.37 -1.92
N CYS A 18 3.22 2.91 -2.87
CA CYS A 18 3.21 4.36 -3.11
C CYS A 18 3.06 5.12 -1.80
N LEU A 19 2.12 4.69 -0.97
CA LEU A 19 1.89 5.35 0.32
C LEU A 19 3.21 5.61 1.03
N LEU A 20 3.96 4.54 1.31
CA LEU A 20 5.25 4.66 1.98
C LEU A 20 6.06 5.78 1.36
N ILE A 21 6.16 5.79 0.04
CA ILE A 21 6.91 6.82 -0.66
C ILE A 21 6.64 8.20 -0.08
N SER A 22 5.38 8.53 0.11
CA SER A 22 5.00 9.82 0.69
C SER A 22 4.81 9.68 2.20
N TYR A 23 3.85 8.85 2.57
CA TYR A 23 3.52 8.57 3.96
C TYR A 23 4.75 8.46 4.84
N THR A 24 5.55 7.43 4.60
CA THR A 24 6.76 7.18 5.38
C THR A 24 7.99 7.74 4.68
N THR A 25 8.44 7.01 3.68
CA THR A 25 9.60 7.37 2.87
C THR A 25 9.70 8.88 2.65
N ASN A 26 8.55 9.55 2.57
CA ASN A 26 8.52 11.00 2.36
C ASN A 26 9.45 11.39 1.22
N LYS A 27 9.11 10.94 0.01
CA LYS A 27 9.91 11.22 -1.17
C LYS A 27 9.20 10.72 -2.42
N PHE A 28 9.91 10.72 -3.54
CA PHE A 28 9.34 10.26 -4.80
C PHE A 28 10.03 8.96 -5.24
N PRO A 29 9.36 8.17 -6.08
CA PRO A 29 9.90 6.90 -6.57
C PRO A 29 11.31 7.04 -7.14
N SER A 30 12.14 6.03 -6.91
CA SER A 30 13.51 6.04 -7.39
C SER A 30 13.61 5.30 -8.72
N GLU A 31 13.67 3.97 -8.64
CA GLU A 31 13.74 3.15 -9.84
C GLU A 31 12.34 2.71 -10.26
N TYR A 32 11.85 3.27 -11.36
CA TYR A 32 10.52 2.92 -11.84
C TYR A 32 10.46 1.47 -12.29
N VAL A 33 9.78 0.65 -11.49
CA VAL A 33 9.62 -0.76 -11.79
C VAL A 33 8.40 -1.32 -11.06
N PRO A 34 7.54 -2.07 -11.76
CA PRO A 34 6.34 -2.66 -11.16
C PRO A 34 6.62 -3.23 -9.78
N THR A 35 6.40 -2.42 -8.75
CA THR A 35 6.65 -2.85 -7.37
C THR A 35 5.91 -4.15 -7.07
N VAL A 36 6.56 -5.28 -7.36
CA VAL A 36 5.96 -6.58 -7.09
C VAL A 36 5.99 -6.86 -5.60
N PHE A 37 6.95 -6.26 -4.91
CA PHE A 37 7.09 -6.43 -3.47
C PHE A 37 7.62 -5.15 -2.84
N ASP A 38 8.93 -4.95 -2.95
CA ASP A 38 9.57 -3.78 -2.38
C ASP A 38 9.37 -3.76 -0.87
N ASN A 39 10.47 -3.82 -0.12
CA ASN A 39 10.38 -3.79 1.34
C ASN A 39 10.87 -2.47 1.87
N TYR A 40 10.42 -2.12 3.07
CA TYR A 40 10.80 -0.86 3.69
C TYR A 40 10.77 -0.96 5.21
N ALA A 41 11.70 -0.27 5.85
CA ALA A 41 11.78 -0.28 7.30
C ALA A 41 11.01 0.90 7.90
N VAL A 42 10.32 0.64 9.01
CA VAL A 42 9.55 1.67 9.69
C VAL A 42 9.37 1.35 11.16
N THR A 43 9.63 2.33 12.02
CA THR A 43 9.49 2.16 13.46
C THR A 43 8.57 3.22 14.04
N VAL A 44 7.30 2.87 14.20
CA VAL A 44 6.32 3.79 14.75
C VAL A 44 6.10 3.51 16.22
N MET A 45 6.29 4.53 17.04
CA MET A 45 6.14 4.39 18.49
C MET A 45 4.66 4.28 18.87
N ILE A 46 4.24 3.05 19.11
CA ILE A 46 2.85 2.79 19.49
C ILE A 46 2.70 2.82 21.00
N GLY A 47 2.42 4.01 21.54
CA GLY A 47 2.26 4.17 22.97
C GLY A 47 3.55 4.60 23.64
N GLY A 48 4.53 5.03 22.86
CA GLY A 48 5.79 5.47 23.41
C GLY A 48 6.86 4.39 23.40
N GLU A 49 6.55 3.24 22.82
CA GLU A 49 7.50 2.13 22.76
C GLU A 49 7.94 1.87 21.32
N PRO A 50 9.17 1.36 21.13
CA PRO A 50 9.71 1.07 19.79
C PRO A 50 8.81 0.11 19.02
N TYR A 51 9.01 0.07 17.70
CA TYR A 51 8.21 -0.82 16.85
C TYR A 51 8.96 -1.19 15.58
N THR A 52 8.62 -2.35 15.03
CA THR A 52 9.24 -2.84 13.80
C THR A 52 8.19 -3.41 12.86
N LEU A 53 7.76 -2.59 11.91
CA LEU A 53 6.74 -3.01 10.95
C LEU A 53 7.32 -3.12 9.55
N GLY A 54 6.82 -4.10 8.79
CA GLY A 54 7.29 -4.30 7.43
C GLY A 54 6.15 -4.35 6.44
N LEU A 55 6.07 -3.35 5.58
CA LEU A 55 5.01 -3.27 4.58
C LEU A 55 5.30 -4.20 3.40
N PHE A 56 4.61 -5.33 3.37
CA PHE A 56 4.78 -6.31 2.31
C PHE A 56 3.81 -5.99 1.16
N ASP A 57 4.34 -5.39 0.10
CA ASP A 57 3.52 -5.04 -1.05
C ASP A 57 3.12 -6.27 -1.86
N THR A 58 2.35 -6.05 -2.92
CA THR A 58 1.90 -7.14 -3.79
C THR A 58 1.12 -6.60 -4.97
N ALA A 59 0.50 -7.50 -5.73
CA ALA A 59 -0.28 -7.10 -6.90
C ALA A 59 -1.32 -8.17 -7.25
N GLY A 60 -2.45 -7.72 -7.81
CA GLY A 60 -3.50 -8.64 -8.18
C GLY A 60 -3.63 -8.81 -9.69
N LEU A 61 -3.06 -9.89 -10.21
CA LEU A 61 -3.11 -10.16 -11.64
C LEU A 61 -3.72 -11.52 -11.91
N GLU A 62 -3.03 -12.57 -11.48
CA GLU A 62 -3.49 -13.94 -11.67
C GLU A 62 -2.41 -14.94 -11.32
N ASP A 63 -1.16 -14.55 -11.56
CA ASP A 63 -0.03 -15.42 -11.26
C ASP A 63 0.79 -14.86 -10.10
N TYR A 64 0.13 -14.12 -9.22
CA TYR A 64 0.80 -13.52 -8.06
C TYR A 64 0.72 -14.46 -6.85
N ASP A 65 -0.27 -15.34 -6.87
CA ASP A 65 -0.46 -16.30 -5.76
C ASP A 65 0.86 -16.96 -5.37
N ARG A 66 1.78 -17.05 -6.33
CA ARG A 66 3.08 -17.66 -6.09
C ARG A 66 3.72 -17.08 -4.82
N LEU A 67 3.57 -15.78 -4.63
CA LEU A 67 4.12 -15.11 -3.46
C LEU A 67 3.09 -15.05 -2.33
N ARG A 68 2.35 -16.15 -2.15
CA ARG A 68 1.32 -16.24 -1.12
C ARG A 68 1.92 -16.56 0.25
N PRO A 69 2.48 -17.78 0.42
CA PRO A 69 3.09 -18.20 1.68
C PRO A 69 4.22 -17.29 2.14
N LEU A 70 4.71 -16.46 1.22
CA LEU A 70 5.79 -15.54 1.55
C LEU A 70 5.24 -14.15 1.89
N SER A 71 3.97 -13.92 1.60
CA SER A 71 3.33 -12.63 1.89
C SER A 71 2.29 -12.77 3.00
N TYR A 72 1.83 -13.99 3.24
CA TYR A 72 0.83 -14.27 4.26
C TYR A 72 -0.25 -13.17 4.33
N PRO A 73 -1.39 -13.38 3.65
CA PRO A 73 -2.49 -12.40 3.63
C PRO A 73 -3.14 -12.25 5.00
N GLN A 74 -3.40 -13.36 5.66
CA GLN A 74 -4.02 -13.35 6.99
C GLN A 74 -3.09 -12.71 8.02
N THR A 75 -1.82 -12.50 7.64
CA THR A 75 -0.83 -11.89 8.54
C THR A 75 -1.43 -10.74 9.35
N ASP A 76 -2.15 -9.85 8.68
CA ASP A 76 -2.77 -8.70 9.34
C ASP A 76 -3.69 -7.95 8.39
N VAL A 77 -3.99 -6.69 8.73
CA VAL A 77 -4.85 -5.86 7.90
C VAL A 77 -4.29 -5.73 6.49
N PHE A 78 -5.17 -5.48 5.52
CA PHE A 78 -4.75 -5.34 4.14
C PHE A 78 -4.82 -3.89 3.69
N LEU A 79 -3.81 -3.46 2.93
CA LEU A 79 -3.75 -2.10 2.41
C LEU A 79 -4.12 -2.07 0.94
N VAL A 80 -5.14 -1.30 0.59
CA VAL A 80 -5.59 -1.21 -0.79
C VAL A 80 -5.21 0.12 -1.43
N CYS A 81 -5.07 0.10 -2.75
CA CYS A 81 -4.72 1.30 -3.50
C CYS A 81 -5.93 1.87 -4.23
N PHE A 82 -5.89 3.18 -4.51
CA PHE A 82 -7.00 3.84 -5.19
C PHE A 82 -6.57 5.22 -5.69
N SER A 83 -6.68 5.42 -7.01
CA SER A 83 -6.31 6.69 -7.61
C SER A 83 -7.19 7.82 -7.09
N VAL A 84 -6.76 9.06 -7.31
CA VAL A 84 -7.51 10.22 -6.85
C VAL A 84 -7.34 11.40 -7.80
N VAL A 85 -7.84 11.25 -9.02
CA VAL A 85 -7.75 12.31 -10.01
C VAL A 85 -8.93 12.25 -11.00
N SER A 86 -8.77 11.48 -12.08
CA SER A 86 -9.82 11.36 -13.08
C SER A 86 -10.85 10.31 -12.64
N PRO A 87 -12.15 10.60 -12.85
CA PRO A 87 -13.23 9.68 -12.47
C PRO A 87 -13.30 8.47 -13.41
N SER A 88 -12.70 8.59 -14.59
CA SER A 88 -12.70 7.52 -15.57
C SER A 88 -12.09 6.25 -14.97
N SER A 89 -10.90 6.39 -14.41
CA SER A 89 -10.20 5.27 -13.80
C SER A 89 -10.86 4.86 -12.48
N PHE A 90 -11.45 5.84 -11.80
CA PHE A 90 -12.11 5.60 -10.53
C PHE A 90 -13.07 4.42 -10.63
N GLU A 91 -13.88 4.41 -11.70
CA GLU A 91 -14.84 3.34 -11.92
C GLU A 91 -14.14 2.00 -12.07
N ASN A 92 -13.09 1.96 -12.88
CA ASN A 92 -12.34 0.73 -13.10
C ASN A 92 -11.72 0.23 -11.81
N VAL A 93 -10.77 1.00 -11.28
CA VAL A 93 -10.09 0.64 -10.04
C VAL A 93 -11.06 0.12 -8.99
N LYS A 94 -12.22 0.77 -8.89
CA LYS A 94 -13.23 0.38 -7.92
C LYS A 94 -13.64 -1.08 -8.11
N GLU A 95 -14.31 -1.35 -9.23
CA GLU A 95 -14.76 -2.71 -9.53
C GLU A 95 -13.66 -3.57 -10.14
N LYS A 96 -12.43 -3.06 -10.16
CA LYS A 96 -11.31 -3.80 -10.73
C LYS A 96 -10.26 -4.14 -9.67
N TRP A 97 -10.03 -3.20 -8.75
CA TRP A 97 -9.04 -3.41 -7.70
C TRP A 97 -9.69 -3.92 -6.42
N VAL A 98 -10.86 -3.36 -6.08
CA VAL A 98 -11.57 -3.76 -4.87
C VAL A 98 -11.84 -5.27 -4.85
N PRO A 99 -12.28 -5.85 -5.97
CA PRO A 99 -12.56 -7.29 -6.05
C PRO A 99 -11.33 -8.14 -5.76
N GLU A 100 -10.15 -7.54 -5.88
CA GLU A 100 -8.90 -8.23 -5.63
C GLU A 100 -8.65 -8.41 -4.14
N ILE A 101 -9.13 -7.45 -3.34
CA ILE A 101 -8.94 -7.50 -1.90
C ILE A 101 -9.33 -8.86 -1.34
N THR A 102 -10.30 -9.50 -1.98
CA THR A 102 -10.77 -10.81 -1.55
C THR A 102 -9.80 -11.91 -1.98
N HIS A 103 -9.33 -11.83 -3.23
CA HIS A 103 -8.40 -12.81 -3.76
C HIS A 103 -7.20 -12.98 -2.82
N HIS A 104 -6.77 -11.87 -2.24
CA HIS A 104 -5.63 -11.88 -1.32
C HIS A 104 -6.11 -11.94 0.13
N CYS A 105 -6.84 -10.91 0.54
CA CYS A 105 -7.37 -10.84 1.90
C CYS A 105 -8.54 -11.81 2.07
N PRO A 106 -8.36 -12.91 2.81
CA PRO A 106 -9.41 -13.91 3.04
C PRO A 106 -10.62 -13.32 3.74
N LYS A 107 -10.40 -12.81 4.96
CA LYS A 107 -11.48 -12.22 5.74
C LYS A 107 -10.93 -11.20 6.73
N THR A 108 -9.91 -10.47 6.32
CA THR A 108 -9.30 -9.45 7.16
C THR A 108 -9.67 -8.05 6.69
N PRO A 109 -9.66 -7.07 7.60
CA PRO A 109 -9.99 -5.68 7.27
C PRO A 109 -9.05 -5.11 6.21
N PHE A 110 -9.58 -4.24 5.36
CA PHE A 110 -8.79 -3.63 4.29
C PHE A 110 -8.83 -2.11 4.38
N LEU A 111 -7.65 -1.49 4.40
CA LEU A 111 -7.54 -0.04 4.47
C LEU A 111 -7.06 0.51 3.13
N LEU A 112 -7.87 1.34 2.50
CA LEU A 112 -7.51 1.93 1.21
C LEU A 112 -6.79 3.25 1.39
N VAL A 113 -5.98 3.62 0.40
CA VAL A 113 -5.23 4.87 0.44
C VAL A 113 -5.04 5.43 -0.96
N GLY A 114 -4.64 6.70 -1.04
CA GLY A 114 -4.42 7.35 -2.32
C GLY A 114 -4.84 8.80 -2.31
N THR A 115 -4.24 9.59 -3.20
CA THR A 115 -4.55 11.01 -3.29
C THR A 115 -3.79 11.68 -4.43
N GLN A 116 -4.23 12.87 -4.80
CA GLN A 116 -3.58 13.62 -5.87
C GLN A 116 -4.17 15.03 -5.98
N ILE A 117 -3.52 15.98 -5.31
CA ILE A 117 -3.96 17.37 -5.33
C ILE A 117 -3.15 18.19 -6.34
N ASP A 118 -1.93 17.74 -6.62
CA ASP A 118 -1.07 18.43 -7.57
C ASP A 118 -1.18 17.79 -8.95
N LEU A 119 -1.46 16.49 -8.99
CA LEU A 119 -1.59 15.78 -10.25
C LEU A 119 -2.96 16.03 -10.87
N ARG A 120 -4.00 15.97 -10.05
CA ARG A 120 -5.36 16.20 -10.51
C ARG A 120 -5.46 17.53 -11.25
N ASP A 121 -4.54 18.44 -10.97
CA ASP A 121 -4.53 19.75 -11.60
C ASP A 121 -3.84 19.68 -12.98
N ASP A 122 -4.35 18.80 -13.83
CA ASP A 122 -3.80 18.63 -15.17
C ASP A 122 -4.79 19.14 -16.23
N PRO A 123 -4.27 19.63 -17.37
CA PRO A 123 -5.10 20.14 -18.46
C PRO A 123 -6.12 19.12 -18.95
N SER A 124 -5.62 17.97 -19.39
CA SER A 124 -6.49 16.91 -19.89
C SER A 124 -7.43 16.43 -18.80
N THR A 125 -6.95 16.44 -17.56
CA THR A 125 -7.76 16.00 -16.42
C THR A 125 -9.06 16.80 -16.34
N ILE A 126 -8.95 18.06 -15.96
CA ILE A 126 -10.14 18.92 -15.86
C ILE A 126 -10.94 18.87 -17.15
N GLU A 127 -10.24 18.85 -18.28
CA GLU A 127 -10.89 18.79 -19.58
C GLU A 127 -11.90 17.65 -19.60
N LYS A 128 -11.59 16.59 -18.88
CA LYS A 128 -12.46 15.42 -18.79
C LYS A 128 -13.41 15.54 -17.60
N LEU A 129 -12.89 16.05 -16.49
CA LEU A 129 -13.69 16.22 -15.28
C LEU A 129 -15.00 16.94 -15.61
N ALA A 130 -14.97 17.73 -16.67
CA ALA A 130 -16.15 18.48 -17.10
C ALA A 130 -17.24 17.52 -17.56
N LYS A 131 -16.84 16.32 -17.98
CA LYS A 131 -17.80 15.32 -18.43
C LYS A 131 -18.28 14.46 -17.27
N ASN A 132 -17.45 14.37 -16.23
CA ASN A 132 -17.79 13.59 -15.05
C ASN A 132 -17.92 14.49 -13.83
N LYS A 133 -18.33 15.73 -14.07
CA LYS A 133 -18.50 16.72 -12.99
C LYS A 133 -17.14 17.21 -12.50
N GLN A 134 -16.79 18.43 -12.90
CA GLN A 134 -15.52 19.04 -12.50
C GLN A 134 -15.23 18.80 -11.02
N LYS A 135 -13.94 18.74 -10.67
CA LYS A 135 -13.53 18.50 -9.30
C LYS A 135 -14.29 17.32 -8.70
N PRO A 136 -14.35 16.19 -9.42
CA PRO A 136 -15.05 14.99 -8.96
C PRO A 136 -14.27 14.22 -7.89
N ILE A 137 -12.97 14.03 -8.14
CA ILE A 137 -12.12 13.32 -7.20
C ILE A 137 -11.31 14.30 -6.34
N THR A 138 -11.34 14.10 -5.03
CA THR A 138 -10.60 14.96 -4.11
C THR A 138 -10.17 14.17 -2.88
N PRO A 139 -9.22 14.72 -2.10
CA PRO A 139 -8.72 14.07 -0.89
C PRO A 139 -9.83 13.59 0.02
N GLU A 140 -11.01 14.22 -0.11
CA GLU A 140 -12.16 13.85 0.71
C GLU A 140 -12.99 12.77 0.03
N THR A 141 -13.18 12.90 -1.28
CA THR A 141 -13.96 11.94 -2.05
C THR A 141 -13.53 10.52 -1.74
N ALA A 142 -12.24 10.22 -1.96
CA ALA A 142 -11.70 8.89 -1.70
C ALA A 142 -12.15 8.37 -0.34
N GLU A 143 -11.98 9.20 0.69
CA GLU A 143 -12.37 8.80 2.04
C GLU A 143 -13.86 8.48 2.11
N LYS A 144 -14.65 9.25 1.39
CA LYS A 144 -16.10 9.06 1.36
C LYS A 144 -16.43 7.63 0.92
N LEU A 145 -15.83 7.21 -0.20
CA LEU A 145 -16.07 5.88 -0.74
C LEU A 145 -15.71 4.82 0.31
N ALA A 146 -14.64 5.08 1.05
CA ALA A 146 -14.19 4.14 2.08
C ALA A 146 -15.14 4.15 3.28
N ARG A 147 -15.83 5.27 3.46
CA ARG A 147 -16.78 5.41 4.57
C ARG A 147 -18.04 4.60 4.29
N ASP A 148 -18.50 4.63 3.04
CA ASP A 148 -19.71 3.90 2.66
C ASP A 148 -19.50 2.40 2.83
N LEU A 149 -18.35 1.91 2.38
CA LEU A 149 -18.04 0.49 2.48
C LEU A 149 -17.75 0.11 3.92
N LYS A 150 -17.30 1.08 4.70
CA LYS A 150 -16.99 0.84 6.11
C LYS A 150 -15.75 -0.05 6.26
N ALA A 151 -14.65 0.54 6.71
CA ALA A 151 -13.40 -0.20 6.90
C ALA A 151 -12.57 0.40 8.03
N VAL A 152 -11.28 0.08 8.05
CA VAL A 152 -10.38 0.59 9.07
C VAL A 152 -10.39 2.12 9.10
N LYS A 153 -10.82 2.73 8.01
CA LYS A 153 -10.88 4.20 7.90
C LYS A 153 -9.49 4.78 7.70
N TYR A 154 -9.39 5.79 6.84
CA TYR A 154 -8.12 6.44 6.56
C TYR A 154 -8.32 7.89 6.12
N VAL A 155 -7.24 8.68 6.19
CA VAL A 155 -7.29 10.08 5.79
C VAL A 155 -5.88 10.59 5.46
N GLU A 156 -5.72 11.12 4.26
CA GLU A 156 -4.42 11.65 3.83
C GLU A 156 -4.54 12.42 2.53
N CYS A 157 -3.48 13.14 2.18
CA CYS A 157 -3.45 13.92 0.95
C CYS A 157 -2.33 13.44 0.04
N SER A 158 -2.10 14.16 -1.05
CA SER A 158 -1.06 13.79 -2.00
C SER A 158 0.28 14.41 -1.60
N ALA A 159 1.35 13.91 -2.19
CA ALA A 159 2.70 14.39 -1.91
C ALA A 159 2.78 15.91 -2.03
N LEU A 160 4.00 16.44 -1.88
CA LEU A 160 4.22 17.88 -1.98
C LEU A 160 3.53 18.63 -0.84
N THR A 161 2.20 18.65 -0.87
CA THR A 161 1.43 19.33 0.16
C THR A 161 1.67 18.72 1.54
N GLN A 162 1.05 17.57 1.78
CA GLN A 162 1.20 16.88 3.06
C GLN A 162 0.51 17.66 4.17
N LYS A 163 -0.61 17.15 4.66
CA LYS A 163 -1.36 17.81 5.73
C LYS A 163 -1.16 17.09 7.06
N GLY A 164 -1.70 15.88 7.15
CA GLY A 164 -1.58 15.11 8.37
C GLY A 164 -1.60 13.61 8.11
N LEU A 165 -0.42 13.01 8.03
CA LEU A 165 -0.30 11.58 7.78
C LEU A 165 -0.20 10.80 9.10
N LYS A 166 0.12 11.50 10.18
CA LYS A 166 0.26 10.86 11.49
C LYS A 166 -1.07 10.27 11.96
N ASN A 167 -2.13 11.07 11.90
CA ASN A 167 -3.46 10.61 12.32
C ASN A 167 -3.79 9.26 11.71
N VAL A 168 -4.05 9.26 10.40
CA VAL A 168 -4.37 8.03 9.69
C VAL A 168 -3.39 6.92 10.06
N PHE A 169 -2.15 7.31 10.37
CA PHE A 169 -1.13 6.36 10.74
C PHE A 169 -1.51 5.67 12.04
N ASP A 170 -2.10 6.44 12.96
CA ASP A 170 -2.55 5.91 14.24
C ASP A 170 -3.64 4.88 14.02
N GLU A 171 -4.48 5.10 13.02
CA GLU A 171 -5.56 4.19 12.72
C GLU A 171 -5.06 3.01 11.88
N ALA A 172 -3.96 3.22 11.16
CA ALA A 172 -3.38 2.19 10.32
C ALA A 172 -2.57 1.20 11.16
N ILE A 173 -1.91 1.71 12.19
CA ILE A 173 -1.09 0.87 13.06
C ILE A 173 -1.92 0.30 14.21
N LEU A 174 -2.68 1.17 14.87
CA LEU A 174 -3.52 0.76 15.99
C LEU A 174 -4.58 -0.26 15.54
N ALA A 175 -4.97 -0.17 14.27
CA ALA A 175 -5.98 -1.07 13.72
C ALA A 175 -5.63 -2.52 14.02
N ALA A 176 -4.34 -2.85 13.98
CA ALA A 176 -3.88 -4.20 14.25
C ALA A 176 -3.48 -4.37 15.71
N LEU A 177 -3.19 -3.26 16.38
CA LEU A 177 -2.79 -3.29 17.78
C LEU A 177 -4.01 -3.36 18.70
N GLU A 178 -5.14 -2.89 18.20
CA GLU A 178 -6.38 -2.90 18.98
C GLU A 178 -6.66 -4.29 19.55
N PRO A 179 -6.68 -5.32 18.69
CA PRO A 179 -6.92 -6.70 19.10
C PRO A 179 -6.01 -7.13 20.24
N PRO A 180 -6.55 -7.32 21.46
CA PRO A 180 -5.77 -7.73 22.63
C PRO A 180 -4.81 -8.87 22.30
N GLU A 181 -3.59 -8.76 22.82
CA GLU A 181 -2.57 -9.79 22.58
C GLU A 181 -1.75 -10.03 23.84
N PRO A 182 -2.38 -10.51 24.92
CA PRO A 182 -1.70 -10.78 26.19
C PRO A 182 -0.45 -11.62 26.01
N LYS A 183 0.72 -10.97 26.05
CA LYS A 183 1.99 -11.66 25.89
C LYS A 183 2.14 -12.78 26.91
N LYS A 184 2.50 -13.97 26.44
CA LYS A 184 2.68 -15.12 27.32
C LYS A 184 1.37 -15.51 27.98
N GLY B 1 2.68 10.90 23.03
CA GLY B 1 3.56 9.95 22.31
C GLY B 1 2.91 8.60 22.10
N SER B 2 1.81 8.58 21.36
CA SER B 2 1.09 7.35 21.08
C SER B 2 1.46 6.80 19.71
N ILE B 3 1.59 7.69 18.74
CA ILE B 3 1.93 7.30 17.38
C ILE B 3 2.92 8.29 16.76
N SER B 4 3.89 7.76 16.02
CA SER B 4 4.90 8.60 15.38
C SER B 4 5.20 8.10 13.96
N LEU B 5 5.40 9.05 13.04
CA LEU B 5 5.69 8.70 11.65
C LEU B 5 7.10 8.10 11.53
N PRO B 6 7.22 6.96 10.83
CA PRO B 6 8.52 6.29 10.65
C PRO B 6 9.58 7.22 10.06
N SER B 7 10.84 6.92 10.34
CA SER B 7 11.93 7.74 9.84
C SER B 7 13.06 6.87 9.29
N ASP B 8 13.39 5.80 10.00
CA ASP B 8 14.44 4.88 9.57
C ASP B 8 13.99 4.05 8.37
N PHE B 9 13.69 4.73 7.27
CA PHE B 9 13.25 4.06 6.06
C PHE B 9 14.42 3.37 5.37
N GLU B 10 14.14 2.27 4.67
CA GLU B 10 15.19 1.52 3.99
C GLU B 10 14.64 0.75 2.79
N HIS B 11 14.86 1.27 1.59
CA HIS B 11 14.42 0.60 0.37
C HIS B 11 15.31 -0.61 0.12
N THR B 12 15.17 -1.61 0.98
CA THR B 12 15.97 -2.82 0.89
C THR B 12 15.92 -3.45 -0.51
N ILE B 13 14.90 -4.28 -0.75
CA ILE B 13 14.76 -4.95 -2.04
C ILE B 13 13.81 -4.22 -2.97
N HIS B 14 14.12 -4.26 -4.27
CA HIS B 14 13.29 -3.63 -5.29
C HIS B 14 13.00 -4.63 -6.40
N VAL B 15 11.83 -5.26 -6.32
CA VAL B 15 11.43 -6.26 -7.29
C VAL B 15 10.93 -5.63 -8.59
N GLY B 16 11.00 -6.40 -9.67
CA GLY B 16 10.56 -5.93 -10.96
C GLY B 16 9.95 -7.02 -11.81
N PHE B 17 9.49 -6.66 -12.99
CA PHE B 17 8.87 -7.64 -13.90
C PHE B 17 9.94 -8.35 -14.72
N ASP B 18 10.01 -9.67 -14.56
CA ASP B 18 10.98 -10.48 -15.29
C ASP B 18 10.30 -11.37 -16.32
N ALA B 19 10.28 -10.92 -17.56
CA ALA B 19 9.66 -11.68 -18.64
C ALA B 19 10.50 -12.89 -19.04
N VAL B 20 11.77 -12.90 -18.63
CA VAL B 20 12.67 -13.99 -18.95
C VAL B 20 12.01 -15.35 -18.69
N THR B 21 11.16 -15.40 -17.67
CA THR B 21 10.47 -16.65 -17.32
C THR B 21 9.09 -16.36 -16.74
N GLY B 22 8.54 -15.20 -17.07
CA GLY B 22 7.22 -14.83 -16.58
C GLY B 22 7.20 -14.62 -15.08
N GLU B 23 8.34 -14.28 -14.52
CA GLU B 23 8.44 -14.05 -13.08
C GLU B 23 8.90 -12.62 -12.80
N PHE B 24 9.30 -12.37 -11.55
CA PHE B 24 9.77 -11.05 -11.15
C PHE B 24 11.29 -11.01 -11.03
N THR B 25 11.85 -9.81 -11.00
CA THR B 25 13.29 -9.65 -10.88
C THR B 25 13.67 -9.20 -9.48
N GLY B 26 14.87 -9.59 -9.04
CA GLY B 26 15.31 -9.23 -7.71
C GLY B 26 14.54 -9.93 -6.63
N MET B 27 14.32 -11.24 -6.82
CA MET B 27 13.59 -12.04 -5.85
C MET B 27 14.11 -11.79 -4.43
N PRO B 28 13.36 -11.02 -3.61
CA PRO B 28 13.74 -10.71 -2.24
C PRO B 28 14.12 -11.97 -1.46
N GLU B 29 15.07 -11.83 -0.53
CA GLU B 29 15.52 -12.96 0.27
C GLU B 29 14.33 -13.80 0.77
N GLN B 30 13.52 -13.21 1.65
CA GLN B 30 12.38 -13.91 2.21
C GLN B 30 11.46 -14.44 1.11
N TRP B 31 10.84 -13.53 0.35
CA TRP B 31 9.95 -13.93 -0.73
C TRP B 31 10.59 -15.02 -1.59
N ALA B 32 11.77 -14.74 -2.12
CA ALA B 32 12.50 -15.68 -2.93
C ALA B 32 12.70 -17.00 -2.19
N ARG B 33 13.40 -16.90 -1.06
CA ARG B 33 13.69 -18.08 -0.24
C ARG B 33 12.47 -18.98 -0.12
N LEU B 34 11.29 -18.38 -0.05
CA LEU B 34 10.06 -19.13 0.06
C LEU B 34 9.88 -20.03 -1.15
N LEU B 35 9.81 -19.41 -2.33
CA LEU B 35 9.63 -20.17 -3.58
C LEU B 35 10.97 -20.43 -4.28
N GLN B 36 11.62 -19.35 -4.71
CA GLN B 36 12.89 -19.43 -5.43
C GLN B 36 14.06 -19.72 -4.49
N THR B 37 14.52 -18.66 -3.82
CA THR B 37 15.67 -18.69 -2.89
C THR B 37 16.94 -18.25 -3.61
N SER B 38 16.89 -17.06 -4.22
CA SER B 38 18.02 -16.51 -4.94
C SER B 38 17.63 -15.26 -5.72
N ASN B 39 17.80 -14.09 -5.09
CA ASN B 39 17.47 -12.82 -5.72
C ASN B 39 18.08 -12.75 -7.13
N ILE B 40 17.31 -13.17 -8.13
CA ILE B 40 17.80 -13.15 -9.50
C ILE B 40 18.18 -11.74 -9.94
N THR B 41 19.43 -11.39 -9.64
CA THR B 41 20.01 -10.08 -9.99
C THR B 41 21.13 -9.71 -9.01
N LYS B 42 21.94 -10.70 -8.62
CA LYS B 42 23.04 -10.49 -7.70
C LYS B 42 22.64 -9.54 -6.56
N SER B 43 21.68 -9.97 -5.74
CA SER B 43 21.21 -9.17 -4.62
C SER B 43 22.38 -8.49 -3.89
N GLU B 44 22.18 -7.23 -3.51
CA GLU B 44 23.22 -6.48 -2.82
C GLU B 44 23.41 -6.99 -1.40
N GLN B 45 22.33 -6.96 -0.62
CA GLN B 45 22.37 -7.42 0.77
C GLN B 45 22.80 -8.88 0.84
N LYS B 46 24.10 -9.10 1.09
CA LYS B 46 24.64 -10.45 1.19
C LYS B 46 24.19 -11.13 2.48
PG GNP C . 6.69 3.52 -8.85
O1G GNP C . 6.20 3.67 -10.24
O2G GNP C . 6.45 2.24 -8.17
O3G GNP C . 8.29 3.73 -8.91
N3B GNP C . 5.94 4.71 -7.94
PB GNP C . 4.45 4.47 -7.21
O1B GNP C . 3.56 3.87 -8.22
O2B GNP C . 4.70 3.72 -5.96
O3A GNP C . 3.76 5.87 -6.78
PA GNP C . 3.62 7.25 -7.59
O1A GNP C . 3.11 6.94 -8.95
O2A GNP C . 4.88 8.00 -7.44
O5' GNP C . 2.47 8.02 -6.79
C5' GNP C . 2.07 9.35 -7.16
C4' GNP C . 2.70 10.40 -6.24
O4' GNP C . 1.73 10.93 -5.32
C3' GNP C . 3.84 9.80 -5.43
O3' GNP C . 5.09 10.43 -5.76
C2' GNP C . 3.50 10.02 -3.99
O2' GNP C . 4.53 10.76 -3.32
C1' GNP C . 2.18 10.77 -3.97
N9 GNP C . 1.18 10.06 -3.16
C8 GNP C . 0.38 9.01 -3.48
N7 GNP C . -0.43 8.55 -2.59
C5 GNP C . -0.15 9.40 -1.51
C6 GNP C . -0.72 9.43 -0.19
O6 GNP C . -1.60 8.70 0.28
N1 GNP C . -0.16 10.44 0.60
C2 GNP C . 0.83 11.33 0.19
N2 GNP C . 1.23 12.23 1.08
N3 GNP C . 1.37 11.31 -1.06
C4 GNP C . 0.83 10.32 -1.84
HNB3 GNP C . 6.39 5.57 -7.82
H5'2 GNP C . 1.00 9.43 -7.11
H5'1 GNP C . 2.40 9.54 -8.19
H4' GNP C . 3.09 11.22 -6.86
H3' GNP C . 3.91 8.74 -5.64
HO3' GNP C . 5.76 9.75 -5.76
H2' GNP C . 3.37 9.04 -3.50
HO2' GNP C . 4.86 10.20 -2.61
H1' GNP C . 2.35 11.76 -3.53
H8 GNP C . 0.42 8.58 -4.48
HN1 GNP C . -0.50 10.52 1.52
HN21 GNP C . 0.83 12.25 2.00
HN22 GNP C . 1.95 12.90 0.83
MG MG D . 5.83 1.58 -6.04
N MET A 1 5.01 -8.85 22.42
CA MET A 1 5.50 -8.21 21.18
C MET A 1 5.45 -9.17 19.99
N GLN A 2 4.60 -8.87 19.02
CA GLN A 2 4.46 -9.71 17.84
C GLN A 2 4.82 -8.94 16.59
N THR A 3 4.98 -9.65 15.48
CA THR A 3 5.32 -9.03 14.20
C THR A 3 4.07 -8.68 13.40
N ILE A 4 4.03 -7.46 12.88
CA ILE A 4 2.89 -7.01 12.11
C ILE A 4 3.29 -6.70 10.67
N LYS A 5 2.49 -7.20 9.73
CA LYS A 5 2.77 -6.98 8.31
C LYS A 5 1.59 -6.31 7.63
N CYS A 6 1.87 -5.51 6.60
CA CYS A 6 0.82 -4.82 5.86
C CYS A 6 1.01 -4.99 4.36
N VAL A 7 0.31 -5.98 3.79
CA VAL A 7 0.40 -6.24 2.36
C VAL A 7 -0.78 -5.65 1.62
N VAL A 8 -0.50 -4.88 0.58
CA VAL A 8 -1.54 -4.25 -0.22
C VAL A 8 -1.68 -4.93 -1.58
N VAL A 9 -2.75 -4.59 -2.30
CA VAL A 9 -3.00 -5.15 -3.61
C VAL A 9 -3.93 -4.25 -4.43
N GLY A 10 -3.43 -3.82 -5.59
CA GLY A 10 -4.23 -2.95 -6.45
C GLY A 10 -3.47 -2.49 -7.67
N ASP A 11 -3.65 -1.24 -8.05
CA ASP A 11 -2.97 -0.67 -9.21
C ASP A 11 -2.23 0.61 -8.84
N GLY A 12 -2.98 1.71 -8.74
CA GLY A 12 -2.38 2.98 -8.39
C GLY A 12 -1.70 2.96 -7.04
N ALA A 13 -1.73 4.09 -6.35
CA ALA A 13 -1.11 4.21 -5.03
C ALA A 13 -1.75 3.25 -4.04
N VAL A 14 -1.36 1.98 -4.13
CA VAL A 14 -1.89 0.95 -3.25
C VAL A 14 -1.36 1.06 -1.83
N GLY A 15 -0.48 2.03 -1.59
CA GLY A 15 0.08 2.20 -0.27
C GLY A 15 1.43 1.50 -0.16
N LYS A 16 1.62 0.49 -1.00
CA LYS A 16 2.87 -0.26 -1.00
C LYS A 16 4.06 0.65 -1.32
N THR A 17 4.07 1.20 -2.53
CA THR A 17 5.16 2.08 -2.96
C THR A 17 4.82 3.56 -2.76
N CYS A 18 3.55 3.92 -2.92
CA CYS A 18 3.15 5.32 -2.78
C CYS A 18 3.30 5.80 -1.33
N LEU A 19 2.86 4.98 -0.39
CA LEU A 19 2.93 5.34 1.02
C LEU A 19 4.37 5.56 1.49
N LEU A 20 5.13 4.48 1.64
CA LEU A 20 6.51 4.59 2.09
C LEU A 20 7.24 5.73 1.39
N ILE A 21 7.12 5.76 0.07
CA ILE A 21 7.74 6.80 -0.73
C ILE A 21 7.48 8.19 -0.14
N SER A 22 6.24 8.64 -0.22
CA SER A 22 5.87 9.95 0.30
C SER A 22 5.36 9.88 1.75
N TYR A 23 4.28 9.14 1.94
CA TYR A 23 3.65 8.99 3.24
C TYR A 23 4.65 8.66 4.36
N THR A 24 5.79 8.07 4.03
CA THR A 24 6.76 7.73 5.08
C THR A 24 8.04 8.57 5.00
N THR A 25 9.08 8.05 4.36
CA THR A 25 10.35 8.75 4.24
C THR A 25 10.19 10.08 3.52
N ASN A 26 9.12 10.21 2.73
CA ASN A 26 8.87 11.45 2.00
C ASN A 26 9.84 11.61 0.84
N LYS A 27 10.29 10.48 0.29
CA LYS A 27 11.22 10.50 -0.84
C LYS A 27 10.68 9.68 -2.01
N PHE A 28 10.78 10.25 -3.20
CA PHE A 28 10.29 9.58 -4.40
C PHE A 28 11.17 8.37 -4.75
N PRO A 29 10.63 7.43 -5.56
CA PRO A 29 11.34 6.22 -5.97
C PRO A 29 12.74 6.53 -6.52
N SER A 30 13.53 5.48 -6.70
CA SER A 30 14.88 5.63 -7.21
C SER A 30 15.03 4.97 -8.58
N GLU A 31 15.08 3.64 -8.59
CA GLU A 31 15.22 2.88 -9.84
C GLU A 31 13.86 2.54 -10.41
N TYR A 32 13.70 2.75 -11.71
CA TYR A 32 12.44 2.47 -12.39
C TYR A 32 12.30 0.97 -12.68
N VAL A 33 11.38 0.33 -11.97
CA VAL A 33 11.14 -1.10 -12.15
C VAL A 33 9.71 -1.44 -11.72
N PRO A 34 9.02 -2.31 -12.48
CA PRO A 34 7.66 -2.72 -12.18
C PRO A 34 7.46 -2.96 -10.68
N THR A 35 6.73 -2.08 -10.03
CA THR A 35 6.47 -2.20 -8.59
C THR A 35 6.06 -3.61 -8.22
N VAL A 36 7.03 -4.43 -7.86
CA VAL A 36 6.76 -5.80 -7.46
C VAL A 36 6.88 -5.93 -5.94
N PHE A 37 8.01 -5.51 -5.41
CA PHE A 37 8.23 -5.55 -3.97
C PHE A 37 9.33 -4.58 -3.52
N ASP A 38 9.01 -3.31 -3.43
CA ASP A 38 9.98 -2.35 -2.94
C ASP A 38 9.97 -2.43 -1.41
N ASN A 39 11.11 -2.73 -0.82
CA ASN A 39 11.19 -2.86 0.62
C ASN A 39 11.90 -1.68 1.25
N TYR A 40 11.54 -1.38 2.49
CA TYR A 40 12.14 -0.26 3.21
C TYR A 40 12.11 -0.49 4.72
N ALA A 41 12.97 0.24 5.42
CA ALA A 41 13.05 0.12 6.88
C ALA A 41 12.16 1.16 7.55
N VAL A 42 11.16 0.68 8.29
CA VAL A 42 10.24 1.56 8.98
C VAL A 42 9.79 0.94 10.31
N THR A 43 9.84 1.73 11.37
CA THR A 43 9.42 1.26 12.68
C THR A 43 8.41 2.22 13.29
N VAL A 44 7.18 1.75 13.43
CA VAL A 44 6.13 2.57 14.00
C VAL A 44 5.94 2.24 15.47
N MET A 45 6.20 3.24 16.30
CA MET A 45 6.09 3.07 17.75
C MET A 45 4.71 3.48 18.25
N ILE A 46 3.91 2.48 18.60
CA ILE A 46 2.56 2.72 19.11
C ILE A 46 2.58 2.98 20.61
N GLY A 47 2.49 4.24 21.00
CA GLY A 47 2.52 4.59 22.40
C GLY A 47 3.92 4.74 22.94
N GLY A 48 4.88 4.95 22.04
CA GLY A 48 6.26 5.11 22.44
C GLY A 48 7.10 3.88 22.17
N GLU A 49 6.57 2.72 22.52
CA GLU A 49 7.28 1.46 22.32
C GLU A 49 7.45 1.17 20.82
N PRO A 50 8.62 0.65 20.42
CA PRO A 50 8.91 0.34 19.01
C PRO A 50 8.16 -0.91 18.54
N TYR A 51 8.00 -1.03 17.22
CA TYR A 51 7.30 -2.18 16.65
C TYR A 51 7.77 -2.43 15.22
N THR A 52 7.74 -3.70 14.80
CA THR A 52 8.15 -4.08 13.46
C THR A 52 6.98 -3.94 12.48
N LEU A 53 6.95 -2.82 11.76
CA LEU A 53 5.90 -2.56 10.79
C LEU A 53 6.47 -2.06 9.47
N GLY A 54 5.94 -2.57 8.37
CA GLY A 54 6.42 -2.14 7.06
C GLY A 54 5.44 -2.48 5.95
N LEU A 55 5.36 -1.63 4.94
CA LEU A 55 4.46 -1.85 3.82
C LEU A 55 5.03 -2.91 2.88
N PHE A 56 4.34 -4.05 2.79
CA PHE A 56 4.77 -5.13 1.93
C PHE A 56 4.29 -4.88 0.51
N ASP A 57 5.22 -4.45 -0.34
CA ASP A 57 4.90 -4.15 -1.72
C ASP A 57 4.53 -5.41 -2.50
N THR A 58 3.49 -5.31 -3.32
CA THR A 58 3.02 -6.43 -4.11
C THR A 58 1.88 -6.01 -5.03
N ALA A 59 1.94 -6.43 -6.29
CA ALA A 59 0.92 -6.11 -7.27
C ALA A 59 -0.35 -6.95 -7.06
N GLY A 60 -0.20 -8.26 -7.19
CA GLY A 60 -1.33 -9.15 -7.02
C GLY A 60 -2.26 -9.15 -8.21
N LEU A 61 -2.00 -10.04 -9.17
CA LEU A 61 -2.82 -10.14 -10.37
C LEU A 61 -3.46 -11.52 -10.48
N GLU A 62 -2.69 -12.54 -10.11
CA GLU A 62 -3.17 -13.92 -10.16
C GLU A 62 -2.01 -14.90 -9.99
N ASP A 63 -0.84 -14.49 -10.45
CA ASP A 63 0.35 -15.32 -10.35
C ASP A 63 1.04 -15.14 -8.99
N TYR A 64 0.80 -14.00 -8.36
CA TYR A 64 1.39 -13.71 -7.06
C TYR A 64 1.03 -14.80 -6.04
N ASP A 65 -0.04 -15.54 -6.32
CA ASP A 65 -0.49 -16.61 -5.43
C ASP A 65 0.69 -17.42 -4.88
N ARG A 66 1.76 -17.50 -5.67
CA ARG A 66 2.95 -18.24 -5.25
C ARG A 66 3.67 -17.49 -4.12
N LEU A 67 3.88 -16.20 -4.33
CA LEU A 67 4.55 -15.36 -3.34
C LEU A 67 3.54 -14.79 -2.35
N ARG A 68 2.68 -15.65 -1.81
CA ARG A 68 1.65 -15.24 -0.86
C ARG A 68 2.05 -15.49 0.61
N PRO A 69 2.63 -16.67 0.92
CA PRO A 69 3.03 -17.01 2.30
C PRO A 69 4.01 -16.01 2.89
N LEU A 70 4.60 -15.17 2.05
CA LEU A 70 5.56 -14.18 2.51
C LEU A 70 4.93 -12.78 2.53
N SER A 71 3.79 -12.63 1.86
CA SER A 71 3.10 -11.35 1.82
C SER A 71 1.60 -11.51 2.11
N TYR A 72 1.25 -12.61 2.77
CA TYR A 72 -0.15 -12.87 3.11
C TYR A 72 -0.83 -11.63 3.70
N PRO A 73 -1.82 -11.07 2.99
CA PRO A 73 -2.54 -9.88 3.45
C PRO A 73 -3.35 -10.15 4.72
N GLN A 74 -3.66 -11.41 4.96
CA GLN A 74 -4.43 -11.81 6.13
C GLN A 74 -3.65 -11.53 7.42
N THR A 75 -2.36 -11.24 7.28
CA THR A 75 -1.50 -10.96 8.44
C THR A 75 -2.22 -10.09 9.47
N ASP A 76 -2.83 -9.01 9.01
CA ASP A 76 -3.56 -8.10 9.89
C ASP A 76 -4.47 -7.17 9.11
N VAL A 77 -3.91 -6.07 8.62
CA VAL A 77 -4.67 -5.10 7.85
C VAL A 77 -3.93 -4.71 6.59
N PHE A 78 -4.64 -4.23 5.58
CA PHE A 78 -4.03 -3.84 4.32
C PHE A 78 -4.73 -2.64 3.71
N LEU A 79 -3.95 -1.74 3.13
CA LEU A 79 -4.48 -0.54 2.50
C LEU A 79 -4.46 -0.69 0.99
N VAL A 80 -5.40 -0.05 0.31
CA VAL A 80 -5.47 -0.15 -1.14
C VAL A 80 -5.61 1.21 -1.80
N CYS A 81 -5.18 1.29 -3.05
CA CYS A 81 -5.20 2.53 -3.81
C CYS A 81 -6.63 2.97 -4.13
N PHE A 82 -6.76 4.16 -4.70
CA PHE A 82 -8.06 4.70 -5.06
C PHE A 82 -7.91 6.09 -5.68
N SER A 83 -7.96 6.16 -7.00
CA SER A 83 -7.83 7.43 -7.70
C SER A 83 -8.91 8.41 -7.26
N VAL A 84 -8.59 9.21 -6.25
CA VAL A 84 -9.54 10.19 -5.73
C VAL A 84 -9.50 11.48 -6.54
N VAL A 85 -9.69 11.34 -7.85
CA VAL A 85 -9.69 12.50 -8.75
C VAL A 85 -10.59 12.24 -9.96
N SER A 86 -10.03 11.70 -11.04
CA SER A 86 -10.80 11.41 -12.24
C SER A 86 -11.97 10.48 -11.92
N PRO A 87 -13.16 10.78 -12.45
CA PRO A 87 -14.36 9.96 -12.22
C PRO A 87 -14.38 8.70 -13.06
N SER A 88 -13.94 8.83 -14.32
CA SER A 88 -13.91 7.69 -15.23
C SER A 88 -13.18 6.50 -14.61
N SER A 89 -12.30 6.78 -13.65
CA SER A 89 -11.54 5.74 -12.99
C SER A 89 -12.29 5.19 -11.78
N PHE A 90 -12.93 6.08 -11.03
CA PHE A 90 -13.69 5.69 -9.84
C PHE A 90 -14.51 4.43 -10.08
N GLU A 91 -15.32 4.44 -11.14
CA GLU A 91 -16.15 3.30 -11.48
C GLU A 91 -15.35 1.99 -11.46
N ASN A 92 -14.27 1.95 -12.22
CA ASN A 92 -13.42 0.76 -12.29
C ASN A 92 -12.65 0.56 -11.00
N VAL A 93 -12.20 1.65 -10.40
CA VAL A 93 -11.44 1.60 -9.15
C VAL A 93 -12.06 0.62 -8.16
N LYS A 94 -13.38 0.70 -7.99
CA LYS A 94 -14.08 -0.18 -7.06
C LYS A 94 -14.44 -1.51 -7.69
N GLU A 95 -15.01 -1.49 -8.88
CA GLU A 95 -15.43 -2.71 -9.57
C GLU A 95 -14.25 -3.42 -10.25
N LYS A 96 -13.03 -2.97 -10.00
CA LYS A 96 -11.86 -3.59 -10.62
C LYS A 96 -10.79 -3.94 -9.59
N TRP A 97 -10.61 -3.07 -8.60
CA TRP A 97 -9.60 -3.30 -7.56
C TRP A 97 -10.18 -3.98 -6.33
N VAL A 98 -11.47 -3.77 -6.08
CA VAL A 98 -12.12 -4.39 -4.92
C VAL A 98 -12.18 -5.91 -5.05
N PRO A 99 -12.56 -6.43 -6.23
CA PRO A 99 -12.65 -7.88 -6.45
C PRO A 99 -11.34 -8.60 -6.16
N GLU A 100 -10.23 -7.94 -6.46
CA GLU A 100 -8.90 -8.51 -6.23
C GLU A 100 -8.61 -8.65 -4.74
N ILE A 101 -9.14 -7.71 -3.96
CA ILE A 101 -8.93 -7.73 -2.52
C ILE A 101 -9.24 -9.11 -1.92
N THR A 102 -10.30 -9.73 -2.42
CA THR A 102 -10.69 -11.05 -1.94
C THR A 102 -9.80 -12.15 -2.51
N HIS A 103 -9.14 -11.86 -3.63
CA HIS A 103 -8.26 -12.83 -4.27
C HIS A 103 -7.02 -13.06 -3.41
N HIS A 104 -6.52 -11.99 -2.80
CA HIS A 104 -5.34 -12.08 -1.96
C HIS A 104 -5.71 -11.98 -0.48
N CYS A 105 -6.67 -11.10 -0.17
CA CYS A 105 -7.12 -10.91 1.20
C CYS A 105 -8.41 -11.69 1.46
N PRO A 106 -8.33 -12.84 2.14
CA PRO A 106 -9.50 -13.66 2.45
C PRO A 106 -10.69 -12.83 2.90
N LYS A 107 -10.52 -12.14 4.03
CA LYS A 107 -11.58 -11.30 4.57
C LYS A 107 -11.07 -10.47 5.74
N THR A 108 -9.86 -9.94 5.61
CA THR A 108 -9.26 -9.12 6.66
C THR A 108 -9.55 -7.64 6.41
N PRO A 109 -9.53 -6.82 7.47
CA PRO A 109 -9.79 -5.38 7.36
C PRO A 109 -9.02 -4.74 6.22
N PHE A 110 -9.76 -4.19 5.26
CA PHE A 110 -9.15 -3.54 4.11
C PHE A 110 -9.24 -2.02 4.22
N LEU A 111 -8.19 -1.35 3.79
CA LEU A 111 -8.15 0.11 3.83
C LEU A 111 -7.99 0.68 2.42
N LEU A 112 -8.28 1.97 2.27
CA LEU A 112 -8.17 2.61 0.98
C LEU A 112 -7.35 3.91 1.06
N VAL A 113 -6.81 4.33 -0.07
CA VAL A 113 -6.00 5.54 -0.12
C VAL A 113 -5.99 6.11 -1.55
N GLY A 114 -5.74 7.42 -1.66
CA GLY A 114 -5.71 8.05 -2.97
C GLY A 114 -5.03 9.40 -2.94
N THR A 115 -4.93 10.02 -4.11
CA THR A 115 -4.29 11.33 -4.24
C THR A 115 -4.97 12.15 -5.33
N GLN A 116 -4.78 13.47 -5.29
CA GLN A 116 -5.37 14.35 -6.29
C GLN A 116 -4.86 15.78 -6.13
N ILE A 117 -3.59 15.91 -5.76
CA ILE A 117 -2.98 17.22 -5.59
C ILE A 117 -2.20 17.63 -6.83
N ASP A 118 -1.18 16.85 -7.17
CA ASP A 118 -0.36 17.12 -8.33
C ASP A 118 -0.84 16.33 -9.54
N LEU A 119 -1.31 15.11 -9.30
CA LEU A 119 -1.80 14.25 -10.36
C LEU A 119 -3.13 14.78 -10.92
N ARG A 120 -3.92 15.40 -10.04
CA ARG A 120 -5.21 15.94 -10.44
C ARG A 120 -5.03 17.25 -11.20
N ASP A 121 -4.31 17.19 -12.32
CA ASP A 121 -4.07 18.37 -13.14
C ASP A 121 -4.41 18.10 -14.60
N ASP A 122 -5.48 17.34 -14.82
CA ASP A 122 -5.91 17.01 -16.17
C ASP A 122 -7.11 17.87 -16.57
N PRO A 123 -7.16 18.31 -17.85
CA PRO A 123 -8.26 19.13 -18.35
C PRO A 123 -9.57 18.36 -18.44
N SER A 124 -9.52 17.18 -19.04
CA SER A 124 -10.71 16.35 -19.19
C SER A 124 -11.32 16.03 -17.82
N THR A 125 -10.50 16.11 -16.77
CA THR A 125 -10.96 15.83 -15.41
C THR A 125 -12.25 16.59 -15.11
N ILE A 126 -12.16 17.91 -15.06
CA ILE A 126 -13.33 18.74 -14.78
C ILE A 126 -14.43 18.49 -15.79
N GLU A 127 -14.07 18.45 -17.06
CA GLU A 127 -15.04 18.21 -18.13
C GLU A 127 -15.91 17.00 -17.83
N LYS A 128 -15.27 15.89 -17.49
CA LYS A 128 -16.00 14.66 -17.17
C LYS A 128 -16.51 14.68 -15.75
N LEU A 129 -15.74 15.28 -14.85
CA LEU A 129 -16.14 15.38 -13.44
C LEU A 129 -17.55 15.92 -13.32
N ALA A 130 -17.97 16.69 -14.33
CA ALA A 130 -19.30 17.27 -14.35
C ALA A 130 -20.35 16.22 -14.70
N LYS A 131 -19.91 15.14 -15.35
CA LYS A 131 -20.83 14.07 -15.76
C LYS A 131 -21.06 13.10 -14.60
N ASN A 132 -20.16 13.11 -13.63
CA ASN A 132 -20.27 12.22 -12.47
C ASN A 132 -20.98 12.93 -11.31
N LYS A 133 -21.88 13.85 -11.65
CA LYS A 133 -22.63 14.60 -10.64
C LYS A 133 -21.77 15.71 -10.04
N GLN A 134 -20.88 16.28 -10.87
CA GLN A 134 -20.00 17.35 -10.43
C GLN A 134 -19.31 16.99 -9.11
N LYS A 135 -18.79 18.00 -8.42
CA LYS A 135 -18.10 17.79 -7.16
C LYS A 135 -16.74 17.14 -7.37
N PRO A 136 -15.67 17.94 -7.50
CA PRO A 136 -14.32 17.43 -7.70
C PRO A 136 -13.80 16.65 -6.50
N ILE A 137 -13.40 15.41 -6.74
CA ILE A 137 -12.89 14.55 -5.68
C ILE A 137 -11.82 15.27 -4.85
N THR A 138 -12.08 15.41 -3.56
CA THR A 138 -11.15 16.08 -2.65
C THR A 138 -10.67 15.12 -1.57
N PRO A 139 -9.52 15.40 -0.95
CA PRO A 139 -8.95 14.57 0.11
C PRO A 139 -10.02 14.03 1.06
N GLU A 140 -11.10 14.79 1.23
CA GLU A 140 -12.19 14.40 2.12
C GLU A 140 -13.17 13.47 1.41
N THR A 141 -13.40 13.73 0.12
CA THR A 141 -14.31 12.92 -0.67
C THR A 141 -14.03 11.44 -0.48
N ALA A 142 -12.76 11.05 -0.58
CA ALA A 142 -12.36 9.67 -0.42
C ALA A 142 -12.96 9.07 0.84
N GLU A 143 -12.87 9.80 1.94
CA GLU A 143 -13.42 9.34 3.21
C GLU A 143 -14.91 9.05 3.08
N LYS A 144 -15.63 9.94 2.40
CA LYS A 144 -17.05 9.78 2.20
C LYS A 144 -17.36 8.39 1.65
N LEU A 145 -16.71 8.04 0.55
CA LEU A 145 -16.90 6.74 -0.07
C LEU A 145 -16.61 5.62 0.93
N ALA A 146 -15.68 5.87 1.83
CA ALA A 146 -15.30 4.89 2.84
C ALA A 146 -16.45 4.65 3.82
N ARG A 147 -17.25 5.68 4.05
CA ARG A 147 -18.38 5.57 4.96
C ARG A 147 -19.48 4.70 4.36
N ASP A 148 -19.82 4.96 3.10
CA ASP A 148 -20.85 4.19 2.41
C ASP A 148 -20.51 2.71 2.40
N LEU A 149 -19.22 2.40 2.53
CA LEU A 149 -18.76 1.01 2.53
C LEU A 149 -18.37 0.56 3.94
N LYS A 150 -18.02 1.52 4.78
CA LYS A 150 -17.62 1.21 6.15
C LYS A 150 -16.37 0.33 6.18
N ALA A 151 -15.31 0.84 6.79
CA ALA A 151 -14.06 0.10 6.88
C ALA A 151 -13.19 0.64 8.02
N VAL A 152 -11.90 0.32 7.97
CA VAL A 152 -10.96 0.76 8.99
C VAL A 152 -10.77 2.27 8.97
N LYS A 153 -11.19 2.91 7.87
CA LYS A 153 -11.06 4.36 7.71
C LYS A 153 -9.68 4.73 7.17
N TYR A 154 -9.63 5.78 6.36
CA TYR A 154 -8.38 6.23 5.76
C TYR A 154 -8.42 7.72 5.45
N VAL A 155 -7.44 8.45 5.95
CA VAL A 155 -7.36 9.89 5.71
C VAL A 155 -5.92 10.30 5.42
N GLU A 156 -5.72 10.93 4.26
CA GLU A 156 -4.38 11.37 3.86
C GLU A 156 -4.46 12.26 2.63
N CYS A 157 -3.30 12.72 2.17
CA CYS A 157 -3.23 13.55 0.99
C CYS A 157 -2.17 13.03 0.02
N SER A 158 -1.91 13.79 -1.04
CA SER A 158 -0.92 13.38 -2.03
C SER A 158 0.47 13.83 -1.62
N ALA A 159 1.48 13.24 -2.24
CA ALA A 159 2.87 13.58 -1.94
C ALA A 159 3.10 15.08 -2.04
N LEU A 160 4.35 15.51 -1.91
CA LEU A 160 4.69 16.93 -1.98
C LEU A 160 4.17 17.66 -0.74
N THR A 161 2.85 17.69 -0.60
CA THR A 161 2.22 18.35 0.54
C THR A 161 2.06 17.39 1.71
N GLN A 162 1.31 17.82 2.73
CA GLN A 162 1.08 16.99 3.90
C GLN A 162 0.05 17.64 4.82
N LYS A 163 -1.13 17.03 4.90
CA LYS A 163 -2.21 17.53 5.74
C LYS A 163 -2.30 16.76 7.05
N GLY A 164 -2.09 15.46 6.96
CA GLY A 164 -2.16 14.61 8.14
C GLY A 164 -2.37 13.14 7.79
N LEU A 165 -1.27 12.43 7.56
CA LEU A 165 -1.34 11.01 7.22
C LEU A 165 -1.26 10.13 8.47
N LYS A 166 -0.91 10.73 9.61
CA LYS A 166 -0.80 10.00 10.86
C LYS A 166 -2.07 9.21 11.12
N ASN A 167 -3.20 9.77 10.69
CA ASN A 167 -4.49 9.11 10.88
C ASN A 167 -4.48 7.74 10.21
N VAL A 168 -3.95 7.68 8.99
CA VAL A 168 -3.88 6.42 8.27
C VAL A 168 -3.15 5.37 9.10
N PHE A 169 -1.95 5.72 9.56
CA PHE A 169 -1.16 4.81 10.37
C PHE A 169 -1.78 4.62 11.74
N ASP A 170 -2.50 5.63 12.20
CA ASP A 170 -3.15 5.56 13.51
C ASP A 170 -4.04 4.32 13.60
N GLU A 171 -4.91 4.16 12.62
CA GLU A 171 -5.83 3.01 12.59
C GLU A 171 -5.19 1.84 11.85
N ALA A 172 -4.40 2.14 10.83
CA ALA A 172 -3.74 1.10 10.04
C ALA A 172 -2.72 0.35 10.88
N ILE A 173 -2.02 1.07 11.73
CA ILE A 173 -1.00 0.47 12.60
C ILE A 173 -1.62 -0.06 13.89
N LEU A 174 -2.51 0.73 14.49
CA LEU A 174 -3.17 0.33 15.73
C LEU A 174 -4.05 -0.88 15.50
N ALA A 175 -4.61 -0.99 14.30
CA ALA A 175 -5.49 -2.10 13.95
C ALA A 175 -4.81 -3.43 14.27
N ALA A 176 -3.48 -3.45 14.19
CA ALA A 176 -2.72 -4.66 14.48
C ALA A 176 -2.89 -5.10 15.92
N LEU A 177 -3.30 -4.17 16.78
CA LEU A 177 -3.50 -4.46 18.19
C LEU A 177 -4.96 -4.83 18.47
N GLU A 178 -5.56 -5.58 17.54
CA GLU A 178 -6.95 -5.99 17.68
C GLU A 178 -7.07 -7.18 18.64
N PRO A 179 -6.21 -8.21 18.49
CA PRO A 179 -6.25 -9.39 19.35
C PRO A 179 -5.53 -9.16 20.68
N PRO A 180 -6.02 -9.78 21.77
CA PRO A 180 -5.42 -9.63 23.10
C PRO A 180 -4.09 -10.37 23.21
N GLU A 181 -3.26 -9.93 24.15
CA GLU A 181 -1.95 -10.55 24.36
C GLU A 181 -1.40 -10.23 25.74
N PRO A 182 -1.08 -8.95 26.02
CA PRO A 182 -0.55 -8.53 27.32
C PRO A 182 -1.55 -8.75 28.45
N LYS A 183 -1.60 -9.97 28.96
CA LYS A 183 -2.52 -10.30 30.05
C LYS A 183 -2.07 -9.66 31.35
N LYS A 184 -2.94 -9.70 32.35
CA LYS A 184 -2.63 -9.12 33.66
C LYS A 184 -3.19 -9.98 34.78
N GLY B 1 2.08 9.86 22.38
CA GLY B 1 2.69 9.22 21.19
C GLY B 1 2.08 7.86 20.87
N SER B 2 0.77 7.76 21.04
CA SER B 2 0.06 6.51 20.76
C SER B 2 0.41 5.97 19.39
N ILE B 3 0.78 6.87 18.48
CA ILE B 3 1.14 6.48 17.13
C ILE B 3 2.28 7.36 16.59
N SER B 4 3.24 6.73 15.92
CA SER B 4 4.37 7.44 15.36
C SER B 4 4.73 6.93 13.97
N LEU B 5 4.93 7.85 13.03
CA LEU B 5 5.28 7.49 11.66
C LEU B 5 6.75 7.08 11.58
N PRO B 6 7.08 6.08 10.73
CA PRO B 6 8.45 5.61 10.56
C PRO B 6 9.40 6.75 10.20
N SER B 7 10.66 6.58 10.57
CA SER B 7 11.68 7.60 10.29
C SER B 7 12.76 7.05 9.37
N ASP B 8 13.10 5.78 9.55
CA ASP B 8 14.14 5.15 8.74
C ASP B 8 13.60 4.81 7.34
N PHE B 9 14.52 4.55 6.41
CA PHE B 9 14.15 4.22 5.04
C PHE B 9 15.36 3.67 4.28
N GLU B 10 15.18 2.54 3.63
CA GLU B 10 16.27 1.92 2.88
C GLU B 10 15.75 1.06 1.74
N HIS B 11 16.08 1.45 0.51
CA HIS B 11 15.65 0.68 -0.66
C HIS B 11 16.38 -0.66 -0.69
N THR B 12 16.04 -1.52 0.26
CA THR B 12 16.67 -2.83 0.38
C THR B 12 16.54 -3.66 -0.88
N ILE B 13 15.36 -4.25 -1.11
CA ILE B 13 15.15 -5.08 -2.29
C ILE B 13 14.33 -4.37 -3.35
N HIS B 14 14.73 -4.56 -4.61
CA HIS B 14 14.03 -3.97 -5.73
C HIS B 14 13.61 -5.09 -6.69
N VAL B 15 12.37 -5.54 -6.56
CA VAL B 15 11.85 -6.62 -7.38
C VAL B 15 11.24 -6.10 -8.68
N GLY B 16 11.41 -6.87 -9.75
CA GLY B 16 10.87 -6.48 -11.05
C GLY B 16 10.21 -7.65 -11.76
N PHE B 17 9.63 -7.40 -12.92
CA PHE B 17 8.97 -8.44 -13.69
C PHE B 17 9.99 -9.30 -14.42
N ASP B 18 10.08 -10.57 -14.01
CA ASP B 18 11.02 -11.50 -14.63
C ASP B 18 10.29 -12.52 -15.49
N ALA B 19 10.44 -12.39 -16.80
CA ALA B 19 9.80 -13.31 -17.74
C ALA B 19 10.52 -14.65 -17.79
N VAL B 20 11.76 -14.67 -17.30
CA VAL B 20 12.56 -15.89 -17.28
C VAL B 20 11.74 -17.10 -16.86
N THR B 21 10.82 -16.89 -15.93
CA THR B 21 9.97 -17.97 -15.44
C THR B 21 8.68 -17.42 -14.83
N GLY B 22 8.06 -16.47 -15.52
CA GLY B 22 6.83 -15.88 -15.03
C GLY B 22 6.93 -15.45 -13.59
N GLU B 23 8.14 -15.13 -13.15
CA GLU B 23 8.36 -14.70 -11.78
C GLU B 23 8.93 -13.28 -11.72
N PHE B 24 9.39 -12.86 -10.55
CA PHE B 24 9.95 -11.53 -10.39
C PHE B 24 11.47 -11.59 -10.28
N THR B 25 12.11 -10.44 -10.44
CA THR B 25 13.57 -10.36 -10.35
C THR B 25 14.01 -9.85 -8.98
N GLY B 26 15.29 -10.02 -8.68
CA GLY B 26 15.81 -9.57 -7.40
C GLY B 26 14.98 -10.02 -6.23
N MET B 27 14.69 -11.32 -6.16
CA MET B 27 13.89 -11.87 -5.07
C MET B 27 14.58 -11.63 -3.73
N PRO B 28 13.93 -10.89 -2.81
CA PRO B 28 14.50 -10.60 -1.50
C PRO B 28 15.03 -11.85 -0.81
N GLU B 29 15.96 -11.65 0.12
CA GLU B 29 16.57 -12.77 0.85
C GLU B 29 15.52 -13.77 1.30
N GLN B 30 14.53 -13.29 2.06
CA GLN B 30 13.46 -14.15 2.56
C GLN B 30 12.54 -14.61 1.43
N TRP B 31 12.05 -13.64 0.65
CA TRP B 31 11.15 -13.95 -0.46
C TRP B 31 11.74 -15.05 -1.34
N ALA B 32 12.94 -14.79 -1.86
CA ALA B 32 13.63 -15.75 -2.71
C ALA B 32 13.64 -17.14 -2.09
N ARG B 33 14.32 -17.25 -0.96
CA ARG B 33 14.42 -18.53 -0.26
C ARG B 33 13.04 -19.11 0.03
N LEU B 34 12.08 -18.24 0.29
CA LEU B 34 10.72 -18.70 0.57
C LEU B 34 10.29 -19.73 -0.47
N LEU B 35 10.26 -19.30 -1.73
CA LEU B 35 9.91 -20.20 -2.82
C LEU B 35 11.17 -20.78 -3.45
N GLN B 36 11.92 -19.93 -4.15
CA GLN B 36 13.15 -20.34 -4.80
C GLN B 36 14.32 -20.39 -3.80
N THR B 37 15.34 -19.52 -3.97
CA THR B 37 16.50 -19.47 -3.08
C THR B 37 17.70 -18.81 -3.77
N SER B 38 17.54 -17.53 -4.13
CA SER B 38 18.59 -16.79 -4.79
C SER B 38 18.08 -15.46 -5.35
N ASN B 39 18.47 -14.36 -4.72
CA ASN B 39 18.06 -13.04 -5.16
C ASN B 39 18.66 -12.74 -6.53
N ILE B 40 18.10 -13.36 -7.57
CA ILE B 40 18.60 -13.18 -8.92
C ILE B 40 18.57 -11.70 -9.32
N THR B 41 19.65 -11.00 -8.99
CA THR B 41 19.80 -9.59 -9.30
C THR B 41 21.16 -9.10 -8.78
N LYS B 42 21.42 -9.40 -7.52
CA LYS B 42 22.67 -9.01 -6.88
C LYS B 42 23.42 -10.24 -6.36
N SER B 43 22.66 -11.22 -5.86
CA SER B 43 23.25 -12.45 -5.33
C SER B 43 22.73 -13.67 -6.08
N GLU B 44 23.59 -14.27 -6.90
CA GLU B 44 23.22 -15.45 -7.67
C GLU B 44 23.74 -16.72 -7.01
N GLN B 45 25.00 -17.05 -7.28
CA GLN B 45 25.62 -18.25 -6.71
C GLN B 45 25.91 -18.05 -5.23
N LYS B 46 25.16 -18.75 -4.39
CA LYS B 46 25.36 -18.66 -2.94
C LYS B 46 25.34 -17.21 -2.48
PG GNP C . 3.67 3.84 -9.92
O1G GNP C . 3.29 4.17 -11.31
O2G GNP C . 4.53 2.65 -9.70
O3G GNP C . 4.49 5.10 -9.37
N3B GNP C . 2.26 3.57 -9.07
PB GNP C . 2.08 3.95 -7.45
O1B GNP C . 1.12 2.99 -6.88
O2B GNP C . 3.43 4.00 -6.87
O3A GNP C . 1.45 5.41 -7.23
PA GNP C . 0.81 6.43 -8.31
O1A GNP C . -0.65 6.46 -8.11
O2A GNP C . 1.38 6.11 -9.64
O5' GNP C . 1.41 7.85 -7.84
C5' GNP C . 0.83 8.56 -6.75
C4' GNP C . 1.81 9.54 -6.10
O4' GNP C . 1.19 10.26 -5.02
C3' GNP C . 3.02 8.79 -5.56
O3' GNP C . 4.22 9.21 -6.22
C2' GNP C . 3.08 9.10 -4.09
O2' GNP C . 4.33 9.71 -3.74
C1' GNP C . 1.92 10.05 -3.80
N9 GNP C . 1.05 9.50 -2.75
C8 GNP C . 0.21 8.43 -2.80
N7 GNP C . -0.46 8.14 -1.73
C5 GNP C . -0.02 9.12 -0.85
C6 GNP C . -0.39 9.36 0.52
O6 GNP C . -1.18 8.73 1.22
N1 GNP C . 0.28 10.48 1.05
C2 GNP C . 1.20 11.26 0.36
N2 GNP C . 1.74 12.28 1.04
N3 GNP C . 1.55 11.04 -0.92
C4 GNP C . 0.90 9.96 -1.47
HNB3 GNP C . 1.49 3.17 -9.54
H5'2 GNP C . 0.50 7.85 -5.99
H5'1 GNP C . -0.04 9.12 -7.11
H4' GNP C . 2.15 10.25 -6.86
H3' GNP C . 2.88 7.72 -5.70
HO3' GNP C . 4.38 8.59 -6.93
H2' GNP C . 2.95 8.18 -3.52
HO2' GNP C . 4.42 10.50 -4.28
H1' GNP C . 2.33 11.00 -3.46
H8 GNP C . 0.11 7.84 -3.72
HN1 GNP C . 0.08 10.69 1.99
HN21 GNP C . 1.48 12.44 1.99
HN22 GNP C . 2.42 12.88 0.59
MG MG D . 4.58 1.96 -7.40
#